data_2JJM
#
_entry.id   2JJM
#
_cell.length_a   134.597
_cell.length_b   204.667
_cell.length_c   135.329
_cell.angle_alpha   90.00
_cell.angle_beta   115.49
_cell.angle_gamma   90.00
#
_symmetry.space_group_name_H-M   'P 1 21 1'
#
_entity_poly.entity_id   1
_entity_poly.type   'polypeptide(L)'
_entity_poly.pdbx_seq_one_letter_code
;RRYMGSSHHHHHHMKLKIGITCYPSVGGSGVVGTELGKQLAERGHEIHFITSGLPFRLNKVYPNIYFHEVTVNQYSVFQY
PPYDLALASKMAEVAQRENLDILHVHYAIPHAICAYLAKQMIGERIKIVTTLHGTDITVLGSDPSLNNLIRFGIEQSDVV
TAVSHSLINETHELVKPNKDIQTVYNFIDERVYFKRDMTQLKKEYGISESEKILIHISNFRKVKRVQDVVQAFAKIVTEV
DAKLLLVGDGPEFCTILQLVKNLHIEDRVLFLGKQDNVAELLAMSDLMLLLSEKESFGLVLLEAMACGVPCIGTRVGGIP
EVIQHGDTGYLCEVGDTTGVADQAIQLLKDEELHRNMGERARESVYEQFRSEKIVSQYETIYYDVLRDDKNGKI
;
_entity_poly.pdbx_strand_id   A,B,C,D,E,F,G,H,I,J,K,L
#
# COMPACT_ATOMS: atom_id res chain seq x y z
N LYS A 15 20.79 28.70 69.00
CA LYS A 15 20.05 29.89 68.46
C LYS A 15 20.75 30.58 67.27
N LEU A 16 21.30 29.82 66.34
CA LEU A 16 21.99 30.39 65.18
C LEU A 16 21.81 29.52 63.93
N LYS A 17 21.57 30.12 62.78
CA LYS A 17 21.40 29.36 61.53
C LYS A 17 22.69 29.42 60.72
N ILE A 18 23.49 28.36 60.78
CA ILE A 18 24.78 28.31 60.09
C ILE A 18 24.77 27.44 58.84
N GLY A 19 25.51 27.82 57.82
CA GLY A 19 25.59 26.98 56.63
C GLY A 19 27.02 26.53 56.45
N ILE A 20 27.30 25.22 56.39
CA ILE A 20 28.68 24.73 56.20
C ILE A 20 28.92 24.22 54.78
N THR A 21 30.10 24.42 54.24
CA THR A 21 30.45 23.94 52.92
C THR A 21 31.83 23.29 52.97
N CYS A 22 31.94 22.06 52.48
CA CYS A 22 33.22 21.33 52.44
C CYS A 22 33.19 20.07 51.56
N TYR A 23 34.27 19.31 51.56
CA TYR A 23 34.35 18.09 50.76
C TYR A 23 34.33 16.85 51.67
N PRO A 24 33.12 16.41 52.12
CA PRO A 24 32.89 15.26 53.03
C PRO A 24 33.99 14.17 53.31
N GLY A 27 38.62 15.31 52.06
CA GLY A 27 39.91 15.10 52.71
C GLY A 27 39.90 15.41 54.20
N GLY A 28 40.81 16.29 54.64
CA GLY A 28 40.87 16.68 56.05
C GLY A 28 39.76 17.66 56.40
N SER A 29 39.58 18.68 55.57
CA SER A 29 38.57 19.72 55.71
C SER A 29 37.16 19.17 55.94
N GLY A 30 36.82 18.10 55.16
CA GLY A 30 35.52 17.49 55.28
C GLY A 30 35.29 16.92 56.67
N VAL A 31 36.26 16.15 57.14
CA VAL A 31 36.14 15.57 58.46
C VAL A 31 35.81 16.66 59.46
N VAL A 32 36.67 17.68 59.50
CA VAL A 32 36.48 18.79 60.44
C VAL A 32 35.16 19.54 60.23
N GLY A 33 34.95 19.99 58.99
CA GLY A 33 33.75 20.72 58.66
C GLY A 33 32.50 19.98 59.11
N THR A 34 32.44 18.70 58.75
CA THR A 34 31.31 17.83 59.10
C THR A 34 31.16 17.68 60.60
N GLU A 35 32.26 17.41 61.26
CA GLU A 35 32.21 17.22 62.70
C GLU A 35 31.81 18.52 63.37
N LEU A 36 32.36 19.63 62.90
CA LEU A 36 32.02 20.92 63.46
C LEU A 36 30.52 21.16 63.36
N GLY A 37 29.92 20.74 62.25
CA GLY A 37 28.49 20.94 62.06
C GLY A 37 27.69 20.05 62.98
N LYS A 38 28.17 18.82 63.15
CA LYS A 38 27.49 17.88 64.01
C LYS A 38 27.50 18.45 65.44
N GLN A 39 28.66 18.90 65.91
CA GLN A 39 28.80 19.48 67.25
C GLN A 39 27.87 20.68 67.43
N LEU A 40 28.02 21.66 66.55
CA LEU A 40 27.20 22.88 66.58
C LEU A 40 25.72 22.55 66.63
N ALA A 41 25.35 21.46 65.97
CA ALA A 41 23.96 21.03 65.93
C ALA A 41 23.52 20.61 67.33
N GLU A 42 24.32 19.75 67.96
CA GLU A 42 24.03 19.26 69.30
C GLU A 42 23.90 20.42 70.27
N ARG A 43 24.47 21.57 69.93
CA ARG A 43 24.36 22.71 70.82
C ARG A 43 23.13 23.54 70.54
N GLY A 44 22.22 22.99 69.73
CA GLY A 44 20.98 23.69 69.44
C GLY A 44 20.90 24.58 68.21
N HIS A 45 22.03 24.75 67.54
CA HIS A 45 22.09 25.56 66.34
C HIS A 45 21.45 24.78 65.20
N GLU A 46 21.00 25.50 64.18
CA GLU A 46 20.40 24.86 63.02
C GLU A 46 21.44 24.89 61.89
N ILE A 47 22.04 23.74 61.61
CA ILE A 47 23.07 23.61 60.59
C ILE A 47 22.50 23.22 59.23
N HIS A 48 23.01 23.86 58.19
CA HIS A 48 22.58 23.63 56.82
C HIS A 48 23.77 23.33 55.94
N PHE A 49 24.04 22.06 55.69
CA PHE A 49 25.16 21.68 54.85
C PHE A 49 24.85 21.96 53.40
N ILE A 50 25.67 22.76 52.76
CA ILE A 50 25.45 23.06 51.35
C ILE A 50 26.63 22.48 50.63
N THR A 51 26.47 21.26 50.13
CA THR A 51 27.55 20.58 49.44
C THR A 51 27.04 19.38 48.64
N SER A 52 27.55 19.20 47.43
CA SER A 52 27.18 18.07 46.57
C SER A 52 28.03 16.82 46.87
N GLY A 53 27.47 15.88 47.64
CA GLY A 53 28.20 14.67 47.99
C GLY A 53 27.45 13.90 49.06
N LEU A 54 28.19 13.29 49.98
CA LEU A 54 27.57 12.52 51.07
C LEU A 54 28.30 12.56 52.43
N PRO A 55 28.07 13.64 53.25
CA PRO A 55 28.69 13.78 54.59
C PRO A 55 28.28 12.76 55.68
N LYS A 60 23.35 8.15 62.55
CA LYS A 60 22.18 8.73 63.21
C LYS A 60 21.46 9.84 62.37
N VAL A 61 20.44 10.52 62.92
CA VAL A 61 19.72 11.61 62.20
C VAL A 61 19.33 12.76 63.16
N TYR A 62 19.75 13.98 62.84
CA TYR A 62 19.45 15.15 63.67
C TYR A 62 18.35 15.97 63.00
N PRO A 63 17.32 16.37 63.76
CA PRO A 63 16.20 17.17 63.25
C PRO A 63 16.58 18.59 62.86
N ASN A 64 17.74 19.01 63.33
CA ASN A 64 18.27 20.36 63.09
C ASN A 64 19.50 20.44 62.17
N ILE A 65 19.69 19.43 61.34
CA ILE A 65 20.78 19.40 60.37
C ILE A 65 20.15 19.07 59.04
N TYR A 66 20.21 20.00 58.11
CA TYR A 66 19.63 19.78 56.79
C TYR A 66 20.72 19.63 55.75
N PHE A 67 20.48 18.84 54.72
CA PHE A 67 21.48 18.66 53.69
C PHE A 67 20.97 19.17 52.35
N HIS A 68 21.63 20.16 51.79
CA HIS A 68 21.22 20.68 50.49
C HIS A 68 22.30 20.24 49.54
N GLU A 69 21.94 19.74 48.35
CA GLU A 69 23.00 19.31 47.45
C GLU A 69 22.96 20.05 46.13
N VAL A 70 24.15 20.31 45.60
CA VAL A 70 24.28 21.04 44.36
C VAL A 70 24.08 20.14 43.16
N THR A 71 23.05 20.43 42.38
CA THR A 71 22.77 19.63 41.18
C THR A 71 23.25 20.40 39.95
N VAL A 72 23.98 19.72 39.07
CA VAL A 72 24.49 20.37 37.84
C VAL A 72 23.89 19.76 36.55
N ASN A 73 24.05 20.42 35.40
CA ASN A 73 23.53 19.88 34.12
C ASN A 73 24.40 20.24 32.89
N PHE A 78 27.64 23.78 26.64
CA PHE A 78 28.56 23.96 27.78
C PHE A 78 29.90 23.21 27.73
N GLN A 79 31.00 23.91 28.01
CA GLN A 79 32.37 23.32 28.06
C GLN A 79 32.69 22.39 29.24
N TYR A 80 32.48 22.92 30.45
CA TYR A 80 32.70 22.17 31.69
C TYR A 80 31.47 22.43 32.54
N PRO A 81 31.00 21.42 33.29
CA PRO A 81 29.81 21.58 34.14
C PRO A 81 30.11 22.64 35.22
N PRO A 82 29.38 23.79 35.23
CA PRO A 82 29.63 24.85 36.20
C PRO A 82 29.37 24.51 37.67
N TYR A 83 30.17 23.63 38.25
CA TYR A 83 29.96 23.31 39.64
C TYR A 83 30.14 24.53 40.54
N ASP A 84 31.15 25.34 40.24
CA ASP A 84 31.39 26.49 41.08
C ASP A 84 30.18 27.39 41.11
N LEU A 85 29.81 27.88 39.94
CA LEU A 85 28.64 28.74 39.81
C LEU A 85 27.41 28.10 40.39
N ALA A 86 27.23 26.82 40.15
CA ALA A 86 26.08 26.13 40.69
C ALA A 86 26.06 26.16 42.21
N LEU A 87 27.24 25.97 42.80
CA LEU A 87 27.37 25.97 44.25
C LEU A 87 27.08 27.35 44.79
N ALA A 88 27.57 28.38 44.08
CA ALA A 88 27.34 29.74 44.48
C ALA A 88 25.83 29.99 44.48
N SER A 89 25.20 29.56 43.40
CA SER A 89 23.77 29.73 43.26
C SER A 89 22.99 29.08 44.39
N LYS A 90 23.36 27.87 44.76
CA LYS A 90 22.68 27.16 45.82
C LYS A 90 22.93 27.80 47.18
N MET A 91 24.15 28.27 47.41
CA MET A 91 24.47 28.94 48.67
C MET A 91 23.48 30.10 48.77
N ALA A 92 23.43 30.93 47.73
CA ALA A 92 22.53 32.08 47.71
C ALA A 92 21.08 31.69 47.94
N GLU A 93 20.63 30.66 47.25
CA GLU A 93 19.25 30.22 47.38
C GLU A 93 18.98 29.76 48.83
N VAL A 94 19.78 28.85 49.34
CA VAL A 94 19.56 28.37 50.70
C VAL A 94 19.67 29.50 51.69
N ALA A 95 20.63 30.38 51.46
CA ALA A 95 20.86 31.49 52.36
C ALA A 95 19.63 32.33 52.60
N GLN A 96 19.06 32.89 51.54
CA GLN A 96 17.90 33.74 51.76
C GLN A 96 16.61 33.00 52.00
N ARG A 97 16.56 31.73 51.61
CA ARG A 97 15.36 30.96 51.83
C ARG A 97 15.26 30.57 53.31
N GLU A 98 16.34 30.06 53.88
CA GLU A 98 16.37 29.64 55.28
C GLU A 98 16.79 30.76 56.22
N ASN A 99 17.13 31.90 55.63
CA ASN A 99 17.57 33.06 56.39
C ASN A 99 18.74 32.74 57.29
N LEU A 100 19.83 32.29 56.68
CA LEU A 100 21.05 31.93 57.38
C LEU A 100 21.75 33.17 57.92
N ASP A 101 22.48 32.99 59.01
CA ASP A 101 23.21 34.07 59.66
C ASP A 101 24.66 34.07 59.19
N ILE A 102 25.26 32.90 59.33
CA ILE A 102 26.65 32.69 58.95
C ILE A 102 26.74 31.63 57.85
N LEU A 103 27.76 31.80 57.03
CA LEU A 103 28.05 30.88 55.94
C LEU A 103 29.52 30.51 56.19
N HIS A 104 29.75 29.30 56.69
CA HIS A 104 31.10 28.84 57.02
C HIS A 104 31.69 27.88 55.99
N VAL A 105 32.74 28.31 55.35
CA VAL A 105 33.25 27.55 54.29
C VAL A 105 34.56 26.94 54.59
N HIS A 106 34.88 25.80 54.01
CA HIS A 106 36.16 25.25 54.31
C HIS A 106 37.28 25.08 53.41
N TYR A 107 37.24 24.96 52.12
CA TYR A 107 38.60 24.96 51.61
C TYR A 107 38.58 26.34 51.02
N ALA A 108 39.66 26.89 50.51
CA ALA A 108 39.53 28.27 50.04
C ALA A 108 39.00 28.38 48.65
N ILE A 109 39.63 27.65 47.76
CA ILE A 109 39.13 27.56 46.38
C ILE A 109 38.31 26.29 46.40
N PRO A 110 37.12 26.28 45.75
CA PRO A 110 36.41 27.50 45.30
C PRO A 110 35.54 28.18 46.30
N HIS A 111 35.11 27.40 47.31
CA HIS A 111 34.21 27.86 48.35
C HIS A 111 34.21 29.29 48.86
N ALA A 112 35.41 29.86 49.00
CA ALA A 112 35.56 31.25 49.42
C ALA A 112 34.95 32.17 48.36
N ILE A 113 35.35 32.00 47.10
CA ILE A 113 34.79 32.82 46.04
C ILE A 113 33.30 32.56 45.84
N CYS A 114 32.87 31.31 45.99
CA CYS A 114 31.46 30.99 45.84
C CYS A 114 30.64 31.71 46.87
N ALA A 115 31.13 31.73 48.11
CA ALA A 115 30.42 32.40 49.18
C ALA A 115 30.41 33.91 48.89
N TYR A 116 31.45 34.42 48.24
CA TYR A 116 31.44 35.83 47.95
C TYR A 116 30.29 36.16 46.99
N LEU A 117 30.20 35.42 45.88
CA LEU A 117 29.12 35.59 44.90
C LEU A 117 27.77 35.46 45.55
N ALA A 118 27.60 34.41 46.34
CA ALA A 118 26.35 34.17 47.05
C ALA A 118 25.94 35.43 47.85
N LYS A 119 26.90 35.96 48.61
CA LYS A 119 26.71 37.13 49.44
C LYS A 119 26.25 38.29 48.56
N GLN A 120 27.01 38.59 47.51
CA GLN A 120 26.68 39.68 46.61
C GLN A 120 25.31 39.48 46.00
N MET A 121 24.98 38.24 45.69
CA MET A 121 23.68 37.94 45.10
C MET A 121 22.52 38.15 46.08
N ILE A 122 22.71 37.94 47.38
CA ILE A 122 21.58 38.17 48.30
C ILE A 122 21.67 39.51 49.04
N GLY A 123 22.30 40.49 48.38
CA GLY A 123 22.43 41.81 48.96
C GLY A 123 23.32 41.93 50.19
N GLU A 124 24.26 41.01 50.34
CA GLU A 124 25.21 41.05 51.46
C GLU A 124 24.58 40.86 52.84
N ARG A 125 23.39 40.26 52.89
CA ARG A 125 22.69 40.04 54.16
C ARG A 125 23.12 38.72 54.82
N ILE A 126 24.44 38.50 54.93
CA ILE A 126 24.96 37.24 55.48
C ILE A 126 26.45 37.44 55.82
N LYS A 127 26.97 36.69 56.79
CA LYS A 127 28.38 36.80 57.18
C LYS A 127 29.19 35.57 56.73
N ILE A 128 30.29 35.81 56.04
CA ILE A 128 31.13 34.73 55.55
C ILE A 128 32.34 34.41 56.44
N VAL A 129 32.50 33.14 56.82
CA VAL A 129 33.61 32.72 57.64
C VAL A 129 34.42 31.71 56.83
N THR A 130 35.66 32.01 56.54
CA THR A 130 36.46 31.10 55.74
C THR A 130 37.54 30.41 56.54
N THR A 131 37.63 29.09 56.51
CA THR A 131 38.69 28.41 57.25
C THR A 131 39.73 27.84 56.27
N LEU A 132 40.99 28.17 56.45
CA LEU A 132 41.98 27.68 55.50
C LEU A 132 42.49 26.40 56.05
N HIS A 133 43.19 25.62 55.22
CA HIS A 133 43.66 24.29 55.59
C HIS A 133 44.88 24.02 54.75
N GLY A 134 45.35 22.81 54.66
CA GLY A 134 46.62 22.74 53.95
C GLY A 134 47.15 23.14 52.55
N THR A 135 46.57 22.47 51.57
CA THR A 135 46.87 22.54 50.15
C THR A 135 46.27 23.79 49.48
N ASP A 136 45.08 24.22 49.92
CA ASP A 136 44.47 25.41 49.32
C ASP A 136 45.46 26.57 49.32
N ILE A 137 46.29 26.65 50.36
CA ILE A 137 47.29 27.71 50.40
C ILE A 137 48.64 27.14 49.96
N THR A 138 49.06 26.05 50.62
CA THR A 138 50.33 25.37 50.34
C THR A 138 50.56 25.17 48.84
N VAL A 139 49.72 24.37 48.20
CA VAL A 139 49.90 24.07 46.78
C VAL A 139 49.14 24.96 45.79
N LEU A 140 47.88 25.24 46.06
CA LEU A 140 47.12 26.10 45.17
C LEU A 140 47.71 27.51 45.14
N GLY A 141 47.89 28.11 46.31
CA GLY A 141 48.44 29.46 46.37
C GLY A 141 49.71 29.65 45.57
N SER A 142 50.42 28.54 45.31
CA SER A 142 51.67 28.56 44.54
C SER A 142 51.35 28.87 43.07
N ASP A 143 50.24 28.33 42.57
CA ASP A 143 49.83 28.54 41.18
C ASP A 143 49.38 29.99 40.88
N PRO A 144 50.14 30.70 40.03
CA PRO A 144 49.83 32.10 39.67
C PRO A 144 48.45 32.29 39.02
N SER A 145 47.93 31.24 38.41
CA SER A 145 46.62 31.32 37.78
C SER A 145 45.49 31.38 38.83
N LEU A 146 45.81 31.21 40.09
CA LEU A 146 44.78 31.24 41.13
C LEU A 146 45.18 32.06 42.32
N ASN A 147 46.34 32.70 42.23
CA ASN A 147 46.82 33.46 43.35
C ASN A 147 45.85 34.56 43.74
N ASN A 148 45.71 35.54 42.85
CA ASN A 148 44.83 36.69 43.04
C ASN A 148 43.40 36.25 43.41
N LEU A 149 43.02 35.07 42.94
CA LEU A 149 41.70 34.54 43.23
C LEU A 149 41.59 34.14 44.69
N ILE A 150 42.62 33.47 45.20
CA ILE A 150 42.65 33.06 46.60
C ILE A 150 42.73 34.29 47.48
N ARG A 151 43.55 35.26 47.09
CA ARG A 151 43.68 36.47 47.87
C ARG A 151 42.33 37.17 48.01
N PHE A 152 41.72 37.46 46.86
CA PHE A 152 40.42 38.12 46.81
C PHE A 152 39.41 37.40 47.70
N GLY A 153 39.37 36.08 47.61
CA GLY A 153 38.46 35.30 48.41
C GLY A 153 38.67 35.48 49.91
N ILE A 154 39.95 35.48 50.31
CA ILE A 154 40.27 35.66 51.71
C ILE A 154 39.90 37.05 52.17
N GLU A 155 40.38 38.05 51.43
CA GLU A 155 40.12 39.43 51.79
C GLU A 155 38.63 39.77 51.86
N GLN A 156 37.83 39.09 51.04
CA GLN A 156 36.38 39.35 51.00
C GLN A 156 35.58 38.67 52.06
N SER A 157 36.16 37.67 52.71
CA SER A 157 35.45 36.95 53.76
C SER A 157 35.36 37.88 54.94
N ASP A 158 34.37 37.70 55.79
CA ASP A 158 34.25 38.56 56.96
C ASP A 158 35.23 38.17 58.06
N VAL A 159 35.43 36.86 58.24
CA VAL A 159 36.37 36.36 59.24
C VAL A 159 37.14 35.25 58.52
N VAL A 160 38.43 35.09 58.80
CA VAL A 160 39.22 34.04 58.15
C VAL A 160 40.03 33.35 59.24
N THR A 161 40.12 32.03 59.22
CA THR A 161 40.90 31.35 60.23
C THR A 161 41.76 30.30 59.54
N ALA A 162 42.78 29.82 60.23
CA ALA A 162 43.64 28.79 59.69
C ALA A 162 43.78 27.73 60.78
N VAL A 163 44.30 26.57 60.39
CA VAL A 163 44.41 25.45 61.29
C VAL A 163 45.68 25.44 62.07
N SER A 164 46.63 26.26 61.65
CA SER A 164 47.88 26.29 62.36
C SER A 164 48.58 27.61 62.08
N HIS A 165 49.45 28.02 62.99
CA HIS A 165 50.20 29.24 62.79
C HIS A 165 51.12 29.10 61.60
N SER A 166 51.59 27.89 61.34
CA SER A 166 52.47 27.69 60.21
C SER A 166 51.73 28.09 58.93
N LEU A 167 50.44 27.77 58.89
CA LEU A 167 49.63 28.07 57.74
C LEU A 167 49.46 29.57 57.57
N ILE A 168 49.14 30.25 58.65
CA ILE A 168 48.97 31.69 58.61
C ILE A 168 50.27 32.34 58.13
N ASN A 169 51.37 31.63 58.24
CA ASN A 169 52.62 32.17 57.79
C ASN A 169 52.79 31.97 56.33
N GLU A 170 52.51 30.74 55.91
CA GLU A 170 52.58 30.34 54.52
C GLU A 170 51.65 31.22 53.71
N THR A 171 50.51 31.55 54.31
CA THR A 171 49.51 32.37 53.66
C THR A 171 50.02 33.76 53.37
N HIS A 172 50.58 34.40 54.39
CA HIS A 172 51.07 35.75 54.21
C HIS A 172 52.29 35.78 53.34
N GLU A 173 52.92 34.61 53.16
CA GLU A 173 54.11 34.55 52.34
C GLU A 173 53.82 34.39 50.86
N LEU A 174 52.93 33.45 50.53
CA LEU A 174 52.58 33.15 49.15
C LEU A 174 51.43 33.99 48.58
N VAL A 175 50.33 34.06 49.34
CA VAL A 175 49.16 34.81 48.87
C VAL A 175 49.25 36.31 49.18
N LYS A 176 49.79 36.66 50.35
CA LYS A 176 49.94 38.06 50.76
C LYS A 176 48.65 38.85 50.82
N PRO A 177 47.65 38.34 51.52
CA PRO A 177 46.37 39.02 51.62
C PRO A 177 46.38 40.16 52.63
N ASN A 178 45.55 41.16 52.40
CA ASN A 178 45.44 42.26 53.34
C ASN A 178 44.26 41.96 54.21
N LYS A 179 44.36 40.92 55.03
CA LYS A 179 43.27 40.53 55.91
C LYS A 179 43.90 39.87 57.11
N ASP A 180 43.18 39.82 58.22
CA ASP A 180 43.68 39.18 59.43
C ASP A 180 43.21 37.75 59.49
N ILE A 181 44.12 36.84 59.82
CA ILE A 181 43.72 35.45 59.93
C ILE A 181 43.93 34.97 61.36
N GLN A 182 42.89 34.42 61.98
CA GLN A 182 42.97 33.88 63.35
C GLN A 182 43.42 32.45 63.28
N THR A 183 43.76 31.86 64.42
CA THR A 183 44.17 30.47 64.40
C THR A 183 43.19 29.68 65.22
N VAL A 184 42.69 28.58 64.66
CA VAL A 184 41.76 27.70 65.36
C VAL A 184 42.18 26.33 64.90
N TYR A 185 42.72 25.54 65.82
CA TYR A 185 43.19 24.20 65.48
C TYR A 185 42.06 23.23 65.21
N ASN A 186 42.36 22.11 64.56
CA ASN A 186 41.32 21.12 64.29
C ASN A 186 41.12 20.30 65.55
N PHE A 187 40.01 19.58 65.59
CA PHE A 187 39.71 18.77 66.74
C PHE A 187 39.32 17.35 66.34
N ILE A 188 39.04 16.55 67.35
CA ILE A 188 38.70 15.15 67.16
C ILE A 188 37.55 14.81 68.07
N ASP A 189 36.68 13.90 67.63
CA ASP A 189 35.55 13.48 68.43
C ASP A 189 36.04 12.39 69.40
N GLU A 190 36.26 12.77 70.66
CA GLU A 190 36.73 11.84 71.66
C GLU A 190 35.77 10.64 71.83
N ARG A 191 34.52 10.85 71.44
CA ARG A 191 33.46 9.85 71.51
C ARG A 191 33.73 8.75 70.45
N VAL A 192 34.83 8.92 69.70
CA VAL A 192 35.24 7.97 68.65
C VAL A 192 36.68 7.48 68.83
N TYR A 193 37.49 8.30 69.50
CA TYR A 193 38.89 7.96 69.75
C TYR A 193 39.23 7.87 71.23
N PHE A 194 39.36 6.66 71.73
CA PHE A 194 39.73 6.43 73.14
C PHE A 194 40.80 5.37 73.18
N LYS A 195 41.43 5.23 74.35
CA LYS A 195 42.50 4.25 74.53
C LYS A 195 42.05 2.78 74.59
N ARG A 196 40.86 2.47 74.06
CA ARG A 196 40.38 1.09 74.03
C ARG A 196 41.49 0.23 73.38
N ASP A 197 41.50 -1.08 73.62
CA ASP A 197 42.50 -1.96 73.00
C ASP A 197 41.84 -3.14 72.26
N MET A 198 42.13 -3.24 70.96
CA MET A 198 41.58 -4.29 70.11
C MET A 198 42.51 -5.52 70.15
N THR A 199 42.69 -6.09 71.33
CA THR A 199 43.55 -7.26 71.48
C THR A 199 42.97 -8.46 70.67
N GLN A 200 41.65 -8.54 70.59
CA GLN A 200 40.96 -9.60 69.84
C GLN A 200 41.12 -9.43 68.31
N LEU A 201 41.29 -8.17 67.90
CA LEU A 201 41.46 -7.81 66.49
C LEU A 201 42.89 -8.13 65.97
N LYS A 202 43.91 -7.98 66.83
CA LYS A 202 45.31 -8.27 66.46
C LYS A 202 45.36 -9.71 65.98
N LYS A 203 44.55 -10.54 66.64
CA LYS A 203 44.43 -11.96 66.34
C LYS A 203 43.85 -12.11 64.94
N GLU A 204 42.77 -11.37 64.68
CA GLU A 204 42.10 -11.38 63.38
C GLU A 204 43.01 -10.89 62.23
N TYR A 205 44.07 -10.16 62.56
CA TYR A 205 45.05 -9.63 61.57
C TYR A 205 46.31 -10.50 61.57
N GLY A 206 46.35 -11.47 62.47
CA GLY A 206 47.49 -12.38 62.53
C GLY A 206 48.79 -11.99 63.24
N ILE A 207 48.71 -11.05 64.17
CA ILE A 207 49.87 -10.54 64.85
C ILE A 207 50.06 -10.76 66.41
N SER A 208 51.32 -10.94 66.88
CA SER A 208 51.71 -11.13 68.31
C SER A 208 50.60 -11.44 69.30
N LYS A 212 55.07 -5.74 68.69
CA LYS A 212 55.08 -4.27 68.51
C LYS A 212 54.41 -3.83 67.19
N ILE A 213 53.52 -2.81 67.27
CA ILE A 213 52.80 -2.29 66.09
C ILE A 213 53.07 -0.82 65.73
N LEU A 214 53.53 -0.61 64.49
CA LEU A 214 53.81 0.72 63.95
C LEU A 214 52.77 1.01 62.87
N ILE A 215 51.99 2.07 63.06
CA ILE A 215 50.92 2.45 62.12
C ILE A 215 51.22 3.77 61.42
N HIS A 216 50.90 3.83 60.12
CA HIS A 216 51.09 5.05 59.34
C HIS A 216 49.89 5.27 58.42
N ILE A 217 49.30 6.45 58.44
CA ILE A 217 48.14 6.73 57.60
C ILE A 217 48.40 7.90 56.65
N SER A 218 48.21 7.69 55.35
CA SER A 218 48.41 8.78 54.39
C SER A 218 47.74 8.47 53.06
N ASN A 219 47.86 9.39 52.10
CA ASN A 219 47.28 9.18 50.80
C ASN A 219 48.34 8.73 49.81
N PHE A 220 49.38 8.08 50.31
CA PHE A 220 50.46 7.60 49.45
C PHE A 220 50.87 8.50 48.29
N ARG A 221 51.07 9.78 48.60
CA ARG A 221 51.54 10.77 47.62
C ARG A 221 53.02 11.00 47.89
N LYS A 222 53.72 11.61 46.94
CA LYS A 222 55.15 11.80 47.12
C LYS A 222 55.49 12.68 48.30
N VAL A 223 54.60 13.62 48.57
CA VAL A 223 54.79 14.54 49.66
C VAL A 223 54.78 13.85 51.02
N LYS A 224 54.05 12.74 51.12
CA LYS A 224 53.96 12.01 52.38
C LYS A 224 55.26 11.25 52.66
N ARG A 225 56.07 11.09 51.61
CA ARG A 225 57.36 10.39 51.71
C ARG A 225 57.19 9.02 52.36
N VAL A 226 56.26 8.21 51.85
CA VAL A 226 56.02 6.91 52.45
C VAL A 226 57.26 6.02 52.39
N GLN A 227 58.15 6.30 51.43
CA GLN A 227 59.37 5.54 51.29
C GLN A 227 60.16 5.62 52.59
N ASP A 228 60.26 6.81 53.16
CA ASP A 228 61.00 6.97 54.41
C ASP A 228 60.35 6.21 55.57
N VAL A 229 59.03 6.07 55.54
CA VAL A 229 58.35 5.34 56.61
C VAL A 229 58.77 3.87 56.53
N VAL A 230 59.01 3.41 55.30
CA VAL A 230 59.44 2.04 55.09
C VAL A 230 60.92 1.88 55.48
N GLN A 231 61.80 2.75 54.95
CA GLN A 231 63.23 2.73 55.24
C GLN A 231 63.47 2.67 56.75
N ALA A 232 62.82 3.56 57.46
CA ALA A 232 62.92 3.62 58.90
C ALA A 232 62.47 2.31 59.53
N PHE A 233 61.42 1.72 58.96
CA PHE A 233 60.89 0.45 59.49
C PHE A 233 61.84 -0.71 59.19
N ALA A 234 62.48 -0.66 58.03
CA ALA A 234 63.44 -1.69 57.62
C ALA A 234 64.53 -1.77 58.70
N LYS A 235 64.94 -0.59 59.18
CA LYS A 235 65.96 -0.49 60.21
C LYS A 235 65.37 -0.82 61.59
N ILE A 236 64.35 -0.07 61.98
CA ILE A 236 63.69 -0.24 63.27
C ILE A 236 63.30 -1.72 63.55
N VAL A 237 63.16 -2.52 62.48
CA VAL A 237 62.77 -3.94 62.58
C VAL A 237 63.93 -4.90 62.93
N THR A 238 65.14 -4.59 62.47
CA THR A 238 66.31 -5.43 62.75
C THR A 238 66.56 -5.52 64.26
N GLU A 239 66.21 -4.48 65.03
CA GLU A 239 66.42 -4.50 66.47
C GLU A 239 65.16 -4.69 67.33
N VAL A 240 64.00 -4.76 66.69
CA VAL A 240 62.72 -4.97 67.39
C VAL A 240 61.77 -5.71 66.46
N ASP A 241 61.04 -6.69 66.98
CA ASP A 241 60.10 -7.42 66.14
C ASP A 241 58.76 -6.66 66.17
N ALA A 242 58.38 -6.13 65.02
CA ALA A 242 57.14 -5.38 64.89
C ALA A 242 56.70 -5.35 63.44
N LYS A 243 55.41 -5.19 63.25
CA LYS A 243 54.85 -5.11 61.91
C LYS A 243 54.44 -3.65 61.65
N LEU A 244 54.41 -3.26 60.38
CA LEU A 244 54.04 -1.91 59.97
C LEU A 244 52.68 -1.89 59.30
N LEU A 245 51.75 -1.12 59.83
CA LEU A 245 50.42 -1.01 59.24
C LEU A 245 50.40 0.19 58.27
N LEU A 246 50.29 -0.08 56.98
CA LEU A 246 50.23 1.01 56.00
C LEU A 246 48.79 1.25 55.54
N VAL A 247 48.11 2.15 56.21
CA VAL A 247 46.74 2.51 55.90
C VAL A 247 46.71 3.55 54.80
N GLY A 248 45.82 3.40 53.83
CA GLY A 248 45.76 4.36 52.75
C GLY A 248 46.14 3.78 51.40
N ASP A 249 45.86 4.53 50.35
CA ASP A 249 46.16 4.11 48.99
C ASP A 249 46.33 5.36 48.14
N GLY A 250 47.26 5.31 47.20
CA GLY A 250 47.51 6.45 46.35
C GLY A 250 48.46 6.12 45.21
N PRO A 251 48.90 7.12 44.44
CA PRO A 251 49.81 6.93 43.30
C PRO A 251 51.08 6.15 43.61
N GLU A 252 51.80 6.59 44.63
CA GLU A 252 53.06 5.96 45.06
C GLU A 252 52.90 4.59 45.71
N PHE A 253 51.74 3.98 45.53
CA PHE A 253 51.48 2.69 46.12
C PHE A 253 52.38 1.58 45.63
N CYS A 254 52.44 1.43 44.31
CA CYS A 254 53.26 0.40 43.69
C CYS A 254 54.71 0.52 44.07
N THR A 255 55.21 1.75 44.03
CA THR A 255 56.59 2.00 44.37
C THR A 255 56.85 1.52 45.79
N ILE A 256 55.95 1.85 46.71
CA ILE A 256 56.09 1.44 48.10
C ILE A 256 55.97 -0.08 48.21
N LEU A 257 55.10 -0.65 47.40
CA LEU A 257 54.91 -2.09 47.40
C LEU A 257 56.17 -2.77 46.88
N GLN A 258 56.78 -2.18 45.86
CA GLN A 258 58.02 -2.69 45.27
C GLN A 258 59.13 -2.57 46.29
N LEU A 259 59.08 -1.51 47.09
CA LEU A 259 60.08 -1.29 48.12
C LEU A 259 60.04 -2.35 49.21
N VAL A 260 58.90 -2.50 49.88
CA VAL A 260 58.79 -3.49 50.95
C VAL A 260 59.18 -4.87 50.40
N LYS A 261 59.02 -5.01 49.09
CA LYS A 261 59.30 -6.23 48.31
C LYS A 261 60.77 -6.62 48.17
N ASN A 262 61.58 -5.70 47.67
CA ASN A 262 63.00 -6.00 47.49
C ASN A 262 63.73 -5.50 48.74
N LEU A 263 63.02 -5.50 49.86
CA LEU A 263 63.61 -5.10 51.13
C LEU A 263 63.42 -6.25 52.10
N HIS A 264 62.81 -7.32 51.61
CA HIS A 264 62.55 -8.53 52.37
C HIS A 264 61.81 -8.32 53.69
N ILE A 265 60.93 -7.33 53.71
CA ILE A 265 60.12 -7.01 54.87
C ILE A 265 58.67 -7.27 54.44
N GLU A 266 58.55 -7.80 53.23
CA GLU A 266 57.27 -8.13 52.60
C GLU A 266 56.24 -8.76 53.54
N ASP A 267 56.64 -9.67 54.38
CA ASP A 267 55.65 -10.32 55.22
C ASP A 267 55.54 -9.55 56.49
N ARG A 268 55.91 -8.28 56.48
CA ARG A 268 55.89 -7.57 57.74
C ARG A 268 55.19 -6.26 57.67
N VAL A 269 54.48 -6.09 56.60
CA VAL A 269 53.85 -4.86 56.34
C VAL A 269 52.48 -5.20 55.90
N LEU A 270 51.48 -4.52 56.43
CA LEU A 270 50.11 -4.86 56.09
C LEU A 270 49.40 -3.91 55.29
N PHE A 271 49.73 -3.83 54.03
CA PHE A 271 49.01 -2.82 53.34
C PHE A 271 47.54 -3.10 53.70
N LEU A 272 46.84 -2.11 54.24
CA LEU A 272 45.44 -2.30 54.62
C LEU A 272 44.61 -1.54 53.61
N GLY A 273 45.27 -0.93 52.64
CA GLY A 273 44.53 -0.16 51.65
C GLY A 273 43.87 1.02 52.33
N LYS A 274 43.08 1.82 51.64
CA LYS A 274 42.52 2.93 52.38
C LYS A 274 41.33 2.60 53.27
N GLN A 275 41.48 2.81 54.57
CA GLN A 275 40.39 2.54 55.51
C GLN A 275 39.78 3.86 55.89
N ASP A 276 38.62 3.81 56.53
CA ASP A 276 37.93 5.03 56.93
C ASP A 276 37.78 5.08 58.44
N ASN A 277 37.32 3.97 59.01
CA ASN A 277 37.13 3.86 60.46
C ASN A 277 38.51 3.41 61.02
N VAL A 278 39.49 4.29 60.95
CA VAL A 278 40.84 3.98 61.40
C VAL A 278 40.99 4.03 62.93
N ALA A 279 39.93 4.42 63.63
CA ALA A 279 39.95 4.51 65.08
C ALA A 279 40.37 3.21 65.77
N GLU A 280 39.88 2.09 65.25
CA GLU A 280 40.20 0.79 65.82
C GLU A 280 41.65 0.42 65.56
N LEU A 281 42.16 0.78 64.40
CA LEU A 281 43.54 0.45 64.04
C LEU A 281 44.51 1.21 64.93
N LEU A 282 44.29 2.51 65.11
CA LEU A 282 45.18 3.28 65.97
C LEU A 282 45.13 2.73 67.38
N ALA A 283 43.93 2.34 67.83
CA ALA A 283 43.75 1.78 69.17
C ALA A 283 44.74 0.64 69.46
N MET A 284 44.86 -0.31 68.51
CA MET A 284 45.77 -1.45 68.66
C MET A 284 47.19 -1.15 68.14
N SER A 285 47.59 0.13 68.20
CA SER A 285 48.93 0.53 67.73
C SER A 285 49.81 1.00 68.86
N ASP A 286 51.10 1.10 68.57
CA ASP A 286 52.05 1.52 69.58
C ASP A 286 52.80 2.80 69.21
N LEU A 287 53.11 2.95 67.93
CA LEU A 287 53.83 4.12 67.49
C LEU A 287 53.28 4.59 66.13
N MET A 288 53.08 5.90 65.98
CA MET A 288 52.58 6.46 64.72
C MET A 288 53.72 7.19 64.01
N LEU A 289 53.81 7.04 62.69
CA LEU A 289 54.85 7.73 61.92
C LEU A 289 54.24 8.67 60.89
N LEU A 290 54.86 9.85 60.72
CA LEU A 290 54.42 10.86 59.77
C LEU A 290 55.69 11.61 59.38
N LEU A 291 56.26 11.28 58.24
CA LEU A 291 57.51 11.91 57.85
C LEU A 291 57.41 12.62 56.52
N SER A 292 56.33 13.39 56.35
CA SER A 292 56.13 14.11 55.10
C SER A 292 56.90 15.43 55.00
N GLU A 293 57.13 15.89 53.76
CA GLU A 293 57.85 17.14 53.52
C GLU A 293 57.04 18.31 53.99
N LYS A 294 55.74 18.16 54.13
CA LYS A 294 55.04 19.31 54.60
C LYS A 294 53.74 18.99 55.18
N GLU A 295 53.24 19.80 56.06
CA GLU A 295 51.96 19.47 56.49
C GLU A 295 51.57 20.59 57.35
N SER A 296 50.31 20.91 57.38
CA SER A 296 49.87 22.06 58.09
C SER A 296 49.29 21.54 59.31
N PHE A 297 48.96 20.25 59.37
CA PHE A 297 48.43 19.94 60.65
C PHE A 297 48.56 18.81 61.59
N GLY A 298 48.25 17.58 61.23
CA GLY A 298 47.11 17.22 60.38
C GLY A 298 46.64 16.25 61.39
N LEU A 299 45.40 15.92 61.31
CA LEU A 299 44.92 15.16 62.39
C LEU A 299 45.51 13.88 62.60
N VAL A 300 45.95 13.23 61.59
CA VAL A 300 46.06 11.91 62.10
C VAL A 300 46.84 12.01 63.35
N LEU A 301 47.61 13.06 63.50
CA LEU A 301 48.36 13.05 64.69
C LEU A 301 47.44 13.05 65.81
N LEU A 302 46.43 13.87 65.73
CA LEU A 302 45.52 13.90 66.81
C LEU A 302 44.87 12.65 67.00
N GLU A 303 44.28 12.14 65.96
CA GLU A 303 43.55 10.95 66.20
C GLU A 303 44.47 10.06 67.03
N ALA A 304 45.64 9.84 66.49
CA ALA A 304 46.59 9.00 67.13
C ALA A 304 46.83 9.26 68.52
N MET A 305 47.28 10.48 68.77
CA MET A 305 47.64 10.80 70.09
C MET A 305 46.42 10.53 70.84
N ALA A 306 45.36 11.14 70.43
CA ALA A 306 44.16 10.90 71.15
C ALA A 306 43.99 9.49 71.61
N CYS A 307 44.57 8.51 70.94
CA CYS A 307 44.31 7.16 71.37
C CYS A 307 45.42 6.68 72.22
N GLY A 308 46.17 7.61 72.75
CA GLY A 308 47.27 7.23 73.59
C GLY A 308 48.45 6.69 72.81
N VAL A 309 48.51 6.96 71.51
CA VAL A 309 49.62 6.49 70.69
C VAL A 309 50.64 7.57 70.42
N PRO A 310 51.86 7.44 70.96
CA PRO A 310 52.91 8.44 70.73
C PRO A 310 53.32 8.49 69.26
N CYS A 311 53.68 9.68 68.76
CA CYS A 311 54.04 9.87 67.36
C CYS A 311 55.43 10.38 67.11
N ILE A 312 55.95 10.07 65.94
CA ILE A 312 57.28 10.53 65.55
C ILE A 312 57.10 11.21 64.20
N GLY A 313 56.87 12.53 64.20
CA GLY A 313 56.68 13.23 62.94
C GLY A 313 57.79 14.18 62.55
N THR A 314 58.02 14.37 61.26
CA THR A 314 59.06 15.28 60.82
C THR A 314 58.78 16.71 61.31
N ARG A 315 59.83 17.48 61.57
CA ARG A 315 59.72 18.85 62.05
C ARG A 315 59.40 19.74 60.84
N VAL A 316 58.14 19.70 60.42
CA VAL A 316 57.69 20.50 59.31
C VAL A 316 56.50 21.32 59.77
N GLY A 317 56.57 22.61 59.42
CA GLY A 317 55.56 23.59 59.81
C GLY A 317 54.13 23.25 60.13
N GLY A 318 53.78 23.13 61.39
CA GLY A 318 52.49 22.55 61.72
C GLY A 318 52.46 21.23 62.47
N ILE A 319 53.56 20.47 62.46
CA ILE A 319 53.62 19.20 63.19
C ILE A 319 54.10 19.70 64.56
N PRO A 320 55.12 20.57 64.58
CA PRO A 320 55.69 21.13 65.80
C PRO A 320 54.68 21.79 66.72
N GLU A 321 53.51 22.15 66.19
CA GLU A 321 52.54 22.79 67.08
C GLU A 321 51.68 21.75 67.79
N VAL A 322 51.83 20.47 67.45
CA VAL A 322 51.05 19.43 68.10
C VAL A 322 51.94 18.44 68.87
N ILE A 323 53.12 18.19 68.33
CA ILE A 323 54.09 17.29 68.95
C ILE A 323 55.19 18.06 69.65
N GLN A 324 55.25 17.92 70.97
CA GLN A 324 56.31 18.57 71.76
C GLN A 324 57.26 17.49 72.19
N HIS A 325 58.39 17.58 71.54
CA HIS A 325 59.37 16.57 71.56
C HIS A 325 59.68 16.00 72.82
N GLY A 326 59.50 14.71 73.00
CA GLY A 326 59.95 14.20 74.26
C GLY A 326 58.93 14.26 75.29
N ASP A 327 57.93 15.08 75.09
CA ASP A 327 56.96 15.04 76.09
C ASP A 327 55.79 14.24 75.55
N THR A 328 55.40 14.49 74.31
CA THR A 328 54.25 13.80 73.78
C THR A 328 54.58 13.09 72.46
N GLY A 329 55.85 13.12 72.08
CA GLY A 329 56.27 12.48 70.83
C GLY A 329 57.65 12.98 70.46
N TYR A 330 58.11 12.71 69.24
CA TYR A 330 59.43 13.17 68.81
C TYR A 330 59.39 13.77 67.43
N LEU A 331 60.30 14.69 67.12
CA LEU A 331 60.35 15.31 65.80
C LEU A 331 61.70 14.98 65.18
N CYS A 332 61.93 15.36 63.94
CA CYS A 332 63.22 15.06 63.30
C CYS A 332 63.22 15.53 61.85
N GLU A 333 64.42 15.79 61.31
CA GLU A 333 64.51 16.28 59.93
C GLU A 333 63.98 15.29 58.91
N VAL A 334 63.54 15.80 57.77
CA VAL A 334 63.01 14.96 56.72
C VAL A 334 64.14 14.19 56.06
N GLY A 335 63.88 12.92 55.75
CA GLY A 335 64.88 12.06 55.12
C GLY A 335 65.77 11.31 56.08
N ASP A 336 65.67 11.66 57.37
CA ASP A 336 66.47 11.04 58.42
C ASP A 336 65.92 9.67 58.82
N THR A 337 65.84 8.77 57.84
CA THR A 337 65.32 7.42 58.05
C THR A 337 66.01 6.78 59.28
N THR A 338 67.34 6.87 59.32
CA THR A 338 68.15 6.32 60.41
C THR A 338 67.78 6.93 61.78
N GLY A 339 67.80 8.26 61.86
CA GLY A 339 67.45 8.93 63.11
C GLY A 339 66.08 8.55 63.64
N VAL A 340 65.13 8.38 62.72
CA VAL A 340 63.77 8.02 63.10
C VAL A 340 63.74 6.63 63.72
N ALA A 341 64.40 5.69 63.05
CA ALA A 341 64.48 4.29 63.50
C ALA A 341 65.06 4.23 64.90
N ASP A 342 66.16 4.94 65.09
CA ASP A 342 66.87 5.02 66.37
C ASP A 342 65.95 5.51 67.46
N GLN A 343 65.26 6.60 67.17
CA GLN A 343 64.35 7.19 68.12
C GLN A 343 63.23 6.21 68.46
N ALA A 344 62.82 5.42 67.47
CA ALA A 344 61.75 4.43 67.61
C ALA A 344 62.16 3.23 68.46
N ILE A 345 63.22 2.54 68.01
CA ILE A 345 63.76 1.36 68.69
C ILE A 345 63.95 1.67 70.17
N GLN A 346 64.45 2.86 70.48
CA GLN A 346 64.66 3.28 71.85
C GLN A 346 63.36 3.34 72.66
N LEU A 347 62.36 4.03 72.12
CA LEU A 347 61.06 4.19 72.79
C LEU A 347 60.25 2.91 72.87
N LEU A 348 60.50 2.00 71.94
CA LEU A 348 59.75 0.74 71.91
C LEU A 348 60.03 -0.26 73.04
N LYS A 349 61.30 -0.30 73.49
CA LYS A 349 61.71 -1.20 74.59
C LYS A 349 61.47 -0.55 75.95
N ASP A 350 61.98 0.67 76.13
CA ASP A 350 61.77 1.38 77.39
C ASP A 350 60.22 1.35 77.42
N GLU A 351 59.63 0.69 78.42
CA GLU A 351 58.18 0.60 78.49
C GLU A 351 57.69 1.67 79.45
N GLU A 352 58.63 2.23 80.20
CA GLU A 352 58.34 3.30 81.15
C GLU A 352 58.03 4.56 80.33
N LEU A 353 59.02 4.97 79.53
CA LEU A 353 58.93 6.13 78.66
C LEU A 353 57.70 6.04 77.74
N HIS A 354 57.46 4.85 77.21
CA HIS A 354 56.33 4.62 76.32
C HIS A 354 54.96 4.76 77.02
N ARG A 355 54.86 4.37 78.29
CA ARG A 355 53.57 4.52 79.00
C ARG A 355 53.34 5.98 79.34
N ASN A 356 54.44 6.67 79.62
CA ASN A 356 54.41 8.10 80.00
C ASN A 356 54.08 8.98 78.81
N MET A 357 54.86 8.82 77.74
CA MET A 357 54.65 9.61 76.52
C MET A 357 53.21 9.41 76.05
N GLY A 358 52.81 8.15 75.88
CA GLY A 358 51.45 7.86 75.44
C GLY A 358 50.40 8.50 76.33
N GLU A 359 50.72 8.72 77.59
CA GLU A 359 49.78 9.35 78.52
C GLU A 359 49.87 10.86 78.37
N ARG A 360 51.10 11.36 78.35
CA ARG A 360 51.38 12.78 78.18
C ARG A 360 50.60 13.25 76.93
N ALA A 361 50.81 12.51 75.83
CA ALA A 361 50.17 12.80 74.54
C ALA A 361 48.66 12.92 74.62
N ARG A 362 47.96 11.85 74.97
CA ARG A 362 46.50 11.94 75.03
C ARG A 362 46.00 12.97 76.03
N GLU A 363 46.93 13.58 76.76
CA GLU A 363 46.55 14.61 77.72
C GLU A 363 46.65 15.98 77.04
N SER A 364 47.82 16.27 76.47
CA SER A 364 48.03 17.55 75.80
C SER A 364 47.01 17.70 74.67
N VAL A 365 46.45 16.58 74.23
CA VAL A 365 45.43 16.59 73.18
C VAL A 365 44.12 17.09 73.81
N TYR A 366 43.72 16.50 74.92
CA TYR A 366 42.50 16.92 75.62
C TYR A 366 42.62 18.40 76.01
N GLU A 367 43.87 18.77 76.26
CA GLU A 367 44.29 20.11 76.68
C GLU A 367 44.07 21.32 75.83
N GLN A 368 44.66 21.26 74.63
CA GLN A 368 44.61 22.35 73.67
C GLN A 368 43.82 22.01 72.40
N PHE A 369 43.40 20.75 72.26
CA PHE A 369 42.63 20.33 71.09
C PHE A 369 41.26 19.74 71.44
N ARG A 370 40.85 19.94 72.68
CA ARG A 370 39.56 19.46 73.17
C ARG A 370 38.46 19.85 72.16
N SER A 371 37.71 18.88 71.67
CA SER A 371 36.66 19.18 70.71
C SER A 371 35.69 20.26 71.22
N GLU A 372 35.15 20.06 72.43
CA GLU A 372 34.21 21.03 72.98
C GLU A 372 34.84 22.42 73.12
N LYS A 373 36.16 22.46 73.28
CA LYS A 373 36.86 23.73 73.42
C LYS A 373 36.91 24.49 72.07
N ILE A 374 37.46 23.83 71.05
CA ILE A 374 37.57 24.40 69.71
C ILE A 374 36.20 24.79 69.17
N VAL A 375 35.24 23.91 69.32
CA VAL A 375 33.91 24.24 68.84
C VAL A 375 33.47 25.56 69.46
N SER A 376 33.80 25.79 70.73
CA SER A 376 33.39 27.04 71.35
C SER A 376 34.09 28.27 70.76
N GLN A 377 35.30 28.08 70.24
CA GLN A 377 36.02 29.19 69.64
C GLN A 377 35.29 29.60 68.39
N TYR A 378 34.91 28.61 67.58
CA TYR A 378 34.20 28.89 66.33
C TYR A 378 32.86 29.53 66.69
N GLU A 379 32.25 29.03 67.75
CA GLU A 379 30.98 29.55 68.18
C GLU A 379 31.11 31.03 68.55
N THR A 380 32.14 31.40 69.27
CA THR A 380 32.26 32.81 69.62
C THR A 380 32.62 33.63 68.40
N ILE A 381 33.36 33.03 67.45
CA ILE A 381 33.70 33.79 66.25
C ILE A 381 32.45 34.19 65.47
N TYR A 382 31.45 33.30 65.46
CA TYR A 382 30.20 33.57 64.76
C TYR A 382 29.48 34.73 65.42
N TYR A 383 29.27 34.59 66.74
CA TYR A 383 28.58 35.63 67.49
C TYR A 383 29.29 36.97 67.34
N ASP A 384 30.63 36.92 67.37
CA ASP A 384 31.44 38.13 67.23
C ASP A 384 31.26 38.82 65.88
N VAL A 385 31.19 38.03 64.81
CA VAL A 385 31.05 38.60 63.50
C VAL A 385 29.68 39.30 63.32
N LEU A 386 28.87 39.31 64.38
CA LEU A 386 27.57 39.99 64.34
C LEU A 386 27.52 41.15 65.44
N ARG A 387 27.07 40.87 66.58
N LYS B 15 40.91 52.95 18.25
CA LYS B 15 41.35 53.59 19.53
C LYS B 15 40.65 53.02 20.79
N LEU B 16 40.44 51.72 20.87
CA LEU B 16 39.78 51.11 22.02
C LEU B 16 40.34 49.72 22.31
N LYS B 17 40.55 49.39 23.59
CA LYS B 17 41.08 48.07 23.95
C LYS B 17 39.93 47.18 24.45
N ILE B 18 39.44 46.29 23.59
CA ILE B 18 38.31 45.43 23.92
C ILE B 18 38.72 43.99 24.20
N GLY B 19 38.02 43.32 25.12
CA GLY B 19 38.34 41.93 25.37
C GLY B 19 37.10 41.10 25.04
N ILE B 20 37.20 40.11 24.15
CA ILE B 20 36.03 39.28 23.81
C ILE B 20 36.12 37.88 24.42
N THR B 21 35.00 37.33 24.82
CA THR B 21 34.96 35.99 25.41
C THR B 21 33.81 35.21 24.78
N CYS B 22 34.10 34.02 24.26
CA CYS B 22 33.07 33.15 23.65
C CYS B 22 33.55 31.70 23.41
N TYR B 23 32.72 30.90 22.76
CA TYR B 23 33.07 29.50 22.47
C TYR B 23 33.31 29.32 20.97
N PRO B 24 34.53 29.67 20.47
CA PRO B 24 34.93 29.59 19.04
C PRO B 24 34.14 28.76 17.98
N GLY B 27 29.57 27.37 19.18
CA GLY B 27 28.31 27.31 18.45
C GLY B 27 28.05 28.57 17.61
N GLY B 28 26.89 29.21 17.81
CA GLY B 28 26.55 30.41 17.07
C GLY B 28 27.30 31.62 17.62
N SER B 29 27.30 31.73 18.95
CA SER B 29 27.98 32.81 19.67
C SER B 29 29.45 32.99 19.26
N GLY B 30 30.15 31.87 19.10
CA GLY B 30 31.54 31.92 18.72
C GLY B 30 31.74 32.55 17.37
N VAL B 31 30.97 32.10 16.40
CA VAL B 31 31.07 32.65 15.06
C VAL B 31 30.96 34.17 15.14
N VAL B 32 29.87 34.64 15.74
CA VAL B 32 29.64 36.07 15.85
C VAL B 32 30.71 36.80 16.67
N GLY B 33 30.95 36.30 17.88
CA GLY B 33 31.95 36.89 18.75
C GLY B 33 33.28 37.05 18.03
N THR B 34 33.73 35.97 17.40
CA THR B 34 34.99 35.95 16.68
C THR B 34 35.00 36.92 15.52
N GLU B 35 33.92 36.89 14.74
CA GLU B 35 33.85 37.77 13.60
C GLU B 35 33.80 39.22 14.06
N LEU B 36 33.03 39.48 15.12
CA LEU B 36 32.93 40.82 15.65
C LEU B 36 34.32 41.34 16.03
N GLY B 37 35.16 40.45 16.59
CA GLY B 37 36.48 40.84 17.01
C GLY B 37 37.37 41.11 15.82
N LYS B 38 37.22 40.27 14.80
CA LYS B 38 38.02 40.42 13.59
C LYS B 38 37.69 41.80 12.98
N GLN B 39 36.39 42.10 12.84
CA GLN B 39 35.93 43.37 12.27
C GLN B 39 36.46 44.56 13.07
N LEU B 40 36.18 44.57 14.37
CA LEU B 40 36.63 45.62 15.27
C LEU B 40 38.13 45.85 15.16
N ALA B 41 38.86 44.78 14.90
CA ALA B 41 40.30 44.84 14.77
C ALA B 41 40.66 45.65 13.53
N GLU B 42 40.04 45.28 12.41
CA GLU B 42 40.29 45.97 11.14
C GLU B 42 39.98 47.46 11.27
N ARG B 43 39.17 47.82 12.25
CA ARG B 43 38.86 49.23 12.42
C ARG B 43 39.85 49.93 13.32
N GLY B 44 40.97 49.26 13.62
CA GLY B 44 42.01 49.87 14.43
C GLY B 44 42.00 49.63 15.93
N HIS B 45 40.95 48.96 16.41
CA HIS B 45 40.84 48.66 17.83
C HIS B 45 41.79 47.54 18.15
N GLU B 46 42.16 47.43 19.43
CA GLU B 46 43.06 46.37 19.87
C GLU B 46 42.19 45.33 20.59
N ILE B 47 41.97 44.20 19.93
CA ILE B 47 41.14 43.11 20.46
C ILE B 47 41.96 42.08 21.22
N HIS B 48 41.43 41.64 22.35
CA HIS B 48 42.07 40.65 23.21
C HIS B 48 41.12 39.52 23.51
N PHE B 49 41.24 38.43 22.77
CA PHE B 49 40.38 37.28 23.00
C PHE B 49 40.78 36.55 24.26
N ILE B 50 39.86 36.41 25.19
CA ILE B 50 40.18 35.70 26.41
C ILE B 50 39.28 34.49 26.40
N THR B 51 39.83 33.38 25.94
CA THR B 51 39.07 32.14 25.83
C THR B 51 39.98 30.94 25.62
N SER B 52 39.68 29.83 26.31
CA SER B 52 40.45 28.59 26.17
C SER B 52 39.94 27.73 25.00
N GLY B 53 40.63 27.79 23.86
CA GLY B 53 40.21 27.02 22.69
C GLY B 53 41.00 27.44 21.47
N LEU B 54 40.33 27.48 20.31
CA LEU B 54 41.00 27.89 19.07
C LEU B 54 40.12 28.66 18.04
N PRO B 55 39.95 29.99 18.24
CA PRO B 55 39.14 30.85 17.33
C PRO B 55 39.67 31.04 15.88
N LYS B 60 44.76 34.07 8.29
CA LYS B 60 45.63 35.26 8.34
C LYS B 60 46.13 35.60 9.78
N VAL B 61 46.85 36.72 9.97
CA VAL B 61 47.34 37.16 11.30
C VAL B 61 47.28 38.69 11.47
N TYR B 62 46.60 39.17 12.50
CA TYR B 62 46.48 40.61 12.75
C TYR B 62 47.38 40.99 13.92
N PRO B 63 48.16 42.07 13.75
CA PRO B 63 49.09 42.56 14.79
C PRO B 63 48.39 43.14 16.01
N ASN B 64 47.10 43.42 15.85
CA ASN B 64 46.28 44.01 16.91
C ASN B 64 45.20 43.09 17.49
N ILE B 65 45.39 41.78 17.36
CA ILE B 65 44.48 40.79 17.91
C ILE B 65 45.33 39.82 18.69
N TYR B 66 45.15 39.78 20.01
CA TYR B 66 45.93 38.89 20.86
C TYR B 66 45.05 37.77 21.37
N PHE B 67 45.62 36.60 21.58
CA PHE B 67 44.85 35.48 22.10
C PHE B 67 45.37 35.03 23.44
N HIS B 68 44.55 35.12 24.46
CA HIS B 68 44.96 34.69 25.80
C HIS B 68 44.17 33.43 26.06
N GLU B 69 44.79 32.40 26.59
CA GLU B 69 44.01 31.19 26.82
C GLU B 69 44.01 30.78 28.28
N VAL B 70 42.88 30.25 28.72
CA VAL B 70 42.71 29.85 30.10
C VAL B 70 43.29 28.47 30.35
N THR B 71 44.30 28.40 31.21
CA THR B 71 44.92 27.13 31.54
C THR B 71 44.42 26.65 32.90
N VAL B 72 44.02 25.39 32.98
CA VAL B 72 43.51 24.84 34.25
C VAL B 72 44.41 23.70 34.80
N ASN B 73 44.22 23.30 36.07
CA ASN B 73 45.02 22.20 36.66
C ASN B 73 44.24 21.34 37.68
N PHE B 78 40.99 18.48 44.27
CA PHE B 78 39.92 19.14 43.50
C PHE B 78 38.85 18.23 42.87
N GLN B 79 37.57 18.59 43.04
CA GLN B 79 36.42 17.85 42.46
C GLN B 79 36.21 17.96 40.94
N TYR B 80 36.12 19.20 40.48
CA TYR B 80 35.95 19.50 39.05
C TYR B 80 36.95 20.60 38.75
N PRO B 81 37.57 20.57 37.56
CA PRO B 81 38.56 21.61 37.18
C PRO B 81 37.86 22.98 37.13
N PRO B 82 38.24 23.95 37.99
CA PRO B 82 37.61 25.27 38.01
C PRO B 82 37.75 26.12 36.76
N TYR B 83 37.15 25.72 35.65
CA TYR B 83 37.27 26.52 34.45
C TYR B 83 36.65 27.90 34.66
N ASP B 84 35.52 27.95 35.33
CA ASP B 84 34.87 29.24 35.51
C ASP B 84 35.79 30.19 36.23
N LEU B 85 36.16 29.81 37.45
CA LEU B 85 37.05 30.63 38.26
C LEU B 85 38.32 30.95 37.51
N ALA B 86 38.87 29.97 36.82
CA ALA B 86 40.09 30.20 36.07
C ALA B 86 39.90 31.28 35.01
N LEU B 87 38.77 31.24 34.35
CA LEU B 87 38.45 32.20 33.29
C LEU B 87 38.28 33.58 33.90
N ALA B 88 37.64 33.63 35.06
CA ALA B 88 37.44 34.88 35.76
C ALA B 88 38.82 35.46 36.09
N SER B 89 39.68 34.61 36.62
CA SER B 89 41.01 35.02 36.98
C SER B 89 41.79 35.59 35.80
N LYS B 90 41.71 34.93 34.66
CA LYS B 90 42.42 35.37 33.47
C LYS B 90 41.84 36.68 32.93
N MET B 91 40.51 36.82 32.98
CA MET B 91 39.87 38.04 32.50
C MET B 91 40.49 39.15 33.34
N ALA B 92 40.45 39.00 34.66
CA ALA B 92 41.01 40.00 35.57
C ALA B 92 42.47 40.32 35.29
N GLU B 93 43.26 39.26 35.11
CA GLU B 93 44.67 39.45 34.83
C GLU B 93 44.88 40.22 33.53
N VAL B 94 44.30 39.74 32.43
CA VAL B 94 44.46 40.42 31.16
C VAL B 94 43.94 41.84 31.23
N ALA B 95 42.81 42.00 31.91
CA ALA B 95 42.17 43.29 32.03
C ALA B 95 43.10 44.36 32.55
N GLN B 96 43.63 44.17 33.75
CA GLN B 96 44.47 45.20 34.31
C GLN B 96 45.89 45.23 33.75
N ARG B 97 46.31 44.14 33.15
CA ARG B 97 47.64 44.10 32.58
C ARG B 97 47.65 44.89 31.28
N GLU B 98 46.69 44.65 30.39
CA GLU B 98 46.60 45.32 29.10
C GLU B 98 45.78 46.61 29.18
N ASN B 99 45.22 46.86 30.36
CA ASN B 99 44.40 48.03 30.58
C ASN B 99 43.25 48.13 29.59
N LEU B 100 42.41 47.11 29.61
CA LEU B 100 41.25 47.01 28.74
C LEU B 100 40.19 48.02 29.14
N ASP B 101 39.40 48.45 28.17
CA ASP B 101 38.32 49.42 28.38
C ASP B 101 37.00 48.69 28.57
N ILE B 102 36.72 47.83 27.59
CA ILE B 102 35.49 47.04 27.58
C ILE B 102 35.83 45.56 27.62
N LEU B 103 34.91 44.81 28.22
CA LEU B 103 35.02 43.37 28.31
C LEU B 103 33.68 42.88 27.74
N HIS B 104 33.72 42.35 26.52
CA HIS B 104 32.52 41.90 25.84
C HIS B 104 32.35 40.39 25.84
N VAL B 105 31.31 39.96 26.49
CA VAL B 105 31.16 38.56 26.66
C VAL B 105 30.02 38.00 25.89
N HIS B 106 30.09 36.74 25.49
CA HIS B 106 28.98 36.24 24.75
C HIS B 106 28.06 35.18 25.16
N TYR B 107 28.31 34.24 26.00
CA TYR B 107 27.06 33.50 26.21
C TYR B 107 26.79 34.02 27.60
N ALA B 108 25.68 33.73 28.24
CA ALA B 108 25.49 34.36 29.55
C ALA B 108 26.14 33.62 30.66
N ILE B 109 25.85 32.35 30.73
CA ILE B 109 26.52 31.47 31.70
C ILE B 109 27.64 30.87 30.87
N PRO B 110 28.87 30.73 31.47
CA PRO B 110 29.27 31.44 32.70
C PRO B 110 29.80 32.82 32.53
N HIS B 111 30.28 33.12 31.33
CA HIS B 111 30.90 34.41 31.00
C HIS B 111 30.45 35.68 31.68
N ALA B 112 29.14 35.85 31.81
CA ALA B 112 28.57 37.02 32.46
C ALA B 112 29.04 37.07 33.92
N ILE B 113 28.87 35.98 34.65
CA ILE B 113 29.31 35.96 36.04
C ILE B 113 30.83 36.05 36.15
N CYS B 114 31.54 35.44 35.22
CA CYS B 114 33.00 35.52 35.25
C CYS B 114 33.47 36.93 35.09
N ALA B 115 32.83 37.66 34.17
CA ALA B 115 33.20 39.05 33.96
C ALA B 115 32.84 39.86 35.21
N TYR B 116 31.80 39.46 35.92
CA TYR B 116 31.46 40.20 37.12
C TYR B 116 32.59 40.08 38.14
N LEU B 117 33.02 38.85 38.43
CA LEU B 117 34.13 38.58 39.35
C LEU B 117 35.38 39.32 38.93
N ALA B 118 35.72 39.21 37.65
CA ALA B 118 36.89 39.89 37.11
C ALA B 118 36.84 41.38 37.44
N LYS B 119 35.68 42.00 37.18
CA LYS B 119 35.44 43.42 37.44
C LYS B 119 35.69 43.72 38.91
N GLN B 120 35.02 42.97 39.79
CA GLN B 120 35.15 43.18 41.22
C GLN B 120 36.59 43.00 41.66
N MET B 121 37.28 42.04 41.05
CA MET B 121 38.67 41.79 41.39
C MET B 121 39.60 42.94 40.95
N ILE B 122 39.32 43.65 39.86
CA ILE B 122 40.22 44.74 39.49
C ILE B 122 39.68 46.12 39.89
N GLY B 123 38.90 46.14 40.96
CA GLY B 123 38.36 47.39 41.45
C GLY B 123 37.31 48.07 40.58
N GLU B 124 36.64 47.30 39.73
CA GLU B 124 35.60 47.84 38.88
C GLU B 124 36.06 48.84 37.83
N ARG B 125 37.35 48.81 37.48
CA ARG B 125 37.92 49.73 36.51
C ARG B 125 37.77 49.19 35.07
N ILE B 126 36.57 48.75 34.71
CA ILE B 126 36.33 48.16 33.39
C ILE B 126 34.81 48.10 33.13
N LYS B 127 34.40 48.13 31.87
CA LYS B 127 32.97 48.07 31.51
C LYS B 127 32.58 46.73 30.90
N ILE B 128 31.55 46.10 31.46
CA ILE B 128 31.10 44.80 30.97
C ILE B 128 29.92 44.88 29.99
N VAL B 129 30.06 44.25 28.83
CA VAL B 129 29.01 44.22 27.83
C VAL B 129 28.61 42.76 27.62
N THR B 130 27.38 42.42 27.92
CA THR B 130 26.96 41.04 27.77
C THR B 130 26.01 40.85 26.61
N THR B 131 26.28 39.91 25.70
CA THR B 131 25.35 39.67 24.59
C THR B 131 24.64 38.34 24.80
N LEU B 132 23.31 38.32 24.78
CA LEU B 132 22.62 37.06 25.00
C LEU B 132 22.41 36.44 23.67
N HIS B 133 22.06 35.17 23.65
CA HIS B 133 21.92 34.40 22.42
C HIS B 133 20.92 33.30 22.71
N GLY B 134 20.80 32.30 21.87
CA GLY B 134 19.71 31.40 22.21
C GLY B 134 19.27 30.57 23.42
N THR B 135 20.12 29.60 23.71
CA THR B 135 20.00 28.58 24.74
C THR B 135 20.32 29.12 26.14
N ASP B 136 21.28 30.04 26.25
CA ASP B 136 21.63 30.58 27.56
C ASP B 136 20.38 31.08 28.27
N ILE B 137 19.43 31.62 27.51
CA ILE B 137 18.18 32.08 28.12
C ILE B 137 17.09 31.02 27.90
N THR B 138 16.90 30.64 26.64
CA THR B 138 15.92 29.65 26.23
C THR B 138 15.93 28.41 27.13
N VAL B 139 17.03 27.66 27.12
CA VAL B 139 17.12 26.44 27.90
C VAL B 139 17.72 26.55 29.30
N LEU B 140 18.82 27.28 29.43
CA LEU B 140 19.43 27.45 30.74
C LEU B 140 18.50 28.19 31.68
N GLY B 141 18.02 29.36 31.24
CA GLY B 141 17.13 30.15 32.08
C GLY B 141 15.95 29.36 32.66
N SER B 142 15.62 28.26 32.00
CA SER B 142 14.52 27.39 32.44
C SER B 142 14.91 26.67 33.73
N ASP B 143 16.19 26.27 33.82
CA ASP B 143 16.70 25.56 35.00
C ASP B 143 16.77 26.45 36.26
N PRO B 144 15.96 26.13 37.30
CA PRO B 144 15.94 26.89 38.55
C PRO B 144 17.28 26.96 39.30
N SER B 145 18.13 25.98 39.05
CA SER B 145 19.44 25.96 39.68
C SER B 145 20.38 27.03 39.09
N LEU B 146 19.96 27.71 38.04
CA LEU B 146 20.80 28.73 37.43
C LEU B 146 20.05 29.99 37.11
N ASN B 147 18.77 30.02 37.50
CA ASN B 147 17.98 31.17 37.19
C ASN B 147 18.56 32.45 37.77
N ASN B 148 18.54 32.54 39.10
CA ASN B 148 19.05 33.67 39.86
C ASN B 148 20.50 34.02 39.43
N LEU B 149 21.23 33.02 38.97
CA LEU B 149 22.59 33.24 38.54
C LEU B 149 22.63 34.01 37.23
N ILE B 150 21.75 33.63 36.30
CA ILE B 150 21.66 34.32 35.01
C ILE B 150 21.14 35.73 35.22
N ARG B 151 20.15 35.87 36.11
CA ARG B 151 19.60 37.18 36.37
C ARG B 151 20.70 38.11 36.90
N PHE B 152 21.35 37.69 37.98
CA PHE B 152 22.41 38.46 38.61
C PHE B 152 23.47 38.87 37.57
N GLY B 153 23.84 37.93 36.72
CA GLY B 153 24.84 38.23 35.70
C GLY B 153 24.40 39.31 34.75
N ILE B 154 23.14 39.25 34.33
CA ILE B 154 22.60 40.24 33.42
C ILE B 154 22.53 41.59 34.10
N GLU B 155 21.89 41.61 35.27
CA GLU B 155 21.73 42.86 36.00
C GLU B 155 23.05 43.53 36.34
N GLN B 156 24.11 42.74 36.54
CA GLN B 156 25.41 43.29 36.89
C GLN B 156 26.23 43.79 35.74
N SER B 157 25.86 43.41 34.52
CA SER B 157 26.61 43.86 33.35
C SER B 157 26.28 45.31 33.16
N ASP B 158 27.18 46.07 32.54
CA ASP B 158 26.92 47.48 32.32
C ASP B 158 25.95 47.69 31.16
N VAL B 159 26.08 46.90 30.11
CA VAL B 159 25.19 46.99 28.95
C VAL B 159 24.84 45.55 28.61
N VAL B 160 23.61 45.28 28.17
CA VAL B 160 23.23 43.91 27.82
C VAL B 160 22.51 43.97 26.49
N THR B 161 22.76 43.05 25.58
CA THR B 161 22.08 43.08 24.30
C THR B 161 21.63 41.67 23.98
N ALA B 162 20.69 41.55 23.05
CA ALA B 162 20.21 40.23 22.63
C ALA B 162 20.23 40.25 21.11
N VAL B 163 20.09 39.06 20.54
CA VAL B 163 20.17 38.91 19.10
C VAL B 163 18.86 39.08 18.39
N SER B 164 17.78 39.08 19.17
CA SER B 164 16.49 39.24 18.56
C SER B 164 15.50 39.72 19.60
N HIS B 165 14.45 40.41 19.15
CA HIS B 165 13.44 40.88 20.09
C HIS B 165 12.74 39.69 20.74
N SER B 166 12.66 38.58 20.03
CA SER B 166 12.00 37.42 20.61
C SER B 166 12.76 37.00 21.87
N LEU B 167 14.08 37.12 21.80
CA LEU B 167 14.93 36.75 22.91
C LEU B 167 14.71 37.67 24.09
N ILE B 168 14.71 38.99 23.82
CA ILE B 168 14.48 39.95 24.88
C ILE B 168 13.13 39.69 25.55
N ASN B 169 12.25 38.99 24.85
CA ASN B 169 10.96 38.69 25.43
C ASN B 169 11.04 37.50 26.31
N GLU B 170 11.70 36.48 25.78
CA GLU B 170 11.90 35.22 26.49
C GLU B 170 12.67 35.51 27.76
N THR B 171 13.60 36.46 27.68
CA THR B 171 14.40 36.83 28.82
C THR B 171 13.59 37.42 29.94
N HIS B 172 12.75 38.39 29.60
CA HIS B 172 11.94 39.04 30.61
C HIS B 172 10.86 38.12 31.13
N GLU B 173 10.60 37.04 30.39
CA GLU B 173 9.58 36.11 30.81
C GLU B 173 10.10 35.05 31.79
N LEU B 174 11.24 34.44 31.44
CA LEU B 174 11.83 33.39 32.26
C LEU B 174 12.78 33.87 33.36
N VAL B 175 13.72 34.73 32.99
CA VAL B 175 14.68 35.25 33.96
C VAL B 175 14.16 36.44 34.76
N LYS B 176 13.41 37.33 34.11
CA LYS B 176 12.84 38.51 34.78
C LYS B 176 13.86 39.42 35.43
N PRO B 177 14.86 39.84 34.67
CA PRO B 177 15.89 40.73 35.22
C PRO B 177 15.44 42.19 35.28
N ASN B 178 15.99 42.93 36.23
CA ASN B 178 15.68 44.35 36.33
C ASN B 178 16.79 45.07 35.62
N LYS B 179 16.86 44.91 34.31
CA LYS B 179 17.91 45.57 33.53
C LYS B 179 17.32 45.77 32.14
N ASP B 180 17.88 46.72 31.40
CA ASP B 180 17.42 46.98 30.04
C ASP B 180 18.25 46.20 29.04
N ILE B 181 17.59 45.58 28.09
CA ILE B 181 18.33 44.83 27.09
C ILE B 181 18.08 45.44 25.71
N GLN B 182 19.15 45.79 24.99
CA GLN B 182 19.03 46.35 23.63
C GLN B 182 19.00 45.23 22.65
N THR B 183 18.68 45.53 21.39
CA THR B 183 18.66 44.47 20.39
C THR B 183 19.71 44.79 19.36
N VAL B 184 20.55 43.80 19.04
CA VAL B 184 21.58 43.96 18.03
C VAL B 184 21.61 42.60 17.36
N TYR B 185 21.20 42.56 16.10
CA TYR B 185 21.13 41.31 15.37
C TYR B 185 22.51 40.79 15.00
N ASN B 186 22.61 39.50 14.64
CA ASN B 186 23.89 38.95 14.25
C ASN B 186 24.15 39.33 12.82
N PHE B 187 25.40 39.19 12.39
CA PHE B 187 25.76 39.53 11.04
C PHE B 187 26.56 38.42 10.38
N ILE B 188 26.92 38.64 9.12
CA ILE B 188 27.64 37.68 8.34
C ILE B 188 28.72 38.40 7.55
N ASP B 189 29.84 37.73 7.33
CA ASP B 189 30.92 38.31 6.57
C ASP B 189 30.63 38.12 5.08
N GLU B 190 30.17 39.18 4.44
CA GLU B 190 29.84 39.14 3.01
C GLU B 190 31.05 38.72 2.17
N ARG B 191 32.24 38.94 2.72
CA ARG B 191 33.52 38.61 2.08
C ARG B 191 33.69 37.07 2.04
N VAL B 192 32.68 36.36 2.57
CA VAL B 192 32.68 34.88 2.62
C VAL B 192 31.41 34.28 2.00
N TYR B 193 30.33 35.06 2.01
CA TYR B 193 29.05 34.62 1.47
C TYR B 193 28.57 35.50 0.33
N PHE B 194 28.70 35.00 -0.91
CA PHE B 194 28.23 35.72 -2.09
C PHE B 194 27.47 34.74 -2.97
N LYS B 195 26.79 35.27 -3.96
CA LYS B 195 25.99 34.45 -4.88
C LYS B 195 26.81 33.64 -5.89
N ARG B 196 28.09 33.40 -5.61
CA ARG B 196 28.93 32.59 -6.51
C ARG B 196 28.17 31.26 -6.76
N ASP B 197 28.49 30.55 -7.84
CA ASP B 197 27.84 29.25 -8.12
C ASP B 197 28.89 28.13 -8.34
N MET B 198 28.79 27.10 -7.52
CA MET B 198 29.71 25.96 -7.59
C MET B 198 29.15 24.90 -8.56
N THR B 199 28.97 25.29 -9.82
CA THR B 199 28.44 24.37 -10.82
C THR B 199 29.41 23.17 -11.03
N GLN B 200 30.72 23.43 -10.89
CA GLN B 200 31.75 22.39 -11.02
C GLN B 200 31.74 21.41 -9.83
N LEU B 201 31.30 21.91 -8.68
CA LEU B 201 31.21 21.14 -7.45
C LEU B 201 30.00 20.17 -7.43
N LYS B 202 28.88 20.58 -8.06
CA LYS B 202 27.66 19.76 -8.14
C LYS B 202 28.06 18.43 -8.80
N LYS B 203 28.98 18.57 -9.76
CA LYS B 203 29.51 17.43 -10.53
C LYS B 203 30.28 16.53 -9.56
N GLU B 204 31.14 17.15 -8.75
CA GLU B 204 31.95 16.43 -7.77
C GLU B 204 31.09 15.71 -6.70
N TYR B 205 29.83 16.13 -6.54
CA TYR B 205 28.89 15.54 -5.57
C TYR B 205 27.92 14.60 -6.30
N GLY B 206 28.04 14.55 -7.62
CA GLY B 206 27.18 13.69 -8.42
C GLY B 206 25.75 14.07 -8.78
N ILE B 207 25.45 15.36 -8.78
CA ILE B 207 24.11 15.85 -9.02
C ILE B 207 23.81 16.72 -10.31
N SER B 208 22.58 16.58 -10.88
CA SER B 208 22.08 17.34 -12.08
C SER B 208 23.10 18.13 -12.90
N LYS B 212 17.39 20.27 -8.94
CA LYS B 212 17.01 21.12 -7.80
C LYS B 212 17.70 20.70 -6.48
N ILE B 213 18.26 21.67 -5.74
CA ILE B 213 18.95 21.40 -4.47
C ILE B 213 18.36 22.05 -3.21
N LEU B 214 18.00 21.21 -2.24
CA LEU B 214 17.46 21.65 -0.95
C LEU B 214 18.51 21.37 0.13
N ILE B 215 18.94 22.43 0.81
CA ILE B 215 19.98 22.33 1.84
C ILE B 215 19.44 22.65 3.24
N HIS B 216 19.89 21.89 4.23
CA HIS B 216 19.49 22.10 5.62
C HIS B 216 20.69 21.94 6.55
N ILE B 217 20.93 22.91 7.41
CA ILE B 217 22.07 22.84 8.32
C ILE B 217 21.62 22.89 9.77
N SER B 218 22.03 21.90 10.58
CA SER B 218 21.67 21.90 12.00
C SER B 218 22.55 20.96 12.80
N ASN B 219 22.31 20.89 14.10
CA ASN B 219 23.11 20.01 14.95
C ASN B 219 22.32 18.73 15.23
N PHE B 220 21.44 18.35 14.31
CA PHE B 220 20.65 17.14 14.49
C PHE B 220 20.17 16.82 15.90
N ARG B 221 19.58 17.83 16.55
CA ARG B 221 19.01 17.68 17.88
C ARG B 221 17.49 17.62 17.70
N LYS B 222 16.78 17.17 18.73
CA LYS B 222 15.34 17.03 18.59
C LYS B 222 14.62 18.34 18.34
N VAL B 223 15.19 19.40 18.88
CA VAL B 223 14.62 20.72 18.73
C VAL B 223 14.66 21.20 17.29
N LYS B 224 15.63 20.72 16.52
CA LYS B 224 15.75 21.12 15.11
C LYS B 224 14.68 20.46 14.26
N ARG B 225 14.07 19.40 14.80
CA ARG B 225 13.02 18.65 14.12
C ARG B 225 13.47 18.23 12.72
N VAL B 226 14.63 17.60 12.62
CA VAL B 226 15.14 17.21 11.31
C VAL B 226 14.20 16.24 10.62
N GLN B 227 13.40 15.52 11.40
CA GLN B 227 12.44 14.56 10.84
C GLN B 227 11.50 15.29 9.90
N ASP B 228 11.02 16.46 10.31
CA ASP B 228 10.12 17.23 9.46
C ASP B 228 10.79 17.69 8.18
N VAL B 229 12.10 17.95 8.22
CA VAL B 229 12.80 18.39 7.02
C VAL B 229 12.80 17.23 6.03
N VAL B 230 12.85 16.02 6.55
CA VAL B 230 12.84 14.84 5.70
C VAL B 230 11.41 14.58 5.16
N GLN B 231 10.43 14.56 6.05
CA GLN B 231 9.02 14.35 5.68
C GLN B 231 8.61 15.28 4.55
N ALA B 232 8.91 16.56 4.73
CA ALA B 232 8.60 17.56 3.74
C ALA B 232 9.32 17.25 2.43
N PHE B 233 10.55 16.75 2.52
CA PHE B 233 11.33 16.42 1.33
C PHE B 233 10.76 15.18 0.63
N ALA B 234 10.28 14.22 1.43
CA ALA B 234 9.69 12.99 0.90
C ALA B 234 8.54 13.38 -0.03
N LYS B 235 7.77 14.38 0.40
CA LYS B 235 6.64 14.88 -0.37
C LYS B 235 7.11 15.78 -1.51
N ILE B 236 7.84 16.83 -1.16
CA ILE B 236 8.35 17.80 -2.14
C ILE B 236 9.10 17.10 -3.32
N VAL B 237 9.57 15.87 -3.10
CA VAL B 237 10.31 15.10 -4.12
C VAL B 237 9.42 14.39 -5.16
N THR B 238 8.24 13.94 -4.73
CA THR B 238 7.31 13.25 -5.63
C THR B 238 6.91 14.16 -6.80
N GLU B 239 6.87 15.48 -6.58
CA GLU B 239 6.49 16.41 -7.64
C GLU B 239 7.63 17.22 -8.26
N VAL B 240 8.84 17.05 -7.73
CA VAL B 240 10.03 17.75 -8.25
C VAL B 240 11.26 16.88 -8.00
N ASP B 241 12.15 16.78 -8.99
CA ASP B 241 13.36 15.98 -8.80
C ASP B 241 14.42 16.88 -8.17
N ALA B 242 14.79 16.55 -6.93
CA ALA B 242 15.79 17.31 -6.20
C ALA B 242 16.37 16.44 -5.10
N LYS B 243 17.60 16.78 -4.72
CA LYS B 243 18.27 16.06 -3.66
C LYS B 243 18.31 16.97 -2.42
N LEU B 244 18.39 16.35 -1.24
CA LEU B 244 18.44 17.07 0.02
C LEU B 244 19.83 17.00 0.66
N LEU B 245 20.44 18.14 0.90
CA LEU B 245 21.75 18.18 1.54
C LEU B 245 21.58 18.31 3.06
N LEU B 246 21.91 17.26 3.82
CA LEU B 246 21.80 17.33 5.27
C LEU B 246 23.16 17.57 5.91
N VAL B 247 23.49 18.85 6.13
CA VAL B 247 24.76 19.24 6.73
C VAL B 247 24.63 19.18 8.24
N GLY B 248 25.65 18.65 8.92
CA GLY B 248 25.58 18.56 10.36
C GLY B 248 25.55 17.14 10.88
N ASP B 249 25.75 16.99 12.18
CA ASP B 249 25.74 15.69 12.82
C ASP B 249 25.36 15.89 14.29
N GLY B 250 24.59 14.95 14.82
CA GLY B 250 24.16 15.05 16.20
C GLY B 250 23.49 13.77 16.68
N PRO B 251 22.90 13.78 17.88
CA PRO B 251 22.22 12.62 18.46
C PRO B 251 21.17 11.95 17.57
N GLU B 252 20.24 12.76 17.07
CA GLU B 252 19.15 12.30 16.21
C GLU B 252 19.59 11.87 14.81
N PHE B 253 20.88 11.66 14.63
CA PHE B 253 21.40 11.28 13.33
C PHE B 253 20.90 9.95 12.82
N CYS B 254 21.04 8.91 13.66
CA CYS B 254 20.62 7.57 13.28
C CYS B 254 19.15 7.52 12.96
N THR B 255 18.35 8.17 13.80
CA THR B 255 16.93 8.18 13.59
C THR B 255 16.63 8.78 12.22
N ILE B 256 17.28 9.89 11.89
CA ILE B 256 17.08 10.53 10.59
C ILE B 256 17.59 9.63 9.48
N LEU B 257 18.67 8.92 9.74
CA LEU B 257 19.25 8.02 8.76
C LEU B 257 18.28 6.86 8.52
N GLN B 258 17.67 6.38 9.62
CA GLN B 258 16.70 5.29 9.55
C GLN B 258 15.47 5.77 8.79
N LEU B 259 15.14 7.04 8.96
CA LEU B 259 13.99 7.61 8.29
C LEU B 259 14.18 7.68 6.77
N VAL B 260 15.23 8.37 6.31
CA VAL B 260 15.46 8.47 4.86
C VAL B 260 15.52 7.06 4.26
N LYS B 261 15.87 6.10 5.11
CA LYS B 261 16.04 4.67 4.79
C LYS B 261 14.76 3.90 4.46
N ASN B 262 13.79 3.94 5.39
CA ASN B 262 12.55 3.24 5.16
C ASN B 262 11.55 4.22 4.55
N LEU B 263 12.09 5.20 3.82
CA LEU B 263 11.26 6.18 3.13
C LEU B 263 11.63 6.14 1.66
N HIS B 264 12.56 5.25 1.33
CA HIS B 264 13.04 5.04 -0.03
C HIS B 264 13.52 6.29 -0.76
N ILE B 265 14.09 7.21 0.02
CA ILE B 265 14.64 8.46 -0.50
C ILE B 265 16.14 8.39 -0.24
N GLU B 266 16.55 7.23 0.27
CA GLU B 266 17.93 6.92 0.62
C GLU B 266 18.98 7.44 -0.38
N ASP B 267 18.74 7.32 -1.65
CA ASP B 267 19.75 7.73 -2.60
C ASP B 267 19.48 9.16 -2.96
N ARG B 268 18.80 9.89 -2.11
CA ARG B 268 18.47 11.25 -2.51
C ARG B 268 18.80 12.26 -1.49
N VAL B 269 19.56 11.83 -0.52
CA VAL B 269 19.86 12.66 0.58
C VAL B 269 21.32 12.51 0.79
N LEU B 270 22.03 13.60 0.99
CA LEU B 270 23.47 13.51 1.14
C LEU B 270 24.00 13.79 2.44
N PHE B 271 23.82 12.88 3.36
CA PHE B 271 24.33 13.27 4.63
C PHE B 271 25.76 13.74 4.31
N LEU B 272 26.10 14.98 4.68
CA LEU B 272 27.44 15.50 4.42
C LEU B 272 28.15 15.54 5.76
N GLY B 273 27.48 15.11 6.81
CA GLY B 273 28.11 15.12 8.12
C GLY B 273 28.34 16.57 8.52
N LYS B 274 28.97 16.85 9.66
CA LYS B 274 29.11 18.26 9.95
C LYS B 274 30.23 18.97 9.21
N GLN B 275 29.86 19.97 8.41
CA GLN B 275 30.85 20.74 7.68
C GLN B 275 31.04 22.06 8.39
N ASP B 276 32.08 22.78 8.02
CA ASP B 276 32.36 24.06 8.64
C ASP B 276 32.30 25.18 7.61
N ASN B 277 32.97 24.97 6.48
CA ASN B 277 32.99 25.95 5.39
C ASN B 277 31.73 25.65 4.55
N VAL B 278 30.57 25.93 5.12
CA VAL B 278 29.30 25.65 4.44
C VAL B 278 28.95 26.70 3.37
N ALA B 279 29.78 27.74 3.25
CA ALA B 279 29.55 28.81 2.28
C ALA B 279 29.41 28.29 0.84
N GLU B 280 30.24 27.33 0.48
CA GLU B 280 30.21 26.77 -0.86
C GLU B 280 28.96 25.93 -1.09
N LEU B 281 28.52 25.21 -0.05
CA LEU B 281 27.34 24.38 -0.17
C LEU B 281 26.09 25.23 -0.37
N LEU B 282 25.93 26.29 0.42
CA LEU B 282 24.77 27.15 0.27
C LEU B 282 24.78 27.76 -1.13
N ALA B 283 25.97 28.15 -1.59
CA ALA B 283 26.14 28.75 -2.91
C ALA B 283 25.45 27.90 -4.01
N MET B 284 25.71 26.60 -4.01
CA MET B 284 25.12 25.68 -5.00
C MET B 284 23.76 25.13 -4.56
N SER B 285 23.02 25.90 -3.76
CA SER B 285 21.70 25.48 -3.28
C SER B 285 20.58 26.34 -3.84
N ASP B 286 19.36 25.85 -3.69
CA ASP B 286 18.20 26.56 -4.22
C ASP B 286 17.21 26.95 -3.14
N LEU B 287 17.03 26.08 -2.17
CA LEU B 287 16.08 26.35 -1.10
C LEU B 287 16.65 25.89 0.24
N MET B 288 16.53 26.71 1.29
CA MET B 288 17.00 26.34 2.62
C MET B 288 15.81 26.03 3.52
N LEU B 289 15.93 25.00 4.34
CA LEU B 289 14.85 24.63 5.27
C LEU B 289 15.31 24.71 6.72
N LEU B 290 14.42 25.22 7.59
CA LEU B 290 14.69 25.35 9.02
C LEU B 290 13.33 25.23 9.69
N LEU B 291 13.01 24.05 10.21
CA LEU B 291 11.71 23.86 10.80
C LEU B 291 11.77 23.45 12.25
N SER B 292 12.62 24.14 13.00
CA SER B 292 12.78 23.81 14.42
C SER B 292 11.70 24.41 15.33
N GLU B 293 11.52 23.80 16.51
CA GLU B 293 10.53 24.26 17.48
C GLU B 293 10.93 25.59 18.04
N LYS B 294 12.19 25.94 17.97
CA LYS B 294 12.50 27.24 18.51
C LYS B 294 13.75 27.79 18.01
N GLU B 295 13.89 29.08 18.00
CA GLU B 295 15.17 29.51 17.59
C GLU B 295 15.12 30.96 17.79
N SER B 296 16.24 31.53 18.12
CA SER B 296 16.26 32.93 18.45
C SER B 296 16.80 33.57 17.29
N PHE B 297 17.46 32.85 16.38
CA PHE B 297 17.88 33.67 15.31
C PHE B 297 17.93 33.54 13.83
N GLY B 298 18.62 32.55 13.28
CA GLY B 298 19.90 32.03 13.74
C GLY B 298 20.48 32.23 12.39
N LEU B 299 21.76 32.28 12.34
CA LEU B 299 22.29 32.66 11.10
C LEU B 299 22.05 31.80 10.00
N VAL B 300 21.94 30.53 10.22
CA VAL B 300 22.12 29.97 8.93
C VAL B 300 21.18 30.70 8.03
N LEU B 301 20.14 31.28 8.59
CA LEU B 301 19.28 31.89 7.64
C LEU B 301 20.02 32.92 6.94
N LEU B 302 20.77 33.70 7.67
CA LEU B 302 21.50 34.72 7.01
C LEU B 302 22.43 34.19 6.07
N GLU B 303 23.26 33.29 6.53
CA GLU B 303 24.24 32.87 5.59
C GLU B 303 23.50 32.59 4.31
N ALA B 304 22.50 31.75 4.42
CA ALA B 304 21.75 31.36 3.28
C ALA B 304 21.27 32.44 2.44
N MET B 305 20.48 33.29 3.07
CA MET B 305 19.88 34.32 2.32
C MET B 305 21.04 35.00 1.71
N ALA B 306 21.94 35.43 2.53
CA ALA B 306 23.05 36.09 1.97
C ALA B 306 23.54 35.51 0.69
N CYS B 307 23.33 34.24 0.43
CA CYS B 307 23.88 33.71 -0.80
C CYS B 307 22.85 33.67 -1.84
N GLY B 308 21.82 34.45 -1.64
CA GLY B 308 20.76 34.47 -2.62
C GLY B 308 19.87 33.24 -2.56
N VAL B 309 19.90 32.52 -1.45
CA VAL B 309 19.08 31.31 -1.32
C VAL B 309 17.84 31.57 -0.46
N PRO B 310 16.64 31.51 -1.07
CA PRO B 310 15.40 31.73 -0.32
C PRO B 310 15.19 30.63 0.73
N CYS B 311 14.59 30.99 1.87
CA CYS B 311 14.37 30.04 2.96
C CYS B 311 12.93 29.82 3.36
N ILE B 312 12.66 28.66 3.92
CA ILE B 312 11.33 28.33 4.39
C ILE B 312 11.48 27.91 5.84
N GLY B 313 11.35 28.85 6.77
CA GLY B 313 11.50 28.49 8.18
C GLY B 313 10.23 28.54 9.00
N THR B 314 10.13 27.72 10.04
CA THR B 314 8.94 27.73 10.88
C THR B 314 8.78 29.10 11.54
N ARG B 315 7.53 29.50 11.79
CA ARG B 315 7.21 30.79 12.42
C ARG B 315 7.42 30.63 13.92
N VAL B 316 8.70 30.66 14.31
CA VAL B 316 9.05 30.56 15.71
C VAL B 316 9.91 31.75 16.08
N GLY B 317 9.55 32.35 17.22
CA GLY B 317 10.20 33.54 17.73
C GLY B 317 11.61 33.94 17.42
N GLY B 318 11.83 34.83 16.46
CA GLY B 318 13.17 35.03 15.95
C GLY B 318 13.46 34.67 14.50
N ILE B 319 12.61 33.86 13.87
CA ILE B 319 12.81 33.51 12.47
C ILE B 319 12.04 34.64 11.78
N PRO B 320 10.83 34.95 12.28
CA PRO B 320 9.98 36.01 11.73
C PRO B 320 10.65 37.37 11.65
N GLU B 321 11.74 37.58 12.39
CA GLU B 321 12.38 38.88 12.30
C GLU B 321 13.39 38.92 11.16
N VAL B 322 13.64 37.78 10.51
CA VAL B 322 14.58 37.75 9.39
C VAL B 322 13.89 37.38 8.07
N ILE B 323 12.90 36.51 8.16
CA ILE B 323 12.14 36.07 6.98
C ILE B 323 10.79 36.76 6.92
N GLN B 324 10.60 37.57 5.87
CA GLN B 324 9.31 38.25 5.65
C GLN B 324 8.64 37.58 4.50
N HIS B 325 7.62 36.87 4.91
CA HIS B 325 6.96 35.93 4.10
C HIS B 325 6.66 36.34 2.78
N GLY B 326 7.15 35.66 1.77
CA GLY B 326 6.70 36.05 0.47
C GLY B 326 7.53 37.10 -0.12
N ASP B 327 8.28 37.78 0.69
CA ASP B 327 9.10 38.73 0.06
C ASP B 327 10.49 38.14 -0.01
N THR B 328 10.96 37.56 1.10
CA THR B 328 12.31 37.04 1.11
C THR B 328 12.35 35.57 1.52
N GLY B 329 11.17 34.97 1.69
CA GLY B 329 11.09 33.57 2.08
C GLY B 329 9.70 33.25 2.56
N TYR B 330 9.49 32.11 3.20
CA TYR B 330 8.15 31.75 3.69
C TYR B 330 8.21 31.21 5.10
N LEU B 331 7.13 31.36 5.85
CA LEU B 331 7.08 30.84 7.22
C LEU B 331 5.96 29.82 7.30
N CYS B 332 5.78 29.15 8.43
CA CYS B 332 4.72 28.15 8.55
C CYS B 332 4.77 27.45 9.90
N GLU B 333 3.64 26.93 10.35
CA GLU B 333 3.58 26.27 11.65
C GLU B 333 4.49 25.05 11.74
N VAL B 334 4.91 24.72 12.96
CA VAL B 334 5.78 23.59 13.17
C VAL B 334 4.98 22.30 12.99
N GLY B 335 5.61 21.31 12.35
CA GLY B 335 4.98 20.03 12.11
C GLY B 335 4.19 19.95 10.80
N ASP B 336 4.03 21.10 10.15
CA ASP B 336 3.29 21.20 8.88
C ASP B 336 4.14 20.71 7.71
N THR B 337 4.58 19.45 7.79
CA THR B 337 5.41 18.85 6.74
C THR B 337 4.77 19.07 5.36
N THR B 338 3.47 18.79 5.26
CA THR B 338 2.71 18.95 4.02
C THR B 338 2.72 20.42 3.51
N GLY B 339 2.35 21.35 4.37
CA GLY B 339 2.33 22.76 3.98
C GLY B 339 3.69 23.25 3.48
N VAL B 340 4.75 22.77 4.11
CA VAL B 340 6.10 23.16 3.73
C VAL B 340 6.42 22.68 2.32
N ALA B 341 6.13 21.39 2.08
CA ALA B 341 6.37 20.75 0.78
C ALA B 341 5.66 21.53 -0.32
N ASP B 342 4.38 21.83 -0.07
CA ASP B 342 3.52 22.55 -1.00
C ASP B 342 4.14 23.90 -1.34
N GLN B 343 4.54 24.63 -0.30
CA GLN B 343 5.14 25.92 -0.48
C GLN B 343 6.43 25.82 -1.29
N ALA B 344 7.16 24.71 -1.09
CA ALA B 344 8.42 24.45 -1.78
C ALA B 344 8.24 24.11 -3.26
N ILE B 345 7.47 23.05 -3.52
CA ILE B 345 7.18 22.59 -4.89
C ILE B 345 6.74 23.77 -5.74
N GLN B 346 5.91 24.64 -5.17
CA GLN B 346 5.40 25.81 -5.89
C GLN B 346 6.54 26.77 -6.29
N LEU B 347 7.38 27.13 -5.32
CA LEU B 347 8.49 28.06 -5.56
C LEU B 347 9.60 27.49 -6.42
N LEU B 348 9.72 26.16 -6.43
CA LEU B 348 10.78 25.52 -7.20
C LEU B 348 10.63 25.55 -8.72
N LYS B 349 9.38 25.48 -9.20
CA LYS B 349 9.09 25.52 -10.65
C LYS B 349 8.97 26.97 -11.14
N ASP B 350 8.14 27.77 -10.48
CA ASP B 350 7.99 29.17 -10.86
C ASP B 350 9.46 29.61 -10.74
N GLU B 351 10.08 30.01 -11.85
CA GLU B 351 11.49 30.41 -11.82
C GLU B 351 11.55 31.92 -11.71
N GLU B 352 10.40 32.55 -11.94
CA GLU B 352 10.28 34.00 -11.84
C GLU B 352 10.34 34.36 -10.36
N LEU B 353 9.38 33.80 -9.61
CA LEU B 353 9.27 34.01 -8.16
C LEU B 353 10.58 33.65 -7.46
N HIS B 354 11.20 32.55 -7.88
CA HIS B 354 12.45 32.11 -7.29
C HIS B 354 13.64 33.05 -7.55
N ARG B 355 13.68 33.71 -8.72
CA ARG B 355 14.78 34.64 -8.99
C ARG B 355 14.56 35.93 -8.19
N ASN B 356 13.30 36.29 -8.02
CA ASN B 356 12.90 37.50 -7.30
C ASN B 356 13.13 37.36 -5.81
N MET B 357 12.56 36.29 -5.23
CA MET B 357 12.69 36.03 -3.80
C MET B 357 14.19 35.98 -3.46
N GLY B 358 14.94 35.13 -4.16
CA GLY B 358 16.36 35.00 -3.92
C GLY B 358 17.09 36.34 -3.99
N GLU B 359 16.56 37.28 -4.78
CA GLU B 359 17.18 38.59 -4.91
C GLU B 359 16.70 39.47 -3.76
N ARG B 360 15.39 39.45 -3.52
CA ARG B 360 14.77 40.20 -2.44
C ARG B 360 15.54 39.86 -1.15
N ALA B 361 15.69 38.56 -0.90
CA ALA B 361 16.38 38.04 0.28
C ALA B 361 17.77 38.59 0.47
N ARG B 362 18.69 38.31 -0.46
CA ARG B 362 20.05 38.81 -0.30
C ARG B 362 20.13 40.34 -0.24
N GLU B 363 18.99 40.98 -0.42
CA GLU B 363 18.95 42.44 -0.35
C GLU B 363 18.58 42.86 1.07
N SER B 364 17.44 42.33 1.56
CA SER B 364 17.00 42.67 2.91
C SER B 364 18.06 42.28 3.93
N VAL B 365 18.96 41.37 3.51
CA VAL B 365 20.07 40.94 4.36
C VAL B 365 21.10 42.07 4.41
N TYR B 366 21.51 42.55 3.23
CA TYR B 366 22.47 43.66 3.15
C TYR B 366 21.91 44.88 3.89
N GLU B 367 20.59 44.96 3.85
CA GLU B 367 19.77 46.03 4.43
C GLU B 367 19.76 46.30 5.92
N GLN B 368 19.38 45.27 6.66
CA GLN B 368 19.25 45.34 8.11
C GLN B 368 20.26 44.46 8.85
N PHE B 369 21.01 43.64 8.11
CA PHE B 369 22.01 42.77 8.73
C PHE B 369 23.43 42.99 8.22
N ARG B 370 23.62 44.10 7.52
CA ARG B 370 24.91 44.47 6.97
C ARG B 370 25.98 44.33 8.06
N SER B 371 27.03 43.56 7.81
CA SER B 371 28.06 43.38 8.81
C SER B 371 28.64 44.74 9.29
N GLU B 372 29.06 45.57 8.36
CA GLU B 372 29.64 46.87 8.73
C GLU B 372 28.63 47.72 9.53
N LYS B 373 27.34 47.49 9.31
CA LYS B 373 26.31 48.24 10.03
C LYS B 373 26.23 47.81 11.50
N ILE B 374 26.01 46.50 11.72
CA ILE B 374 25.92 45.92 13.05
C ILE B 374 27.19 46.19 13.85
N VAL B 375 28.35 45.97 13.23
CA VAL B 375 29.58 46.23 13.93
C VAL B 375 29.57 47.67 14.46
N SER B 376 29.04 48.60 13.69
CA SER B 376 29.00 49.99 14.16
C SER B 376 28.09 50.21 15.35
N GLN B 377 27.04 49.38 15.46
CA GLN B 377 26.14 49.51 16.59
C GLN B 377 26.88 49.11 17.86
N TYR B 378 27.61 47.99 17.78
CA TYR B 378 28.37 47.51 18.92
C TYR B 378 29.43 48.56 19.26
N GLU B 379 30.02 49.14 18.21
CA GLU B 379 31.04 50.14 18.40
C GLU B 379 30.49 51.34 19.15
N THR B 380 29.29 51.80 18.79
CA THR B 380 28.76 52.96 19.50
C THR B 380 28.35 52.55 20.91
N ILE B 381 27.93 51.30 21.09
CA ILE B 381 27.55 50.86 22.43
C ILE B 381 28.74 50.94 23.39
N TYR B 382 29.93 50.62 22.90
CA TYR B 382 31.14 50.67 23.71
C TYR B 382 31.44 52.10 24.10
N TYR B 383 31.51 52.97 23.11
CA TYR B 383 31.79 54.38 23.35
C TYR B 383 30.78 54.97 24.32
N ASP B 384 29.51 54.59 24.14
CA ASP B 384 28.43 55.07 24.98
C ASP B 384 28.58 54.65 26.44
N VAL B 385 29.00 53.41 26.66
CA VAL B 385 29.15 52.92 28.02
C VAL B 385 30.29 53.64 28.76
N LEU B 386 30.93 54.60 28.11
CA LEU B 386 32.00 55.39 28.73
C LEU B 386 31.60 56.93 28.76
N ARG B 387 31.95 57.66 27.80
N LYS C 15 35.74 -18.46 50.93
CA LYS C 15 36.84 -19.00 50.07
C LYS C 15 36.82 -18.45 48.62
N LEU C 16 36.55 -17.17 48.43
CA LEU C 16 36.50 -16.59 47.09
C LEU C 16 37.01 -15.13 47.09
N LYS C 17 37.79 -14.74 46.11
CA LYS C 17 38.31 -13.37 46.03
C LYS C 17 37.48 -12.57 45.03
N ILE C 18 36.55 -11.76 45.50
CA ILE C 18 35.66 -10.99 44.64
C ILE C 18 36.02 -9.52 44.57
N GLY C 19 35.83 -8.87 43.42
CA GLY C 19 36.08 -7.45 43.34
C GLY C 19 34.78 -6.74 43.00
N ILE C 20 34.32 -5.78 43.80
CA ILE C 20 33.07 -5.07 43.51
C ILE C 20 33.32 -3.65 42.99
N THR C 21 32.51 -3.18 42.08
CA THR C 21 32.64 -1.83 41.53
C THR C 21 31.27 -1.17 41.48
N CYS C 22 31.14 0.02 42.05
CA CYS C 22 29.87 0.77 42.06
C CYS C 22 30.02 2.23 42.49
N TYR C 23 28.91 2.94 42.62
CA TYR C 23 28.93 4.36 43.03
C TYR C 23 28.36 4.50 44.44
N PRO C 24 29.19 4.24 45.50
CA PRO C 24 28.82 4.31 46.94
C PRO C 24 27.52 5.03 47.44
N GLY C 27 24.07 6.05 44.07
CA GLY C 27 22.61 5.97 44.08
C GLY C 27 22.08 4.68 44.68
N GLY C 28 21.25 3.94 43.93
CA GLY C 28 20.70 2.68 44.41
C GLY C 28 21.73 1.56 44.34
N SER C 29 22.41 1.50 43.20
CA SER C 29 23.47 0.51 42.93
C SER C 29 24.53 0.44 44.02
N GLY C 30 24.94 1.62 44.50
CA GLY C 30 25.96 1.69 45.53
C GLY C 30 25.50 1.03 46.81
N VAL C 31 24.31 1.37 47.25
CA VAL C 31 23.78 0.78 48.45
C VAL C 31 23.87 -0.74 48.35
N VAL C 32 23.27 -1.29 47.29
CA VAL C 32 23.27 -2.73 47.09
C VAL C 32 24.66 -3.33 46.95
N GLY C 33 25.44 -2.77 46.01
CA GLY C 33 26.79 -3.23 45.79
C GLY C 33 27.59 -3.30 47.06
N THR C 34 27.56 -2.21 47.83
CA THR C 34 28.28 -2.11 49.09
C THR C 34 27.79 -3.11 50.10
N GLU C 35 26.47 -3.21 50.24
CA GLU C 35 25.92 -4.13 51.19
C GLU C 35 26.24 -5.56 50.79
N LEU C 36 26.14 -5.85 49.50
CA LEU C 36 26.45 -7.17 49.01
C LEU C 36 27.88 -7.54 49.37
N GLY C 37 28.79 -6.57 49.30
CA GLY C 37 30.19 -6.83 49.62
C GLY C 37 30.38 -7.06 51.10
N LYS C 38 29.66 -6.28 51.89
CA LYS C 38 29.74 -6.40 53.33
C LYS C 38 29.27 -7.82 53.72
N GLN C 39 28.12 -8.24 53.19
CA GLN C 39 27.56 -9.57 53.46
C GLN C 39 28.54 -10.67 53.05
N LEU C 40 28.94 -10.66 51.79
CA LEU C 40 29.89 -11.64 51.25
C LEU C 40 31.14 -11.74 52.10
N ALA C 41 31.53 -10.61 52.68
CA ALA C 41 32.71 -10.56 53.52
C ALA C 41 32.48 -11.36 54.78
N GLU C 42 31.34 -11.10 55.44
CA GLU C 42 30.98 -11.81 56.67
C GLU C 42 30.92 -13.31 56.42
N ARG C 43 30.74 -13.72 55.17
CA ARG C 43 30.70 -15.14 54.89
C ARG C 43 32.08 -15.71 54.61
N GLY C 44 33.12 -14.95 54.92
CA GLY C 44 34.48 -15.42 54.75
C GLY C 44 35.20 -15.13 53.44
N HIS C 45 34.48 -14.54 52.49
CA HIS C 45 35.07 -14.20 51.21
C HIS C 45 35.95 -12.99 51.39
N GLU C 46 36.89 -12.80 50.48
CA GLU C 46 37.78 -11.66 50.53
C GLU C 46 37.30 -10.66 49.46
N ILE C 47 36.67 -9.58 49.91
CA ILE C 47 36.13 -8.55 49.02
C ILE C 47 37.12 -7.43 48.77
N HIS C 48 37.19 -7.00 47.51
CA HIS C 48 38.08 -5.93 47.08
C HIS C 48 37.32 -4.87 46.33
N PHE C 49 36.94 -3.80 47.00
CA PHE C 49 36.20 -2.73 46.36
C PHE C 49 37.11 -1.92 45.47
N ILE C 50 36.78 -1.83 44.20
CA ILE C 50 37.60 -1.04 43.30
C ILE C 50 36.72 0.09 42.83
N THR C 51 36.84 1.22 43.50
CA THR C 51 36.02 2.38 43.19
C THR C 51 36.58 3.65 43.82
N SER C 52 36.57 4.75 43.06
CA SER C 52 37.05 6.05 43.55
C SER C 52 35.93 6.81 44.29
N GLY C 53 35.96 6.78 45.61
CA GLY C 53 34.94 7.47 46.40
C GLY C 53 35.03 7.07 47.86
N LEU C 54 33.89 6.93 48.53
CA LEU C 54 33.87 6.54 49.95
C LEU C 54 32.68 5.66 50.39
N PRO C 55 32.75 4.32 50.16
CA PRO C 55 31.68 3.36 50.54
C PRO C 55 31.43 3.18 52.08
N LYS C 60 32.26 0.32 61.23
CA LYS C 60 33.16 -0.78 61.64
C LYS C 60 34.34 -1.03 60.65
N VAL C 61 35.16 -2.08 60.87
CA VAL C 61 36.29 -2.41 59.97
C VAL C 61 36.47 -3.94 59.83
N TYR C 62 36.45 -4.44 58.59
CA TYR C 62 36.61 -5.87 58.33
C TYR C 62 38.00 -6.13 57.79
N PRO C 63 38.69 -7.15 58.33
CA PRO C 63 40.05 -7.52 57.92
C PRO C 63 40.13 -8.11 56.53
N ASN C 64 38.96 -8.50 56.01
CA ASN C 64 38.84 -9.14 54.69
C ASN C 64 38.12 -8.28 53.62
N ILE C 65 38.09 -6.97 53.82
CA ILE C 65 37.50 -6.04 52.87
C ILE C 65 38.54 -4.97 52.60
N TYR C 66 39.04 -4.90 51.38
CA TYR C 66 40.05 -3.92 51.04
C TYR C 66 39.45 -2.86 50.13
N PHE C 67 39.93 -1.63 50.23
CA PHE C 67 39.42 -0.57 49.38
C PHE C 67 40.50 -0.04 48.48
N HIS C 68 40.32 -0.16 47.17
CA HIS C 68 41.30 0.35 46.22
C HIS C 68 40.63 1.55 45.58
N GLU C 69 41.34 2.65 45.42
CA GLU C 69 40.68 3.80 44.81
C GLU C 69 41.37 4.26 43.55
N VAL C 70 40.57 4.70 42.59
CA VAL C 70 41.08 5.14 41.31
C VAL C 70 41.58 6.57 41.36
N THR C 71 42.87 6.75 41.13
CA THR C 71 43.45 8.09 41.15
C THR C 71 43.65 8.57 39.71
N VAL C 72 43.23 9.79 39.42
CA VAL C 72 43.38 10.35 38.06
C VAL C 72 44.33 11.58 38.02
N ASN C 73 44.77 12.00 36.83
CA ASN C 73 45.64 13.19 36.71
C ASN C 73 45.41 14.01 35.42
N PHE C 78 45.67 16.81 28.05
CA PHE C 78 44.42 16.02 28.19
C PHE C 78 43.10 16.81 28.18
N GLN C 79 42.12 16.35 27.40
CA GLN C 79 40.76 16.97 27.31
C GLN C 79 39.84 16.79 28.52
N TYR C 80 39.64 15.53 28.89
CA TYR C 80 38.80 15.17 30.03
C TYR C 80 39.62 14.14 30.81
N PRO C 81 39.55 14.19 32.16
CA PRO C 81 40.31 13.23 32.99
C PRO C 81 39.80 11.80 32.71
N PRO C 82 40.66 10.91 32.17
CA PRO C 82 40.24 9.53 31.85
C PRO C 82 39.83 8.64 33.00
N TYR C 83 38.71 8.96 33.66
CA TYR C 83 38.29 8.13 34.76
C TYR C 83 37.99 6.71 34.29
N ASP C 84 37.35 6.58 33.15
CA ASP C 84 37.01 5.25 32.68
C ASP C 84 38.25 4.41 32.53
N LEU C 85 39.15 4.85 31.66
CA LEU C 85 40.40 4.16 31.42
C LEU C 85 41.15 3.93 32.72
N ALA C 86 41.18 4.92 33.56
CA ALA C 86 41.87 4.77 34.84
C ALA C 86 41.28 3.64 35.67
N LEU C 87 39.95 3.55 35.68
CA LEU C 87 39.25 2.54 36.43
C LEU C 87 39.55 1.16 35.84
N ALA C 88 39.58 1.10 34.51
CA ALA C 88 39.88 -0.14 33.83
C ALA C 88 41.28 -0.59 34.25
N SER C 89 42.21 0.36 34.22
CA SER C 89 43.57 0.08 34.58
C SER C 89 43.70 -0.46 36.00
N LYS C 90 42.99 0.16 36.94
CA LYS C 90 43.05 -0.28 38.32
C LYS C 90 42.40 -1.64 38.52
N MET C 91 41.29 -1.89 37.81
CA MET C 91 40.63 -3.18 37.91
C MET C 91 41.69 -4.20 37.51
N ALA C 92 42.30 -4.02 36.36
CA ALA C 92 43.33 -4.93 35.86
C ALA C 92 44.47 -5.11 36.85
N GLU C 93 44.96 -4.01 37.39
CA GLU C 93 46.06 -4.08 38.34
C GLU C 93 45.65 -4.87 39.57
N VAL C 94 44.55 -4.49 40.22
CA VAL C 94 44.11 -5.20 41.42
C VAL C 94 43.83 -6.65 41.10
N ALA C 95 43.22 -6.89 39.95
CA ALA C 95 42.85 -8.23 39.55
C ALA C 95 44.01 -9.18 39.58
N GLN C 96 45.05 -8.90 38.81
CA GLN C 96 46.16 -9.84 38.77
C GLN C 96 47.10 -9.77 39.96
N ARG C 97 47.07 -8.66 40.68
CA ARG C 97 47.91 -8.53 41.85
C ARG C 97 47.34 -9.37 42.99
N GLU C 98 46.04 -9.24 43.25
CA GLU C 98 45.38 -9.97 44.34
C GLU C 98 44.84 -11.32 43.88
N ASN C 99 44.98 -11.57 42.58
CA ASN C 99 44.48 -12.81 41.99
C ASN C 99 43.01 -13.03 42.26
N LEU C 100 42.20 -12.09 41.81
CA LEU C 100 40.76 -12.12 41.98
C LEU C 100 40.14 -13.21 41.10
N ASP C 101 39.01 -13.74 41.55
CA ASP C 101 38.30 -14.79 40.84
C ASP C 101 37.18 -14.18 40.01
N ILE C 102 36.36 -13.38 40.68
CA ILE C 102 35.24 -12.70 40.08
C ILE C 102 35.41 -11.20 40.19
N LEU C 103 34.85 -10.51 39.20
CA LEU C 103 34.85 -9.07 39.15
C LEU C 103 33.36 -8.72 38.97
N HIS C 104 32.74 -8.25 40.03
CA HIS C 104 31.31 -7.92 40.02
C HIS C 104 31.03 -6.44 39.90
N VAL C 105 30.42 -6.06 38.82
CA VAL C 105 30.24 -4.69 38.57
C VAL C 105 28.83 -4.26 38.66
N HIS C 106 28.56 -3.01 39.01
CA HIS C 106 27.20 -2.63 39.09
C HIS C 106 26.51 -1.65 38.26
N TYR C 107 27.05 -0.65 37.65
CA TYR C 107 26.03 -0.02 36.82
C TYR C 107 26.54 -0.51 35.49
N ALA C 108 25.89 -0.30 34.37
CA ALA C 108 26.44 -0.89 33.16
C ALA C 108 27.49 -0.06 32.52
N ILE C 109 27.15 1.18 32.30
CA ILE C 109 28.12 2.14 31.79
C ILE C 109 28.63 2.84 33.04
N PRO C 110 29.97 3.08 33.16
CA PRO C 110 31.00 2.47 32.30
C PRO C 110 31.50 1.12 32.73
N HIS C 111 31.34 0.83 34.02
CA HIS C 111 31.82 -0.40 34.63
C HIS C 111 31.89 -1.70 33.85
N ALA C 112 30.86 -1.98 33.07
CA ALA C 112 30.81 -3.16 32.23
C ALA C 112 31.94 -3.13 31.22
N ILE C 113 32.06 -2.02 30.47
CA ILE C 113 33.14 -1.91 29.50
C ILE C 113 34.50 -1.86 30.18
N CYS C 114 34.60 -1.22 31.34
CA CYS C 114 35.86 -1.17 32.03
C CYS C 114 36.32 -2.55 32.42
N ALA C 115 35.38 -3.37 32.91
CA ALA C 115 35.71 -4.73 33.30
C ALA C 115 36.11 -5.51 32.05
N TYR C 116 35.55 -5.18 30.91
CA TYR C 116 35.93 -5.91 29.71
C TYR C 116 37.40 -5.67 29.41
N LEU C 117 37.80 -4.37 29.35
CA LEU C 117 39.18 -3.98 29.11
C LEU C 117 40.12 -4.63 30.12
N ALA C 118 39.77 -4.53 31.38
CA ALA C 118 40.55 -5.12 32.45
C ALA C 118 40.83 -6.61 32.15
N LYS C 119 39.75 -7.33 31.81
CA LYS C 119 39.82 -8.75 31.49
C LYS C 119 40.78 -8.97 30.35
N GLN C 120 40.58 -8.26 29.24
CA GLN C 120 41.44 -8.40 28.07
C GLN C 120 42.87 -8.08 28.42
N MET C 121 43.07 -7.08 29.28
CA MET C 121 44.41 -6.70 29.69
C MET C 121 45.11 -7.77 30.55
N ILE C 122 44.38 -8.54 31.35
CA ILE C 122 45.06 -9.58 32.14
C ILE C 122 44.93 -10.97 31.55
N GLY C 123 44.81 -11.03 30.23
CA GLY C 123 44.70 -12.31 29.54
C GLY C 123 43.44 -13.11 29.78
N GLU C 124 42.36 -12.43 30.16
CA GLU C 124 41.08 -13.09 30.38
C GLU C 124 41.05 -14.09 31.54
N ARG C 125 41.98 -13.95 32.48
CA ARG C 125 42.06 -14.84 33.63
C ARG C 125 41.16 -14.38 34.79
N ILE C 126 39.90 -14.05 34.48
CA ILE C 126 38.97 -13.53 35.49
C ILE C 126 37.55 -13.63 34.95
N LYS C 127 36.55 -13.73 35.83
CA LYS C 127 35.15 -13.81 35.42
C LYS C 127 34.38 -12.53 35.72
N ILE C 128 33.71 -11.98 34.72
CA ILE C 128 32.95 -10.75 34.90
C ILE C 128 31.45 -10.96 35.15
N VAL C 129 30.93 -10.36 36.22
CA VAL C 129 29.51 -10.47 36.54
C VAL C 129 28.94 -9.06 36.50
N THR C 130 27.99 -8.81 35.62
CA THR C 130 27.43 -7.47 35.51
C THR C 130 26.01 -7.41 36.05
N THR C 131 25.71 -6.49 36.95
CA THR C 131 24.32 -6.37 37.44
C THR C 131 23.69 -5.09 36.88
N LEU C 132 22.54 -5.20 36.24
CA LEU C 132 21.94 -4.00 35.68
C LEU C 132 21.03 -3.44 36.71
N HIS C 133 20.60 -2.22 36.54
CA HIS C 133 19.78 -1.51 37.52
C HIS C 133 18.96 -0.48 36.75
N GLY C 134 18.36 0.46 37.39
CA GLY C 134 17.49 1.27 36.54
C GLY C 134 17.65 2.11 35.26
N THR C 135 18.45 3.16 35.43
CA THR C 135 18.75 4.21 34.47
C THR C 135 19.79 3.74 33.42
N ASP C 136 20.76 2.92 33.83
CA ASP C 136 21.76 2.45 32.87
C ASP C 136 21.09 1.87 31.64
N ILE C 137 19.95 1.23 31.82
CA ILE C 137 19.22 0.68 30.67
C ILE C 137 18.08 1.64 30.31
N THR C 138 17.24 1.95 31.29
CA THR C 138 16.09 2.84 31.13
C THR C 138 16.45 4.10 30.34
N VAL C 139 17.31 4.94 30.90
CA VAL C 139 17.67 6.20 30.26
C VAL C 139 18.89 6.19 29.36
N LEU C 140 19.98 5.57 29.81
CA LEU C 140 21.18 5.51 28.99
C LEU C 140 20.93 4.71 27.71
N GLY C 141 20.40 3.49 27.86
CA GLY C 141 20.14 2.66 26.70
C GLY C 141 19.34 3.36 25.60
N SER C 142 18.62 4.41 25.98
CA SER C 142 17.80 5.18 25.04
C SER C 142 18.73 5.98 24.11
N ASP C 143 19.83 6.50 24.67
CA ASP C 143 20.79 7.29 23.90
C ASP C 143 21.58 6.47 22.86
N PRO C 144 21.38 6.74 21.55
CA PRO C 144 22.05 6.02 20.47
C PRO C 144 23.59 6.10 20.51
N SER C 145 24.11 7.15 21.14
CA SER C 145 25.55 7.31 21.25
C SER C 145 26.16 6.30 22.24
N LEU C 146 25.33 5.55 22.95
CA LEU C 146 25.84 4.58 23.92
C LEU C 146 25.14 3.26 23.83
N ASN C 147 24.27 3.12 22.86
CA ASN C 147 23.53 1.89 22.73
C ASN C 147 24.44 0.70 22.55
N ASN C 148 25.11 0.66 21.38
CA ASN C 148 26.04 -0.40 21.01
C ASN C 148 27.08 -0.64 22.10
N LEU C 149 27.40 0.41 22.86
CA LEU C 149 28.37 0.30 23.92
C LEU C 149 27.81 -0.52 25.09
N ILE C 150 26.56 -0.26 25.44
CA ILE C 150 25.89 -0.99 26.52
C ILE C 150 25.69 -2.43 26.08
N ARG C 151 25.30 -2.63 24.83
CA ARG C 151 25.08 -3.97 24.33
C ARG C 151 26.37 -4.79 24.45
N PHE C 152 27.43 -4.26 23.83
CA PHE C 152 28.74 -4.92 23.84
C PHE C 152 29.16 -5.27 25.27
N GLY C 153 28.97 -4.33 26.19
CA GLY C 153 29.34 -4.58 27.56
C GLY C 153 28.59 -5.74 28.20
N ILE C 154 27.29 -5.79 27.91
CA ILE C 154 26.45 -6.86 28.43
C ILE C 154 26.86 -8.18 27.83
N GLU C 155 26.91 -8.22 26.51
CA GLU C 155 27.27 -9.46 25.79
C GLU C 155 28.63 -10.00 26.19
N GLN C 156 29.56 -9.12 26.54
CA GLN C 156 30.91 -9.53 26.90
C GLN C 156 31.08 -10.00 28.31
N SER C 157 30.12 -9.69 29.17
CA SER C 157 30.21 -10.11 30.57
C SER C 157 29.97 -11.59 30.58
N ASP C 158 30.49 -12.29 31.59
CA ASP C 158 30.29 -13.73 31.66
C ASP C 158 28.90 -14.07 32.18
N VAL C 159 28.41 -13.30 33.15
CA VAL C 159 27.07 -13.51 33.70
C VAL C 159 26.46 -12.12 33.79
N VAL C 160 25.16 -11.97 33.55
CA VAL C 160 24.52 -10.65 33.64
C VAL C 160 23.24 -10.84 34.42
N THR C 161 22.92 -9.93 35.33
CA THR C 161 21.69 -10.06 36.08
C THR C 161 21.01 -8.71 36.12
N ALA C 162 19.74 -8.70 36.45
CA ALA C 162 18.97 -7.45 36.55
C ALA C 162 18.22 -7.51 37.87
N VAL C 163 17.70 -6.38 38.28
CA VAL C 163 17.03 -6.27 39.56
C VAL C 163 15.57 -6.58 39.51
N SER C 164 15.03 -6.64 38.30
CA SER C 164 13.64 -6.94 38.18
C SER C 164 13.36 -7.47 36.78
N HIS C 165 12.30 -8.26 36.65
CA HIS C 165 11.93 -8.78 35.34
C HIS C 165 11.55 -7.64 34.41
N SER C 166 11.02 -6.57 34.96
CA SER C 166 10.65 -5.45 34.13
C SER C 166 11.89 -4.91 33.41
N LEU C 167 13.00 -4.92 34.14
CA LEU C 167 14.25 -4.43 33.59
C LEU C 167 14.74 -5.33 32.47
N ILE C 168 14.73 -6.64 32.71
CA ILE C 168 15.16 -7.60 31.71
C ILE C 168 14.31 -7.42 30.45
N ASN C 169 13.14 -6.83 30.60
CA ASN C 169 12.30 -6.63 29.45
C ASN C 169 12.69 -5.40 28.71
N GLU C 170 12.89 -4.36 29.48
CA GLU C 170 13.31 -3.06 28.96
C GLU C 170 14.64 -3.23 28.24
N THR C 171 15.48 -4.10 28.80
CA THR C 171 16.78 -4.35 28.23
C THR C 171 16.70 -4.97 26.85
N HIS C 172 15.91 -6.03 26.74
CA HIS C 172 15.78 -6.71 25.47
C HIS C 172 15.02 -5.86 24.47
N GLU C 173 14.33 -4.84 24.96
CA GLU C 173 13.57 -3.98 24.07
C GLU C 173 14.41 -2.85 23.48
N LEU C 174 15.15 -2.15 24.34
CA LEU C 174 15.98 -1.02 23.91
C LEU C 174 17.39 -1.39 23.46
N VAL C 175 18.10 -2.18 24.26
CA VAL C 175 19.46 -2.56 23.91
C VAL C 175 19.52 -3.77 22.97
N LYS C 176 18.65 -4.74 23.16
CA LYS C 176 18.60 -5.94 22.32
C LYS C 176 19.89 -6.74 22.28
N PRO C 177 20.40 -7.10 23.44
CA PRO C 177 21.64 -7.88 23.51
C PRO C 177 21.43 -9.35 23.24
N ASN C 178 22.45 -10.02 22.71
CA ASN C 178 22.38 -11.44 22.50
C ASN C 178 23.04 -12.10 23.68
N LYS C 179 22.42 -11.98 24.85
CA LYS C 179 22.99 -12.56 26.05
C LYS C 179 21.82 -12.87 26.96
N ASP C 180 22.00 -13.79 27.89
CA ASP C 180 20.94 -14.14 28.83
C ASP C 180 21.08 -13.34 30.09
N ILE C 181 19.98 -12.80 30.59
CA ILE C 181 20.03 -12.04 31.81
C ILE C 181 19.18 -12.71 32.89
N GLN C 182 19.76 -13.00 34.05
CA GLN C 182 19.04 -13.62 35.17
C GLN C 182 18.41 -12.54 36.00
N THR C 183 17.54 -12.90 36.92
CA THR C 183 16.92 -11.89 37.76
C THR C 183 17.33 -12.14 39.18
N VAL C 184 17.80 -11.11 39.86
CA VAL C 184 18.19 -11.21 41.26
C VAL C 184 17.75 -9.88 41.84
N TYR C 185 16.75 -9.92 42.72
CA TYR C 185 16.21 -8.70 43.30
C TYR C 185 17.16 -8.08 44.31
N ASN C 186 16.95 -6.80 44.64
CA ASN C 186 17.80 -6.15 45.62
C ASN C 186 17.33 -6.56 46.99
N PHE C 187 18.19 -6.32 47.99
CA PHE C 187 17.84 -6.68 49.34
C PHE C 187 18.09 -5.52 50.30
N ILE C 188 17.78 -5.77 51.57
CA ILE C 188 17.92 -4.78 52.61
C ILE C 188 18.51 -5.43 53.83
N ASP C 189 19.31 -4.66 54.58
CA ASP C 189 19.92 -5.17 55.79
C ASP C 189 18.90 -5.06 56.93
N GLU C 190 18.27 -6.19 57.27
CA GLU C 190 17.27 -6.22 58.33
C GLU C 190 17.84 -5.72 59.67
N ARG C 191 19.16 -5.83 59.80
CA ARG C 191 19.91 -5.40 60.98
C ARG C 191 19.88 -3.86 61.08
N VAL C 192 19.22 -3.22 60.11
CA VAL C 192 19.11 -1.75 60.04
C VAL C 192 17.66 -1.28 59.93
N TYR C 193 16.80 -2.16 59.38
CA TYR C 193 15.39 -1.84 59.20
C TYR C 193 14.49 -2.81 59.97
N PHE C 194 13.93 -2.33 61.08
CA PHE C 194 13.01 -3.13 61.87
C PHE C 194 11.82 -2.26 62.25
N LYS C 195 10.76 -2.90 62.77
CA LYS C 195 9.56 -2.18 63.14
C LYS C 195 9.67 -1.33 64.42
N ARG C 196 10.89 -0.97 64.82
CA ARG C 196 11.08 -0.12 66.00
C ARG C 196 10.18 1.12 65.82
N ASP C 197 9.84 1.81 66.91
CA ASP C 197 9.02 3.04 66.80
C ASP C 197 9.70 4.23 67.50
N MET C 198 9.94 5.29 66.73
CA MET C 198 10.58 6.50 67.24
C MET C 198 9.51 7.47 67.78
N THR C 199 8.76 7.02 68.78
CA THR C 199 7.72 7.85 69.37
C THR C 199 8.33 9.12 70.02
N GLN C 200 9.55 8.99 70.57
CA GLN C 200 10.27 10.11 71.19
C GLN C 200 10.77 11.13 70.14
N LEU C 201 11.01 10.64 68.94
CA LEU C 201 11.49 11.44 67.81
C LEU C 201 10.36 12.29 67.18
N LYS C 202 9.13 11.77 67.15
CA LYS C 202 7.96 12.49 66.60
C LYS C 202 7.85 13.80 67.35
N LYS C 203 8.17 13.72 68.65
CA LYS C 203 8.13 14.86 69.56
C LYS C 203 9.19 15.87 69.10
N GLU C 204 10.39 15.35 68.85
CA GLU C 204 11.51 16.18 68.40
C GLU C 204 11.25 16.87 67.04
N TYR C 205 10.29 16.34 66.27
CA TYR C 205 9.91 16.88 64.95
C TYR C 205 8.63 17.70 65.07
N GLY C 206 8.05 17.70 66.27
CA GLY C 206 6.84 18.46 66.52
C GLY C 206 5.45 17.95 66.11
N ILE C 207 5.33 16.64 65.98
CA ILE C 207 4.10 16.02 65.52
C ILE C 207 3.27 15.08 66.48
N SER C 208 1.92 15.09 66.37
CA SER C 208 0.95 14.26 67.15
C SER C 208 1.49 13.53 68.38
N LYS C 212 -1.22 11.04 62.11
CA LYS C 212 -0.89 10.19 60.95
C LYS C 212 0.33 10.73 60.15
N ILE C 213 1.27 9.83 59.81
CA ILE C 213 2.48 10.21 59.06
C ILE C 213 2.66 9.55 57.69
N LEU C 214 2.78 10.39 56.66
CA LEU C 214 3.00 9.97 55.27
C LEU C 214 4.41 10.36 54.86
N ILE C 215 5.23 9.36 54.51
CA ILE C 215 6.63 9.59 54.15
C ILE C 215 6.90 9.29 52.67
N HIS C 216 7.70 10.12 52.03
CA HIS C 216 8.08 9.92 50.63
C HIS C 216 9.57 10.23 50.43
N ILE C 217 10.30 9.30 49.82
CA ILE C 217 11.73 9.51 49.60
C ILE C 217 12.09 9.48 48.13
N SER C 218 12.74 10.52 47.62
CA SER C 218 13.15 10.54 46.21
C SER C 218 14.22 11.58 45.97
N ASN C 219 14.67 11.69 44.72
CA ASN C 219 15.69 12.66 44.37
C ASN C 219 15.04 13.88 43.72
N PHE C 220 13.78 14.14 44.06
CA PHE C 220 13.08 15.28 43.49
C PHE C 220 13.34 15.61 42.03
N ARG C 221 13.26 14.57 41.18
CA ARG C 221 13.42 14.73 39.74
C ARG C 221 12.03 14.65 39.12
N LYS C 222 11.89 15.07 37.88
CA LYS C 222 10.56 15.07 37.27
C LYS C 222 9.95 13.70 37.14
N VAL C 223 10.81 12.70 36.98
CA VAL C 223 10.38 11.34 36.83
C VAL C 223 9.72 10.82 38.11
N LYS C 224 10.13 11.35 39.26
CA LYS C 224 9.55 10.90 40.53
C LYS C 224 8.15 11.43 40.72
N ARG C 225 7.81 12.46 39.93
CA ARG C 225 6.48 13.10 39.99
C ARG C 225 6.13 13.50 41.41
N VAL C 226 7.02 14.23 42.08
CA VAL C 226 6.75 14.62 43.46
C VAL C 226 5.49 15.48 43.57
N GLN C 227 5.14 16.15 42.49
CA GLN C 227 3.96 16.99 42.46
C GLN C 227 2.74 16.15 42.82
N ASP C 228 2.64 14.97 42.24
CA ASP C 228 1.51 14.09 42.52
C ASP C 228 1.49 13.64 43.98
N VAL C 229 2.66 13.49 44.60
CA VAL C 229 2.70 13.08 45.99
C VAL C 229 2.09 14.19 46.84
N VAL C 230 2.28 15.42 46.39
CA VAL C 230 1.73 16.57 47.11
C VAL C 230 0.22 16.67 46.85
N GLN C 231 -0.19 16.64 45.58
CA GLN C 231 -1.61 16.71 45.19
C GLN C 231 -2.44 15.71 45.98
N ALA C 232 -1.98 14.48 45.98
CA ALA C 232 -2.64 13.41 46.70
C ALA C 232 -2.72 13.73 48.19
N PHE C 233 -1.65 14.35 48.73
CA PHE C 233 -1.62 14.70 50.14
C PHE C 233 -2.57 15.86 50.44
N ALA C 234 -2.67 16.80 49.50
CA ALA C 234 -3.56 17.96 49.64
C ALA C 234 -4.98 17.43 49.87
N LYS C 235 -5.33 16.38 49.12
CA LYS C 235 -6.63 15.76 49.22
C LYS C 235 -6.73 14.87 50.46
N ILE C 236 -5.83 13.89 50.54
CA ILE C 236 -5.78 12.95 51.66
C ILE C 236 -5.80 13.66 53.04
N VAL C 237 -5.41 14.93 53.08
CA VAL C 237 -5.36 15.74 54.32
C VAL C 237 -6.71 16.32 54.75
N THR C 238 -7.56 16.68 53.78
CA THR C 238 -8.87 17.25 54.09
C THR C 238 -9.73 16.26 54.91
N GLU C 239 -9.53 14.96 54.71
CA GLU C 239 -10.30 13.97 55.45
C GLU C 239 -9.55 13.24 56.57
N VAL C 240 -8.26 13.52 56.72
CA VAL C 240 -7.44 12.92 57.78
C VAL C 240 -6.33 13.91 58.17
N ASP C 241 -6.08 14.04 59.47
CA ASP C 241 -5.02 14.95 59.91
C ASP C 241 -3.69 14.16 59.90
N ALA C 242 -2.80 14.59 59.02
CA ALA C 242 -1.50 13.94 58.90
C ALA C 242 -0.52 14.90 58.24
N LYS C 243 0.76 14.68 58.53
CA LYS C 243 1.80 15.50 57.95
C LYS C 243 2.55 14.64 56.91
N LEU C 244 3.15 15.30 55.93
CA LEU C 244 3.90 14.63 54.86
C LEU C 244 5.39 14.85 55.01
N LEU C 245 6.16 13.77 55.13
CA LEU C 245 7.61 13.88 55.24
C LEU C 245 8.23 13.79 53.84
N LEU C 246 8.79 14.88 53.34
CA LEU C 246 9.44 14.85 52.04
C LEU C 246 10.97 14.76 52.18
N VAL C 247 11.47 13.53 52.17
CA VAL C 247 12.91 13.27 52.28
C VAL C 247 13.55 13.38 50.91
N GLY C 248 14.71 14.01 50.84
CA GLY C 248 15.37 14.15 49.56
C GLY C 248 15.46 15.59 49.08
N ASP C 249 16.27 15.80 48.05
CA ASP C 249 16.48 17.11 47.48
C ASP C 249 16.90 16.93 46.02
N GLY C 250 16.42 17.82 45.16
CA GLY C 250 16.76 17.73 43.76
C GLY C 250 16.30 18.96 42.99
N PRO C 251 16.40 18.93 41.66
CA PRO C 251 16.01 20.06 40.80
C PRO C 251 14.59 20.60 41.03
N GLU C 252 13.61 19.70 41.00
CA GLU C 252 12.20 20.04 41.19
C GLU C 252 11.83 20.45 42.61
N PHE C 253 12.84 20.76 43.41
CA PHE C 253 12.59 21.14 44.79
C PHE C 253 11.78 22.41 44.96
N CYS C 254 12.22 23.47 44.30
CA CYS C 254 11.55 24.76 44.40
C CYS C 254 10.11 24.68 43.93
N THR C 255 9.91 23.98 42.82
CA THR C 255 8.58 23.83 42.27
C THR C 255 7.69 23.17 43.31
N ILE C 256 8.19 22.12 43.94
CA ILE C 256 7.44 21.40 44.96
C ILE C 256 7.22 22.31 46.17
N LEU C 257 8.22 23.11 46.48
CA LEU C 257 8.13 24.03 47.61
C LEU C 257 7.07 25.09 47.31
N GLN C 258 7.05 25.55 46.05
CA GLN C 258 6.09 26.55 45.61
C GLN C 258 4.69 25.94 45.65
N LEU C 259 4.61 24.66 45.36
CA LEU C 259 3.34 23.96 45.37
C LEU C 259 2.75 23.85 46.76
N VAL C 260 3.48 23.25 47.70
CA VAL C 260 2.96 23.11 49.08
C VAL C 260 2.58 24.50 49.61
N LYS C 261 3.21 25.51 49.04
CA LYS C 261 3.06 26.94 49.38
C LYS C 261 1.73 27.58 49.00
N ASN C 262 1.37 27.49 47.71
CA ASN C 262 0.11 28.07 47.27
C ASN C 262 -0.96 26.98 47.31
N LEU C 263 -0.76 26.02 48.23
CA LEU C 263 -1.73 24.96 48.42
C LEU C 263 -2.17 24.98 49.87
N HIS C 264 -1.61 25.93 50.62
CA HIS C 264 -1.91 26.13 52.02
C HIS C 264 -1.73 24.89 52.91
N ILE C 265 -0.76 24.07 52.54
CA ILE C 265 -0.44 22.85 53.29
C ILE C 265 0.97 23.06 53.82
N GLU C 266 1.47 24.27 53.57
CA GLU C 266 2.81 24.71 53.96
C GLU C 266 3.25 24.25 55.37
N ASP C 267 2.38 24.30 56.33
CA ASP C 267 2.82 23.95 57.67
C ASP C 267 2.54 22.50 57.86
N ARG C 268 2.45 21.74 56.79
CA ARG C 268 2.09 20.34 56.98
C ARG C 268 2.99 19.40 56.29
N VAL C 269 4.09 19.92 55.84
CA VAL C 269 4.99 19.18 55.05
C VAL C 269 6.33 19.46 55.59
N LEU C 270 7.14 18.44 55.80
CA LEU C 270 8.44 18.66 56.40
C LEU C 270 9.57 18.48 55.54
N PHE C 271 9.80 19.40 54.65
CA PHE C 271 10.91 19.09 53.81
C PHE C 271 12.03 18.75 54.80
N LEU C 272 12.62 17.56 54.67
CA LEU C 272 13.69 17.14 55.59
C LEU C 272 14.98 17.22 54.79
N GLY C 273 14.89 17.63 53.53
CA GLY C 273 16.10 17.72 52.72
C GLY C 273 16.63 16.32 52.51
N LYS C 274 17.77 16.13 51.85
CA LYS C 274 18.17 14.75 51.68
C LYS C 274 18.82 14.10 52.90
N GLN C 275 18.20 13.05 53.42
CA GLN C 275 18.75 12.35 54.57
C GLN C 275 19.40 11.08 54.07
N ASP C 276 20.16 10.43 54.92
CA ASP C 276 20.85 9.20 54.54
C ASP C 276 20.38 8.05 55.41
N ASN C 277 20.37 8.28 56.72
CA ASN C 277 19.93 7.27 57.68
C ASN C 277 18.39 7.43 57.77
N VAL C 278 17.70 7.07 56.70
CA VAL C 278 16.26 7.21 56.65
C VAL C 278 15.52 6.09 57.41
N ALA C 279 16.27 5.12 57.94
CA ALA C 279 15.68 4.01 58.68
C ALA C 279 14.78 4.46 59.83
N GLU C 280 15.23 5.47 60.56
CA GLU C 280 14.47 5.98 61.69
C GLU C 280 13.21 6.70 61.24
N LEU C 281 13.29 7.41 60.13
CA LEU C 281 12.13 8.13 59.62
C LEU C 281 11.04 7.17 59.18
N LEU C 282 11.40 6.14 58.43
CA LEU C 282 10.41 5.16 57.98
C LEU C 282 9.77 4.51 59.19
N ALA C 283 10.60 4.21 60.21
CA ALA C 283 10.13 3.58 61.44
C ALA C 283 8.91 4.32 62.04
N MET C 284 9.01 5.65 62.15
CA MET C 284 7.92 6.47 62.69
C MET C 284 6.91 6.91 61.61
N SER C 285 6.76 6.10 60.57
CA SER C 285 5.83 6.42 59.47
C SER C 285 4.67 5.46 59.40
N ASP C 286 3.64 5.85 58.67
CA ASP C 286 2.45 5.02 58.54
C ASP C 286 2.18 4.58 57.11
N LEU C 287 2.43 5.47 56.16
CA LEU C 287 2.17 5.15 54.77
C LEU C 287 3.29 5.72 53.89
N MET C 288 3.78 4.92 52.94
CA MET C 288 4.85 5.37 52.02
C MET C 288 4.24 5.61 50.64
N LEU C 289 4.65 6.68 49.97
CA LEU C 289 4.16 6.99 48.63
C LEU C 289 5.30 7.00 47.61
N LEU C 290 5.02 6.45 46.42
CA LEU C 290 5.98 6.39 45.32
C LEU C 290 5.14 6.41 44.05
N LEU C 291 5.02 7.57 43.43
CA LEU C 291 4.16 7.67 42.25
C LEU C 291 4.92 8.14 41.03
N SER C 292 6.10 7.55 40.82
CA SER C 292 6.92 7.94 39.67
C SER C 292 6.51 7.29 38.35
N GLU C 293 6.89 7.92 37.22
CA GLU C 293 6.56 7.41 35.89
C GLU C 293 7.31 6.14 35.63
N LYS C 294 8.40 5.90 36.34
CA LYS C 294 9.04 4.66 36.04
C LYS C 294 9.92 4.21 37.11
N GLU C 295 10.16 2.93 37.21
CA GLU C 295 11.10 2.60 38.21
C GLU C 295 11.29 1.16 38.03
N SER C 296 12.48 0.69 38.32
CA SER C 296 12.79 -0.67 38.06
C SER C 296 12.73 -1.32 39.36
N PHE C 297 12.76 -0.57 40.45
CA PHE C 297 12.68 -1.39 41.60
C PHE C 297 11.96 -1.31 42.90
N GLY C 298 12.18 -0.27 43.72
CA GLY C 298 13.46 0.36 43.96
C GLY C 298 13.29 0.17 45.41
N LEU C 299 14.38 0.23 46.11
CA LEU C 299 14.25 -0.15 47.46
C LEU C 299 13.40 0.65 48.26
N VAL C 300 13.30 1.91 48.01
CA VAL C 300 12.75 2.43 49.20
C VAL C 300 11.57 1.59 49.51
N LEU C 301 11.00 0.95 48.53
CA LEU C 301 9.85 0.23 48.91
C LEU C 301 10.23 -0.76 49.90
N LEU C 302 11.31 -1.44 49.66
CA LEU C 302 11.70 -2.41 50.60
C LEU C 302 11.98 -1.84 51.89
N GLU C 303 12.83 -0.85 51.90
CA GLU C 303 13.17 -0.37 53.19
C GLU C 303 11.85 -0.21 53.93
N ALA C 304 10.97 0.53 53.31
CA ALA C 304 9.71 0.82 53.92
C ALA C 304 8.99 -0.34 54.41
N MET C 305 8.71 -1.22 53.49
CA MET C 305 7.92 -2.33 53.85
C MET C 305 8.66 -2.92 54.96
N ALA C 306 9.89 -3.24 54.70
CA ALA C 306 10.64 -3.83 55.76
C ALA C 306 10.34 -3.25 57.10
N CYS C 307 9.91 -2.02 57.21
CA CYS C 307 9.72 -1.48 58.54
C CYS C 307 8.32 -1.57 58.92
N GLY C 308 7.60 -2.43 58.24
CA GLY C 308 6.19 -2.58 58.55
C GLY C 308 5.35 -1.43 58.04
N VAL C 309 5.86 -0.66 57.09
CA VAL C 309 5.12 0.46 56.54
C VAL C 309 4.51 0.13 55.18
N PRO C 310 3.16 0.06 55.10
CA PRO C 310 2.49 -0.24 53.82
C PRO C 310 2.74 0.87 52.79
N CYS C 311 2.82 0.50 51.52
CA CYS C 311 3.10 1.46 50.45
C CYS C 311 2.05 1.57 49.37
N ILE C 312 1.98 2.72 48.74
CA ILE C 312 1.04 2.95 47.66
C ILE C 312 1.87 3.44 46.49
N GLY C 313 2.31 2.53 45.62
CA GLY C 313 3.12 2.95 44.48
C GLY C 313 2.44 2.81 43.13
N THR C 314 2.79 3.67 42.17
CA THR C 314 2.20 3.57 40.85
C THR C 314 2.53 2.22 40.20
N ARG C 315 1.62 1.73 39.36
CA ARG C 315 1.79 0.44 38.67
C ARG C 315 2.71 0.67 37.49
N VAL C 316 3.99 0.77 37.79
CA VAL C 316 5.00 0.95 36.76
C VAL C 316 6.03 -0.14 36.90
N GLY C 317 6.35 -0.73 35.74
CA GLY C 317 7.27 -1.85 35.65
C GLY C 317 8.38 -2.13 36.64
N GLY C 318 8.16 -3.03 37.58
CA GLY C 318 9.07 -3.13 38.69
C GLY C 318 8.56 -2.80 40.09
N ILE C 319 7.44 -2.09 40.19
CA ILE C 319 6.85 -1.77 41.49
C ILE C 319 5.98 -3.00 41.73
N PRO C 320 5.20 -3.40 40.69
CA PRO C 320 4.31 -4.55 40.74
C PRO C 320 4.97 -5.85 41.16
N GLU C 321 6.28 -5.92 41.08
CA GLU C 321 6.93 -7.17 41.50
C GLU C 321 7.22 -7.16 42.99
N VAL C 322 6.99 -6.03 43.66
CA VAL C 322 7.25 -5.96 45.12
C VAL C 322 5.95 -5.69 45.90
N ILE C 323 5.06 -4.91 45.31
CA ILE C 323 3.78 -4.59 45.93
C ILE C 323 2.65 -5.40 45.32
N GLN C 324 2.03 -6.25 46.13
CA GLN C 324 0.89 -7.06 45.69
C GLN C 324 -0.33 -6.48 46.34
N HIS C 325 -1.07 -5.86 45.45
CA HIS C 325 -2.13 -5.01 45.80
C HIS C 325 -3.03 -5.49 46.80
N GLY C 326 -3.17 -4.80 47.91
CA GLY C 326 -4.18 -5.29 48.80
C GLY C 326 -3.66 -6.27 49.75
N ASP C 327 -2.54 -6.85 49.44
CA ASP C 327 -2.07 -7.75 50.41
C ASP C 327 -0.97 -7.04 51.16
N THR C 328 -0.06 -6.38 50.44
CA THR C 328 1.07 -5.75 51.11
C THR C 328 1.16 -4.26 50.74
N GLY C 329 0.18 -3.76 50.00
CA GLY C 329 0.17 -2.36 49.61
C GLY C 329 -0.82 -2.15 48.48
N TYR C 330 -0.78 -1.01 47.81
CA TYR C 330 -1.72 -0.77 46.71
C TYR C 330 -1.02 -0.16 45.52
N LEU C 331 -1.54 -0.37 44.32
CA LEU C 331 -0.94 0.18 43.10
C LEU C 331 -1.97 1.10 42.46
N CYS C 332 -1.61 1.81 41.39
CA CYS C 332 -2.56 2.70 40.73
C CYS C 332 -1.90 3.45 39.59
N GLU C 333 -2.70 3.89 38.62
CA GLU C 333 -2.15 4.58 37.46
C GLU C 333 -1.44 5.89 37.82
N VAL C 334 -0.50 6.29 36.97
CA VAL C 334 0.25 7.51 37.22
C VAL C 334 -0.65 8.71 36.96
N GLY C 335 -0.52 9.72 37.81
CA GLY C 335 -1.31 10.94 37.68
C GLY C 335 -2.65 10.90 38.41
N ASP C 336 -3.01 9.72 38.92
CA ASP C 336 -4.27 9.51 39.63
C ASP C 336 -4.18 10.03 41.07
N THR C 337 -3.89 11.32 41.21
CA THR C 337 -3.75 11.96 42.52
C THR C 337 -4.98 11.63 43.39
N THR C 338 -6.16 11.79 42.81
CA THR C 338 -7.43 11.52 43.51
C THR C 338 -7.53 10.05 43.98
N GLY C 339 -7.34 9.10 43.05
CA GLY C 339 -7.41 7.70 43.41
C GLY C 339 -6.46 7.30 44.52
N VAL C 340 -5.27 7.90 44.51
CA VAL C 340 -4.26 7.62 45.53
C VAL C 340 -4.75 8.08 46.89
N ALA C 341 -5.24 9.32 46.94
CA ALA C 341 -5.74 9.93 48.17
C ALA C 341 -6.84 9.06 48.78
N ASP C 342 -7.78 8.66 47.91
CA ASP C 342 -8.91 7.82 48.29
C ASP C 342 -8.43 6.52 48.92
N GLN C 343 -7.50 5.88 48.24
CA GLN C 343 -6.95 4.63 48.71
C GLN C 343 -6.26 4.83 50.06
N ALA C 344 -5.63 5.99 50.24
CA ALA C 344 -4.93 6.34 51.46
C ALA C 344 -5.85 6.60 52.65
N ILE C 345 -6.75 7.59 52.48
CA ILE C 345 -7.72 7.97 53.50
C ILE C 345 -8.43 6.72 54.04
N GLN C 346 -8.78 5.81 53.13
CA GLN C 346 -9.45 4.58 53.51
C GLN C 346 -8.59 3.71 54.45
N LEU C 347 -7.35 3.44 54.04
CA LEU C 347 -6.43 2.61 54.81
C LEU C 347 -5.96 3.25 56.11
N LEU C 348 -5.98 4.58 56.16
CA LEU C 348 -5.51 5.29 57.34
C LEU C 348 -6.42 5.18 58.59
N LYS C 349 -7.74 5.13 58.38
CA LYS C 349 -8.70 5.01 59.48
C LYS C 349 -8.93 3.54 59.87
N ASP C 350 -9.24 2.69 58.88
CA ASP C 350 -9.42 1.28 59.16
C ASP C 350 -8.05 0.97 59.80
N GLU C 351 -8.04 0.58 61.08
CA GLU C 351 -6.78 0.31 61.76
C GLU C 351 -6.53 -1.18 61.72
N GLU C 352 -7.57 -1.91 61.36
CA GLU C 352 -7.50 -3.37 61.23
C GLU C 352 -6.66 -3.66 59.97
N LEU C 353 -7.16 -3.17 58.83
CA LEU C 353 -6.51 -3.33 57.53
C LEU C 353 -5.05 -2.84 57.58
N HIS C 354 -4.84 -1.70 58.25
CA HIS C 354 -3.51 -1.12 58.36
C HIS C 354 -2.54 -1.97 59.20
N ARG C 355 -3.02 -2.66 60.23
CA ARG C 355 -2.12 -3.51 61.03
C ARG C 355 -1.79 -4.77 60.26
N ASN C 356 -2.76 -5.23 59.47
CA ASN C 356 -2.62 -6.46 58.67
C ASN C 356 -1.69 -6.24 57.48
N MET C 357 -1.98 -5.21 56.69
CA MET C 357 -1.18 -4.89 55.52
C MET C 357 0.27 -4.69 55.98
N GLY C 358 0.48 -3.81 56.94
CA GLY C 358 1.81 -3.55 57.46
C GLY C 358 2.53 -4.82 57.92
N GLU C 359 1.76 -5.82 58.33
CA GLU C 359 2.35 -7.08 58.77
C GLU C 359 2.61 -7.96 57.55
N ARG C 360 1.60 -8.05 56.70
CA ARG C 360 1.68 -8.81 55.45
C ARG C 360 2.96 -8.35 54.72
N ALA C 361 3.09 -7.03 54.55
CA ALA C 361 4.23 -6.41 53.88
C ALA C 361 5.58 -6.83 54.43
N ARG C 362 5.87 -6.51 55.69
CA ARG C 362 7.17 -6.89 56.24
C ARG C 362 7.40 -8.39 56.25
N GLU C 363 6.40 -9.15 55.85
CA GLU C 363 6.53 -10.59 55.78
C GLU C 363 6.96 -10.99 54.37
N SER C 364 6.20 -10.55 53.37
CA SER C 364 6.52 -10.87 51.98
C SER C 364 7.91 -10.34 51.64
N VAL C 365 8.39 -9.38 52.44
CA VAL C 365 9.73 -8.83 52.26
C VAL C 365 10.74 -9.86 52.76
N TYR C 366 10.55 -10.34 53.98
CA TYR C 366 11.43 -11.37 54.55
C TYR C 366 11.44 -12.61 53.65
N GLU C 367 10.29 -12.81 53.01
CA GLU C 367 9.99 -13.92 52.11
C GLU C 367 10.75 -14.14 50.83
N GLN C 368 10.70 -13.12 49.99
CA GLN C 368 11.32 -13.15 48.67
C GLN C 368 12.48 -12.16 48.53
N PHE C 369 12.67 -11.29 49.53
CA PHE C 369 13.77 -10.31 49.48
C PHE C 369 14.74 -10.44 50.65
N ARG C 370 14.67 -11.55 51.37
CA ARG C 370 15.53 -11.82 52.50
C ARG C 370 16.99 -11.55 52.09
N SER C 371 17.69 -10.70 52.82
CA SER C 371 19.07 -10.40 52.48
C SER C 371 19.92 -11.68 52.38
N GLU C 372 19.91 -12.51 53.41
CA GLU C 372 20.70 -13.73 53.39
C GLU C 372 20.33 -14.64 52.21
N LYS C 373 19.08 -14.53 51.74
CA LYS C 373 18.63 -15.34 50.61
C LYS C 373 19.26 -14.86 49.30
N ILE C 374 19.05 -13.58 48.98
CA ILE C 374 19.60 -12.96 47.77
C ILE C 374 21.11 -13.08 47.73
N VAL C 375 21.78 -12.79 48.84
CA VAL C 375 23.22 -12.91 48.86
C VAL C 375 23.60 -14.32 48.42
N SER C 376 22.85 -15.33 48.83
CA SER C 376 23.18 -16.69 48.43
C SER C 376 23.01 -16.95 46.93
N GLN C 377 22.10 -16.22 46.30
CA GLN C 377 21.89 -16.39 44.88
C GLN C 377 23.13 -15.87 44.16
N TYR C 378 23.62 -14.70 44.57
CA TYR C 378 24.81 -14.12 43.96
C TYR C 378 25.98 -15.06 44.23
N GLU C 379 26.02 -15.61 45.43
CA GLU C 379 27.08 -16.52 45.80
C GLU C 379 27.09 -17.73 44.88
N THR C 380 25.94 -18.31 44.60
CA THR C 380 25.94 -19.48 43.74
C THR C 380 26.26 -19.05 42.30
N ILE C 381 25.88 -17.85 41.91
CA ILE C 381 26.18 -17.40 40.56
C ILE C 381 27.69 -17.33 40.33
N TYR C 382 28.45 -16.92 41.36
CA TYR C 382 29.89 -16.83 41.27
C TYR C 382 30.48 -18.22 41.10
N TYR C 383 30.12 -19.13 42.01
CA TYR C 383 30.61 -20.48 41.96
C TYR C 383 30.29 -21.13 40.62
N ASP C 384 29.07 -20.87 40.12
CA ASP C 384 28.61 -21.42 38.86
C ASP C 384 29.44 -20.93 37.67
N VAL C 385 29.78 -19.65 37.68
CA VAL C 385 30.56 -19.09 36.57
C VAL C 385 31.98 -19.68 36.52
N LEU C 386 32.29 -20.61 37.42
CA LEU C 386 33.60 -21.28 37.43
C LEU C 386 33.41 -22.85 37.22
N ARG C 387 33.30 -23.58 38.24
N LYS D 15 41.63 5.33 -3.49
CA LYS D 15 40.84 4.06 -3.37
C LYS D 15 40.89 3.41 -1.96
N LEU D 16 40.83 4.21 -0.90
CA LEU D 16 40.89 3.67 0.46
C LEU D 16 40.02 4.50 1.41
N LYS D 17 39.27 3.84 2.31
CA LYS D 17 38.43 4.57 3.27
C LYS D 17 39.12 4.61 4.63
N ILE D 18 39.75 5.74 4.96
CA ILE D 18 40.49 5.88 6.20
C ILE D 18 39.76 6.73 7.25
N GLY D 19 39.92 6.40 8.52
CA GLY D 19 39.31 7.22 9.55
C GLY D 19 40.40 7.80 10.43
N ILE D 20 40.49 9.12 10.58
CA ILE D 20 41.53 9.73 11.42
C ILE D 20 40.96 10.24 12.74
N THR D 21 41.72 10.14 13.82
CA THR D 21 41.30 10.61 15.12
C THR D 21 42.45 11.39 15.76
N CYS D 22 42.19 12.61 16.21
CA CYS D 22 43.20 13.45 16.87
C CYS D 22 42.60 14.69 17.58
N TYR D 23 43.47 15.56 18.10
CA TYR D 23 43.01 16.77 18.80
C TYR D 23 43.34 18.01 17.97
N PRO D 24 42.50 18.35 16.95
CA PRO D 24 42.65 19.49 16.02
C PRO D 24 43.63 20.67 16.31
N GLY D 27 47.08 19.95 19.76
CA GLY D 27 48.49 20.30 19.85
C GLY D 27 49.27 20.02 18.58
N GLY D 28 50.35 19.24 18.68
CA GLY D 28 51.16 18.89 17.52
C GLY D 28 50.48 17.82 16.67
N SER D 29 49.98 16.78 17.37
CA SER D 29 49.28 15.66 16.75
C SER D 29 48.14 16.08 15.82
N GLY D 30 47.37 17.08 16.26
CA GLY D 30 46.26 17.56 15.47
C GLY D 30 46.71 18.14 14.16
N VAL D 31 47.71 19.01 14.22
CA VAL D 31 48.22 19.61 13.00
C VAL D 31 48.55 18.50 12.00
N VAL D 32 49.40 17.57 12.43
CA VAL D 32 49.82 16.48 11.56
C VAL D 32 48.66 15.60 11.10
N GLY D 33 47.89 15.10 12.07
CA GLY D 33 46.75 14.26 11.76
C GLY D 33 45.85 14.89 10.73
N THR D 34 45.49 16.15 10.96
CA THR D 34 44.62 16.90 10.06
C THR D 34 45.23 17.08 8.70
N GLU D 35 46.50 17.47 8.67
CA GLU D 35 47.16 17.68 7.40
C GLU D 35 47.28 16.36 6.66
N LEU D 36 47.61 15.31 7.38
CA LEU D 36 47.73 14.00 6.77
C LEU D 36 46.42 13.62 6.09
N GLY D 37 45.30 13.96 6.74
CA GLY D 37 44.00 13.63 6.18
C GLY D 37 43.69 14.46 4.95
N LYS D 38 44.07 15.73 5.02
CA LYS D 38 43.85 16.62 3.90
C LYS D 38 44.62 16.09 2.69
N GLN D 39 45.90 15.76 2.89
CA GLN D 39 46.77 15.22 1.83
C GLN D 39 46.18 13.94 1.23
N LEU D 40 45.93 12.95 2.09
CA LEU D 40 45.36 11.67 1.68
C LEU D 40 44.09 11.86 0.87
N ALA D 41 43.34 12.90 1.23
CA ALA D 41 42.09 13.20 0.54
C ALA D 41 42.38 13.60 -0.89
N GLU D 42 43.31 14.55 -1.05
CA GLU D 42 43.69 15.04 -2.37
C GLU D 42 44.19 13.89 -3.24
N ARG D 43 44.61 12.80 -2.63
CA ARG D 43 45.08 11.67 -3.42
C ARG D 43 43.95 10.71 -3.78
N GLY D 44 42.71 11.16 -3.55
CA GLY D 44 41.56 10.34 -3.91
C GLY D 44 40.94 9.43 -2.87
N HIS D 45 41.60 9.34 -1.71
CA HIS D 45 41.10 8.52 -0.62
C HIS D 45 39.91 9.21 0.00
N GLU D 46 39.07 8.43 0.67
CA GLU D 46 37.91 8.98 1.36
C GLU D 46 38.24 9.03 2.85
N ILE D 47 38.50 10.22 3.37
CA ILE D 47 38.84 10.43 4.77
C ILE D 47 37.63 10.73 5.64
N HIS D 48 37.60 10.11 6.82
CA HIS D 48 36.52 10.27 7.77
C HIS D 48 37.06 10.67 9.12
N PHE D 49 37.05 11.94 9.43
CA PHE D 49 37.55 12.41 10.72
C PHE D 49 36.58 12.07 11.82
N ILE D 50 37.02 11.33 12.82
CA ILE D 50 36.14 10.99 13.92
C ILE D 50 36.74 11.66 15.12
N THR D 51 36.24 12.84 15.44
CA THR D 51 36.75 13.61 16.56
C THR D 51 35.79 14.74 16.95
N SER D 52 35.60 14.95 18.25
CA SER D 52 34.74 16.01 18.77
C SER D 52 35.51 17.34 18.90
N GLY D 53 35.33 18.24 17.94
CA GLY D 53 36.02 19.52 17.97
C GLY D 53 35.86 20.25 16.64
N LEU D 54 36.91 20.94 16.20
CA LEU D 54 36.85 21.67 14.93
C LEU D 54 38.17 21.73 14.12
N PRO D 55 38.49 20.66 13.34
CA PRO D 55 39.72 20.60 12.51
C PRO D 55 39.83 21.60 11.33
N LYS D 60 38.67 25.88 2.78
CA LYS D 60 38.05 25.20 1.63
C LYS D 60 37.11 24.01 2.03
N VAL D 61 36.59 23.26 1.05
CA VAL D 61 35.70 22.08 1.33
C VAL D 61 35.95 20.93 0.35
N TYR D 62 36.26 19.74 0.87
CA TYR D 62 36.53 18.57 0.03
C TYR D 62 35.34 17.64 0.08
N PRO D 63 34.87 17.16 -1.08
CA PRO D 63 33.72 16.25 -1.19
C PRO D 63 33.98 14.86 -0.63
N ASN D 64 35.26 14.56 -0.42
CA ASN D 64 35.71 13.27 0.08
C ASN D 64 36.30 13.27 1.50
N ILE D 65 35.95 14.30 2.28
CA ILE D 65 36.40 14.39 3.66
C ILE D 65 35.14 14.64 4.49
N TYR D 66 34.81 13.69 5.35
CA TYR D 66 33.61 13.82 6.18
C TYR D 66 34.01 14.05 7.62
N PHE D 67 33.21 14.80 8.36
CA PHE D 67 33.52 15.05 9.77
C PHE D 67 32.46 14.47 10.66
N HIS D 68 32.82 13.53 11.51
CA HIS D 68 31.87 12.95 12.44
C HIS D 68 32.27 13.47 13.81
N GLU D 69 31.32 13.89 14.61
CA GLU D 69 31.72 14.41 15.91
C GLU D 69 31.09 13.64 17.06
N VAL D 70 31.85 13.48 18.12
CA VAL D 70 31.41 12.74 19.28
C VAL D 70 30.55 13.58 20.19
N THR D 71 29.29 13.18 20.35
CA THR D 71 28.37 13.92 21.21
C THR D 71 28.22 13.18 22.54
N VAL D 72 28.34 13.90 23.65
CA VAL D 72 28.22 13.28 24.98
C VAL D 72 26.99 13.80 25.77
N ASN D 73 26.60 13.13 26.87
CA ASN D 73 25.45 13.60 27.69
C ASN D 73 25.62 13.29 29.19
N PHE D 78 25.54 9.93 36.33
CA PHE D 78 26.92 9.86 35.82
C PHE D 78 27.97 10.74 36.52
N GLN D 79 29.13 10.15 36.85
CA GLN D 79 30.27 10.87 37.49
C GLN D 79 31.05 11.85 36.61
N TYR D 80 31.53 11.33 35.48
CA TYR D 80 32.29 12.12 34.51
C TYR D 80 31.69 11.76 33.15
N PRO D 81 31.58 12.76 32.24
CA PRO D 81 31.01 12.49 30.90
C PRO D 81 31.91 11.48 30.15
N PRO D 82 31.39 10.28 29.82
CA PRO D 82 32.19 9.26 29.12
C PRO D 82 32.69 9.61 27.73
N TYR D 83 33.59 10.57 27.61
CA TYR D 83 34.08 10.91 26.28
C TYR D 83 34.81 9.73 25.65
N ASP D 84 35.59 9.01 26.44
CA ASP D 84 36.34 7.90 25.88
C ASP D 84 35.40 6.90 25.26
N LEU D 85 34.52 6.35 26.08
CA LEU D 85 33.54 5.37 25.64
C LEU D 85 32.73 5.92 24.48
N ALA D 86 32.33 7.17 24.58
CA ALA D 86 31.55 7.77 23.51
C ALA D 86 32.31 7.77 22.18
N LEU D 87 33.60 8.07 22.26
CA LEU D 87 34.45 8.12 21.09
C LEU D 87 34.61 6.72 20.52
N ALA D 88 34.76 5.74 21.41
CA ALA D 88 34.89 4.36 20.98
C ALA D 88 33.62 3.98 20.23
N SER D 89 32.49 4.33 20.81
CA SER D 89 31.22 4.02 20.22
C SER D 89 31.06 4.61 18.83
N LYS D 90 31.45 5.87 18.67
CA LYS D 90 31.34 6.53 17.39
C LYS D 90 32.30 5.95 16.36
N MET D 91 33.51 5.59 16.80
CA MET D 91 34.49 4.99 15.89
C MET D 91 33.80 3.75 15.34
N ALA D 92 33.30 2.88 16.24
CA ALA D 92 32.61 1.66 15.83
C ALA D 92 31.46 1.92 14.89
N GLU D 93 30.63 2.89 15.22
CA GLU D 93 29.49 3.20 14.39
C GLU D 93 29.93 3.66 13.01
N VAL D 94 30.79 4.66 12.94
CA VAL D 94 31.26 5.14 11.64
C VAL D 94 31.96 4.04 10.87
N ALA D 95 32.75 3.26 11.58
CA ALA D 95 33.50 2.20 10.96
C ALA D 95 32.65 1.26 10.15
N GLN D 96 31.68 0.62 10.78
CA GLN D 96 30.88 -0.34 10.04
C GLN D 96 29.82 0.27 9.15
N ARG D 97 29.47 1.54 9.42
CA ARG D 97 28.47 2.19 8.60
C ARG D 97 29.11 2.60 7.27
N GLU D 98 30.27 3.22 7.31
CA GLU D 98 30.97 3.67 6.11
C GLU D 98 31.90 2.62 5.54
N ASN D 99 32.01 1.50 6.26
CA ASN D 99 32.87 0.41 5.86
C ASN D 99 34.31 0.85 5.67
N LEU D 100 34.89 1.40 6.74
CA LEU D 100 36.25 1.88 6.74
C LEU D 100 37.24 0.72 6.66
N ASP D 101 38.41 1.00 6.10
CA ASP D 101 39.46 -0.01 5.94
C ASP D 101 40.46 0.14 7.07
N ILE D 102 40.94 1.36 7.23
CA ILE D 102 41.91 1.69 8.25
C ILE D 102 41.34 2.72 9.22
N LEU D 103 41.81 2.63 10.45
CA LEU D 103 41.43 3.55 11.51
C LEU D 103 42.78 4.06 12.03
N HIS D 104 43.12 5.31 11.68
CA HIS D 104 44.40 5.90 12.08
C HIS D 104 44.28 6.88 13.23
N VAL D 105 44.90 6.53 14.31
CA VAL D 105 44.73 7.32 15.46
C VAL D 105 45.95 8.05 15.86
N HIS D 106 45.83 9.21 16.50
CA HIS D 106 47.03 9.88 16.86
C HIS D 106 47.52 10.14 18.20
N TYR D 107 46.81 10.21 19.29
CA TYR D 107 47.72 10.34 20.42
C TYR D 107 47.53 8.95 20.96
N ALA D 108 48.23 8.50 21.96
CA ALA D 108 48.01 7.10 22.34
C ALA D 108 46.87 6.90 23.27
N ILE D 109 46.89 7.67 24.33
CA ILE D 109 45.76 7.67 25.26
C ILE D 109 44.94 8.87 24.81
N PRO D 110 43.58 8.74 24.74
CA PRO D 110 42.87 7.47 24.83
C PRO D 110 42.69 6.74 23.53
N HIS D 111 42.77 7.48 22.43
CA HIS D 111 42.57 6.96 21.08
C HIS D 111 42.94 5.54 20.71
N ALA D 112 44.10 5.09 21.19
CA ALA D 112 44.57 3.75 20.95
C ALA D 112 43.60 2.75 21.56
N ILE D 113 43.29 2.92 22.85
CA ILE D 113 42.34 2.03 23.51
C ILE D 113 40.95 2.15 22.92
N CYS D 114 40.55 3.36 22.54
CA CYS D 114 39.22 3.53 21.94
C CYS D 114 39.12 2.76 20.65
N ALA D 115 40.16 2.82 19.85
CA ALA D 115 40.16 2.12 18.58
C ALA D 115 40.14 0.60 18.86
N TYR D 116 40.74 0.18 19.96
CA TYR D 116 40.71 -1.25 20.26
C TYR D 116 39.28 -1.69 20.50
N LEU D 117 38.57 -1.00 21.39
CA LEU D 117 37.18 -1.28 21.70
C LEU D 117 36.32 -1.28 20.44
N ALA D 118 36.48 -0.21 19.64
CA ALA D 118 35.75 -0.08 18.39
C ALA D 118 35.93 -1.34 17.54
N LYS D 119 37.19 -1.77 17.38
CA LYS D 119 37.55 -2.95 16.60
C LYS D 119 36.83 -4.16 17.15
N GLN D 120 36.97 -4.41 18.46
CA GLN D 120 36.32 -5.55 19.10
C GLN D 120 34.82 -5.49 18.93
N MET D 121 34.26 -4.28 18.98
CA MET D 121 32.83 -4.12 18.83
C MET D 121 32.35 -4.42 17.40
N ILE D 122 33.14 -4.17 16.37
CA ILE D 122 32.66 -4.48 15.01
C ILE D 122 33.24 -5.79 14.47
N GLY D 123 33.53 -6.72 15.38
CA GLY D 123 34.07 -8.01 14.97
C GLY D 123 35.46 -8.02 14.38
N GLU D 124 36.26 -7.00 14.70
CA GLU D 124 37.63 -6.94 14.21
C GLU D 124 37.79 -6.78 12.71
N ARG D 125 36.74 -6.29 12.04
CA ARG D 125 36.77 -6.10 10.59
C ARG D 125 37.35 -4.74 10.19
N ILE D 126 38.51 -4.39 10.77
CA ILE D 126 39.13 -3.08 10.52
C ILE D 126 40.59 -3.13 10.98
N LYS D 127 41.46 -2.32 10.39
CA LYS D 127 42.88 -2.27 10.78
C LYS D 127 43.24 -0.99 11.53
N ILE D 128 43.84 -1.14 12.70
CA ILE D 128 44.22 0.01 13.52
C ILE D 128 45.67 0.45 13.35
N VAL D 129 45.88 1.73 13.08
CA VAL D 129 47.22 2.29 12.92
C VAL D 129 47.40 3.35 14.00
N THR D 130 48.34 3.15 14.90
CA THR D 130 48.54 4.12 15.96
C THR D 130 49.81 4.91 15.79
N THR D 131 49.74 6.25 15.83
CA THR D 131 50.98 7.04 15.71
C THR D 131 51.31 7.67 17.06
N LEU D 132 52.51 7.46 17.56
CA LEU D 132 52.84 8.04 18.87
C LEU D 132 53.44 9.37 18.62
N HIS D 133 53.54 10.18 19.65
CA HIS D 133 54.01 11.56 19.54
C HIS D 133 54.60 11.94 20.88
N GLY D 134 54.86 13.18 21.16
CA GLY D 134 55.57 13.35 22.42
C GLY D 134 55.35 12.97 23.88
N THR D 135 54.30 13.56 24.43
CA THR D 135 53.83 13.49 25.81
C THR D 135 53.10 12.17 26.10
N ASP D 136 52.34 11.65 25.15
CA ASP D 136 51.63 10.39 25.39
C ASP D 136 52.57 9.33 25.91
N ILE D 137 53.82 9.35 25.45
CA ILE D 137 54.79 8.39 25.96
C ILE D 137 55.68 9.07 27.01
N THR D 138 56.27 10.20 26.61
CA THR D 138 57.15 11.00 27.48
C THR D 138 56.58 11.18 28.89
N VAL D 139 55.45 11.89 28.99
CA VAL D 139 54.86 12.17 30.28
C VAL D 139 53.80 11.20 30.78
N LEU D 140 52.87 10.81 29.92
CA LEU D 140 51.85 9.86 30.32
C LEU D 140 52.46 8.50 30.69
N GLY D 141 53.27 7.95 29.79
CA GLY D 141 53.89 6.66 30.05
C GLY D 141 54.60 6.58 31.40
N SER D 142 54.96 7.74 31.95
CA SER D 142 55.65 7.82 33.24
C SER D 142 54.67 7.45 34.36
N ASP D 143 53.40 7.87 34.21
CA ASP D 143 52.36 7.59 35.20
C ASP D 143 51.96 6.10 35.27
N PRO D 144 52.25 5.44 36.41
CA PRO D 144 51.92 4.01 36.61
C PRO D 144 50.43 3.67 36.46
N SER D 145 49.58 4.66 36.71
CA SER D 145 48.15 4.45 36.59
C SER D 145 47.71 4.31 35.11
N LEU D 146 48.62 4.53 34.17
CA LEU D 146 48.26 4.43 32.76
C LEU D 146 49.28 3.68 31.97
N ASN D 147 50.29 3.16 32.66
CA ASN D 147 51.34 2.45 31.95
C ASN D 147 50.81 1.28 31.16
N ASN D 148 50.33 0.27 31.88
CA ASN D 148 49.77 -0.95 31.30
C ASN D 148 48.70 -0.63 30.25
N LEU D 149 48.03 0.50 30.42
CA LEU D 149 47.00 0.90 29.48
C LEU D 149 47.61 1.33 28.16
N ILE D 150 48.67 2.10 28.23
CA ILE D 150 49.39 2.54 27.02
C ILE D 150 50.02 1.34 26.34
N ARG D 151 50.60 0.45 27.12
CA ARG D 151 51.23 -0.74 26.55
C ARG D 151 50.20 -1.54 25.77
N PHE D 152 49.12 -1.92 26.45
CA PHE D 152 48.05 -2.71 25.85
C PHE D 152 47.57 -2.06 24.55
N GLY D 153 47.37 -0.75 24.58
CA GLY D 153 46.92 -0.04 23.40
C GLY D 153 47.88 -0.16 22.22
N ILE D 154 49.17 -0.04 22.51
CA ILE D 154 50.19 -0.15 21.48
C ILE D 154 50.22 -1.55 20.95
N GLU D 155 50.35 -2.53 21.85
CA GLU D 155 50.43 -3.93 21.45
C GLU D 155 49.23 -4.39 20.65
N GLN D 156 48.06 -3.82 20.92
CA GLN D 156 46.83 -4.21 20.23
C GLN D 156 46.62 -3.59 18.89
N SER D 157 47.35 -2.52 18.60
CA SER D 157 47.20 -1.85 17.31
C SER D 157 47.83 -2.75 16.28
N ASP D 158 47.39 -2.66 15.04
CA ASP D 158 47.95 -3.50 14.00
C ASP D 158 49.31 -2.98 13.53
N VAL D 159 49.46 -1.66 13.45
CA VAL D 159 50.73 -1.04 13.05
C VAL D 159 50.93 0.11 14.03
N VAL D 160 52.15 0.39 14.43
CA VAL D 160 52.40 1.50 15.37
C VAL D 160 53.58 2.28 14.82
N THR D 161 53.53 3.60 14.85
CA THR D 161 54.65 4.38 14.35
C THR D 161 54.93 5.49 15.35
N ALA D 162 56.11 6.08 15.26
CA ALA D 162 56.49 7.18 16.13
C ALA D 162 57.06 8.26 15.24
N VAL D 163 57.20 9.44 15.80
CA VAL D 163 57.64 10.60 15.05
C VAL D 163 59.14 10.76 15.02
N SER D 164 59.82 10.02 15.88
CA SER D 164 61.24 10.12 15.91
C SER D 164 61.82 8.87 16.55
N HIS D 165 63.08 8.55 16.21
CA HIS D 165 63.72 7.40 16.81
C HIS D 165 63.89 7.60 18.30
N SER D 166 64.05 8.85 18.72
CA SER D 166 64.20 9.11 20.13
C SER D 166 62.97 8.61 20.87
N LEU D 167 61.82 8.81 20.24
CA LEU D 167 60.56 8.42 20.83
C LEU D 167 60.47 6.90 20.93
N ILE D 168 60.80 6.21 19.85
CA ILE D 168 60.78 4.75 19.85
C ILE D 168 61.69 4.22 20.95
N ASN D 169 62.62 5.04 21.38
CA ASN D 169 63.52 4.61 22.42
C ASN D 169 62.91 4.79 23.76
N GLU D 170 62.35 5.98 23.94
CA GLU D 170 61.67 6.35 25.16
C GLU D 170 60.53 5.38 25.41
N THR D 171 59.89 4.95 24.33
CA THR D 171 58.78 4.03 24.42
C THR D 171 59.20 2.68 24.96
N HIS D 172 60.25 2.12 24.37
CA HIS D 172 60.71 0.82 24.82
C HIS D 172 61.33 0.90 26.20
N GLU D 173 61.65 2.09 26.63
CA GLU D 173 62.26 2.25 27.94
C GLU D 173 61.24 2.35 29.06
N LEU D 174 60.22 3.21 28.87
CA LEU D 174 59.19 3.43 29.87
C LEU D 174 58.01 2.49 29.79
N VAL D 175 57.44 2.33 28.60
CA VAL D 175 56.28 1.46 28.43
C VAL D 175 56.65 -0.01 28.24
N LYS D 176 57.74 -0.29 27.51
CA LYS D 176 58.20 -1.66 27.28
C LYS D 176 57.19 -2.56 26.61
N PRO D 177 56.64 -2.13 25.48
CA PRO D 177 55.67 -2.93 24.76
C PRO D 177 56.29 -4.05 23.93
N ASN D 178 55.55 -5.12 23.73
CA ASN D 178 56.04 -6.21 22.89
C ASN D 178 55.44 -5.99 21.54
N LYS D 179 55.85 -4.93 20.86
CA LYS D 179 55.32 -4.63 19.54
C LYS D 179 56.42 -3.88 18.81
N ASP D 180 56.36 -3.89 17.48
CA ASP D 180 57.35 -3.17 16.69
C ASP D 180 56.84 -1.80 16.34
N ILE D 181 57.70 -0.79 16.49
CA ILE D 181 57.29 0.56 16.16
C ILE D 181 58.15 1.08 15.01
N GLN D 182 57.52 1.55 13.93
CA GLN D 182 58.24 2.12 12.77
C GLN D 182 58.46 3.59 13.03
N THR D 183 59.27 4.24 12.20
CA THR D 183 59.49 5.66 12.39
C THR D 183 58.99 6.37 11.16
N VAL D 184 58.18 7.40 11.37
CA VAL D 184 57.65 8.20 10.27
C VAL D 184 57.65 9.60 10.83
N TYR D 185 58.51 10.46 10.29
CA TYR D 185 58.63 11.83 10.79
C TYR D 185 57.43 12.68 10.42
N ASN D 186 57.25 13.82 11.11
CA ASN D 186 56.13 14.69 10.78
C ASN D 186 56.52 15.52 9.56
N PHE D 187 55.54 16.13 8.94
CA PHE D 187 55.78 16.93 7.77
C PHE D 187 55.12 18.29 7.88
N ILE D 188 55.31 19.10 6.85
CA ILE D 188 54.80 20.45 6.80
C ILE D 188 54.25 20.71 5.42
N ASP D 189 53.20 21.51 5.35
CA ASP D 189 52.60 21.85 4.06
C ASP D 189 53.40 23.00 3.45
N GLU D 190 54.26 22.67 2.49
CA GLU D 190 55.10 23.66 1.82
C GLU D 190 54.25 24.77 1.16
N ARG D 191 53.00 24.43 0.87
CA ARG D 191 52.03 25.33 0.24
C ARG D 191 51.63 26.43 1.26
N VAL D 192 52.20 26.36 2.46
CA VAL D 192 51.93 27.30 3.56
C VAL D 192 53.21 27.93 4.11
N TYR D 193 54.33 27.21 3.97
CA TYR D 193 55.61 27.68 4.47
C TYR D 193 56.65 27.83 3.35
N PHE D 194 56.92 29.07 2.95
CA PHE D 194 57.91 29.36 1.93
C PHE D 194 58.77 30.52 2.40
N LYS D 195 59.88 30.74 1.70
CA LYS D 195 60.79 31.82 2.07
C LYS D 195 60.30 33.23 1.75
N ARG D 196 58.98 33.42 1.59
CA ARG D 196 58.43 34.76 1.33
C ARG D 196 58.98 35.70 2.43
N ASP D 197 58.99 37.02 2.19
CA ASP D 197 59.45 37.98 3.21
C ASP D 197 58.40 39.06 3.47
N MET D 198 57.98 39.16 4.73
CA MET D 198 56.98 40.14 5.16
C MET D 198 57.67 41.45 5.56
N THR D 199 58.39 42.06 4.63
CA THR D 199 59.10 43.30 4.90
C THR D 199 58.08 44.44 5.26
N GLN D 200 56.89 44.39 4.66
CA GLN D 200 55.82 45.36 4.93
C GLN D 200 55.20 45.16 6.33
N LEU D 201 55.25 43.92 6.81
CA LEU D 201 54.72 43.55 8.12
C LEU D 201 55.65 43.98 9.28
N LYS D 202 56.97 43.95 9.06
CA LYS D 202 57.96 44.36 10.07
C LYS D 202 57.62 45.79 10.49
N LYS D 203 57.18 46.56 9.48
CA LYS D 203 56.80 47.95 9.63
C LYS D 203 55.57 48.01 10.55
N GLU D 204 54.60 47.17 10.24
CA GLU D 204 53.36 47.09 11.02
C GLU D 204 53.59 46.67 12.49
N TYR D 205 54.74 46.04 12.76
CA TYR D 205 55.12 45.59 14.12
C TYR D 205 56.12 46.57 14.74
N GLY D 206 56.52 47.57 13.95
CA GLY D 206 57.45 48.57 14.44
C GLY D 206 58.95 48.33 14.51
N ILE D 207 59.44 47.40 13.71
CA ILE D 207 60.84 47.01 13.72
C ILE D 207 61.77 47.30 12.47
N SER D 208 63.07 47.59 12.70
CA SER D 208 64.12 47.86 11.66
C SER D 208 63.64 48.08 10.23
N LYS D 212 67.68 42.81 13.19
CA LYS D 212 67.73 41.35 13.38
C LYS D 212 66.52 40.80 14.20
N ILE D 213 65.90 39.72 13.71
CA ILE D 213 64.74 39.12 14.37
C ILE D 213 64.91 37.66 14.87
N LEU D 214 64.71 37.47 16.18
CA LEU D 214 64.78 36.16 16.82
C LEU D 214 63.37 35.75 17.24
N ILE D 215 62.90 34.62 16.70
CA ILE D 215 61.54 34.13 16.97
C ILE D 215 61.56 32.82 17.77
N HIS D 216 60.64 32.71 18.72
CA HIS D 216 60.50 31.49 19.53
C HIS D 216 59.03 31.15 19.72
N ILE D 217 58.64 29.91 19.43
CA ILE D 217 57.25 29.50 19.58
C ILE D 217 57.11 28.35 20.57
N SER D 218 56.26 28.50 21.58
CA SER D 218 56.04 27.42 22.55
C SER D 218 54.77 27.64 23.35
N ASN D 219 54.48 26.72 24.24
CA ASN D 219 53.29 26.84 25.06
C ASN D 219 53.65 27.37 26.45
N PHE D 220 54.74 28.12 26.53
CA PHE D 220 55.18 28.68 27.79
C PHE D 220 55.03 27.79 29.03
N ARG D 221 55.47 26.54 28.92
CA ARG D 221 55.46 25.58 30.02
C ARG D 221 56.89 25.50 30.54
N LYS D 222 57.07 24.94 31.72
CA LYS D 222 58.40 24.88 32.31
C LYS D 222 59.38 24.07 31.50
N VAL D 223 58.84 23.06 30.83
CA VAL D 223 59.64 22.17 30.01
C VAL D 223 60.25 22.89 28.82
N LYS D 224 59.58 23.93 28.34
CA LYS D 224 60.08 24.69 27.19
C LYS D 224 61.26 25.55 27.58
N ARG D 225 61.42 25.78 28.88
CA ARG D 225 62.50 26.60 29.44
C ARG D 225 62.56 27.96 28.75
N VAL D 226 61.42 28.66 28.69
CA VAL D 226 61.40 29.96 28.02
C VAL D 226 62.36 30.95 28.68
N GLN D 227 62.65 30.73 29.96
CA GLN D 227 63.57 31.61 30.68
C GLN D 227 64.91 31.63 29.97
N ASP D 228 65.39 30.46 29.55
CA ASP D 228 66.67 30.40 28.86
C ASP D 228 66.64 31.12 27.51
N VAL D 229 65.48 31.14 26.86
CA VAL D 229 65.38 31.83 25.58
C VAL D 229 65.56 33.32 25.83
N VAL D 230 65.10 33.77 26.98
CA VAL D 230 65.23 35.18 27.35
C VAL D 230 66.68 35.49 27.76
N GLN D 231 67.24 34.69 28.68
CA GLN D 231 68.63 34.85 29.15
C GLN D 231 69.58 34.97 27.98
N ALA D 232 69.48 34.03 27.06
CA ALA D 232 70.30 34.01 25.88
C ALA D 232 70.10 35.28 25.07
N PHE D 233 68.86 35.77 25.00
CA PHE D 233 68.56 36.99 24.25
C PHE D 233 69.12 38.22 24.94
N ALA D 234 69.09 38.21 26.28
CA ALA D 234 69.60 39.32 27.08
C ALA D 234 71.08 39.53 26.71
N LYS D 235 71.78 38.41 26.53
CA LYS D 235 73.19 38.42 26.17
C LYS D 235 73.35 38.72 24.68
N ILE D 236 72.74 37.88 23.84
CA ILE D 236 72.82 38.03 22.38
C ILE D 236 72.48 39.47 21.91
N VAL D 237 71.75 40.22 22.74
CA VAL D 237 71.33 41.61 22.42
C VAL D 237 72.42 42.68 22.67
N THR D 238 73.26 42.47 23.70
CA THR D 238 74.33 43.42 24.02
C THR D 238 75.29 43.57 22.84
N GLU D 239 75.48 42.52 22.03
CA GLU D 239 76.38 42.58 20.90
C GLU D 239 75.73 42.68 19.52
N VAL D 240 74.40 42.63 19.48
CA VAL D 240 73.64 42.74 18.22
C VAL D 240 72.28 43.36 18.52
N ASP D 241 71.84 44.28 17.67
CA ASP D 241 70.53 44.90 17.89
C ASP D 241 69.47 44.02 17.20
N ALA D 242 68.61 43.43 18.02
CA ALA D 242 67.56 42.56 17.52
C ALA D 242 66.45 42.46 18.54
N LYS D 243 65.26 42.17 18.06
CA LYS D 243 64.11 42.02 18.94
C LYS D 243 63.76 40.51 18.99
N LEU D 244 63.12 40.10 20.08
CA LEU D 244 62.73 38.71 20.29
C LEU D 244 61.21 38.55 20.18
N LEU D 245 60.75 37.71 19.26
CA LEU D 245 59.33 37.45 19.10
C LEU D 245 58.92 36.24 19.96
N LEU D 246 58.15 36.47 21.02
CA LEU D 246 57.71 35.36 21.86
C LEU D 246 56.26 34.98 21.53
N VAL D 247 56.11 34.02 20.62
CA VAL D 247 54.80 33.53 20.21
C VAL D 247 54.32 32.47 21.18
N GLY D 248 53.05 32.52 21.56
CA GLY D 248 52.54 31.53 22.49
C GLY D 248 52.13 32.13 23.82
N ASP D 249 51.42 31.32 24.60
CA ASP D 249 50.95 31.74 25.91
C ASP D 249 50.77 30.48 26.77
N GLY D 250 51.10 30.60 28.04
CA GLY D 250 50.98 29.47 28.95
C GLY D 250 51.18 29.87 30.39
N PRO D 251 51.25 28.89 31.31
CA PRO D 251 51.44 29.15 32.75
C PRO D 251 52.62 30.06 33.11
N GLU D 252 53.79 29.71 32.59
CA GLU D 252 55.03 30.45 32.86
C GLU D 252 55.09 31.82 32.18
N PHE D 253 53.95 32.31 31.72
CA PHE D 253 53.91 33.59 31.04
C PHE D 253 54.33 34.77 31.90
N CYS D 254 53.70 34.89 33.06
CA CYS D 254 53.99 35.99 33.97
C CYS D 254 55.44 36.00 34.39
N THR D 255 55.96 34.83 34.71
CA THR D 255 57.33 34.72 35.12
C THR D 255 58.24 35.25 34.02
N ILE D 256 57.96 34.86 32.79
CA ILE D 256 58.75 35.30 31.65
C ILE D 256 58.57 36.81 31.45
N LEU D 257 57.36 37.28 31.69
CA LEU D 257 57.06 38.70 31.55
C LEU D 257 57.82 39.47 32.61
N GLN D 258 57.87 38.91 33.83
CA GLN D 258 58.58 39.53 34.95
C GLN D 258 60.08 39.56 34.63
N LEU D 259 60.53 38.51 33.94
CA LEU D 259 61.93 38.40 33.58
C LEU D 259 62.35 39.48 32.59
N VAL D 260 61.71 39.52 31.42
CA VAL D 260 62.07 40.53 30.41
C VAL D 260 61.99 41.93 31.04
N LYS D 261 61.18 42.02 32.10
CA LYS D 261 60.90 43.25 32.88
C LYS D 261 62.05 43.77 33.73
N ASN D 262 62.58 42.92 34.60
CA ASN D 262 63.68 43.35 35.46
C ASN D 262 64.99 42.95 34.77
N LEU D 263 64.95 42.90 33.45
CA LEU D 263 66.13 42.59 32.66
C LEU D 263 66.36 43.74 31.70
N HIS D 264 65.48 44.74 31.78
CA HIS D 264 65.54 45.94 30.95
C HIS D 264 65.59 45.69 29.45
N ILE D 265 64.94 44.62 29.03
CA ILE D 265 64.86 44.24 27.62
C ILE D 265 63.40 44.37 27.24
N GLU D 266 62.62 44.85 28.22
CA GLU D 266 61.18 45.04 28.10
C GLU D 266 60.70 45.60 26.75
N ASP D 267 61.40 46.55 26.19
CA ASP D 267 60.91 47.13 24.96
C ASP D 267 61.54 46.38 23.83
N ARG D 268 61.97 45.15 24.07
CA ARG D 268 62.65 44.47 22.98
C ARG D 268 62.13 43.11 22.72
N VAL D 269 61.00 42.84 23.29
CA VAL D 269 60.45 41.54 23.23
C VAL D 269 59.02 41.74 22.91
N LEU D 270 58.49 40.99 21.95
CA LEU D 270 57.11 41.19 21.54
C LEU D 270 56.18 40.16 21.91
N PHE D 271 55.84 40.09 23.15
CA PHE D 271 54.95 39.00 23.42
C PHE D 271 53.86 39.16 22.36
N LEU D 272 53.62 38.11 21.56
CA LEU D 272 52.59 38.18 20.51
C LEU D 272 51.45 37.32 20.98
N GLY D 273 51.58 36.74 22.17
CA GLY D 273 50.51 35.89 22.68
C GLY D 273 50.40 34.68 21.78
N LYS D 274 49.44 33.78 22.00
CA LYS D 274 49.44 32.64 21.11
C LYS D 274 48.84 32.88 19.74
N GLN D 275 49.65 32.72 18.69
CA GLN D 275 49.18 32.90 17.33
C GLN D 275 48.96 31.53 16.74
N ASP D 276 48.29 31.49 15.58
CA ASP D 276 48.01 30.23 14.93
C ASP D 276 48.66 30.20 13.56
N ASN D 277 48.45 31.27 12.79
CA ASN D 277 49.03 31.40 11.46
C ASN D 277 50.43 31.99 11.66
N VAL D 278 51.33 31.19 12.24
CA VAL D 278 52.68 31.64 12.51
C VAL D 278 53.60 31.65 11.29
N ALA D 279 53.07 31.18 10.16
CA ALA D 279 53.84 31.11 8.91
C ALA D 279 54.42 32.46 8.50
N GLU D 280 53.64 33.52 8.66
CA GLU D 280 54.09 34.85 8.29
C GLU D 280 55.16 35.36 9.25
N LEU D 281 55.03 35.03 10.52
CA LEU D 281 56.01 35.47 11.52
C LEU D 281 57.36 34.82 11.26
N LEU D 282 57.39 33.52 11.03
CA LEU D 282 58.65 32.85 10.77
C LEU D 282 59.29 33.42 9.51
N ALA D 283 58.45 33.71 8.51
CA ALA D 283 58.92 34.27 7.25
C ALA D 283 59.81 35.52 7.47
N MET D 284 59.34 36.45 8.32
CA MET D 284 60.10 37.67 8.62
C MET D 284 61.07 37.49 9.79
N SER D 285 61.56 36.26 9.99
CA SER D 285 62.50 35.97 11.08
C SER D 285 63.88 35.61 10.57
N ASP D 286 64.85 35.63 11.48
CA ASP D 286 66.22 35.32 11.10
C ASP D 286 66.78 34.11 11.84
N LEU D 287 66.41 33.97 13.10
CA LEU D 287 66.91 32.86 13.88
C LEU D 287 65.80 32.31 14.79
N MET D 288 65.66 30.98 14.84
CA MET D 288 64.65 30.35 15.70
C MET D 288 65.33 29.71 16.91
N LEU D 289 64.73 29.84 18.08
CA LEU D 289 65.28 29.23 19.30
C LEU D 289 64.33 28.22 19.91
N LEU D 290 64.88 27.10 20.39
CA LEU D 290 64.11 26.02 21.02
C LEU D 290 65.07 25.40 22.02
N LEU D 291 64.96 25.75 23.29
CA LEU D 291 65.88 25.23 24.27
C LEU D 291 65.19 24.49 25.39
N SER D 292 64.25 23.62 25.01
CA SER D 292 63.51 22.86 25.99
C SER D 292 64.24 21.61 26.53
N GLU D 293 63.84 21.15 27.71
CA GLU D 293 64.46 19.97 28.32
C GLU D 293 64.11 18.74 27.55
N LYS D 294 63.05 18.77 26.76
CA LYS D 294 62.79 17.57 26.03
C LYS D 294 61.95 17.77 24.86
N GLU D 295 62.05 16.93 23.87
CA GLU D 295 61.13 17.16 22.84
C GLU D 295 61.34 16.02 21.94
N SER D 296 60.30 15.58 21.28
CA SER D 296 60.40 14.43 20.48
C SER D 296 60.47 14.91 19.12
N PHE D 297 60.10 16.16 18.86
CA PHE D 297 60.26 16.45 17.49
C PHE D 297 60.76 17.60 16.70
N GLY D 298 60.18 18.80 16.83
CA GLY D 298 58.75 19.04 16.96
C GLY D 298 58.77 19.97 15.83
N LEU D 299 57.64 20.19 15.26
CA LEU D 299 57.71 20.92 14.07
C LEU D 299 58.20 22.25 14.14
N VAL D 300 57.98 22.93 15.22
CA VAL D 300 58.23 24.26 14.80
C VAL D 300 59.54 24.25 14.12
N LEU D 301 60.39 23.28 14.42
CA LEU D 301 61.62 23.40 13.77
C LEU D 301 61.40 23.33 12.34
N LEU D 302 60.58 22.42 11.92
CA LEU D 302 60.35 22.33 10.53
C LEU D 302 59.77 23.52 10.00
N GLU D 303 58.69 23.94 10.58
CA GLU D 303 58.08 25.08 9.97
C GLU D 303 59.21 26.05 9.70
N ALA D 304 59.92 26.37 10.75
CA ALA D 304 60.97 27.32 10.65
C ALA D 304 61.91 27.09 9.58
N MET D 305 62.53 25.94 9.63
CA MET D 305 63.54 25.69 8.69
C MET D 305 62.85 25.86 7.42
N ALA D 306 61.79 25.14 7.24
CA ALA D 306 61.12 25.28 6.01
C ALA D 306 61.06 26.68 5.49
N CYS D 307 61.13 27.69 6.33
CA CYS D 307 61.02 29.02 5.79
C CYS D 307 62.34 29.62 5.60
N GLY D 308 63.34 28.78 5.56
CA GLY D 308 64.67 29.28 5.39
C GLY D 308 65.24 29.91 6.64
N VAL D 309 64.66 29.61 7.79
CA VAL D 309 65.15 30.17 9.05
C VAL D 309 65.99 29.18 9.83
N PRO D 310 67.29 29.44 9.98
CA PRO D 310 68.18 28.54 10.75
C PRO D 310 67.77 28.49 12.22
N CYS D 311 67.95 27.33 12.85
CA CYS D 311 67.55 27.15 14.26
C CYS D 311 68.67 26.75 15.21
N ILE D 312 68.49 27.09 16.47
CA ILE D 312 69.47 26.74 17.48
C ILE D 312 68.69 26.03 18.56
N GLY D 313 68.62 24.69 18.49
CA GLY D 313 67.88 23.96 19.51
C GLY D 313 68.73 23.11 20.43
N THR D 314 68.28 22.90 21.66
CA THR D 314 69.03 22.09 22.61
C THR D 314 69.16 20.65 22.07
N ARG D 315 70.27 19.99 22.42
CA ARG D 315 70.54 18.62 21.97
C ARG D 315 69.75 17.69 22.88
N VAL D 316 68.46 17.60 22.60
CA VAL D 316 67.58 16.73 23.35
C VAL D 316 66.86 15.82 22.38
N GLY D 317 66.85 14.53 22.74
CA GLY D 317 66.27 13.48 21.94
C GLY D 317 65.19 13.68 20.92
N GLY D 318 65.52 13.80 19.65
CA GLY D 318 64.52 14.26 18.69
C GLY D 318 64.75 15.59 18.00
N ILE D 319 65.62 16.45 18.54
CA ILE D 319 65.94 17.73 17.91
C ILE D 319 67.08 17.32 16.97
N PRO D 320 68.05 16.54 17.51
CA PRO D 320 69.20 16.06 16.76
C PRO D 320 68.87 15.32 15.49
N GLU D 321 67.64 14.85 15.34
CA GLU D 321 67.31 14.14 14.12
C GLU D 321 66.85 15.11 13.03
N VAL D 322 66.68 16.39 13.37
CA VAL D 322 66.24 17.38 12.38
C VAL D 322 67.31 18.45 12.14
N ILE D 323 68.03 18.80 13.21
CA ILE D 323 69.08 19.81 13.13
C ILE D 323 70.45 19.15 13.12
N GLN D 324 71.17 19.33 12.00
CA GLN D 324 72.54 18.80 11.87
C GLN D 324 73.47 19.97 11.95
N HIS D 325 74.12 19.97 13.09
CA HIS D 325 74.85 21.06 13.55
C HIS D 325 75.72 21.70 12.59
N GLY D 326 75.54 22.96 12.31
CA GLY D 326 76.52 23.55 11.45
C GLY D 326 76.16 23.41 10.03
N ASP D 327 75.30 22.50 9.73
CA ASP D 327 74.96 22.46 8.37
C ASP D 327 73.63 23.14 8.22
N THR D 328 72.68 22.82 9.09
CA THR D 328 71.34 23.41 8.95
C THR D 328 70.90 24.10 10.24
N GLY D 329 71.80 24.19 11.22
CA GLY D 329 71.48 24.83 12.48
C GLY D 329 72.51 24.46 13.52
N TYR D 330 72.25 24.74 14.80
CA TYR D 330 73.22 24.40 15.84
C TYR D 330 72.53 23.76 17.03
N LEU D 331 73.24 22.93 17.78
CA LEU D 331 72.67 22.29 18.96
C LEU D 331 73.48 22.73 20.17
N CYS D 332 73.08 22.35 21.38
CA CYS D 332 73.83 22.74 22.57
C CYS D 332 73.15 22.25 23.83
N GLU D 333 73.91 22.09 24.91
CA GLU D 333 73.34 21.59 26.16
C GLU D 333 72.27 22.50 26.74
N VAL D 334 71.37 21.92 27.52
CA VAL D 334 70.29 22.69 28.13
C VAL D 334 70.87 23.55 29.24
N GLY D 335 70.36 24.78 29.33
CA GLY D 335 70.81 25.72 30.36
C GLY D 335 72.01 26.57 29.96
N ASP D 336 72.61 26.24 28.81
CA ASP D 336 73.78 26.95 28.30
C ASP D 336 73.38 28.27 27.64
N THR D 337 72.72 29.14 28.42
CA THR D 337 72.27 30.44 27.93
C THR D 337 73.42 31.17 27.20
N THR D 338 74.59 31.20 27.85
CA THR D 338 75.78 31.85 27.31
C THR D 338 76.22 31.23 25.96
N GLY D 339 76.39 29.91 25.93
CA GLY D 339 76.80 29.25 24.70
C GLY D 339 75.85 29.50 23.54
N VAL D 340 74.56 29.56 23.85
CA VAL D 340 73.55 29.81 22.81
C VAL D 340 73.72 31.20 22.22
N ALA D 341 73.85 32.18 23.11
CA ALA D 341 74.02 33.59 22.72
C ALA D 341 75.23 33.74 21.80
N ASP D 342 76.33 33.14 22.23
CA ASP D 342 77.60 33.16 21.49
C ASP D 342 77.41 32.60 20.09
N GLN D 343 76.77 31.45 20.03
CA GLN D 343 76.52 30.80 18.76
C GLN D 343 75.64 31.68 17.86
N ALA D 344 74.71 32.40 18.50
CA ALA D 344 73.78 33.29 17.80
C ALA D 344 74.46 34.55 17.24
N ILE D 345 75.08 35.32 18.15
CA ILE D 345 75.78 36.57 17.80
C ILE D 345 76.72 36.30 16.63
N GLN D 346 77.41 35.16 16.66
CA GLN D 346 78.34 34.80 15.60
C GLN D 346 77.63 34.63 14.24
N LEU D 347 76.56 33.84 14.21
CA LEU D 347 75.81 33.58 12.99
C LEU D 347 75.03 34.78 12.47
N LEU D 348 74.69 35.69 13.37
CA LEU D 348 73.92 36.86 12.98
C LEU D 348 74.65 37.91 12.12
N LYS D 349 75.94 38.09 12.37
CA LYS D 349 76.77 39.04 11.61
C LYS D 349 77.33 38.41 10.33
N ASP D 350 77.97 37.25 10.47
CA ASP D 350 78.49 36.55 9.30
C ASP D 350 77.18 36.42 8.49
N GLU D 351 77.13 37.06 7.32
CA GLU D 351 75.90 37.01 6.52
C GLU D 351 76.07 35.92 5.46
N GLU D 352 77.31 35.47 5.32
CA GLU D 352 77.65 34.39 4.38
C GLU D 352 77.07 33.09 4.97
N LEU D 353 77.55 32.76 6.16
CA LEU D 353 77.13 31.57 6.90
C LEU D 353 75.61 31.53 7.07
N HIS D 354 75.02 32.68 7.37
CA HIS D 354 73.58 32.78 7.55
C HIS D 354 72.78 32.53 6.27
N ARG D 355 73.30 32.94 5.11
CA ARG D 355 72.56 32.69 3.85
C ARG D 355 72.68 31.22 3.48
N ASN D 356 73.84 30.63 3.81
CA ASN D 356 74.13 29.23 3.51
C ASN D 356 73.32 28.29 4.39
N MET D 357 73.43 28.49 5.70
CA MET D 357 72.71 27.67 6.67
C MET D 357 71.23 27.72 6.34
N GLY D 358 70.66 28.93 6.25
CA GLY D 358 69.26 29.08 5.93
C GLY D 358 68.86 28.37 4.65
N GLU D 359 69.80 28.21 3.73
CA GLU D 359 69.52 27.52 2.47
C GLU D 359 69.66 26.01 2.69
N ARG D 360 70.76 25.63 3.34
CA ARG D 360 71.04 24.23 3.68
C ARG D 360 69.79 23.68 4.37
N ALA D 361 69.32 24.40 5.40
CA ALA D 361 68.15 24.03 6.19
C ALA D 361 66.91 23.77 5.37
N ARG D 362 66.40 24.77 4.68
CA ARG D 362 65.18 24.56 3.89
C ARG D 362 65.36 23.51 2.80
N GLU D 363 66.58 22.99 2.66
CA GLU D 363 66.84 21.96 1.67
C GLU D 363 66.70 20.59 2.35
N SER D 364 67.45 20.39 3.44
CA SER D 364 67.40 19.12 4.17
C SER D 364 65.97 18.85 4.63
N VAL D 365 65.15 19.91 4.69
CA VAL D 365 63.74 19.79 5.07
C VAL D 365 63.00 19.17 3.88
N TYR D 366 63.16 19.76 2.70
CA TYR D 366 62.52 19.23 1.49
C TYR D 366 62.96 17.79 1.26
N GLU D 367 64.19 17.53 1.68
CA GLU D 367 64.88 16.24 1.57
C GLU D 367 64.37 15.00 2.25
N GLN D 368 64.25 15.09 3.56
CA GLN D 368 63.83 13.98 4.41
C GLN D 368 62.47 14.22 5.07
N PHE D 369 61.94 15.43 4.95
CA PHE D 369 60.63 15.75 5.55
C PHE D 369 59.58 16.21 4.55
N ARG D 370 59.88 16.00 3.27
CA ARG D 370 58.98 16.38 2.19
C ARG D 370 57.56 15.86 2.51
N SER D 371 56.58 16.75 2.52
CA SER D 371 55.22 16.32 2.83
C SER D 371 54.75 15.18 1.92
N GLU D 372 54.87 15.35 0.61
CA GLU D 372 54.44 14.31 -0.32
C GLU D 372 55.18 12.99 -0.08
N LYS D 373 56.40 13.07 0.46
CA LYS D 373 57.19 11.88 0.73
C LYS D 373 56.62 11.10 1.92
N ILE D 374 56.51 11.78 3.07
CA ILE D 374 55.98 11.20 4.29
C ILE D 374 54.57 10.67 4.07
N VAL D 375 53.73 11.46 3.44
CA VAL D 375 52.38 10.99 3.18
C VAL D 375 52.44 9.65 2.46
N SER D 376 53.38 9.48 1.54
CA SER D 376 53.48 8.21 0.84
C SER D 376 53.88 7.04 1.73
N GLN D 377 54.65 7.34 2.79
CA GLN D 377 55.06 6.28 3.70
C GLN D 377 53.83 5.78 4.43
N TYR D 378 53.00 6.71 4.91
CA TYR D 378 51.78 6.34 5.63
C TYR D 378 50.89 5.59 4.66
N GLU D 379 50.84 6.05 3.43
CA GLU D 379 50.03 5.42 2.41
C GLU D 379 50.45 3.97 2.21
N THR D 380 51.75 3.71 2.12
CA THR D 380 52.16 2.33 1.91
C THR D 380 51.92 1.52 3.18
N ILE D 381 52.01 2.16 4.35
CA ILE D 381 51.76 1.43 5.58
C ILE D 381 50.33 0.89 5.62
N TYR D 382 49.38 1.67 5.11
CA TYR D 382 47.98 1.26 5.08
C TYR D 382 47.82 0.07 4.16
N TYR D 383 48.29 0.20 2.94
CA TYR D 383 48.18 -0.87 1.97
C TYR D 383 48.84 -2.13 2.50
N ASP D 384 49.98 -1.97 3.15
CA ASP D 384 50.73 -3.10 3.71
C ASP D 384 49.95 -3.83 4.80
N VAL D 385 49.28 -3.07 5.66
CA VAL D 385 48.54 -3.70 6.73
C VAL D 385 47.35 -4.51 6.22
N LEU D 386 47.18 -4.59 4.90
CA LEU D 386 46.10 -5.38 4.29
C LEU D 386 46.74 -6.51 3.36
N ARG D 387 46.90 -6.25 2.13
N LYS E 15 -50.10 11.81 -74.33
CA LYS E 15 -49.50 12.98 -75.05
C LYS E 15 -48.77 13.98 -74.13
N LEU E 16 -48.02 13.49 -73.13
CA LEU E 16 -47.32 14.38 -72.21
C LEU E 16 -46.00 13.76 -71.77
N LYS E 17 -44.92 14.56 -71.69
CA LYS E 17 -43.62 14.04 -71.25
C LYS E 17 -43.38 14.43 -69.81
N ILE E 18 -43.59 13.49 -68.88
CA ILE E 18 -43.45 13.76 -67.45
C ILE E 18 -42.18 13.17 -66.85
N GLY E 19 -41.58 13.83 -65.88
CA GLY E 19 -40.41 13.27 -65.24
C GLY E 19 -40.73 13.05 -63.76
N ILE E 20 -40.60 11.84 -63.23
CA ILE E 20 -40.89 11.59 -61.81
C ILE E 20 -39.61 11.39 -61.00
N THR E 21 -39.61 11.87 -59.75
CA THR E 21 -38.46 11.72 -58.87
C THR E 21 -38.96 11.25 -57.50
N CYS E 22 -38.37 10.17 -56.98
CA CYS E 22 -38.73 9.64 -55.65
C CYS E 22 -37.73 8.59 -55.13
N TYR E 23 -38.04 7.99 -53.99
CA TYR E 23 -37.17 6.96 -53.38
C TYR E 23 -37.82 5.59 -53.49
N PRO E 24 -37.71 4.91 -54.67
CA PRO E 24 -38.30 3.58 -54.96
C PRO E 24 -38.81 2.62 -53.85
N GLY E 27 -39.61 4.57 -49.40
CA GLY E 27 -40.66 4.40 -48.41
C GLY E 27 -42.07 4.41 -49.00
N GLY E 28 -42.95 5.29 -48.51
CA GLY E 28 -44.31 5.38 -49.02
C GLY E 28 -44.34 6.13 -50.35
N SER E 29 -43.63 7.24 -50.40
CA SER E 29 -43.51 8.09 -51.58
C SER E 29 -43.11 7.33 -52.84
N GLY E 30 -42.15 6.41 -52.68
CA GLY E 30 -41.67 5.63 -53.81
C GLY E 30 -42.77 4.77 -54.38
N VAL E 31 -43.46 4.04 -53.51
CA VAL E 31 -44.54 3.20 -53.98
C VAL E 31 -45.48 4.02 -54.86
N VAL E 32 -45.99 5.11 -54.29
CA VAL E 32 -46.93 5.97 -55.01
C VAL E 32 -46.34 6.57 -56.27
N GLY E 33 -45.18 7.23 -56.13
CA GLY E 33 -44.53 7.84 -57.25
C GLY E 33 -44.35 6.87 -58.40
N THR E 34 -43.83 5.69 -58.08
CA THR E 34 -43.59 4.65 -59.07
C THR E 34 -44.86 4.17 -59.71
N GLU E 35 -45.87 3.91 -58.88
CA GLU E 35 -47.13 3.44 -59.40
C GLU E 35 -47.78 4.51 -60.26
N LEU E 36 -47.71 5.75 -59.80
CA LEU E 36 -48.27 6.85 -60.56
C LEU E 36 -47.64 6.91 -61.95
N GLY E 37 -46.34 6.64 -62.02
CA GLY E 37 -45.64 6.68 -63.30
C GLY E 37 -46.04 5.53 -64.18
N LYS E 38 -46.21 4.37 -63.57
CA LYS E 38 -46.61 3.19 -64.31
C LYS E 38 -47.99 3.46 -64.92
N GLN E 39 -48.93 3.95 -64.11
CA GLN E 39 -50.29 4.26 -64.57
C GLN E 39 -50.28 5.26 -65.71
N LEU E 40 -49.66 6.42 -65.47
CA LEU E 40 -49.55 7.49 -66.47
C LEU E 40 -48.98 6.97 -67.77
N ALA E 41 -48.08 5.99 -67.66
CA ALA E 41 -47.46 5.40 -68.84
C ALA E 41 -48.50 4.64 -69.64
N GLU E 42 -49.26 3.80 -68.97
CA GLU E 42 -50.31 3.01 -69.61
C GLU E 42 -51.31 3.93 -70.31
N ARG E 43 -51.38 5.18 -69.88
CA ARG E 43 -52.31 6.08 -70.53
C ARG E 43 -51.70 6.80 -71.71
N GLY E 44 -50.53 6.31 -72.15
CA GLY E 44 -49.89 6.88 -73.33
C GLY E 44 -48.85 7.98 -73.13
N HIS E 45 -48.70 8.43 -71.90
CA HIS E 45 -47.73 9.48 -71.58
C HIS E 45 -46.35 8.86 -71.61
N GLU E 46 -45.34 9.70 -71.80
CA GLU E 46 -43.96 9.25 -71.81
C GLU E 46 -43.34 9.64 -70.47
N ILE E 47 -43.15 8.66 -69.59
CA ILE E 47 -42.59 8.87 -68.27
C ILE E 47 -41.08 8.69 -68.23
N HIS E 48 -40.41 9.60 -67.52
CA HIS E 48 -38.96 9.59 -67.38
C HIS E 48 -38.58 9.64 -65.92
N PHE E 49 -38.28 8.49 -65.34
CA PHE E 49 -37.89 8.43 -63.95
C PHE E 49 -36.48 8.96 -63.77
N ILE E 50 -36.32 9.98 -62.94
CA ILE E 50 -34.99 10.52 -62.71
C ILE E 50 -34.71 10.26 -61.26
N THR E 51 -34.02 9.16 -60.99
CA THR E 51 -33.70 8.77 -59.63
C THR E 51 -32.62 7.71 -59.58
N SER E 52 -31.69 7.84 -58.63
CA SER E 52 -30.60 6.88 -58.46
C SER E 52 -31.02 5.71 -57.55
N GLY E 53 -31.37 4.57 -58.14
CA GLY E 53 -31.81 3.41 -57.36
C GLY E 53 -32.39 2.35 -58.27
N LEU E 54 -33.45 1.67 -57.80
CA LEU E 54 -34.08 0.63 -58.60
C LEU E 54 -35.62 0.48 -58.43
N PRO E 55 -36.42 1.33 -59.14
CA PRO E 55 -37.90 1.29 -59.06
C PRO E 55 -38.60 0.02 -59.63
N LYS E 60 -42.33 -6.49 -65.66
CA LYS E 60 -42.58 -6.21 -67.09
C LYS E 60 -41.68 -5.06 -67.65
N VAL E 61 -41.89 -4.64 -68.92
CA VAL E 61 -41.12 -3.54 -69.53
C VAL E 61 -42.00 -2.66 -70.46
N TYR E 62 -42.03 -1.36 -70.20
CA TYR E 62 -42.83 -0.44 -71.01
C TYR E 62 -41.92 0.36 -71.93
N PRO E 63 -42.28 0.45 -73.22
CA PRO E 63 -41.49 1.18 -74.23
C PRO E 63 -41.48 2.69 -74.03
N ASN E 64 -42.42 3.16 -73.20
CA ASN E 64 -42.59 4.58 -72.90
C ASN E 64 -42.24 5.01 -71.48
N ILE E 65 -41.41 4.21 -70.80
CA ILE E 65 -40.94 4.52 -69.46
C ILE E 65 -39.43 4.39 -69.49
N TYR E 66 -38.72 5.50 -69.30
CA TYR E 66 -37.26 5.47 -69.32
C TYR E 66 -36.73 5.68 -67.93
N PHE E 67 -35.58 5.09 -67.63
CA PHE E 67 -34.98 5.26 -66.30
C PHE E 67 -33.65 5.95 -66.40
N HIS E 68 -33.52 7.11 -65.79
CA HIS E 68 -32.25 7.83 -65.81
C HIS E 68 -31.73 7.73 -64.39
N GLU E 69 -30.45 7.46 -64.21
CA GLU E 69 -29.98 7.35 -62.85
C GLU E 69 -28.86 8.33 -62.55
N VAL E 70 -28.86 8.85 -61.34
CA VAL E 70 -27.89 9.82 -60.91
C VAL E 70 -26.59 9.17 -60.49
N THR E 71 -25.51 9.47 -61.22
CA THR E 71 -24.20 8.91 -60.89
C THR E 71 -23.36 9.96 -60.17
N VAL E 72 -22.75 9.58 -59.05
CA VAL E 72 -21.92 10.52 -58.29
C VAL E 72 -20.43 10.11 -58.26
N ASN E 73 -19.52 11.01 -57.84
CA ASN E 73 -18.08 10.68 -57.75
C ASN E 73 -17.35 11.38 -56.58
N PHE E 78 -13.37 16.51 -52.11
CA PHE E 78 -14.79 16.58 -51.70
C PHE E 78 -15.15 16.04 -50.32
N GLN E 79 -15.94 16.80 -49.54
CA GLN E 79 -16.43 16.39 -48.19
C GLN E 79 -17.49 15.29 -48.14
N TYR E 80 -18.58 15.53 -48.87
CA TYR E 80 -19.70 14.59 -48.96
C TYR E 80 -20.05 14.51 -50.43
N PRO E 81 -20.40 13.31 -50.92
CA PRO E 81 -20.75 13.14 -52.34
C PRO E 81 -22.00 13.99 -52.66
N PRO E 82 -21.88 15.00 -53.55
CA PRO E 82 -23.02 15.88 -53.89
C PRO E 82 -24.20 15.23 -54.57
N TYR E 83 -24.93 14.35 -53.86
CA TYR E 83 -26.07 13.72 -54.50
C TYR E 83 -27.12 14.75 -54.88
N ASP E 84 -27.35 15.72 -54.02
CA ASP E 84 -28.37 16.70 -54.31
C ASP E 84 -28.05 17.41 -55.61
N LEU E 85 -26.91 18.08 -55.65
CA LEU E 85 -26.46 18.80 -56.83
C LEU E 85 -26.44 17.89 -58.03
N ALA E 86 -25.96 16.68 -57.86
CA ALA E 86 -25.93 15.74 -58.97
C ALA E 86 -27.32 15.46 -59.53
N LEU E 87 -28.28 15.31 -58.63
CA LEU E 87 -29.65 15.03 -59.02
C LEU E 87 -30.23 16.24 -59.74
N ALA E 88 -29.91 17.42 -59.25
CA ALA E 88 -30.38 18.64 -59.87
C ALA E 88 -29.83 18.69 -61.30
N SER E 89 -28.54 18.40 -61.41
CA SER E 89 -27.90 18.42 -62.70
C SER E 89 -28.54 17.45 -63.69
N LYS E 90 -28.84 16.25 -63.24
CA LYS E 90 -29.45 15.25 -64.10
C LYS E 90 -30.88 15.64 -64.48
N MET E 91 -31.62 16.22 -63.54
CA MET E 91 -32.99 16.64 -63.82
C MET E 91 -32.86 17.62 -64.98
N ALA E 92 -32.01 18.62 -64.83
CA ALA E 92 -31.80 19.63 -65.86
C ALA E 92 -31.41 19.02 -67.20
N GLU E 93 -30.45 18.10 -67.17
CA GLU E 93 -30.00 17.47 -68.38
C GLU E 93 -31.14 16.69 -69.05
N VAL E 94 -31.79 15.80 -68.33
CA VAL E 94 -32.88 15.04 -68.91
C VAL E 94 -33.99 15.95 -69.38
N ALA E 95 -34.26 16.97 -68.60
CA ALA E 95 -35.32 17.90 -68.92
C ALA E 95 -35.20 18.49 -70.30
N GLN E 96 -34.09 19.19 -70.56
CA GLN E 96 -33.96 19.82 -71.86
C GLN E 96 -33.58 18.88 -72.98
N ARG E 97 -33.03 17.73 -72.64
CA ARG E 97 -32.67 16.77 -73.67
C ARG E 97 -33.92 16.09 -74.20
N GLU E 98 -34.78 15.61 -73.31
CA GLU E 98 -36.02 14.92 -73.70
C GLU E 98 -37.19 15.88 -73.87
N ASN E 99 -36.94 17.15 -73.57
CA ASN E 99 -37.96 18.18 -73.67
C ASN E 99 -39.19 17.84 -72.86
N LEU E 100 -38.99 17.67 -71.55
CA LEU E 100 -40.05 17.33 -70.61
C LEU E 100 -40.99 18.52 -70.42
N ASP E 101 -42.23 18.22 -70.08
CA ASP E 101 -43.26 19.23 -69.87
C ASP E 101 -43.39 19.51 -68.38
N ILE E 102 -43.58 18.42 -67.63
CA ILE E 102 -43.74 18.48 -66.20
C ILE E 102 -42.62 17.69 -65.52
N LEU E 103 -42.27 18.14 -64.33
CA LEU E 103 -41.28 17.52 -63.50
C LEU E 103 -42.01 17.30 -62.17
N HIS E 104 -42.38 16.05 -61.89
CA HIS E 104 -43.13 15.72 -60.69
C HIS E 104 -42.29 15.08 -59.60
N VAL E 105 -42.17 15.75 -58.51
CA VAL E 105 -41.29 15.29 -57.51
C VAL E 105 -41.98 14.82 -56.29
N HIS E 106 -41.42 13.87 -55.56
CA HIS E 106 -42.11 13.45 -54.40
C HIS E 106 -41.70 13.61 -53.02
N TYR E 107 -40.48 13.75 -52.58
CA TYR E 107 -40.54 14.02 -51.15
C TYR E 107 -40.19 15.48 -51.23
N ALA E 108 -40.20 16.26 -50.18
CA ALA E 108 -39.91 17.68 -50.40
C ALA E 108 -38.47 18.00 -50.42
N ILE E 109 -37.78 17.55 -49.38
CA ILE E 109 -36.33 17.68 -49.33
C ILE E 109 -35.86 16.33 -49.83
N PRO E 110 -34.79 16.31 -50.69
CA PRO E 110 -34.29 17.48 -51.43
C PRO E 110 -34.96 17.82 -52.71
N HIS E 111 -35.61 16.82 -53.30
CA HIS E 111 -36.29 16.94 -54.58
C HIS E 111 -36.92 18.24 -55.04
N ALA E 112 -37.61 18.90 -54.11
CA ALA E 112 -38.23 20.18 -54.39
C ALA E 112 -37.17 21.21 -54.77
N ILE E 113 -36.15 21.35 -53.93
CA ILE E 113 -35.08 22.29 -54.22
C ILE E 113 -34.29 21.87 -55.46
N CYS E 114 -34.08 20.59 -55.65
CA CYS E 114 -33.36 20.13 -56.83
C CYS E 114 -34.10 20.51 -58.09
N ALA E 115 -35.42 20.33 -58.07
CA ALA E 115 -36.21 20.68 -59.24
C ALA E 115 -36.16 22.19 -59.43
N TYR E 116 -36.03 22.96 -58.36
CA TYR E 116 -35.96 24.39 -58.54
C TYR E 116 -34.69 24.75 -59.33
N LEU E 117 -33.54 24.26 -58.86
CA LEU E 117 -32.25 24.47 -59.54
C LEU E 117 -32.31 24.04 -60.99
N ALA E 118 -32.82 22.83 -61.22
CA ALA E 118 -32.96 22.29 -62.55
C ALA E 118 -33.72 23.29 -63.45
N LYS E 119 -34.85 23.78 -62.95
CA LYS E 119 -35.69 24.73 -63.65
C LYS E 119 -34.88 25.98 -63.99
N GLN E 120 -34.25 26.57 -62.98
CA GLN E 120 -33.45 27.77 -63.18
C GLN E 120 -32.34 27.52 -64.17
N MET E 121 -31.75 26.34 -64.12
CA MET E 121 -30.68 25.99 -65.05
C MET E 121 -31.16 25.85 -66.49
N ILE E 122 -32.38 25.41 -66.74
CA ILE E 122 -32.82 25.30 -68.15
C ILE E 122 -33.71 26.47 -68.59
N GLY E 123 -33.49 27.63 -67.97
CA GLY E 123 -34.27 28.81 -68.32
C GLY E 123 -35.75 28.79 -67.96
N GLU E 124 -36.11 27.99 -66.97
CA GLU E 124 -37.49 27.92 -66.51
C GLU E 124 -38.50 27.38 -67.54
N ARG E 125 -38.00 26.63 -68.52
CA ARG E 125 -38.86 26.07 -69.57
C ARG E 125 -39.45 24.72 -69.14
N ILE E 126 -40.02 24.65 -67.94
CA ILE E 126 -40.55 23.39 -67.41
C ILE E 126 -41.46 23.70 -66.21
N LYS E 127 -42.44 22.84 -65.94
CA LYS E 127 -43.36 23.05 -64.79
C LYS E 127 -43.08 22.06 -63.65
N ILE E 128 -42.90 22.58 -62.46
CA ILE E 128 -42.63 21.74 -61.30
C ILE E 128 -43.87 21.40 -60.45
N VAL E 129 -44.08 20.12 -60.19
CA VAL E 129 -45.21 19.68 -59.37
C VAL E 129 -44.63 18.96 -58.16
N THR E 130 -44.89 19.48 -56.97
CA THR E 130 -44.33 18.86 -55.77
C THR E 130 -45.39 18.17 -54.95
N THR E 131 -45.21 16.91 -54.59
CA THR E 131 -46.19 16.24 -53.75
C THR E 131 -45.61 16.03 -52.34
N LEU E 132 -46.31 16.48 -51.31
CA LEU E 132 -45.76 16.31 -49.98
C LEU E 132 -46.27 15.03 -49.45
N HIS E 133 -45.68 14.54 -48.37
CA HIS E 133 -46.01 13.24 -47.80
C HIS E 133 -45.68 13.29 -46.33
N GLY E 134 -45.61 12.20 -45.63
CA GLY E 134 -45.43 12.44 -44.21
C GLY E 134 -44.41 13.18 -43.32
N THR E 135 -43.21 12.66 -43.36
CA THR E 135 -42.04 13.05 -42.60
C THR E 135 -41.38 14.32 -43.16
N ASP E 136 -41.37 14.49 -44.47
CA ASP E 136 -40.76 15.69 -45.07
C ASP E 136 -41.30 16.94 -44.39
N ILE E 137 -42.57 16.92 -44.00
CA ILE E 137 -43.14 18.08 -43.31
C ILE E 137 -43.18 17.79 -41.81
N THR E 138 -43.79 16.66 -41.45
CA THR E 138 -43.93 16.21 -40.06
C THR E 138 -42.63 16.36 -39.28
N VAL E 139 -41.60 15.59 -39.66
CA VAL E 139 -40.33 15.61 -38.94
C VAL E 139 -39.27 16.58 -39.45
N LEU E 140 -39.07 16.62 -40.75
CA LEU E 140 -38.08 17.55 -41.31
C LEU E 140 -38.46 18.99 -41.04
N GLY E 141 -39.70 19.37 -41.41
CA GLY E 141 -40.15 20.73 -41.19
C GLY E 141 -39.93 21.24 -39.78
N SER E 142 -39.80 20.32 -38.83
CA SER E 142 -39.59 20.66 -37.42
C SER E 142 -38.17 21.21 -37.25
N ASP E 143 -37.21 20.65 -37.98
CA ASP E 143 -35.81 21.08 -37.90
C ASP E 143 -35.57 22.49 -38.49
N PRO E 144 -35.19 23.46 -37.64
CA PRO E 144 -34.93 24.84 -38.07
C PRO E 144 -33.84 24.99 -39.14
N SER E 145 -32.93 24.03 -39.18
CA SER E 145 -31.86 24.05 -40.17
C SER E 145 -32.39 23.74 -41.59
N LEU E 146 -33.66 23.37 -41.72
CA LEU E 146 -34.20 23.05 -43.03
C LEU E 146 -35.56 23.66 -43.25
N ASN E 147 -36.01 24.44 -42.27
CA ASN E 147 -37.32 25.03 -42.39
C ASN E 147 -37.46 25.89 -43.63
N ASN E 148 -36.73 27.00 -43.63
CA ASN E 148 -36.73 27.97 -44.74
C ASN E 148 -36.45 27.26 -46.07
N LEU E 149 -35.72 26.17 -46.03
CA LEU E 149 -35.41 25.44 -47.24
C LEU E 149 -36.65 24.73 -47.78
N ILE E 150 -37.41 24.11 -46.89
CA ILE E 150 -38.64 23.43 -47.28
C ILE E 150 -39.66 24.47 -47.75
N ARG E 151 -39.74 25.59 -47.06
CA ARG E 151 -40.67 26.63 -47.45
C ARG E 151 -40.37 27.09 -48.87
N PHE E 152 -39.13 27.53 -49.08
CA PHE E 152 -38.68 28.01 -50.38
C PHE E 152 -39.01 27.00 -51.48
N GLY E 153 -38.73 25.73 -51.21
CA GLY E 153 -39.00 24.69 -52.18
C GLY E 153 -40.46 24.59 -52.55
N ILE E 154 -41.33 24.68 -51.54
CA ILE E 154 -42.77 24.61 -51.76
C ILE E 154 -43.22 25.81 -52.53
N GLU E 155 -42.88 27.00 -52.04
CA GLU E 155 -43.29 28.24 -52.68
C GLU E 155 -42.84 28.36 -54.12
N GLN E 156 -41.68 27.76 -54.44
CA GLN E 156 -41.14 27.83 -55.79
C GLN E 156 -41.69 26.85 -56.77
N SER E 157 -42.37 25.82 -56.28
CA SER E 157 -42.96 24.81 -57.16
C SER E 157 -44.14 25.47 -57.83
N ASP E 158 -44.51 24.99 -59.01
CA ASP E 158 -45.64 25.58 -59.70
C ASP E 158 -46.96 25.09 -59.11
N VAL E 159 -47.03 23.83 -58.74
CA VAL E 159 -48.23 23.25 -58.13
C VAL E 159 -47.72 22.42 -56.96
N VAL E 160 -48.44 22.38 -55.84
CA VAL E 160 -48.01 21.59 -54.68
C VAL E 160 -49.21 20.81 -54.19
N THR E 161 -49.05 19.55 -53.85
CA THR E 161 -50.17 18.77 -53.35
C THR E 161 -49.72 18.02 -52.13
N ALA E 162 -50.68 17.54 -51.34
CA ALA E 162 -50.37 16.76 -50.15
C ALA E 162 -51.28 15.53 -50.20
N VAL E 163 -50.96 14.57 -49.37
CA VAL E 163 -51.67 13.30 -49.36
C VAL E 163 -52.86 13.29 -48.47
N SER E 164 -52.97 14.29 -47.61
CA SER E 164 -54.10 14.35 -46.73
C SER E 164 -54.28 15.78 -46.25
N HIS E 165 -55.52 16.11 -45.86
CA HIS E 165 -55.78 17.44 -45.34
C HIS E 165 -55.03 17.66 -44.06
N SER E 166 -54.81 16.60 -43.30
CA SER E 166 -54.08 16.74 -42.06
C SER E 166 -52.68 17.30 -42.35
N LEU E 167 -52.12 16.82 -43.45
CA LEU E 167 -50.79 17.24 -43.85
C LEU E 167 -50.77 18.70 -44.24
N ILE E 168 -51.75 19.11 -45.05
CA ILE E 168 -51.84 20.50 -45.47
C ILE E 168 -51.97 21.40 -44.24
N ASN E 169 -52.41 20.82 -43.13
CA ASN E 169 -52.55 21.60 -41.94
C ASN E 169 -51.25 21.72 -41.23
N GLU E 170 -50.60 20.58 -41.10
CA GLU E 170 -49.30 20.48 -40.45
C GLU E 170 -48.31 21.37 -41.21
N THR E 171 -48.48 21.42 -42.52
CA THR E 171 -47.62 22.23 -43.35
C THR E 171 -47.74 23.70 -43.06
N HIS E 172 -48.98 24.19 -43.04
CA HIS E 172 -49.19 25.60 -42.79
C HIS E 172 -48.88 25.96 -41.36
N GLU E 173 -48.79 24.96 -40.50
CA GLU E 173 -48.49 25.21 -39.11
C GLU E 173 -46.99 25.31 -38.83
N LEU E 174 -46.22 24.35 -39.33
CA LEU E 174 -44.78 24.30 -39.11
C LEU E 174 -43.96 25.07 -40.13
N VAL E 175 -44.21 24.85 -41.41
CA VAL E 175 -43.45 25.53 -42.46
C VAL E 175 -43.98 26.91 -42.78
N LYS E 176 -45.31 27.09 -42.78
CA LYS E 176 -45.93 28.38 -43.07
C LYS E 176 -45.59 28.98 -44.41
N PRO E 177 -45.78 28.20 -45.48
CA PRO E 177 -45.48 28.68 -46.83
C PRO E 177 -46.56 29.58 -47.38
N ASN E 178 -46.17 30.50 -48.27
CA ASN E 178 -47.15 31.36 -48.91
C ASN E 178 -47.45 30.73 -50.25
N LYS E 179 -48.08 29.57 -50.24
CA LYS E 179 -48.41 28.87 -51.47
C LYS E 179 -49.66 28.07 -51.18
N ASP E 180 -50.40 27.71 -52.23
CA ASP E 180 -51.60 26.90 -52.07
C ASP E 180 -51.27 25.45 -52.24
N ILE E 181 -51.80 24.62 -51.36
CA ILE E 181 -51.55 23.19 -51.48
C ILE E 181 -52.88 22.46 -51.70
N GLN E 182 -52.97 21.66 -52.76
CA GLN E 182 -54.17 20.87 -53.07
C GLN E 182 -54.09 19.56 -52.36
N THR E 183 -55.17 18.80 -52.33
CA THR E 183 -55.11 17.50 -51.67
C THR E 183 -55.37 16.44 -52.70
N VAL E 184 -54.52 15.43 -52.74
CA VAL E 184 -54.68 14.31 -53.66
C VAL E 184 -54.23 13.13 -52.84
N TYR E 185 -55.16 12.24 -52.52
CA TYR E 185 -54.86 11.07 -51.70
C TYR E 185 -54.04 10.04 -52.46
N ASN E 186 -53.40 9.12 -51.72
CA ASN E 186 -52.63 8.08 -52.39
C ASN E 186 -53.58 7.01 -52.87
N PHE E 187 -53.09 6.15 -53.75
CA PHE E 187 -53.91 5.10 -54.27
C PHE E 187 -53.20 3.76 -54.21
N ILE E 188 -53.90 2.73 -54.67
CA ILE E 188 -53.40 1.36 -54.63
C ILE E 188 -53.75 0.71 -55.94
N ASP E 189 -52.89 -0.20 -56.40
CA ASP E 189 -53.13 -0.93 -57.63
C ASP E 189 -54.04 -2.11 -57.31
N GLU E 190 -55.33 -1.97 -57.63
CA GLU E 190 -56.32 -3.02 -57.38
C GLU E 190 -55.92 -4.33 -58.07
N ARG E 191 -55.12 -4.21 -59.12
CA ARG E 191 -54.63 -5.34 -59.92
C ARG E 191 -53.61 -6.16 -59.08
N VAL E 192 -53.38 -5.71 -57.84
CA VAL E 192 -52.44 -6.36 -56.92
C VAL E 192 -53.10 -6.69 -55.56
N TYR E 193 -54.12 -5.92 -55.21
CA TYR E 193 -54.84 -6.12 -53.96
C TYR E 193 -56.30 -6.44 -54.17
N PHE E 194 -56.66 -7.72 -53.98
CA PHE E 194 -58.04 -8.17 -54.10
C PHE E 194 -58.35 -9.07 -52.92
N LYS E 195 -59.64 -9.37 -52.73
CA LYS E 195 -60.07 -10.21 -51.62
C LYS E 195 -59.75 -11.70 -51.77
N ARG E 196 -58.77 -12.05 -52.61
CA ARG E 196 -58.36 -13.45 -52.77
C ARG E 196 -58.08 -14.00 -51.35
N ASP E 197 -58.12 -15.33 -51.17
CA ASP E 197 -57.81 -15.94 -49.86
C ASP E 197 -56.72 -17.01 -49.97
N MET E 198 -55.63 -16.80 -49.23
CA MET E 198 -54.50 -17.72 -49.22
C MET E 198 -54.71 -18.80 -48.15
N THR E 199 -55.79 -19.57 -48.28
CA THR E 199 -56.10 -20.63 -47.32
C THR E 199 -54.97 -21.71 -47.32
N GLN E 200 -54.37 -21.94 -48.49
CA GLN E 200 -53.27 -22.91 -48.64
C GLN E 200 -51.96 -22.41 -47.99
N LEU E 201 -51.83 -21.08 -47.94
CA LEU E 201 -50.66 -20.42 -47.35
C LEU E 201 -50.69 -20.43 -45.80
N LYS E 202 -51.89 -20.33 -45.20
CA LYS E 202 -52.05 -20.35 -43.73
C LYS E 202 -51.42 -21.65 -43.24
N LYS E 203 -51.60 -22.69 -44.04
CA LYS E 203 -51.08 -24.04 -43.77
C LYS E 203 -49.56 -23.96 -43.78
N GLU E 204 -49.01 -23.33 -44.81
CA GLU E 204 -47.57 -23.17 -44.96
C GLU E 204 -46.93 -22.35 -43.83
N TYR E 205 -47.75 -21.57 -43.11
CA TYR E 205 -47.29 -20.72 -41.97
C TYR E 205 -47.64 -21.40 -40.65
N GLY E 206 -48.34 -22.52 -40.75
CA GLY E 206 -48.72 -23.26 -39.56
C GLY E 206 -49.91 -22.87 -38.69
N ILE E 207 -50.86 -22.14 -39.27
CA ILE E 207 -52.00 -21.63 -38.55
C ILE E 207 -53.47 -22.15 -38.88
N SER E 208 -54.35 -22.24 -37.86
CA SER E 208 -55.78 -22.67 -37.97
C SER E 208 -56.23 -23.32 -39.28
N LYS E 212 -58.16 -17.08 -36.10
CA LYS E 212 -58.22 -15.62 -36.31
C LYS E 212 -56.81 -15.01 -36.56
N ILE E 213 -56.70 -14.16 -37.59
CA ILE E 213 -55.42 -13.51 -37.93
C ILE E 213 -55.39 -11.96 -37.84
N LEU E 214 -54.46 -11.45 -37.02
CA LEU E 214 -54.25 -10.01 -36.84
C LEU E 214 -52.91 -9.65 -37.46
N ILE E 215 -52.93 -8.76 -38.46
CA ILE E 215 -51.73 -8.34 -39.17
C ILE E 215 -51.37 -6.88 -38.93
N HIS E 216 -50.09 -6.59 -38.77
CA HIS E 216 -49.60 -5.23 -38.55
C HIS E 216 -48.33 -5.00 -39.36
N ILE E 217 -48.30 -3.93 -40.15
CA ILE E 217 -47.13 -3.64 -40.97
C ILE E 217 -46.52 -2.28 -40.62
N SER E 218 -45.24 -2.23 -40.30
CA SER E 218 -44.58 -0.97 -39.98
C SER E 218 -43.06 -1.10 -40.06
N ASN E 219 -42.37 0.02 -39.80
CA ASN E 219 -40.92 0.01 -39.84
C ASN E 219 -40.36 -0.10 -38.41
N PHE E 220 -41.14 -0.69 -37.52
CA PHE E 220 -40.69 -0.84 -36.13
C PHE E 220 -39.92 0.32 -35.53
N ARG E 221 -40.45 1.53 -35.70
CA ARG E 221 -39.87 2.74 -35.12
C ARG E 221 -40.72 3.11 -33.91
N LYS E 222 -40.20 3.98 -33.06
CA LYS E 222 -40.94 4.33 -31.85
C LYS E 222 -42.27 4.99 -32.12
N VAL E 223 -42.32 5.72 -33.22
CA VAL E 223 -43.51 6.42 -33.61
C VAL E 223 -44.65 5.48 -33.97
N LYS E 224 -44.31 4.28 -34.45
CA LYS E 224 -45.32 3.30 -34.82
C LYS E 224 -45.98 2.69 -33.60
N ARG E 225 -45.31 2.83 -32.45
CA ARG E 225 -45.79 2.31 -31.17
C ARG E 225 -46.12 0.83 -31.28
N VAL E 226 -45.19 0.03 -31.80
CA VAL E 226 -45.47 -1.40 -31.97
C VAL E 226 -45.77 -2.08 -30.64
N GLN E 227 -45.27 -1.50 -29.56
CA GLN E 227 -45.51 -2.05 -28.22
C GLN E 227 -47.00 -2.13 -27.97
N ASP E 228 -47.72 -1.08 -28.33
CA ASP E 228 -49.17 -1.08 -28.13
C ASP E 228 -49.87 -2.13 -28.98
N VAL E 229 -49.33 -2.44 -30.15
CA VAL E 229 -49.94 -3.46 -30.99
C VAL E 229 -49.82 -4.80 -30.30
N VAL E 230 -48.73 -4.97 -29.56
CA VAL E 230 -48.51 -6.20 -28.82
C VAL E 230 -49.41 -6.25 -27.57
N GLN E 231 -49.38 -5.19 -26.76
CA GLN E 231 -50.20 -5.08 -25.54
C GLN E 231 -51.66 -5.41 -25.84
N ALA E 232 -52.19 -4.76 -26.87
CA ALA E 232 -53.55 -4.98 -27.29
C ALA E 232 -53.77 -6.44 -27.68
N PHE E 233 -52.76 -7.04 -28.32
CA PHE E 233 -52.85 -8.45 -28.74
C PHE E 233 -52.79 -9.39 -27.54
N ALA E 234 -51.99 -9.02 -26.54
CA ALA E 234 -51.84 -9.81 -25.32
C ALA E 234 -53.23 -9.97 -24.70
N LYS E 235 -53.98 -8.88 -24.72
CA LYS E 235 -55.33 -8.85 -24.17
C LYS E 235 -56.32 -9.53 -25.13
N ILE E 236 -56.40 -9.01 -26.35
CA ILE E 236 -57.30 -9.52 -27.38
C ILE E 236 -57.19 -11.07 -27.55
N VAL E 237 -56.05 -11.64 -27.14
CA VAL E 237 -55.78 -13.10 -27.24
C VAL E 237 -56.42 -13.95 -26.13
N THR E 238 -56.52 -13.39 -24.91
CA THR E 238 -57.10 -14.11 -23.78
C THR E 238 -58.57 -14.48 -24.07
N GLU E 239 -59.27 -13.67 -24.86
CA GLU E 239 -60.66 -13.95 -25.18
C GLU E 239 -60.94 -14.47 -26.59
N VAL E 240 -59.90 -14.56 -27.41
CA VAL E 240 -60.02 -15.08 -28.79
C VAL E 240 -58.70 -15.73 -29.19
N ASP E 241 -58.76 -16.88 -29.85
CA ASP E 241 -57.53 -17.54 -30.27
C ASP E 241 -57.16 -16.99 -31.65
N ALA E 242 -56.03 -16.29 -31.69
CA ALA E 242 -55.55 -15.69 -32.94
C ALA E 242 -54.06 -15.42 -32.82
N LYS E 243 -53.40 -15.40 -33.97
CA LYS E 243 -51.98 -15.13 -34.02
C LYS E 243 -51.79 -13.70 -34.60
N LEU E 244 -50.67 -13.08 -34.25
CA LEU E 244 -50.35 -11.74 -34.71
C LEU E 244 -49.21 -11.75 -35.72
N LEU E 245 -49.45 -11.24 -36.91
CA LEU E 245 -48.42 -11.18 -37.94
C LEU E 245 -47.69 -9.83 -37.85
N LEU E 246 -46.42 -9.83 -37.43
CA LEU E 246 -45.67 -8.59 -37.36
C LEU E 246 -44.73 -8.46 -38.56
N VAL E 247 -45.20 -7.80 -39.61
CA VAL E 247 -44.44 -7.56 -40.82
C VAL E 247 -43.58 -6.34 -40.65
N GLY E 248 -42.33 -6.41 -41.10
CA GLY E 248 -41.45 -5.26 -40.95
C GLY E 248 -40.28 -5.51 -40.01
N ASP E 249 -39.32 -4.60 -40.05
CA ASP E 249 -38.14 -4.69 -39.22
C ASP E 249 -37.60 -3.28 -39.01
N GLY E 250 -37.10 -3.02 -37.81
CA GLY E 250 -36.57 -1.70 -37.51
C GLY E 250 -35.84 -1.68 -36.17
N PRO E 251 -35.45 -0.49 -35.70
CA PRO E 251 -34.73 -0.33 -34.42
C PRO E 251 -35.40 -0.99 -33.21
N GLU E 252 -36.68 -0.68 -33.00
CA GLU E 252 -37.45 -1.20 -31.88
C GLU E 252 -37.79 -2.68 -31.99
N PHE E 253 -37.09 -3.39 -32.87
CA PHE E 253 -37.36 -4.80 -33.06
C PHE E 253 -37.10 -5.66 -31.84
N CYS E 254 -35.90 -5.53 -31.28
CA CYS E 254 -35.51 -6.31 -30.13
C CYS E 254 -36.43 -6.06 -28.94
N THR E 255 -36.75 -4.80 -28.72
CA THR E 255 -37.62 -4.45 -27.63
C THR E 255 -38.95 -5.17 -27.80
N ILE E 256 -39.49 -5.15 -29.01
CA ILE E 256 -40.76 -5.81 -29.30
C ILE E 256 -40.61 -7.32 -29.14
N LEU E 257 -39.45 -7.83 -29.54
CA LEU E 257 -39.17 -9.25 -29.43
C LEU E 257 -39.10 -9.64 -27.95
N GLN E 258 -38.48 -8.77 -27.16
CA GLN E 258 -38.34 -8.99 -25.71
C GLN E 258 -39.71 -8.94 -25.08
N LEU E 259 -40.58 -8.08 -25.62
CA LEU E 259 -41.92 -7.95 -25.11
C LEU E 259 -42.76 -9.20 -25.33
N VAL E 260 -42.91 -9.63 -26.59
CA VAL E 260 -43.71 -10.82 -26.86
C VAL E 260 -43.17 -12.00 -26.04
N LYS E 261 -41.89 -11.88 -25.69
CA LYS E 261 -41.11 -12.88 -24.92
C LYS E 261 -41.49 -13.04 -23.46
N ASN E 262 -41.48 -11.94 -22.71
CA ASN E 262 -41.82 -12.00 -21.30
C ASN E 262 -43.31 -11.68 -21.17
N LEU E 263 -44.06 -12.00 -22.22
CA LEU E 263 -45.50 -11.80 -22.20
C LEU E 263 -46.15 -13.12 -22.50
N HIS E 264 -45.32 -14.15 -22.67
CA HIS E 264 -45.74 -15.52 -22.94
C HIS E 264 -46.70 -15.68 -24.12
N ILE E 265 -46.51 -14.82 -25.12
CA ILE E 265 -47.31 -14.85 -26.35
C ILE E 265 -46.33 -15.22 -27.45
N GLU E 266 -45.09 -15.50 -27.04
CA GLU E 266 -43.99 -15.85 -27.92
C GLU E 266 -44.36 -16.79 -29.07
N ASP E 267 -45.16 -17.78 -28.83
CA ASP E 267 -45.45 -18.72 -29.91
C ASP E 267 -46.68 -18.25 -30.59
N ARG E 268 -46.99 -16.97 -30.50
CA ARG E 268 -48.23 -16.53 -31.12
C ARG E 268 -48.08 -15.35 -31.99
N VAL E 269 -46.85 -15.04 -32.29
CA VAL E 269 -46.55 -13.88 -33.01
C VAL E 269 -45.58 -14.30 -34.05
N LEU E 270 -45.77 -13.89 -35.29
CA LEU E 270 -44.88 -14.32 -36.35
C LEU E 270 -44.01 -13.33 -36.90
N PHE E 271 -43.00 -12.96 -36.17
CA PHE E 271 -42.23 -11.93 -36.78
C PHE E 271 -41.96 -12.47 -38.19
N LEU E 272 -42.33 -11.71 -39.23
CA LEU E 272 -42.11 -12.16 -40.60
C LEU E 272 -40.98 -11.32 -41.16
N GLY E 273 -40.44 -10.43 -40.33
CA GLY E 273 -39.34 -9.59 -40.81
C GLY E 273 -39.88 -8.68 -41.88
N LYS E 274 -39.06 -7.85 -42.52
CA LYS E 274 -39.68 -6.99 -43.51
C LYS E 274 -39.99 -7.66 -44.85
N GLN E 275 -41.26 -7.70 -45.20
CA GLN E 275 -41.66 -8.29 -46.49
C GLN E 275 -41.95 -7.16 -47.44
N ASP E 276 -42.09 -7.49 -48.71
CA ASP E 276 -42.35 -6.49 -49.72
C ASP E 276 -43.69 -6.77 -50.41
N ASN E 277 -43.89 -8.02 -50.82
CA ASN E 277 -45.12 -8.44 -51.46
C ASN E 277 -46.09 -8.80 -50.32
N VAL E 278 -46.53 -7.80 -49.57
CA VAL E 278 -47.41 -8.03 -48.45
C VAL E 278 -48.87 -8.28 -48.85
N ALA E 279 -49.15 -8.18 -50.15
CA ALA E 279 -50.51 -8.37 -50.67
C ALA E 279 -51.12 -9.72 -50.26
N GLU E 280 -50.30 -10.76 -50.32
CA GLU E 280 -50.76 -12.09 -49.97
C GLU E 280 -51.03 -12.23 -48.48
N LEU E 281 -50.20 -11.58 -47.66
CA LEU E 281 -50.37 -11.64 -46.22
C LEU E 281 -51.66 -10.96 -45.79
N LEU E 282 -51.92 -9.76 -46.32
CA LEU E 282 -53.16 -9.06 -45.96
C LEU E 282 -54.35 -9.90 -46.39
N ALA E 283 -54.25 -10.51 -47.56
CA ALA E 283 -55.32 -11.36 -48.10
C ALA E 283 -55.80 -12.40 -47.07
N MET E 284 -54.85 -13.11 -46.44
CA MET E 284 -55.18 -14.13 -45.43
C MET E 284 -55.29 -13.54 -44.02
N SER E 285 -55.67 -12.26 -43.91
CA SER E 285 -55.81 -11.60 -42.61
C SER E 285 -57.25 -11.26 -42.29
N ASP E 286 -57.49 -10.94 -41.03
CA ASP E 286 -58.84 -10.61 -40.59
C ASP E 286 -58.96 -9.20 -40.03
N LEU E 287 -57.94 -8.76 -39.33
CA LEU E 287 -57.97 -7.43 -38.73
C LEU E 287 -56.59 -6.77 -38.85
N MET E 288 -56.55 -5.49 -39.25
CA MET E 288 -55.29 -4.75 -39.36
C MET E 288 -55.18 -3.76 -38.22
N LEU E 289 -53.99 -3.62 -37.64
CA LEU E 289 -53.77 -2.67 -36.55
C LEU E 289 -52.73 -1.62 -36.92
N LEU E 290 -52.99 -0.37 -36.54
CA LEU E 290 -52.08 0.76 -36.81
C LEU E 290 -52.32 1.73 -35.65
N LEU E 291 -51.45 1.71 -34.65
CA LEU E 291 -51.66 2.56 -33.50
C LEU E 291 -50.52 3.51 -33.26
N SER E 292 -50.05 4.15 -34.34
CA SER E 292 -48.93 5.07 -34.23
C SER E 292 -49.31 6.46 -33.74
N GLU E 293 -48.34 7.20 -33.19
CA GLU E 293 -48.56 8.56 -32.69
C GLU E 293 -48.85 9.49 -33.82
N LYS E 294 -48.46 9.14 -35.03
CA LYS E 294 -48.78 10.07 -36.06
C LYS E 294 -48.76 9.49 -37.39
N GLU E 295 -49.50 10.03 -38.33
CA GLU E 295 -49.34 9.45 -39.59
C GLU E 295 -50.14 10.31 -40.47
N SER E 296 -49.73 10.45 -41.69
CA SER E 296 -50.37 11.37 -42.57
C SER E 296 -51.18 10.53 -43.43
N PHE E 297 -50.94 9.24 -43.51
CA PHE E 297 -51.86 8.61 -44.37
C PHE E 297 -52.62 7.33 -44.36
N GLY E 298 -51.98 6.17 -44.29
CA GLY E 298 -50.73 5.84 -44.96
C GLY E 298 -51.34 4.63 -45.54
N LEU E 299 -50.74 4.16 -46.58
CA LEU E 299 -51.43 3.15 -47.25
C LEU E 299 -51.68 1.94 -46.55
N VAL E 300 -50.82 1.56 -45.67
CA VAL E 300 -51.15 0.21 -45.48
C VAL E 300 -52.61 0.16 -45.24
N LEU E 301 -53.18 1.24 -44.77
CA LEU E 301 -54.56 1.08 -44.51
C LEU E 301 -55.24 0.74 -45.76
N LEU E 302 -54.89 1.42 -46.80
CA LEU E 302 -55.53 1.12 -48.02
C LEU E 302 -55.28 -0.23 -48.44
N GLU E 303 -54.02 -0.58 -48.52
CA GLU E 303 -53.81 -1.89 -49.03
C GLU E 303 -54.79 -2.79 -48.31
N ALA E 304 -54.71 -2.74 -47.00
CA ALA E 304 -55.53 -3.57 -46.20
C ALA E 304 -56.95 -3.56 -46.52
N MET E 305 -57.51 -2.38 -46.44
CA MET E 305 -58.90 -2.27 -46.63
C MET E 305 -59.09 -2.87 -47.97
N ALA E 306 -58.39 -2.32 -48.92
CA ALA E 306 -58.56 -2.86 -50.22
C ALA E 306 -58.71 -4.33 -50.26
N CYS E 307 -58.19 -5.07 -49.30
CA CYS E 307 -58.30 -6.52 -49.42
C CYS E 307 -59.42 -6.99 -48.62
N GLY E 308 -60.32 -6.10 -48.30
CA GLY E 308 -61.46 -6.51 -47.52
C GLY E 308 -61.13 -6.72 -46.06
N VAL E 309 -60.00 -6.19 -45.60
CA VAL E 309 -59.62 -6.34 -44.20
C VAL E 309 -59.91 -5.09 -43.38
N PRO E 310 -60.85 -5.17 -42.42
CA PRO E 310 -61.18 -4.02 -41.58
C PRO E 310 -59.99 -3.61 -40.70
N CYS E 311 -59.86 -2.31 -40.44
CA CYS E 311 -58.73 -1.81 -39.65
C CYS E 311 -59.11 -1.06 -38.38
N ILE E 312 -58.20 -1.07 -37.42
CA ILE E 312 -58.41 -0.36 -36.18
C ILE E 312 -57.20 0.54 -36.00
N GLY E 313 -57.31 1.79 -36.46
CA GLY E 313 -56.18 2.71 -36.32
C GLY E 313 -56.39 3.85 -35.35
N THR E 314 -55.31 4.33 -34.73
CA THR E 314 -55.44 5.44 -33.79
C THR E 314 -55.97 6.68 -34.51
N ARG E 315 -56.71 7.51 -33.79
CA ARG E 315 -57.30 8.74 -34.33
C ARG E 315 -56.21 9.80 -34.37
N VAL E 316 -55.34 9.68 -35.36
CA VAL E 316 -54.27 10.62 -35.54
C VAL E 316 -54.35 11.17 -36.95
N GLY E 317 -54.22 12.50 -37.02
CA GLY E 317 -54.32 13.24 -38.27
C GLY E 317 -54.02 12.67 -39.64
N GLY E 318 -55.02 12.25 -40.38
CA GLY E 318 -54.76 11.44 -41.55
C GLY E 318 -55.24 10.01 -41.59
N ILE E 319 -55.55 9.42 -40.44
CA ILE E 319 -56.06 8.05 -40.39
C ILE E 319 -57.57 8.30 -40.54
N PRO E 320 -58.10 9.29 -39.77
CA PRO E 320 -59.51 9.66 -39.80
C PRO E 320 -60.05 9.99 -41.17
N GLU E 321 -59.18 10.29 -42.13
CA GLU E 321 -59.69 10.60 -43.45
C GLU E 321 -59.88 9.33 -44.29
N VAL E 322 -59.44 8.19 -43.77
CA VAL E 322 -59.59 6.93 -44.51
C VAL E 322 -60.49 5.94 -43.78
N ILE E 323 -60.42 5.97 -42.46
CA ILE E 323 -61.24 5.08 -41.62
C ILE E 323 -62.40 5.84 -41.00
N GLN E 324 -63.62 5.44 -41.39
CA GLN E 324 -64.84 6.05 -40.82
C GLN E 324 -65.43 5.04 -39.91
N HIS E 325 -65.30 5.41 -38.66
CA HIS E 325 -65.53 4.55 -37.57
C HIS E 325 -66.74 3.78 -37.62
N GLY E 326 -66.66 2.47 -37.60
CA GLY E 326 -67.90 1.77 -37.52
C GLY E 326 -68.46 1.49 -38.85
N ASP E 327 -68.01 2.20 -39.84
CA ASP E 327 -68.55 1.84 -41.08
C ASP E 327 -67.50 1.01 -41.80
N THR E 328 -66.25 1.46 -41.76
CA THR E 328 -65.21 0.73 -42.49
C THR E 328 -64.04 0.37 -41.59
N GLY E 329 -64.19 0.64 -40.28
CA GLY E 329 -63.13 0.33 -39.34
C GLY E 329 -63.37 1.06 -38.04
N TYR E 330 -62.40 1.11 -37.14
CA TYR E 330 -62.59 1.82 -35.87
C TYR E 330 -61.39 2.68 -35.55
N LEU E 331 -61.59 3.75 -34.78
CA LEU E 331 -60.49 4.62 -34.39
C LEU E 331 -60.39 4.60 -32.88
N CYS E 332 -59.40 5.26 -32.29
CA CYS E 332 -59.27 5.26 -30.82
C CYS E 332 -58.01 6.01 -30.39
N GLU E 333 -58.01 6.53 -29.18
CA GLU E 333 -56.86 7.29 -28.69
C GLU E 333 -55.58 6.46 -28.63
N VAL E 334 -54.44 7.14 -28.72
CA VAL E 334 -53.16 6.47 -28.67
C VAL E 334 -52.89 6.00 -27.25
N GLY E 335 -52.32 4.79 -27.13
CA GLY E 335 -52.01 4.22 -25.83
C GLY E 335 -53.14 3.41 -25.21
N ASP E 336 -54.32 3.48 -25.82
CA ASP E 336 -55.51 2.77 -25.34
C ASP E 336 -55.46 1.29 -25.72
N THR E 337 -54.41 0.61 -25.26
CA THR E 337 -54.22 -0.81 -25.55
C THR E 337 -55.51 -1.59 -25.23
N THR E 338 -56.06 -1.34 -24.04
CA THR E 338 -57.30 -1.99 -23.57
C THR E 338 -58.49 -1.72 -24.53
N GLY E 339 -58.76 -0.46 -24.80
CA GLY E 339 -59.86 -0.10 -25.69
C GLY E 339 -59.76 -0.75 -27.06
N VAL E 340 -58.54 -0.86 -27.56
CA VAL E 340 -58.32 -1.47 -28.87
C VAL E 340 -58.68 -2.94 -28.83
N ALA E 341 -58.18 -3.63 -27.82
CA ALA E 341 -58.43 -5.06 -27.63
C ALA E 341 -59.93 -5.34 -27.59
N ASP E 342 -60.62 -4.54 -26.78
CA ASP E 342 -62.07 -4.63 -26.59
C ASP E 342 -62.79 -4.50 -27.92
N GLN E 343 -62.40 -3.47 -28.67
CA GLN E 343 -63.00 -3.21 -29.96
C GLN E 343 -62.75 -4.38 -30.91
N ALA E 344 -61.57 -5.00 -30.78
CA ALA E 344 -61.16 -6.12 -31.62
C ALA E 344 -61.92 -7.41 -31.29
N ILE E 345 -61.83 -7.84 -30.03
CA ILE E 345 -62.50 -9.06 -29.54
C ILE E 345 -63.97 -9.04 -29.96
N GLN E 346 -64.59 -7.87 -29.85
CA GLN E 346 -65.99 -7.72 -30.22
C GLN E 346 -66.24 -8.00 -31.70
N LEU E 347 -65.46 -7.34 -32.57
CA LEU E 347 -65.59 -7.50 -34.02
C LEU E 347 -65.17 -8.85 -34.54
N LEU E 348 -64.30 -9.53 -33.80
CA LEU E 348 -63.81 -10.83 -34.24
C LEU E 348 -64.81 -12.00 -34.18
N LYS E 349 -65.69 -11.98 -33.17
CA LYS E 349 -66.72 -13.00 -33.00
C LYS E 349 -67.98 -12.68 -33.84
N ASP E 350 -68.51 -11.46 -33.67
CA ASP E 350 -69.68 -11.06 -34.45
C ASP E 350 -69.11 -11.29 -35.87
N GLU E 351 -69.70 -12.22 -36.63
CA GLU E 351 -69.20 -12.51 -37.97
C GLU E 351 -70.04 -11.73 -38.96
N GLU E 352 -71.16 -11.22 -38.48
CA GLU E 352 -72.05 -10.41 -39.29
C GLU E 352 -71.37 -9.06 -39.53
N LEU E 353 -71.07 -8.37 -38.43
CA LEU E 353 -70.40 -7.08 -38.43
C LEU E 353 -69.08 -7.14 -39.22
N HIS E 354 -68.34 -8.22 -39.02
CA HIS E 354 -67.06 -8.41 -39.69
C HIS E 354 -67.19 -8.60 -41.21
N ARG E 355 -68.26 -9.24 -41.68
CA ARG E 355 -68.43 -9.42 -43.13
C ARG E 355 -68.87 -8.10 -43.75
N ASN E 356 -69.65 -7.33 -42.98
CA ASN E 356 -70.17 -6.03 -43.43
C ASN E 356 -69.08 -4.96 -43.48
N MET E 357 -68.38 -4.81 -42.36
CA MET E 357 -67.31 -3.83 -42.26
C MET E 357 -66.30 -4.11 -43.39
N GLY E 358 -65.80 -5.34 -43.44
CA GLY E 358 -64.85 -5.72 -44.47
C GLY E 358 -65.34 -5.42 -45.88
N GLU E 359 -66.65 -5.42 -46.07
CA GLU E 359 -67.22 -5.12 -47.39
C GLU E 359 -67.33 -3.61 -47.55
N ARG E 360 -67.85 -2.95 -46.51
CA ARG E 360 -68.00 -1.51 -46.47
C ARG E 360 -66.62 -0.90 -46.83
N ALA E 361 -65.60 -1.37 -46.11
CA ALA E 361 -64.21 -0.91 -46.30
C ALA E 361 -63.72 -1.00 -47.72
N ARG E 362 -63.63 -2.20 -48.28
CA ARG E 362 -63.14 -2.33 -49.65
C ARG E 362 -64.00 -1.60 -50.67
N GLU E 363 -65.11 -1.02 -50.20
CA GLU E 363 -65.99 -0.27 -51.09
C GLU E 363 -65.60 1.20 -51.03
N SER E 364 -65.57 1.76 -49.80
CA SER E 364 -65.21 3.17 -49.63
C SER E 364 -63.80 3.41 -50.19
N VAL E 365 -63.02 2.33 -50.33
CA VAL E 365 -61.68 2.41 -50.90
C VAL E 365 -61.83 2.62 -52.41
N TYR E 366 -62.60 1.76 -53.06
CA TYR E 366 -62.83 1.86 -54.50
C TYR E 366 -63.45 3.23 -54.81
N GLU E 367 -64.21 3.71 -53.84
CA GLU E 367 -64.94 4.97 -53.87
C GLU E 367 -64.23 6.30 -54.01
N GLN E 368 -63.35 6.57 -53.04
CA GLN E 368 -62.61 7.81 -52.95
C GLN E 368 -61.11 7.62 -53.16
N PHE E 369 -60.65 6.38 -53.25
CA PHE E 369 -59.23 6.11 -53.46
C PHE E 369 -58.93 5.30 -54.71
N ARG E 370 -59.93 5.18 -55.57
CA ARG E 370 -59.82 4.44 -56.83
C ARG E 370 -58.53 4.88 -57.55
N SER E 371 -57.65 3.94 -57.87
CA SER E 371 -56.42 4.29 -58.55
C SER E 371 -56.68 5.11 -59.83
N GLU E 372 -57.53 4.60 -60.72
CA GLU E 372 -57.81 5.31 -61.96
C GLU E 372 -58.38 6.70 -61.71
N LYS E 373 -59.03 6.89 -60.56
CA LYS E 373 -59.61 8.19 -60.21
C LYS E 373 -58.52 9.20 -59.84
N ILE E 374 -57.69 8.84 -58.86
CA ILE E 374 -56.59 9.67 -58.38
C ILE E 374 -55.63 9.98 -59.52
N VAL E 375 -55.26 8.98 -60.29
CA VAL E 375 -54.37 9.22 -61.40
C VAL E 375 -54.95 10.33 -62.28
N SER E 376 -56.26 10.33 -62.48
CA SER E 376 -56.86 11.37 -63.31
C SER E 376 -56.76 12.77 -62.70
N GLN E 377 -56.72 12.85 -61.37
CA GLN E 377 -56.60 14.13 -60.72
C GLN E 377 -55.23 14.69 -61.02
N TYR E 378 -54.20 13.85 -60.89
CA TYR E 378 -52.83 14.27 -61.16
C TYR E 378 -52.73 14.65 -62.63
N GLU E 379 -53.40 13.87 -63.46
CA GLU E 379 -53.38 14.12 -64.90
C GLU E 379 -53.97 15.51 -65.20
N THR E 380 -55.09 15.86 -64.58
CA THR E 380 -55.65 17.16 -64.87
C THR E 380 -54.78 18.26 -64.26
N ILE E 381 -54.11 17.97 -63.14
CA ILE E 381 -53.25 18.98 -62.55
C ILE E 381 -52.13 19.36 -63.50
N TYR E 382 -51.59 18.38 -64.23
CA TYR E 382 -50.51 18.62 -65.19
C TYR E 382 -51.01 19.52 -66.31
N TYR E 383 -52.11 19.10 -66.93
CA TYR E 383 -52.68 19.85 -68.02
C TYR E 383 -53.01 21.28 -67.59
N ASP E 384 -53.53 21.41 -66.38
CA ASP E 384 -53.89 22.70 -65.82
C ASP E 384 -52.68 23.62 -65.64
N VAL E 385 -51.58 23.07 -65.18
CA VAL E 385 -50.40 23.87 -64.95
C VAL E 385 -49.81 24.40 -66.27
N LEU E 386 -50.47 24.10 -67.39
CA LEU E 386 -50.02 24.60 -68.71
C LEU E 386 -51.17 25.49 -69.37
N ARG E 387 -52.00 24.93 -70.12
N LYS F 15 -15.55 48.66 -42.26
CA LYS F 15 -16.99 49.06 -42.43
C LYS F 15 -17.77 48.16 -43.42
N LEU F 16 -17.55 46.84 -43.39
CA LEU F 16 -18.25 45.93 -44.29
C LEU F 16 -18.53 44.58 -43.62
N LYS F 17 -19.72 44.02 -43.83
CA LYS F 17 -20.05 42.72 -43.22
C LYS F 17 -19.91 41.62 -44.27
N ILE F 18 -18.81 40.89 -44.24
CA ILE F 18 -18.53 39.84 -45.23
C ILE F 18 -18.73 38.44 -44.67
N GLY F 19 -19.19 37.50 -45.51
CA GLY F 19 -19.32 36.14 -45.05
C GLY F 19 -18.42 35.26 -45.90
N ILE F 20 -17.48 34.51 -45.30
CA ILE F 20 -16.59 33.64 -46.08
C ILE F 20 -16.98 32.16 -45.95
N THR F 21 -16.82 31.38 -47.02
CA THR F 21 -17.13 29.97 -47.00
C THR F 21 -15.99 29.21 -47.67
N CYS F 22 -15.46 28.20 -47.00
CA CYS F 22 -14.36 27.37 -47.54
C CYS F 22 -14.11 26.07 -46.73
N TYR F 23 -13.07 25.33 -47.11
CA TYR F 23 -12.73 24.08 -46.41
C TYR F 23 -11.44 24.26 -45.61
N PRO F 24 -11.51 24.86 -44.40
CA PRO F 24 -10.37 25.12 -43.48
C PRO F 24 -8.96 24.45 -43.67
N GLY F 27 -8.06 22.30 -48.00
CA GLY F 27 -6.89 22.26 -48.88
C GLY F 27 -6.22 23.62 -49.06
N GLY F 28 -6.04 24.05 -50.31
CA GLY F 28 -5.42 25.35 -50.58
C GLY F 28 -6.39 26.49 -50.32
N SER F 29 -7.62 26.32 -50.82
CA SER F 29 -8.70 27.28 -50.67
C SER F 29 -8.93 27.73 -49.23
N GLY F 30 -8.90 26.75 -48.32
CA GLY F 30 -9.10 27.04 -46.91
C GLY F 30 -8.04 27.97 -46.36
N VAL F 31 -6.80 27.65 -46.64
CA VAL F 31 -5.71 28.48 -46.17
C VAL F 31 -5.98 29.93 -46.59
N VAL F 32 -6.16 30.14 -47.89
CA VAL F 32 -6.39 31.46 -48.42
C VAL F 32 -7.65 32.12 -47.88
N GLY F 33 -8.77 31.41 -48.00
CA GLY F 33 -10.04 31.91 -47.51
C GLY F 33 -9.95 32.38 -46.07
N THR F 34 -9.38 31.53 -45.22
CA THR F 34 -9.22 31.81 -43.80
C THR F 34 -8.32 32.99 -43.56
N GLU F 35 -7.18 33.01 -44.26
CA GLU F 35 -6.25 34.11 -44.09
C GLU F 35 -6.87 35.40 -44.57
N LEU F 36 -7.57 35.33 -45.71
CA LEU F 36 -8.22 36.51 -46.24
C LEU F 36 -9.19 37.08 -45.22
N GLY F 37 -9.89 36.21 -44.51
CA GLY F 37 -10.85 36.66 -43.50
C GLY F 37 -10.16 37.27 -42.31
N LYS F 38 -9.05 36.67 -41.92
CA LYS F 38 -8.28 37.17 -40.79
C LYS F 38 -7.80 38.60 -41.14
N GLN F 39 -7.21 38.76 -42.33
CA GLN F 39 -6.71 40.06 -42.79
C GLN F 39 -7.83 41.11 -42.82
N LEU F 40 -8.90 40.80 -43.54
CA LEU F 40 -10.07 41.68 -43.66
C LEU F 40 -10.58 42.11 -42.30
N ALA F 41 -10.46 41.21 -41.34
CA ALA F 41 -10.92 41.47 -39.98
C ALA F 41 -10.07 42.55 -39.36
N GLU F 42 -8.74 42.38 -39.45
CA GLU F 42 -7.80 43.34 -38.90
C GLU F 42 -8.02 44.71 -39.52
N ARG F 43 -8.65 44.76 -40.69
CA ARG F 43 -8.90 46.05 -41.30
C ARG F 43 -10.21 46.66 -40.86
N GLY F 44 -10.81 46.08 -39.82
CA GLY F 44 -12.05 46.62 -39.28
C GLY F 44 -13.38 46.07 -39.78
N HIS F 45 -13.30 45.19 -40.78
CA HIS F 45 -14.49 44.59 -41.34
C HIS F 45 -14.99 43.54 -40.37
N GLU F 46 -16.27 43.20 -40.47
CA GLU F 46 -16.86 42.19 -39.62
C GLU F 46 -17.01 40.92 -40.47
N ILE F 47 -16.14 39.94 -40.21
CA ILE F 47 -16.15 38.68 -40.94
C ILE F 47 -17.00 37.60 -40.28
N HIS F 48 -17.75 36.87 -41.08
CA HIS F 48 -18.63 35.81 -40.62
C HIS F 48 -18.36 34.54 -41.36
N PHE F 49 -17.57 33.65 -40.79
CA PHE F 49 -17.26 32.39 -41.44
C PHE F 49 -18.45 31.46 -41.39
N ILE F 50 -18.91 31.01 -42.53
CA ILE F 50 -20.03 30.09 -42.55
C ILE F 50 -19.50 28.82 -43.13
N THR F 51 -19.11 27.91 -42.26
CA THR F 51 -18.54 26.63 -42.67
C THR F 51 -18.51 25.63 -41.52
N SER F 52 -18.86 24.37 -41.83
CA SER F 52 -18.84 23.28 -40.83
C SER F 52 -17.45 22.64 -40.73
N GLY F 53 -16.69 23.02 -39.69
CA GLY F 53 -15.36 22.48 -39.50
C GLY F 53 -14.62 23.25 -38.43
N LEU F 54 -13.31 23.46 -38.62
CA LEU F 54 -12.51 24.20 -37.64
C LEU F 54 -11.36 25.06 -38.22
N PRO F 55 -11.67 26.30 -38.70
CA PRO F 55 -10.66 27.22 -39.27
C PRO F 55 -9.57 27.78 -38.30
N LYS F 60 -5.14 32.96 -31.51
CA LYS F 60 -5.71 34.20 -30.95
C LYS F 60 -7.28 34.28 -31.09
N VAL F 61 -7.90 35.41 -30.71
CA VAL F 61 -9.36 35.60 -30.83
C VAL F 61 -9.73 37.06 -31.23
N TYR F 62 -10.47 37.21 -32.33
CA TYR F 62 -10.87 38.54 -32.80
C TYR F 62 -12.33 38.77 -32.48
N PRO F 63 -12.66 39.94 -31.92
CA PRO F 63 -14.03 40.31 -31.53
C PRO F 63 -14.96 40.53 -32.72
N ASN F 64 -14.35 40.67 -33.90
CA ASN F 64 -15.08 40.93 -35.14
C ASN F 64 -15.04 39.78 -36.16
N ILE F 65 -14.79 38.56 -35.68
CA ILE F 65 -14.79 37.37 -36.54
C ILE F 65 -15.69 36.36 -35.85
N TYR F 66 -16.81 36.02 -36.47
CA TYR F 66 -17.75 35.07 -35.90
C TYR F 66 -17.70 33.77 -36.68
N PHE F 67 -17.93 32.66 -36.00
CA PHE F 67 -17.92 31.37 -36.68
C PHE F 67 -19.28 30.71 -36.60
N HIS F 68 -19.91 30.49 -37.75
CA HIS F 68 -21.21 29.82 -37.78
C HIS F 68 -20.95 28.45 -38.35
N GLU F 69 -21.51 27.40 -37.77
CA GLU F 69 -21.23 26.10 -38.33
C GLU F 69 -22.49 25.38 -38.78
N VAL F 70 -22.36 24.65 -39.87
CA VAL F 70 -23.48 23.94 -40.44
C VAL F 70 -23.72 22.61 -39.74
N THR F 71 -24.89 22.48 -39.12
CA THR F 71 -25.24 21.26 -38.42
C THR F 71 -26.21 20.44 -39.28
N VAL F 72 -25.93 19.15 -39.45
CA VAL F 72 -26.79 18.28 -40.26
C VAL F 72 -27.48 17.17 -39.42
N ASN F 73 -28.49 16.49 -39.96
CA ASN F 73 -29.17 15.39 -39.23
C ASN F 73 -29.67 14.26 -40.16
N PHE F 78 -33.94 9.68 -44.95
CA PHE F 78 -32.91 10.35 -45.78
C PHE F 78 -31.79 9.47 -46.35
N GLN F 79 -31.49 9.63 -47.65
CA GLN F 79 -30.40 8.90 -48.35
C GLN F 79 -28.96 9.31 -48.00
N TYR F 80 -28.69 10.60 -48.15
CA TYR F 80 -27.38 11.18 -47.86
C TYR F 80 -27.66 12.43 -47.04
N PRO F 81 -26.82 12.73 -46.04
CA PRO F 81 -27.03 13.93 -45.21
C PRO F 81 -26.91 15.20 -46.09
N PRO F 82 -28.00 15.98 -46.24
CA PRO F 82 -27.97 17.19 -47.07
C PRO F 82 -27.02 18.30 -46.66
N TYR F 83 -25.72 18.08 -46.73
CA TYR F 83 -24.80 19.12 -46.34
C TYR F 83 -24.95 20.34 -47.24
N ASP F 84 -25.11 20.11 -48.53
CA ASP F 84 -25.23 21.24 -49.44
C ASP F 84 -26.39 22.12 -49.04
N LEU F 85 -27.58 21.55 -49.07
CA LEU F 85 -28.79 22.26 -48.70
C LEU F 85 -28.67 22.88 -47.34
N ALA F 86 -28.10 22.15 -46.40
CA ALA F 86 -27.93 22.69 -45.07
C ALA F 86 -27.05 23.93 -45.05
N LEU F 87 -25.99 23.90 -45.85
CA LEU F 87 -25.07 25.02 -45.94
C LEU F 87 -25.77 26.21 -46.58
N ALA F 88 -26.57 25.93 -47.60
CA ALA F 88 -27.32 26.98 -48.27
C ALA F 88 -28.25 27.63 -47.24
N SER F 89 -28.94 26.79 -46.49
CA SER F 89 -29.85 27.27 -45.49
C SER F 89 -29.17 28.17 -44.45
N LYS F 90 -28.00 27.76 -43.98
CA LYS F 90 -27.28 28.54 -43.00
C LYS F 90 -26.75 29.85 -43.57
N MET F 91 -26.29 29.82 -44.84
CA MET F 91 -25.81 31.03 -45.48
C MET F 91 -26.98 32.00 -45.44
N ALA F 92 -28.14 31.57 -45.92
CA ALA F 92 -29.34 32.40 -45.93
C ALA F 92 -29.69 32.94 -44.56
N GLU F 93 -29.67 32.06 -43.57
CA GLU F 93 -30.02 32.46 -42.22
C GLU F 93 -29.02 33.51 -41.70
N VAL F 94 -27.73 33.21 -41.74
CA VAL F 94 -26.75 34.17 -41.27
C VAL F 94 -26.83 35.46 -42.05
N ALA F 95 -27.02 35.33 -43.36
CA ALA F 95 -27.08 36.49 -44.22
C ALA F 95 -28.07 37.52 -43.78
N GLN F 96 -29.35 37.14 -43.69
CA GLN F 96 -30.34 38.12 -43.32
C GLN F 96 -30.39 38.44 -41.84
N ARG F 97 -29.84 37.56 -41.01
CA ARG F 97 -29.84 37.81 -39.58
C ARG F 97 -28.79 38.86 -39.26
N GLU F 98 -27.57 38.70 -39.78
CA GLU F 98 -26.46 39.61 -39.52
C GLU F 98 -26.41 40.75 -40.54
N ASN F 99 -27.29 40.68 -41.53
CA ASN F 99 -27.36 41.67 -42.58
C ASN F 99 -26.02 41.83 -43.29
N LEU F 100 -25.56 40.73 -43.87
CA LEU F 100 -24.30 40.69 -44.59
C LEU F 100 -24.40 41.45 -45.90
N ASP F 101 -23.27 41.98 -46.36
CA ASP F 101 -23.19 42.75 -47.59
C ASP F 101 -22.73 41.85 -48.72
N ILE F 102 -21.61 41.18 -48.47
CA ILE F 102 -21.00 40.29 -49.42
C ILE F 102 -20.93 38.88 -48.85
N LEU F 103 -21.01 37.92 -49.75
CA LEU F 103 -20.92 36.50 -49.43
C LEU F 103 -19.79 36.00 -50.34
N HIS F 104 -18.62 35.76 -49.76
CA HIS F 104 -17.45 35.31 -50.52
C HIS F 104 -17.16 33.83 -50.39
N VAL F 105 -17.28 33.15 -51.48
CA VAL F 105 -17.17 31.75 -51.41
C VAL F 105 -15.94 31.23 -52.07
N HIS F 106 -15.40 30.10 -51.62
CA HIS F 106 -14.23 29.63 -52.26
C HIS F 106 -14.08 28.42 -53.05
N TYR F 107 -14.78 27.34 -52.95
CA TYR F 107 -14.39 26.44 -54.02
C TYR F 107 -15.61 26.60 -54.87
N ALA F 108 -15.72 26.06 -56.05
CA ALA F 108 -16.93 26.38 -56.82
C ALA F 108 -18.09 25.50 -56.49
N ILE F 109 -17.83 24.21 -56.53
CA ILE F 109 -18.84 23.23 -56.10
C ILE F 109 -18.45 22.94 -54.66
N PRO F 110 -19.44 22.85 -53.74
CA PRO F 110 -20.82 23.31 -53.95
C PRO F 110 -21.09 24.75 -53.68
N HIS F 111 -20.24 25.35 -52.86
CA HIS F 111 -20.38 26.74 -52.43
C HIS F 111 -20.99 27.79 -53.32
N ALA F 112 -20.64 27.76 -54.60
CA ALA F 112 -21.19 28.68 -55.58
C ALA F 112 -22.69 28.49 -55.69
N ILE F 113 -23.13 27.25 -55.91
CA ILE F 113 -24.56 26.98 -56.00
C ILE F 113 -25.26 27.23 -54.66
N CYS F 114 -24.61 26.91 -53.55
CA CYS F 114 -25.22 27.16 -52.26
C CYS F 114 -25.48 28.63 -52.05
N ALA F 115 -24.51 29.46 -52.43
CA ALA F 115 -24.66 30.89 -52.29
C ALA F 115 -25.78 31.36 -53.22
N TYR F 116 -25.96 30.70 -54.35
CA TYR F 116 -27.03 31.12 -55.24
C TYR F 116 -28.38 30.93 -54.54
N LEU F 117 -28.62 29.71 -54.03
CA LEU F 117 -29.84 29.38 -53.30
C LEU F 117 -30.07 30.35 -52.16
N ALA F 118 -29.03 30.56 -51.35
CA ALA F 118 -29.10 31.47 -50.23
C ALA F 118 -29.61 32.85 -50.69
N LYS F 119 -29.01 33.36 -51.76
CA LYS F 119 -29.37 34.65 -52.34
C LYS F 119 -30.84 34.65 -52.71
N GLN F 120 -31.25 33.67 -53.50
CA GLN F 120 -32.65 33.56 -53.93
C GLN F 120 -33.58 33.46 -52.75
N MET F 121 -33.15 32.75 -51.70
CA MET F 121 -33.96 32.61 -50.51
C MET F 121 -34.12 33.92 -49.73
N ILE F 122 -33.13 34.82 -49.73
CA ILE F 122 -33.30 36.06 -48.98
C ILE F 122 -33.66 37.25 -49.88
N GLY F 123 -34.34 36.95 -50.99
CA GLY F 123 -34.76 37.99 -51.91
C GLY F 123 -33.66 38.71 -52.67
N GLU F 124 -32.50 38.06 -52.83
CA GLU F 124 -31.40 38.64 -53.58
C GLU F 124 -30.79 39.90 -52.96
N ARG F 125 -30.98 40.09 -51.67
CA ARG F 125 -30.45 41.26 -50.96
C ARG F 125 -29.01 41.03 -50.48
N ILE F 126 -28.14 40.53 -51.36
CA ILE F 126 -26.76 40.21 -50.99
C ILE F 126 -25.93 40.05 -52.26
N LYS F 127 -24.63 40.28 -52.19
CA LYS F 127 -23.73 40.14 -53.35
C LYS F 127 -22.83 38.91 -53.24
N ILE F 128 -22.83 38.06 -54.24
CA ILE F 128 -22.00 36.86 -54.23
C ILE F 128 -20.66 37.01 -54.97
N VAL F 129 -19.57 36.66 -54.30
CA VAL F 129 -18.24 36.72 -54.90
C VAL F 129 -17.69 35.30 -54.90
N THR F 130 -17.41 34.76 -56.06
CA THR F 130 -16.90 33.40 -56.13
C THR F 130 -15.46 33.35 -56.53
N THR F 131 -14.60 32.67 -55.78
CA THR F 131 -13.19 32.56 -56.18
C THR F 131 -12.90 31.14 -56.64
N LEU F 132 -12.34 30.96 -57.84
CA LEU F 132 -12.09 29.62 -58.31
C LEU F 132 -10.71 29.28 -57.92
N HIS F 133 -10.35 28.01 -57.98
CA HIS F 133 -9.06 27.51 -57.52
C HIS F 133 -8.75 26.26 -58.31
N GLY F 134 -7.81 25.47 -57.93
CA GLY F 134 -7.54 24.39 -58.87
C GLY F 134 -8.36 23.27 -59.54
N THR F 135 -8.81 22.36 -58.69
CA THR F 135 -9.53 21.14 -58.99
C THR F 135 -11.01 21.41 -59.31
N ASP F 136 -11.63 22.38 -58.63
CA ASP F 136 -13.04 22.67 -58.91
C ASP F 136 -13.26 22.86 -60.40
N ILE F 137 -12.29 23.43 -61.09
CA ILE F 137 -12.41 23.59 -62.54
C ILE F 137 -11.63 22.49 -63.25
N THR F 138 -10.35 22.37 -62.89
CA THR F 138 -9.44 21.36 -63.45
C THR F 138 -10.08 19.98 -63.53
N VAL F 139 -10.38 19.39 -62.37
CA VAL F 139 -10.94 18.04 -62.34
C VAL F 139 -12.46 17.92 -62.31
N LEU F 140 -13.11 18.73 -61.50
CA LEU F 140 -14.57 18.69 -61.45
C LEU F 140 -15.18 19.09 -62.78
N GLY F 141 -14.77 20.26 -63.29
CA GLY F 141 -15.31 20.74 -64.56
C GLY F 141 -15.25 19.72 -65.68
N SER F 142 -14.35 18.73 -65.54
CA SER F 142 -14.18 17.68 -66.53
C SER F 142 -15.40 16.75 -66.50
N ASP F 143 -15.92 16.49 -65.30
CA ASP F 143 -17.08 15.62 -65.12
C ASP F 143 -18.40 16.21 -65.68
N PRO F 144 -18.97 15.59 -66.73
CA PRO F 144 -20.22 16.06 -67.36
C PRO F 144 -21.42 16.12 -66.41
N SER F 145 -21.38 15.33 -65.36
CA SER F 145 -22.46 15.32 -64.38
C SER F 145 -22.45 16.60 -63.52
N LEU F 146 -21.44 17.45 -63.66
CA LEU F 146 -21.38 18.65 -62.86
C LEU F 146 -20.99 19.85 -63.68
N ASN F 147 -20.85 19.66 -64.98
CA ASN F 147 -20.43 20.74 -65.83
C ASN F 147 -21.38 21.93 -65.75
N ASN F 148 -22.59 21.72 -66.26
CA ASN F 148 -23.65 22.72 -66.28
C ASN F 148 -23.88 23.32 -64.89
N LEU F 149 -23.60 22.54 -63.85
CA LEU F 149 -23.78 23.01 -62.50
C LEU F 149 -22.72 24.04 -62.15
N ILE F 150 -21.48 23.77 -62.53
CA ILE F 150 -20.37 24.69 -62.28
C ILE F 150 -20.58 25.96 -63.11
N ARG F 151 -21.01 25.79 -64.35
CA ARG F 151 -21.25 26.94 -65.21
C ARG F 151 -22.29 27.86 -64.58
N PHE F 152 -23.46 27.29 -64.29
CA PHE F 152 -24.57 28.03 -63.69
C PHE F 152 -24.10 28.78 -62.44
N GLY F 153 -23.34 28.10 -61.60
CA GLY F 153 -22.84 28.71 -60.38
C GLY F 153 -21.97 29.93 -60.65
N ILE F 154 -21.08 29.81 -61.63
CA ILE F 154 -20.20 30.89 -62.00
C ILE F 154 -21.00 32.04 -62.56
N GLU F 155 -21.82 31.75 -63.57
CA GLU F 155 -22.62 32.77 -64.23
C GLU F 155 -23.53 33.52 -63.27
N GLN F 156 -24.00 32.84 -62.23
CA GLN F 156 -24.92 33.44 -61.27
C GLN F 156 -24.28 34.27 -60.20
N SER F 157 -22.97 34.12 -60.02
CA SER F 157 -22.27 34.89 -59.00
C SER F 157 -22.18 36.31 -59.51
N ASP F 158 -22.09 37.28 -58.62
CA ASP F 158 -22.00 38.66 -59.06
C ASP F 158 -20.60 39.01 -59.55
N VAL F 159 -19.58 38.47 -58.90
CA VAL F 159 -18.20 38.70 -59.31
C VAL F 159 -17.52 37.33 -59.23
N VAL F 160 -16.60 37.02 -60.14
CA VAL F 160 -15.93 35.72 -60.10
C VAL F 160 -14.46 35.99 -60.29
N THR F 161 -13.58 35.32 -59.54
CA THR F 161 -12.15 35.54 -59.71
C THR F 161 -11.48 34.19 -59.74
N ALA F 162 -10.24 34.15 -60.23
CA ALA F 162 -9.47 32.92 -60.27
C ALA F 162 -8.11 33.26 -59.70
N VAL F 163 -7.35 32.22 -59.39
CA VAL F 163 -6.05 32.39 -58.77
C VAL F 163 -4.93 32.54 -59.74
N SER F 164 -5.21 32.25 -61.01
CA SER F 164 -4.17 32.38 -62.00
C SER F 164 -4.81 32.51 -63.37
N HIS F 165 -4.09 33.15 -64.30
CA HIS F 165 -4.61 33.27 -65.65
C HIS F 165 -4.76 31.91 -66.29
N SER F 166 -3.91 30.96 -65.90
CA SER F 166 -4.00 29.64 -66.48
C SER F 166 -5.38 29.06 -66.16
N LEU F 167 -5.85 29.34 -64.96
CA LEU F 167 -7.13 28.84 -64.51
C LEU F 167 -8.26 29.46 -65.32
N ILE F 168 -8.22 30.78 -65.48
CA ILE F 168 -9.23 31.47 -66.26
C ILE F 168 -9.26 30.91 -67.68
N ASN F 169 -8.19 30.28 -68.09
CA ASN F 169 -8.15 29.72 -69.41
C ASN F 169 -8.80 28.38 -69.43
N GLU F 170 -8.42 27.58 -68.45
CA GLU F 170 -8.95 26.24 -68.27
C GLU F 170 -10.47 26.33 -68.08
N THR F 171 -10.88 27.37 -67.41
CA THR F 171 -12.30 27.59 -67.14
C THR F 171 -13.09 27.82 -68.41
N HIS F 172 -12.60 28.74 -69.24
CA HIS F 172 -13.30 29.05 -70.47
C HIS F 172 -13.20 27.91 -71.46
N GLU F 173 -12.27 27.00 -71.22
CA GLU F 173 -12.11 25.89 -72.12
C GLU F 173 -13.03 24.72 -71.80
N LEU F 174 -13.07 24.33 -70.53
CA LEU F 174 -13.88 23.20 -70.07
C LEU F 174 -15.33 23.56 -69.70
N VAL F 175 -15.49 24.58 -68.88
CA VAL F 175 -16.83 24.99 -68.45
C VAL F 175 -17.53 25.90 -69.44
N LYS F 176 -16.79 26.82 -70.07
CA LYS F 176 -17.35 27.75 -71.05
C LYS F 176 -18.48 28.62 -70.54
N PRO F 177 -18.25 29.31 -69.43
CA PRO F 177 -19.27 30.18 -68.86
C PRO F 177 -19.39 31.51 -69.56
N ASN F 178 -20.57 32.10 -69.54
CA ASN F 178 -20.76 33.42 -70.14
C ASN F 178 -20.67 34.41 -69.01
N LYS F 179 -19.47 34.54 -68.44
CA LYS F 179 -19.28 35.47 -67.33
C LYS F 179 -17.82 35.89 -67.41
N ASP F 180 -17.50 37.04 -66.81
CA ASP F 180 -16.13 37.53 -66.79
C ASP F 180 -15.45 37.09 -65.53
N ILE F 181 -14.22 36.60 -65.66
CA ILE F 181 -13.48 36.19 -64.48
C ILE F 181 -12.23 37.05 -64.33
N GLN F 182 -12.04 37.67 -63.16
CA GLN F 182 -10.85 38.50 -62.89
C GLN F 182 -9.77 37.62 -62.34
N THR F 183 -8.56 38.13 -62.23
CA THR F 183 -7.49 37.31 -61.68
C THR F 183 -7.01 37.97 -60.41
N VAL F 184 -6.90 37.18 -59.35
CA VAL F 184 -6.41 37.67 -58.06
C VAL F 184 -5.61 36.51 -57.55
N TYR F 185 -4.29 36.69 -57.46
CA TYR F 185 -3.41 35.63 -57.01
C TYR F 185 -3.53 35.36 -55.51
N ASN F 186 -3.06 34.20 -55.06
CA ASN F 186 -3.13 33.91 -53.64
C ASN F 186 -1.98 34.61 -52.94
N PHE F 187 -2.07 34.72 -51.63
CA PHE F 187 -1.03 35.37 -50.88
C PHE F 187 -0.58 34.54 -49.69
N ILE F 188 0.39 35.07 -48.97
CA ILE F 188 0.98 34.39 -47.83
C ILE F 188 1.15 35.39 -46.71
N ASP F 189 1.01 34.92 -45.48
CA ASP F 189 1.18 35.78 -44.31
C ASP F 189 2.67 35.88 -44.00
N GLU F 190 3.30 36.99 -44.41
CA GLU F 190 4.72 37.22 -44.18
C GLU F 190 5.07 37.13 -42.69
N ARG F 191 4.08 37.36 -41.84
CA ARG F 191 4.20 37.33 -40.39
C ARG F 191 4.41 35.88 -39.92
N VAL F 192 4.42 34.95 -40.89
CA VAL F 192 4.60 33.51 -40.63
C VAL F 192 5.75 32.91 -41.44
N TYR F 193 6.05 33.53 -42.59
CA TYR F 193 7.12 33.07 -43.46
C TYR F 193 8.21 34.11 -43.66
N PHE F 194 9.35 33.90 -43.01
CA PHE F 194 10.49 34.79 -43.14
C PHE F 194 11.73 33.95 -43.32
N LYS F 195 12.84 34.61 -43.70
CA LYS F 195 14.10 33.90 -43.93
C LYS F 195 14.82 33.43 -42.66
N ARG F 196 14.10 33.29 -41.54
CA ARG F 196 14.71 32.80 -40.31
C ARG F 196 15.44 31.47 -40.65
N ASP F 197 16.40 31.05 -39.82
CA ASP F 197 17.10 29.77 -40.07
C ASP F 197 17.07 28.86 -38.83
N MET F 198 16.52 27.67 -39.01
CA MET F 198 16.40 26.70 -37.92
C MET F 198 17.66 25.82 -37.88
N THR F 199 18.81 26.43 -37.66
CA THR F 199 20.07 25.70 -37.61
C THR F 199 20.05 24.70 -36.41
N GLN F 200 19.38 25.07 -35.32
CA GLN F 200 19.25 24.22 -34.13
C GLN F 200 18.33 23.01 -34.37
N LEU F 201 17.38 23.20 -35.30
CA LEU F 201 16.40 22.17 -35.68
C LEU F 201 17.03 21.09 -36.60
N LYS F 202 17.96 21.49 -37.48
CA LYS F 202 18.64 20.55 -38.40
C LYS F 202 19.28 19.46 -37.54
N LYS F 203 19.77 19.91 -36.38
CA LYS F 203 20.44 19.04 -35.40
C LYS F 203 19.40 18.05 -34.88
N GLU F 204 18.23 18.58 -34.50
CA GLU F 204 17.14 17.77 -33.98
C GLU F 204 16.62 16.73 -35.00
N TYR F 205 16.90 16.96 -36.29
CA TYR F 205 16.48 16.05 -37.38
C TYR F 205 17.66 15.19 -37.84
N GLY F 206 18.81 15.45 -37.24
CA GLY F 206 20.01 14.67 -37.56
C GLY F 206 20.84 14.96 -38.82
N ILE F 207 20.75 16.16 -39.33
CA ILE F 207 21.43 16.53 -40.56
C ILE F 207 22.59 17.63 -40.55
N SER F 208 23.61 17.46 -41.44
CA SER F 208 24.78 18.39 -41.60
C SER F 208 24.99 19.45 -40.53
N LYS F 212 23.32 19.99 -47.58
CA LYS F 212 22.29 20.53 -48.50
C LYS F 212 20.89 19.92 -48.26
N ILE F 213 19.87 20.77 -48.21
CA ILE F 213 18.48 20.32 -47.98
C ILE F 213 17.47 20.61 -49.11
N LEU F 214 16.84 19.54 -49.62
CA LEU F 214 15.82 19.62 -50.67
C LEU F 214 14.48 19.25 -50.05
N ILE F 215 13.53 20.19 -50.09
CA ILE F 215 12.20 20.00 -49.51
C ILE F 215 11.10 19.94 -50.56
N HIS F 216 10.15 19.04 -50.38
CA HIS F 216 9.01 18.90 -51.28
C HIS F 216 7.72 18.68 -50.49
N ILE F 217 6.70 19.48 -50.77
CA ILE F 217 5.43 19.34 -50.05
C ILE F 217 4.27 19.02 -50.99
N SER F 218 3.54 17.95 -50.72
CA SER F 218 2.39 17.60 -51.57
C SER F 218 1.46 16.62 -50.86
N ASN F 219 0.39 16.24 -51.53
CA ASN F 219 -0.56 15.30 -50.96
C ASN F 219 -0.30 13.91 -51.53
N PHE F 220 0.92 13.63 -51.92
CA PHE F 220 1.26 12.33 -52.47
C PHE F 220 0.21 11.66 -53.37
N ARG F 221 -0.30 12.43 -54.32
CA ARG F 221 -1.26 11.93 -55.31
C ARG F 221 -0.49 11.72 -56.61
N LYS F 222 -1.07 10.98 -57.55
CA LYS F 222 -0.36 10.70 -58.79
C LYS F 222 -0.05 11.94 -59.59
N VAL F 223 -0.93 12.93 -59.48
CA VAL F 223 -0.77 14.16 -60.20
C VAL F 223 0.45 14.95 -59.73
N LYS F 224 0.84 14.76 -58.48
CA LYS F 224 2.00 15.47 -57.94
C LYS F 224 3.29 14.89 -58.48
N ARG F 225 3.20 13.67 -59.02
CA ARG F 225 4.35 12.95 -59.59
C ARG F 225 5.51 12.90 -58.59
N VAL F 226 5.24 12.46 -57.37
CA VAL F 226 6.30 12.41 -56.36
C VAL F 226 7.44 11.50 -56.79
N GLN F 227 7.15 10.54 -57.66
CA GLN F 227 8.18 9.63 -58.14
C GLN F 227 9.29 10.43 -58.80
N ASP F 228 8.92 11.42 -59.61
CA ASP F 228 9.93 12.23 -60.28
C ASP F 228 10.77 13.03 -59.29
N VAL F 229 10.18 13.43 -58.16
CA VAL F 229 10.91 14.20 -57.18
C VAL F 229 12.00 13.30 -56.60
N VAL F 230 11.68 12.01 -56.50
CA VAL F 230 12.64 11.05 -55.97
C VAL F 230 13.73 10.74 -57.03
N GLN F 231 13.31 10.41 -58.26
CA GLN F 231 14.23 10.12 -59.37
C GLN F 231 15.28 11.22 -59.50
N ALA F 232 14.80 12.45 -59.55
CA ALA F 232 15.67 13.61 -59.66
C ALA F 232 16.62 13.68 -58.47
N PHE F 233 16.13 13.31 -57.29
CA PHE F 233 16.97 13.34 -56.08
C PHE F 233 18.00 12.22 -56.10
N ALA F 234 17.61 11.06 -56.65
CA ALA F 234 18.51 9.91 -56.76
C ALA F 234 19.75 10.35 -57.55
N LYS F 235 19.50 11.13 -58.59
CA LYS F 235 20.57 11.65 -59.44
C LYS F 235 21.28 12.83 -58.77
N ILE F 236 20.53 13.86 -58.43
CA ILE F 236 21.06 15.06 -57.80
C ILE F 236 21.95 14.73 -56.56
N VAL F 237 21.76 13.55 -55.97
CA VAL F 237 22.50 13.11 -54.78
C VAL F 237 23.90 12.53 -55.08
N THR F 238 24.06 11.86 -56.23
CA THR F 238 25.34 11.28 -56.62
C THR F 238 26.42 12.37 -56.74
N GLU F 239 26.03 13.58 -57.10
CA GLU F 239 27.00 14.67 -57.25
C GLU F 239 26.99 15.73 -56.14
N VAL F 240 26.06 15.60 -55.19
CA VAL F 240 25.97 16.53 -54.05
C VAL F 240 25.39 15.77 -52.86
N ASP F 241 25.95 16.01 -51.67
CA ASP F 241 25.42 15.33 -50.48
C ASP F 241 24.29 16.20 -49.92
N ALA F 242 23.08 15.65 -49.96
CA ALA F 242 21.91 16.35 -49.47
C ALA F 242 20.82 15.35 -49.16
N LYS F 243 19.94 15.74 -48.24
CA LYS F 243 18.82 14.89 -47.86
C LYS F 243 17.54 15.51 -48.46
N LEU F 244 16.53 14.67 -48.69
CA LEU F 244 15.26 15.10 -49.25
C LEU F 244 14.15 15.06 -48.20
N LEU F 245 13.52 16.20 -47.95
CA LEU F 245 12.41 16.25 -46.98
C LEU F 245 11.08 16.03 -47.72
N LEU F 246 10.43 14.89 -47.49
CA LEU F 246 9.14 14.63 -48.13
C LEU F 246 7.99 14.89 -47.15
N VAL F 247 7.47 16.11 -47.19
CA VAL F 247 6.37 16.52 -46.33
C VAL F 247 5.05 16.11 -46.98
N GLY F 248 4.12 15.59 -46.19
CA GLY F 248 2.85 15.18 -46.76
C GLY F 248 2.62 13.68 -46.70
N ASP F 249 1.38 13.28 -46.97
CA ASP F 249 0.99 11.89 -46.95
C ASP F 249 -0.21 11.72 -47.87
N GLY F 250 -0.25 10.61 -48.58
CA GLY F 250 -1.34 10.35 -49.49
C GLY F 250 -1.32 8.94 -50.03
N PRO F 251 -2.19 8.62 -51.00
CA PRO F 251 -2.27 7.28 -51.60
C PRO F 251 -0.95 6.70 -52.11
N GLU F 252 -0.25 7.48 -52.95
CA GLU F 252 1.03 7.08 -53.54
C GLU F 252 2.19 7.02 -52.54
N PHE F 253 1.87 7.01 -51.26
CA PHE F 253 2.91 6.98 -50.23
C PHE F 253 3.76 5.74 -50.26
N CYS F 254 3.11 4.58 -50.23
CA CYS F 254 3.82 3.31 -50.22
C CYS F 254 4.70 3.15 -51.43
N THR F 255 4.16 3.50 -52.59
CA THR F 255 4.90 3.39 -53.82
C THR F 255 6.17 4.23 -53.71
N ILE F 256 6.05 5.44 -53.21
CA ILE F 256 7.20 6.33 -53.04
C ILE F 256 8.16 5.76 -52.01
N LEU F 257 7.59 5.15 -50.98
CA LEU F 257 8.40 4.55 -49.92
C LEU F 257 9.16 3.36 -50.50
N GLN F 258 8.49 2.58 -51.35
CA GLN F 258 9.10 1.42 -52.01
C GLN F 258 10.20 1.90 -52.94
N LEU F 259 9.99 3.06 -53.55
CA LEU F 259 10.95 3.62 -54.47
C LEU F 259 12.24 4.04 -53.76
N VAL F 260 12.14 4.92 -52.78
CA VAL F 260 13.35 5.37 -52.05
C VAL F 260 14.09 4.13 -51.50
N LYS F 261 13.32 3.07 -51.31
CA LYS F 261 13.77 1.77 -50.77
C LYS F 261 14.68 0.95 -51.67
N ASN F 262 14.22 0.67 -52.89
CA ASN F 262 15.01 -0.11 -53.81
C ASN F 262 15.82 0.85 -54.69
N LEU F 263 16.11 2.02 -54.13
CA LEU F 263 16.91 3.01 -54.82
C LEU F 263 18.11 3.34 -53.95
N HIS F 264 18.18 2.66 -52.80
CA HIS F 264 19.26 2.80 -51.83
C HIS F 264 19.54 4.23 -51.38
N ILE F 265 18.47 5.02 -51.31
CA ILE F 265 18.53 6.41 -50.87
C ILE F 265 17.72 6.46 -49.58
N GLU F 266 17.27 5.29 -49.16
CA GLU F 266 16.46 5.08 -47.96
C GLU F 266 16.88 5.92 -46.74
N ASP F 267 18.15 6.04 -46.49
CA ASP F 267 18.55 6.77 -45.31
C ASP F 267 18.77 8.19 -45.69
N ARG F 268 18.15 8.63 -46.76
CA ARG F 268 18.43 10.00 -47.18
C ARG F 268 17.22 10.80 -47.45
N VAL F 269 16.11 10.27 -47.01
CA VAL F 269 14.87 10.87 -47.30
C VAL F 269 14.13 10.85 -46.02
N LEU F 270 13.50 11.96 -45.65
CA LEU F 270 12.82 12.02 -44.36
C LEU F 270 11.39 12.07 -44.42
N PHE F 271 10.77 10.96 -44.73
CA PHE F 271 9.36 11.13 -44.81
C PHE F 271 9.00 11.83 -43.48
N LEU F 272 8.35 12.99 -43.54
CA LEU F 272 7.98 13.71 -42.32
C LEU F 272 6.49 13.55 -42.16
N GLY F 273 5.85 12.82 -43.08
CA GLY F 273 4.42 12.63 -42.98
C GLY F 273 3.74 13.97 -43.19
N LYS F 274 2.43 14.08 -43.08
CA LYS F 274 1.89 15.40 -43.34
C LYS F 274 2.01 16.39 -42.19
N GLN F 275 2.73 17.48 -42.43
CA GLN F 275 2.89 18.50 -41.40
C GLN F 275 1.96 19.65 -41.74
N ASP F 276 1.80 20.56 -40.80
CA ASP F 276 0.92 21.70 -41.01
C ASP F 276 1.71 23.00 -40.90
N ASN F 277 2.50 23.11 -39.85
CA ASN F 277 3.33 24.29 -39.63
C ASN F 277 4.64 24.03 -40.41
N VAL F 278 4.54 24.04 -41.74
CA VAL F 278 5.69 23.77 -42.59
C VAL F 278 6.64 24.98 -42.72
N ALA F 279 6.26 26.10 -42.12
CA ALA F 279 7.07 27.32 -42.18
C ALA F 279 8.50 27.11 -41.71
N GLU F 280 8.65 26.35 -40.62
CA GLU F 280 9.97 26.10 -40.05
C GLU F 280 10.79 25.18 -40.96
N LEU F 281 10.13 24.22 -41.59
CA LEU F 281 10.83 23.29 -42.47
C LEU F 281 11.38 24.01 -43.69
N LEU F 282 10.56 24.84 -44.33
CA LEU F 282 11.02 25.58 -45.51
C LEU F 282 12.19 26.47 -45.11
N ALA F 283 12.09 27.09 -43.92
CA ALA F 283 13.13 27.97 -43.42
C ALA F 283 14.52 27.31 -43.47
N MET F 284 14.61 26.07 -42.99
CA MET F 284 15.89 25.33 -42.98
C MET F 284 16.10 24.53 -44.29
N SER F 285 15.55 25.02 -45.40
CA SER F 285 15.70 24.35 -46.70
C SER F 285 16.52 25.17 -47.68
N ASP F 286 16.94 24.52 -48.75
CA ASP F 286 17.75 25.17 -49.74
C ASP F 286 17.11 25.21 -51.12
N LEU F 287 16.43 24.13 -51.47
CA LEU F 287 15.79 24.06 -52.77
C LEU F 287 14.42 23.38 -52.66
N MET F 288 13.40 23.94 -53.31
CA MET F 288 12.05 23.36 -53.28
C MET F 288 11.75 22.72 -54.64
N LEU F 289 11.12 21.55 -54.63
CA LEU F 289 10.76 20.87 -55.87
C LEU F 289 9.25 20.70 -56.00
N LEU F 290 8.74 20.89 -57.21
CA LEU F 290 7.30 20.75 -57.51
C LEU F 290 7.25 20.33 -58.97
N LEU F 291 7.08 19.03 -59.23
CA LEU F 291 7.09 18.57 -60.60
C LEU F 291 5.81 17.86 -60.98
N SER F 292 4.68 18.46 -60.62
CA SER F 292 3.38 17.87 -60.91
C SER F 292 2.89 18.11 -62.34
N GLU F 293 1.99 17.26 -62.82
CA GLU F 293 1.43 17.37 -64.16
C GLU F 293 0.55 18.59 -64.26
N LYS F 294 0.07 19.10 -63.14
CA LYS F 294 -0.73 20.27 -63.31
C LYS F 294 -0.85 21.07 -62.09
N GLU F 295 -1.10 22.34 -62.21
CA GLU F 295 -1.29 23.00 -60.99
C GLU F 295 -1.68 24.36 -61.38
N SER F 296 -2.51 24.97 -60.58
CA SER F 296 -3.03 26.25 -60.95
C SER F 296 -2.27 27.20 -60.16
N PHE F 297 -1.60 26.78 -59.11
CA PHE F 297 -0.93 27.85 -58.48
C PHE F 297 0.42 28.04 -57.88
N GLY F 298 0.81 27.28 -56.86
CA GLY F 298 -0.04 26.84 -55.75
C GLY F 298 0.93 27.38 -54.78
N LEU F 299 0.47 27.60 -53.60
CA LEU F 299 1.32 28.29 -52.74
C LEU F 299 2.55 27.66 -52.40
N VAL F 300 2.58 26.38 -52.33
CA VAL F 300 3.77 26.14 -51.60
C VAL F 300 4.83 26.92 -52.26
N LEU F 301 4.66 27.24 -53.53
CA LEU F 301 5.76 27.93 -54.08
C LEU F 301 5.95 29.17 -53.36
N LEU F 302 4.87 29.85 -53.09
CA LEU F 302 5.02 31.06 -52.39
C LEU F 302 5.60 30.87 -51.10
N GLU F 303 4.99 30.01 -50.32
CA GLU F 303 5.53 29.92 -49.01
C GLU F 303 7.03 29.83 -49.17
N ALA F 304 7.44 28.87 -49.95
CA ALA F 304 8.83 28.65 -50.15
C ALA F 304 9.61 29.82 -50.50
N MET F 305 9.22 30.41 -51.60
CA MET F 305 9.98 31.50 -52.08
C MET F 305 9.97 32.42 -50.94
N ALA F 306 8.81 32.76 -50.50
CA ALA F 306 8.78 33.67 -49.41
C ALA F 306 9.84 33.44 -48.39
N CYS F 307 10.36 32.24 -48.25
CA CYS F 307 11.33 32.05 -47.19
C CYS F 307 12.69 32.12 -47.75
N GLY F 308 12.80 32.70 -48.91
CA GLY F 308 14.09 32.81 -49.52
C GLY F 308 14.58 31.50 -50.12
N VAL F 309 13.67 30.56 -50.35
CA VAL F 309 14.05 29.28 -50.93
C VAL F 309 13.73 29.19 -52.41
N PRO F 310 14.76 29.11 -53.27
CA PRO F 310 14.53 29.02 -54.71
C PRO F 310 13.82 27.70 -55.08
N CYS F 311 12.97 27.74 -56.11
CA CYS F 311 12.21 26.56 -56.52
C CYS F 311 12.45 26.09 -57.94
N ILE F 312 12.21 24.80 -58.17
CA ILE F 312 12.37 24.23 -59.49
C ILE F 312 11.05 23.52 -59.77
N GLY F 313 10.11 24.21 -60.42
CA GLY F 313 8.84 23.59 -60.72
C GLY F 313 8.59 23.32 -62.19
N THR F 314 7.82 22.27 -62.49
CA THR F 314 7.50 21.97 -63.89
C THR F 314 6.76 23.14 -64.55
N ARG F 315 6.96 23.31 -65.85
CA ARG F 315 6.32 24.39 -66.61
C ARG F 315 4.89 23.95 -66.93
N VAL F 316 4.04 24.04 -65.93
CA VAL F 316 2.65 23.68 -66.09
C VAL F 316 1.81 24.86 -65.66
N GLY F 317 0.82 25.15 -66.51
CA GLY F 317 -0.08 26.29 -66.34
C GLY F 317 -0.42 26.91 -65.01
N GLY F 318 0.23 28.00 -64.64
CA GLY F 318 0.13 28.46 -63.27
C GLY F 318 1.39 28.46 -62.41
N ILE F 319 2.43 27.70 -62.80
CA ILE F 319 3.67 27.69 -62.06
C ILE F 319 4.42 28.85 -62.71
N PRO F 320 4.40 28.90 -64.06
CA PRO F 320 5.06 29.94 -64.85
C PRO F 320 4.66 31.35 -64.46
N GLU F 321 3.54 31.52 -63.78
CA GLU F 321 3.17 32.88 -63.42
C GLU F 321 3.80 33.29 -62.09
N VAL F 322 4.47 32.36 -61.41
CA VAL F 322 5.13 32.68 -60.13
C VAL F 322 6.65 32.52 -60.22
N ILE F 323 7.09 31.54 -60.99
CA ILE F 323 8.51 31.27 -61.16
C ILE F 323 9.00 31.80 -62.51
N GLN F 324 9.90 32.78 -62.45
CA GLN F 324 10.50 33.34 -63.68
C GLN F 324 11.90 32.85 -63.74
N HIS F 325 12.04 31.95 -64.70
CA HIS F 325 13.18 31.14 -64.82
C HIS F 325 14.45 31.77 -64.70
N GLY F 326 15.27 31.39 -63.76
CA GLY F 326 16.56 32.00 -63.78
C GLY F 326 16.61 33.23 -63.01
N ASP F 327 15.47 33.82 -62.74
CA ASP F 327 15.59 34.96 -61.95
C ASP F 327 15.19 34.58 -60.55
N THR F 328 14.10 33.83 -60.41
CA THR F 328 13.63 33.49 -59.07
C THR F 328 13.46 31.98 -58.91
N GLY F 329 13.87 31.22 -59.92
CA GLY F 329 13.76 29.77 -59.87
C GLY F 329 13.92 29.19 -61.25
N TYR F 330 13.59 27.92 -61.46
CA TYR F 330 13.73 27.32 -62.79
C TYR F 330 12.51 26.50 -63.13
N LEU F 331 12.22 26.35 -64.42
CA LEU F 331 11.08 25.55 -64.86
C LEU F 331 11.61 24.41 -65.72
N CYS F 332 10.76 23.49 -66.15
CA CYS F 332 11.22 22.37 -66.98
C CYS F 332 10.08 21.42 -67.29
N GLU F 333 10.20 20.67 -68.38
CA GLU F 333 9.13 19.74 -68.77
C GLU F 333 8.88 18.65 -67.74
N VAL F 334 7.66 18.12 -67.74
CA VAL F 334 7.30 17.08 -66.81
C VAL F 334 7.98 15.79 -67.21
N GLY F 335 8.46 15.04 -66.22
CA GLY F 335 9.13 13.77 -66.47
C GLY F 335 10.62 13.87 -66.69
N ASP F 336 11.12 15.11 -66.82
CA ASP F 336 12.53 15.39 -67.06
C ASP F 336 13.34 15.27 -65.77
N THR F 337 13.29 14.08 -65.16
CA THR F 337 14.00 13.82 -63.91
C THR F 337 15.47 14.26 -64.03
N THR F 338 16.11 13.85 -65.13
CA THR F 338 17.51 14.19 -65.41
C THR F 338 17.74 15.70 -65.49
N GLY F 339 16.97 16.39 -66.33
CA GLY F 339 17.12 17.84 -66.46
C GLY F 339 16.96 18.58 -65.15
N VAL F 340 16.05 18.11 -64.31
CA VAL F 340 15.81 18.74 -63.02
C VAL F 340 17.03 18.61 -62.12
N ALA F 341 17.56 17.37 -62.05
CA ALA F 341 18.74 17.06 -61.24
C ALA F 341 19.90 17.97 -61.64
N ASP F 342 20.13 18.05 -62.94
CA ASP F 342 21.20 18.85 -63.53
C ASP F 342 21.07 20.30 -63.11
N GLN F 343 19.86 20.82 -63.26
CA GLN F 343 19.59 22.20 -62.90
C GLN F 343 19.83 22.42 -61.41
N ALA F 344 19.53 21.39 -60.60
CA ALA F 344 19.69 21.44 -59.15
C ALA F 344 21.16 21.41 -58.71
N ILE F 345 21.86 20.35 -59.12
CA ILE F 345 23.28 20.15 -58.80
C ILE F 345 24.06 21.43 -59.13
N GLN F 346 23.74 22.05 -60.25
CA GLN F 346 24.39 23.28 -60.68
C GLN F 346 24.18 24.43 -59.68
N LEU F 347 22.91 24.68 -59.34
CA LEU F 347 22.55 25.76 -58.42
C LEU F 347 22.98 25.52 -56.98
N LEU F 348 23.14 24.26 -56.62
CA LEU F 348 23.52 23.92 -55.25
C LEU F 348 24.96 24.27 -54.84
N LYS F 349 25.91 24.15 -55.79
CA LYS F 349 27.31 24.47 -55.54
C LYS F 349 27.59 25.97 -55.76
N ASP F 350 27.20 26.49 -56.91
CA ASP F 350 27.38 27.91 -57.17
C ASP F 350 26.63 28.49 -55.95
N GLU F 351 27.34 29.20 -55.07
CA GLU F 351 26.70 29.73 -53.88
C GLU F 351 26.35 31.19 -54.16
N GLU F 352 26.91 31.71 -55.23
CA GLU F 352 26.65 33.08 -55.66
C GLU F 352 25.22 33.12 -56.21
N LEU F 353 24.99 32.30 -57.24
CA LEU F 353 23.70 32.18 -57.91
C LEU F 353 22.59 31.84 -56.91
N HIS F 354 22.90 30.94 -55.97
CA HIS F 354 21.95 30.52 -54.95
C HIS F 354 21.58 31.64 -53.96
N ARG F 355 22.52 32.54 -53.63
CA ARG F 355 22.19 33.63 -52.70
C ARG F 355 21.36 34.68 -53.45
N ASN F 356 21.65 34.83 -54.74
CA ASN F 356 20.96 35.81 -55.59
C ASN F 356 19.53 35.38 -55.90
N MET F 357 19.40 34.16 -56.41
CA MET F 357 18.09 33.61 -56.75
C MET F 357 17.20 33.67 -55.52
N GLY F 358 17.68 33.08 -54.41
CA GLY F 358 16.92 33.09 -53.18
C GLY F 358 16.50 34.48 -52.73
N GLU F 359 17.27 35.49 -53.12
CA GLU F 359 16.95 36.87 -52.76
C GLU F 359 15.96 37.42 -53.78
N ARG F 360 16.26 37.20 -55.05
CA ARG F 360 15.41 37.62 -56.16
C ARG F 360 13.98 37.10 -55.86
N ALA F 361 13.90 35.79 -55.56
CA ALA F 361 12.63 35.13 -55.26
C ALA F 361 11.83 35.78 -54.16
N ARG F 362 12.36 35.83 -52.94
CA ARG F 362 11.60 36.44 -51.84
C ARG F 362 11.28 37.91 -52.09
N GLU F 363 11.81 38.45 -53.19
CA GLU F 363 11.53 39.84 -53.53
C GLU F 363 10.33 39.89 -54.47
N SER F 364 10.40 39.14 -55.57
CA SER F 364 9.30 39.12 -56.55
C SER F 364 8.03 38.64 -55.85
N VAL F 365 8.18 37.97 -54.71
CA VAL F 365 7.04 37.50 -53.92
C VAL F 365 6.43 38.71 -53.22
N TYR F 366 7.26 39.48 -52.51
CA TYR F 366 6.79 40.68 -51.83
C TYR F 366 6.15 41.65 -52.84
N GLU F 367 6.70 41.57 -54.05
CA GLU F 367 6.32 42.38 -55.20
C GLU F 367 4.93 42.33 -55.79
N GLN F 368 4.57 41.12 -56.22
CA GLN F 368 3.29 40.86 -56.88
C GLN F 368 2.37 39.98 -56.06
N PHE F 369 2.86 39.42 -54.95
CA PHE F 369 2.04 38.56 -54.09
C PHE F 369 1.92 39.06 -52.65
N ARG F 370 2.31 40.31 -52.44
CA ARG F 370 2.25 40.95 -51.13
C ARG F 370 0.85 40.71 -50.52
N SER F 371 0.79 40.13 -49.34
CA SER F 371 -0.51 39.88 -48.71
C SER F 371 -1.35 41.14 -48.62
N GLU F 372 -0.82 42.22 -48.06
CA GLU F 372 -1.57 43.46 -47.93
C GLU F 372 -2.03 43.99 -49.29
N LYS F 373 -1.30 43.66 -50.34
CA LYS F 373 -1.65 44.11 -51.69
C LYS F 373 -2.90 43.37 -52.20
N ILE F 374 -2.80 42.02 -52.24
CA ILE F 374 -3.89 41.16 -52.69
C ILE F 374 -5.16 41.41 -51.87
N VAL F 375 -5.01 41.47 -50.56
CA VAL F 375 -6.18 41.71 -49.73
C VAL F 375 -6.86 42.99 -50.21
N SER F 376 -6.10 44.00 -50.60
CA SER F 376 -6.72 45.24 -51.06
C SER F 376 -7.48 45.07 -52.37
N GLN F 377 -7.04 44.14 -53.21
CA GLN F 377 -7.73 43.91 -54.47
C GLN F 377 -9.11 43.34 -54.16
N TYR F 378 -9.16 42.36 -53.26
CA TYR F 378 -10.43 41.74 -52.88
C TYR F 378 -11.29 42.82 -52.24
N GLU F 379 -10.67 43.66 -51.44
CA GLU F 379 -11.38 44.72 -50.76
C GLU F 379 -12.04 45.65 -51.78
N THR F 380 -11.31 46.04 -52.82
CA THR F 380 -11.93 46.94 -53.78
C THR F 380 -12.99 46.19 -54.59
N ILE F 381 -12.80 44.90 -54.80
CA ILE F 381 -13.80 44.14 -55.55
C ILE F 381 -15.14 44.16 -54.83
N TYR F 382 -15.11 44.09 -53.49
CA TYR F 382 -16.33 44.11 -52.69
C TYR F 382 -17.03 45.44 -52.84
N TYR F 383 -16.28 46.52 -52.59
CA TYR F 383 -16.83 47.85 -52.69
C TYR F 383 -17.39 48.10 -54.09
N ASP F 384 -16.68 47.62 -55.09
CA ASP F 384 -17.09 47.78 -56.48
C ASP F 384 -18.41 47.07 -56.79
N VAL F 385 -18.59 45.87 -56.26
CA VAL F 385 -19.80 45.12 -56.50
C VAL F 385 -21.03 45.79 -55.88
N LEU F 386 -20.83 46.95 -55.24
CA LEU F 386 -21.95 47.71 -54.65
C LEU F 386 -22.04 49.14 -55.32
N ARG F 387 -21.43 50.10 -54.78
N LYS G 15 10.74 6.74 -24.42
CA LYS G 15 11.15 5.40 -24.95
C LYS G 15 9.96 4.48 -25.31
N LEU G 16 8.91 5.02 -25.92
CA LEU G 16 7.74 4.21 -26.29
C LEU G 16 7.11 4.71 -27.59
N LYS G 17 6.70 3.81 -28.47
CA LYS G 17 6.07 4.22 -29.74
C LYS G 17 4.56 4.04 -29.63
N ILE G 18 3.84 5.14 -29.41
CA ILE G 18 2.39 5.10 -29.22
C ILE G 18 1.62 5.61 -30.43
N GLY G 19 0.46 5.03 -30.71
CA GLY G 19 -0.35 5.54 -31.82
C GLY G 19 -1.67 6.03 -31.25
N ILE G 20 -2.04 7.30 -31.48
CA ILE G 20 -3.32 7.82 -30.97
C ILE G 20 -4.36 7.97 -32.08
N THR G 21 -5.62 7.72 -31.76
CA THR G 21 -6.69 7.86 -32.74
C THR G 21 -7.85 8.61 -32.07
N CYS G 22 -8.33 9.67 -32.71
CA CYS G 22 -9.47 10.46 -32.20
C CYS G 22 -10.05 11.44 -33.23
N TYR G 23 -11.01 12.27 -32.81
CA TYR G 23 -11.64 13.23 -33.71
C TYR G 23 -11.20 14.66 -33.33
N PRO G 24 -10.00 15.10 -33.77
CA PRO G 24 -9.40 16.44 -33.49
C PRO G 24 -10.24 17.63 -32.93
N GLY G 27 -14.64 16.58 -30.98
CA GLY G 27 -15.35 17.05 -29.80
C GLY G 27 -14.47 17.13 -28.55
N GLY G 28 -14.89 16.46 -27.46
CA GLY G 28 -14.12 16.46 -26.23
C GLY G 28 -12.92 15.52 -26.33
N SER G 29 -13.18 14.33 -26.85
CA SER G 29 -12.17 13.29 -27.04
C SER G 29 -10.94 13.77 -27.80
N GLY G 30 -11.17 14.55 -28.85
CA GLY G 30 -10.08 15.08 -29.66
C GLY G 30 -9.17 15.97 -28.85
N VAL G 31 -9.76 16.91 -28.13
CA VAL G 31 -8.97 17.80 -27.32
C VAL G 31 -8.03 16.98 -26.44
N VAL G 32 -8.62 16.08 -25.65
CA VAL G 32 -7.84 15.25 -24.75
C VAL G 32 -6.82 14.37 -25.47
N GLY G 33 -7.30 13.60 -26.43
CA GLY G 33 -6.43 12.72 -27.20
C GLY G 33 -5.23 13.45 -27.74
N THR G 34 -5.49 14.58 -28.38
CA THR G 34 -4.45 15.41 -28.97
C THR G 34 -3.49 15.95 -27.94
N GLU G 35 -4.04 16.46 -26.85
CA GLU G 35 -3.20 17.02 -25.81
C GLU G 35 -2.37 15.92 -25.17
N LEU G 36 -3.00 14.76 -24.94
CA LEU G 36 -2.29 13.63 -24.36
C LEU G 36 -1.09 13.27 -25.23
N GLY G 37 -1.27 13.34 -26.56
CA GLY G 37 -0.20 12.99 -27.47
C GLY G 37 0.91 14.02 -27.44
N LYS G 38 0.50 15.29 -27.34
CA LYS G 38 1.47 16.37 -27.30
C LYS G 38 2.32 16.19 -26.03
N GLN G 39 1.67 15.97 -24.88
CA GLN G 39 2.37 15.77 -23.60
C GLN G 39 3.33 14.59 -23.67
N LEU G 40 2.80 13.43 -24.04
CA LEU G 40 3.60 12.21 -24.17
C LEU G 40 4.81 12.42 -25.05
N ALA G 41 4.65 13.26 -26.05
CA ALA G 41 5.72 13.56 -26.98
C ALA G 41 6.84 14.31 -26.26
N GLU G 42 6.46 15.36 -25.52
CA GLU G 42 7.42 16.15 -24.77
C GLU G 42 8.18 15.28 -23.78
N ARG G 43 7.61 14.13 -23.43
CA ARG G 43 8.30 13.25 -22.50
C ARG G 43 9.24 12.28 -23.21
N GLY G 44 9.47 12.53 -24.50
CA GLY G 44 10.39 11.69 -25.25
C GLY G 44 9.84 10.52 -26.03
N HIS G 45 8.54 10.26 -25.87
CA HIS G 45 7.89 9.17 -26.57
C HIS G 45 7.70 9.58 -28.02
N GLU G 46 7.56 8.59 -28.89
CA GLU G 46 7.33 8.85 -30.31
C GLU G 46 5.85 8.60 -30.58
N ILE G 47 5.10 9.69 -30.76
CA ILE G 47 3.66 9.63 -31.01
C ILE G 47 3.33 9.60 -32.50
N HIS G 48 2.38 8.76 -32.85
CA HIS G 48 1.93 8.58 -34.23
C HIS G 48 0.42 8.73 -34.32
N PHE G 49 -0.04 9.92 -34.69
CA PHE G 49 -1.47 10.14 -34.81
C PHE G 49 -2.02 9.47 -36.04
N ILE G 50 -2.99 8.60 -35.88
CA ILE G 50 -3.57 7.93 -37.03
C ILE G 50 -5.00 8.38 -37.07
N THR G 51 -5.26 9.40 -37.86
CA THR G 51 -6.59 9.98 -37.97
C THR G 51 -6.72 10.88 -39.18
N SER G 52 -7.85 10.78 -39.88
CA SER G 52 -8.14 11.62 -41.06
C SER G 52 -8.77 12.96 -40.66
N GLY G 53 -7.96 14.02 -40.63
CA GLY G 53 -8.47 15.34 -40.25
C GLY G 53 -7.33 16.31 -40.03
N LEU G 54 -7.45 17.19 -39.03
CA LEU G 54 -6.40 18.16 -38.74
C LEU G 54 -6.21 18.53 -37.24
N PRO G 55 -5.47 17.71 -36.47
CA PRO G 55 -5.21 17.94 -35.03
C PRO G 55 -4.35 19.19 -34.67
N LYS G 60 3.16 25.03 -33.28
CA LYS G 60 4.56 24.56 -33.27
C LYS G 60 4.77 23.22 -34.06
N VAL G 61 5.97 22.63 -34.02
CA VAL G 61 6.26 21.34 -34.73
C VAL G 61 7.22 20.46 -33.91
N TYR G 62 6.80 19.23 -33.61
CA TYR G 62 7.63 18.29 -32.83
C TYR G 62 8.21 17.24 -33.76
N PRO G 63 9.51 16.98 -33.65
CA PRO G 63 10.23 16.00 -34.48
C PRO G 63 9.83 14.55 -34.20
N ASN G 64 9.16 14.36 -33.07
CA ASN G 64 8.73 13.03 -32.61
C ASN G 64 7.21 12.81 -32.61
N ILE G 65 6.49 13.60 -33.42
CA ILE G 65 5.04 13.46 -33.55
C ILE G 65 4.77 13.37 -35.04
N TYR G 66 4.28 12.24 -35.50
CA TYR G 66 4.00 12.06 -36.93
C TYR G 66 2.50 12.02 -37.15
N PHE G 67 2.04 12.49 -38.29
CA PHE G 67 0.62 12.48 -38.58
C PHE G 67 0.33 11.60 -39.79
N HIS G 68 -0.44 10.55 -39.60
CA HIS G 68 -0.80 9.67 -40.71
C HIS G 68 -2.26 9.93 -40.96
N GLU G 69 -2.68 10.07 -42.21
CA GLU G 69 -4.09 10.34 -42.42
C GLU G 69 -4.75 9.28 -43.29
N VAL G 70 -5.99 8.98 -42.96
CA VAL G 70 -6.74 7.97 -43.67
C VAL G 70 -7.34 8.50 -44.96
N THR G 71 -6.91 7.94 -46.08
CA THR G 71 -7.43 8.37 -47.39
C THR G 71 -8.45 7.35 -47.88
N VAL G 72 -9.61 7.83 -48.32
CA VAL G 72 -10.65 6.92 -48.83
C VAL G 72 -10.95 7.14 -50.33
N ASN G 73 -11.68 6.20 -50.97
CA ASN G 73 -12.02 6.35 -52.41
C ASN G 73 -13.40 5.76 -52.78
N PHE G 78 -19.28 0.96 -54.92
CA PHE G 78 -19.37 1.14 -53.46
C PHE G 78 -20.57 1.97 -52.94
N GLN G 79 -21.25 1.46 -51.91
CA GLN G 79 -22.40 2.14 -51.24
C GLN G 79 -22.06 3.37 -50.38
N TYR G 80 -21.16 3.16 -49.43
CA TYR G 80 -20.71 4.21 -48.52
C TYR G 80 -19.20 4.09 -48.48
N PRO G 81 -18.49 5.22 -48.43
CA PRO G 81 -17.01 5.20 -48.39
C PRO G 81 -16.55 4.48 -47.10
N PRO G 82 -15.86 3.33 -47.22
CA PRO G 82 -15.40 2.58 -46.04
C PRO G 82 -14.40 3.26 -45.13
N TYR G 83 -14.80 4.32 -44.44
CA TYR G 83 -13.86 4.99 -43.56
C TYR G 83 -13.41 4.06 -42.44
N ASP G 84 -14.33 3.27 -41.89
CA ASP G 84 -13.95 2.40 -40.80
C ASP G 84 -12.85 1.46 -41.24
N LEU G 85 -13.16 0.64 -42.24
CA LEU G 85 -12.21 -0.31 -42.78
C LEU G 85 -10.92 0.37 -43.18
N ALA G 86 -11.03 1.52 -43.82
CA ALA G 86 -9.84 2.25 -44.22
C ALA G 86 -8.96 2.61 -43.03
N LEU G 87 -9.61 3.03 -41.95
CA LEU G 87 -8.90 3.42 -40.75
C LEU G 87 -8.24 2.21 -40.12
N ALA G 88 -8.94 1.08 -40.15
CA ALA G 88 -8.42 -0.16 -39.61
C ALA G 88 -7.15 -0.51 -40.41
N SER G 89 -7.29 -0.42 -41.72
CA SER G 89 -6.18 -0.73 -42.59
C SER G 89 -4.95 0.13 -42.32
N LYS G 90 -5.16 1.43 -42.13
CA LYS G 90 -4.06 2.33 -41.88
C LYS G 90 -3.44 2.09 -40.51
N MET G 91 -4.27 1.78 -39.51
CA MET G 91 -3.77 1.50 -38.17
C MET G 91 -2.79 0.33 -38.35
N ALA G 92 -3.26 -0.74 -38.99
CA ALA G 92 -2.43 -1.92 -39.22
C ALA G 92 -1.15 -1.60 -39.96
N GLU G 93 -1.27 -0.82 -41.03
CA GLU G 93 -0.10 -0.47 -41.80
C GLU G 93 0.90 0.33 -40.96
N VAL G 94 0.46 1.41 -40.34
CA VAL G 94 1.36 2.20 -39.52
C VAL G 94 1.94 1.38 -38.39
N ALA G 95 1.09 0.55 -37.80
CA ALA G 95 1.51 -0.27 -36.68
C ALA G 95 2.73 -1.10 -36.97
N GLN G 96 2.66 -1.96 -37.98
CA GLN G 96 3.80 -2.82 -38.25
C GLN G 96 4.93 -2.15 -38.99
N ARG G 97 4.64 -1.02 -39.65
CA ARG G 97 5.68 -0.32 -40.35
C ARG G 97 6.56 0.43 -39.35
N GLU G 98 5.94 1.16 -38.42
CA GLU G 98 6.69 1.93 -37.42
C GLU G 98 6.98 1.12 -36.16
N ASN G 99 6.46 -0.09 -36.14
CA ASN G 99 6.63 -0.98 -34.99
C ASN G 99 6.16 -0.35 -33.70
N LEU G 100 4.88 0.00 -33.68
CA LEU G 100 4.24 0.63 -32.53
C LEU G 100 4.09 -0.38 -31.39
N ASP G 101 4.08 0.14 -30.16
CA ASP G 101 3.96 -0.68 -28.97
C ASP G 101 2.50 -0.69 -28.51
N ILE G 102 1.98 0.52 -28.36
CA ILE G 102 0.61 0.73 -27.93
C ILE G 102 -0.19 1.47 -29.01
N LEU G 103 -1.47 1.18 -29.03
CA LEU G 103 -2.41 1.80 -29.94
C LEU G 103 -3.51 2.33 -29.01
N HIS G 104 -3.52 3.64 -28.81
CA HIS G 104 -4.48 4.27 -27.89
C HIS G 104 -5.63 4.96 -28.62
N VAL G 105 -6.80 4.46 -28.41
CA VAL G 105 -7.89 4.96 -29.16
C VAL G 105 -8.85 5.73 -28.32
N HIS G 106 -9.56 6.69 -28.89
CA HIS G 106 -10.47 7.40 -28.06
C HIS G 106 -11.93 7.42 -28.17
N TYR G 107 -12.63 7.19 -29.24
CA TYR G 107 -14.03 7.17 -28.85
C TYR G 107 -14.23 5.69 -28.98
N ALA G 108 -15.34 5.10 -28.63
CA ALA G 108 -15.38 3.64 -28.71
C ALA G 108 -15.72 3.12 -30.07
N ILE G 109 -16.81 3.65 -30.60
CA ILE G 109 -17.19 3.34 -31.99
C ILE G 109 -16.63 4.51 -32.77
N PRO G 110 -16.01 4.24 -33.95
CA PRO G 110 -15.59 2.91 -34.39
C PRO G 110 -14.24 2.46 -33.93
N HIS G 111 -13.39 3.43 -33.59
CA HIS G 111 -12.02 3.19 -33.17
C HIS G 111 -11.62 1.93 -32.42
N ALA G 112 -12.45 1.52 -31.46
CA ALA G 112 -12.23 0.31 -30.70
C ALA G 112 -12.24 -0.90 -31.64
N ILE G 113 -13.29 -1.04 -32.44
CA ILE G 113 -13.36 -2.14 -33.37
C ILE G 113 -12.28 -2.06 -34.44
N CYS G 114 -11.96 -0.85 -34.88
CA CYS G 114 -10.91 -0.69 -35.89
C CYS G 114 -9.59 -1.17 -35.36
N ALA G 115 -9.29 -0.83 -34.11
CA ALA G 115 -8.04 -1.26 -33.50
C ALA G 115 -8.07 -2.78 -33.35
N TYR G 116 -9.24 -3.36 -33.14
CA TYR G 116 -9.28 -4.80 -33.01
C TYR G 116 -8.83 -5.45 -34.33
N LEU G 117 -9.47 -5.04 -35.43
CA LEU G 117 -9.12 -5.53 -36.77
C LEU G 117 -7.64 -5.34 -37.07
N ALA G 118 -7.15 -4.14 -36.81
CA ALA G 118 -5.75 -3.83 -37.03
C ALA G 118 -4.86 -4.85 -36.31
N LYS G 119 -5.17 -5.09 -35.03
CA LYS G 119 -4.43 -6.03 -34.19
C LYS G 119 -4.45 -7.40 -34.84
N GLN G 120 -5.64 -7.90 -35.15
CA GLN G 120 -5.78 -9.21 -35.77
C GLN G 120 -5.03 -9.29 -37.08
N MET G 121 -5.04 -8.18 -37.83
CA MET G 121 -4.33 -8.16 -39.10
C MET G 121 -2.82 -8.19 -38.95
N ILE G 122 -2.25 -7.64 -37.87
CA ILE G 122 -0.79 -7.71 -37.73
C ILE G 122 -0.33 -8.80 -36.76
N GLY G 123 -1.12 -9.86 -36.67
CA GLY G 123 -0.78 -10.97 -35.80
C GLY G 123 -0.81 -10.70 -34.31
N GLU G 124 -1.58 -9.70 -33.89
CA GLU G 124 -1.70 -9.38 -32.47
C GLU G 124 -0.44 -8.89 -31.79
N ARG G 125 0.51 -8.38 -32.58
CA ARG G 125 1.79 -7.89 -32.04
C ARG G 125 1.69 -6.42 -31.62
N ILE G 126 0.66 -6.08 -30.84
CA ILE G 126 0.43 -4.70 -30.43
C ILE G 126 -0.58 -4.67 -29.28
N LYS G 127 -0.52 -3.66 -28.42
CA LYS G 127 -1.45 -3.54 -27.27
C LYS G 127 -2.47 -2.43 -27.48
N ILE G 128 -3.75 -2.75 -27.34
CA ILE G 128 -4.82 -1.78 -27.52
C ILE G 128 -5.33 -1.15 -26.22
N VAL G 129 -5.35 0.18 -26.17
CA VAL G 129 -5.84 0.89 -25.00
C VAL G 129 -7.05 1.71 -25.44
N THR G 130 -8.22 1.44 -24.87
CA THR G 130 -9.40 2.17 -25.28
C THR G 130 -9.88 3.12 -24.21
N THR G 131 -10.10 4.39 -24.54
CA THR G 131 -10.60 5.32 -23.52
C THR G 131 -12.06 5.68 -23.84
N LEU G 132 -12.97 5.52 -22.91
CA LEU G 132 -14.35 5.83 -23.21
C LEU G 132 -14.58 7.22 -22.83
N HIS G 133 -15.68 7.81 -23.26
CA HIS G 133 -15.98 9.23 -23.06
C HIS G 133 -17.49 9.37 -23.08
N GLY G 134 -18.03 10.54 -23.19
CA GLY G 134 -19.48 10.52 -23.06
C GLY G 134 -20.66 9.81 -23.75
N THR G 135 -20.81 10.15 -25.02
CA THR G 135 -21.85 9.74 -25.94
C THR G 135 -21.62 8.31 -26.47
N ASP G 136 -20.37 7.94 -26.70
CA ASP G 136 -20.10 6.58 -27.21
C ASP G 136 -20.80 5.54 -26.35
N ILE G 137 -20.90 5.79 -25.05
CA ILE G 137 -21.60 4.86 -24.17
C ILE G 137 -23.01 5.39 -23.89
N THR G 138 -23.07 6.64 -23.42
CA THR G 138 -24.32 7.33 -23.09
C THR G 138 -25.38 7.14 -24.18
N VAL G 139 -25.13 7.69 -25.37
CA VAL G 139 -26.10 7.62 -26.45
C VAL G 139 -25.97 6.45 -27.43
N LEU G 140 -24.76 6.15 -27.86
CA LEU G 140 -24.56 5.04 -28.77
C LEU G 140 -24.93 3.72 -28.11
N GLY G 141 -24.36 3.45 -26.93
CA GLY G 141 -24.66 2.21 -26.23
C GLY G 141 -26.14 1.93 -26.08
N SER G 142 -26.97 2.97 -26.17
CA SER G 142 -28.42 2.84 -26.06
C SER G 142 -28.96 2.14 -27.30
N ASP G 143 -28.39 2.45 -28.47
CA ASP G 143 -28.82 1.85 -29.74
C ASP G 143 -28.49 0.35 -29.84
N PRO G 144 -29.52 -0.52 -29.90
CA PRO G 144 -29.36 -1.97 -30.00
C PRO G 144 -28.58 -2.44 -31.24
N SER G 145 -28.60 -1.63 -32.28
CA SER G 145 -27.87 -1.95 -33.50
C SER G 145 -26.34 -1.83 -33.32
N LEU G 146 -25.90 -1.31 -32.17
CA LEU G 146 -24.47 -1.14 -31.95
C LEU G 146 -24.05 -1.60 -30.58
N ASN G 147 -25.00 -2.14 -29.83
CA ASN G 147 -24.69 -2.55 -28.48
C ASN G 147 -23.57 -3.58 -28.45
N ASN G 148 -23.88 -4.78 -28.96
CA ASN G 148 -22.95 -5.90 -29.03
C ASN G 148 -21.61 -5.47 -29.66
N LEU G 149 -21.66 -4.49 -30.55
CA LEU G 149 -20.46 -4.01 -31.21
C LEU G 149 -19.59 -3.25 -30.22
N ILE G 150 -20.20 -2.40 -29.42
CA ILE G 150 -19.47 -1.63 -28.41
C ILE G 150 -18.92 -2.58 -27.35
N ARG G 151 -19.74 -3.56 -26.95
CA ARG G 151 -19.29 -4.51 -25.95
C ARG G 151 -18.05 -5.24 -26.44
N PHE G 152 -18.17 -5.87 -27.61
CA PHE G 152 -17.07 -6.62 -28.21
C PHE G 152 -15.80 -5.77 -28.27
N GLY G 153 -15.95 -4.52 -28.70
CA GLY G 153 -14.81 -3.64 -28.80
C GLY G 153 -14.12 -3.40 -27.47
N ILE G 154 -14.92 -3.20 -26.42
CA ILE G 154 -14.40 -2.98 -25.09
C ILE G 154 -13.71 -4.22 -24.59
N GLU G 155 -14.43 -5.35 -24.64
CA GLU G 155 -13.89 -6.61 -24.15
C GLU G 155 -12.61 -7.02 -24.86
N GLN G 156 -12.46 -6.64 -26.13
CA GLN G 156 -11.29 -7.02 -26.90
C GLN G 156 -10.09 -6.14 -26.71
N SER G 157 -10.29 -4.97 -26.13
CA SER G 157 -9.16 -4.05 -25.91
C SER G 157 -8.35 -4.65 -24.78
N ASP G 158 -7.07 -4.33 -24.73
CA ASP G 158 -6.23 -4.87 -23.67
C ASP G 158 -6.45 -4.12 -22.36
N VAL G 159 -6.63 -2.82 -22.43
CA VAL G 159 -6.88 -1.98 -21.25
C VAL G 159 -8.02 -1.05 -21.65
N VAL G 160 -8.93 -0.73 -20.74
CA VAL G 160 -10.04 0.17 -21.07
C VAL G 160 -10.15 1.18 -19.94
N THR G 161 -10.35 2.45 -20.25
CA THR G 161 -10.47 3.44 -19.18
C THR G 161 -11.66 4.33 -19.51
N ALA G 162 -12.14 5.04 -18.51
CA ALA G 162 -13.25 5.96 -18.70
C ALA G 162 -12.84 7.27 -18.05
N VAL G 163 -13.59 8.32 -18.35
CA VAL G 163 -13.27 9.65 -17.88
C VAL G 163 -13.88 9.97 -16.54
N SER G 164 -14.81 9.14 -16.12
CA SER G 164 -15.44 9.39 -14.84
C SER G 164 -16.06 8.10 -14.33
N HIS G 165 -16.21 8.00 -13.02
CA HIS G 165 -16.83 6.83 -12.44
C HIS G 165 -18.27 6.72 -12.88
N SER G 166 -18.90 7.86 -13.13
CA SER G 166 -20.29 7.83 -13.57
C SER G 166 -20.38 7.04 -14.88
N LEU G 167 -19.37 7.25 -15.72
CA LEU G 167 -19.33 6.61 -17.02
C LEU G 167 -19.15 5.11 -16.87
N ILE G 168 -18.21 4.70 -16.02
CA ILE G 168 -17.98 3.29 -15.78
C ILE G 168 -19.25 2.63 -15.26
N ASN G 169 -20.16 3.44 -14.72
CA ASN G 169 -21.39 2.89 -14.22
C ASN G 169 -22.38 2.72 -15.32
N GLU G 170 -22.48 3.78 -16.13
CA GLU G 170 -23.37 3.79 -17.27
C GLU G 170 -22.98 2.68 -18.22
N THR G 171 -21.67 2.43 -18.30
CA THR G 171 -21.16 1.39 -19.17
C THR G 171 -21.61 0.02 -18.75
N HIS G 172 -21.44 -0.28 -17.48
CA HIS G 172 -21.82 -1.60 -16.98
C HIS G 172 -23.32 -1.75 -16.95
N GLU G 173 -24.04 -0.64 -17.05
CA GLU G 173 -25.48 -0.71 -17.02
C GLU G 173 -26.09 -0.96 -18.40
N LEU G 174 -25.64 -0.20 -19.40
CA LEU G 174 -26.16 -0.31 -20.76
C LEU G 174 -25.46 -1.34 -21.63
N VAL G 175 -24.12 -1.30 -21.67
CA VAL G 175 -23.37 -2.23 -22.49
C VAL G 175 -23.13 -3.58 -21.81
N LYS G 176 -22.88 -3.56 -20.49
CA LYS G 176 -22.65 -4.81 -19.73
C LYS G 176 -21.49 -5.65 -20.23
N PRO G 177 -20.31 -5.05 -20.38
CA PRO G 177 -19.15 -5.78 -20.85
C PRO G 177 -18.49 -6.61 -19.76
N ASN G 178 -17.84 -7.70 -20.15
CA ASN G 178 -17.12 -8.52 -19.19
C ASN G 178 -15.69 -8.09 -19.26
N LYS G 179 -15.41 -6.87 -18.83
CA LYS G 179 -14.04 -6.35 -18.87
C LYS G 179 -13.95 -5.35 -17.74
N ASP G 180 -12.74 -5.07 -17.28
CA ASP G 180 -12.53 -4.10 -16.22
C ASP G 180 -12.23 -2.75 -16.80
N ILE G 181 -12.85 -1.72 -16.26
CA ILE G 181 -12.59 -0.38 -16.76
C ILE G 181 -11.99 0.48 -15.65
N GLN G 182 -10.83 1.08 -15.90
CA GLN G 182 -10.18 1.96 -14.91
C GLN G 182 -10.70 3.36 -15.08
N THR G 183 -10.40 4.25 -14.15
CA THR G 183 -10.87 5.62 -14.29
C THR G 183 -9.67 6.51 -14.41
N VAL G 184 -9.68 7.39 -15.41
CA VAL G 184 -8.60 8.35 -15.62
C VAL G 184 -9.33 9.58 -16.09
N TYR G 185 -9.32 10.63 -15.27
CA TYR G 185 -10.02 11.86 -15.60
C TYR G 185 -9.33 12.63 -16.72
N ASN G 186 -10.04 13.56 -17.33
CA ASN G 186 -9.43 14.37 -18.38
C ASN G 186 -8.62 15.47 -17.73
N PHE G 187 -7.75 16.09 -18.51
CA PHE G 187 -6.93 17.14 -17.99
C PHE G 187 -6.96 18.38 -18.89
N ILE G 188 -6.23 19.39 -18.46
CA ILE G 188 -6.18 20.66 -19.17
C ILE G 188 -4.76 21.14 -19.18
N ASP G 189 -4.38 21.83 -20.26
CA ASP G 189 -3.04 22.37 -20.38
C ASP G 189 -2.98 23.70 -19.64
N GLU G 190 -2.42 23.68 -18.43
CA GLU G 190 -2.31 24.88 -17.60
C GLU G 190 -1.54 26.00 -18.32
N ARG G 191 -0.71 25.60 -19.28
CA ARG G 191 0.10 26.50 -20.10
C ARG G 191 -0.81 27.30 -21.05
N VAL G 192 -2.12 27.04 -20.97
CA VAL G 192 -3.14 27.70 -21.81
C VAL G 192 -4.26 28.34 -20.97
N TYR G 193 -4.48 27.78 -19.78
CA TYR G 193 -5.51 28.27 -18.88
C TYR G 193 -4.95 28.76 -17.55
N PHE G 194 -4.89 30.08 -17.38
CA PHE G 194 -4.41 30.69 -16.15
C PHE G 194 -5.37 31.80 -15.76
N LYS G 195 -5.23 32.29 -14.53
CA LYS G 195 -6.10 33.36 -14.03
C LYS G 195 -5.83 34.76 -14.62
N ARG G 196 -5.17 34.82 -15.79
CA ARG G 196 -4.92 36.11 -16.44
C ARG G 196 -6.27 36.85 -16.53
N ASP G 197 -6.26 38.18 -16.68
CA ASP G 197 -7.51 38.94 -16.82
C ASP G 197 -7.48 39.83 -18.08
N MET G 198 -8.48 39.61 -18.95
CA MET G 198 -8.59 40.36 -20.20
C MET G 198 -9.44 41.63 -19.96
N THR G 199 -8.97 42.50 -19.07
CA THR G 199 -9.70 43.72 -18.77
C THR G 199 -9.80 44.63 -20.04
N GLN G 200 -8.75 44.58 -20.88
CA GLN G 200 -8.72 45.36 -22.13
C GLN G 200 -9.69 44.81 -23.19
N LEU G 201 -9.95 43.50 -23.10
CA LEU G 201 -10.86 42.79 -24.00
C LEU G 201 -12.35 43.07 -23.68
N LYS G 202 -12.69 43.23 -22.39
CA LYS G 202 -14.07 43.52 -21.95
C LYS G 202 -14.52 44.80 -22.68
N LYS G 203 -13.55 45.70 -22.83
CA LYS G 203 -13.75 46.98 -23.50
C LYS G 203 -14.08 46.71 -24.97
N GLU G 204 -13.28 45.84 -25.59
CA GLU G 204 -13.47 45.47 -26.99
C GLU G 204 -14.81 44.77 -27.26
N TYR G 205 -15.44 44.24 -26.19
CA TYR G 205 -16.75 43.54 -26.28
C TYR G 205 -17.86 44.47 -25.79
N GLY G 206 -17.47 45.64 -25.32
CA GLY G 206 -18.44 46.62 -24.85
C GLY G 206 -19.07 46.53 -23.45
N ILE G 207 -18.40 45.86 -22.55
CA ILE G 207 -18.92 45.63 -21.22
C ILE G 207 -18.22 46.27 -19.95
N SER G 208 -19.01 46.65 -18.91
CA SER G 208 -18.54 47.24 -17.61
C SER G 208 -17.09 47.71 -17.54
N LYS G 212 -20.59 42.40 -14.03
CA LYS G 212 -20.56 40.95 -13.78
C LYS G 212 -20.72 40.12 -15.08
N ILE G 213 -19.86 39.11 -15.26
CA ILE G 213 -19.89 38.25 -16.46
C ILE G 213 -20.19 36.75 -16.21
N LEU G 214 -21.24 36.26 -16.86
CA LEU G 214 -21.66 34.86 -16.80
C LEU G 214 -21.40 34.22 -18.16
N ILE G 215 -20.56 33.19 -18.18
CA ILE G 215 -20.18 32.50 -19.42
C ILE G 215 -20.70 31.07 -19.47
N HIS G 216 -21.17 30.64 -20.64
CA HIS G 216 -21.66 29.29 -20.84
C HIS G 216 -21.18 28.75 -22.18
N ILE G 217 -20.57 27.57 -22.19
CA ILE G 217 -20.07 26.99 -23.44
C ILE G 217 -20.73 25.64 -23.73
N SER G 218 -21.33 25.49 -24.91
CA SER G 218 -21.95 24.20 -25.27
C SER G 218 -22.17 24.11 -26.77
N ASN G 219 -22.73 22.99 -27.22
CA ASN G 219 -22.99 22.79 -28.62
C ASN G 219 -24.48 23.05 -28.91
N PHE G 220 -25.10 23.89 -28.09
CA PHE G 220 -26.51 24.21 -28.28
C PHE G 220 -27.42 23.07 -28.72
N ARG G 221 -27.31 21.93 -28.03
CA ARG G 221 -28.15 20.77 -28.29
C ARG G 221 -29.19 20.72 -27.17
N LYS G 222 -30.25 19.94 -27.37
CA LYS G 222 -31.30 19.91 -26.36
C LYS G 222 -30.84 19.39 -25.01
N VAL G 223 -29.86 18.50 -25.07
CA VAL G 223 -29.32 17.91 -23.86
C VAL G 223 -28.60 18.93 -23.00
N LYS G 224 -28.06 19.97 -23.61
CA LYS G 224 -27.34 20.99 -22.87
C LYS G 224 -28.30 21.89 -22.10
N ARG G 225 -29.57 21.84 -22.49
CA ARG G 225 -30.63 22.63 -21.88
C ARG G 225 -30.26 24.11 -21.81
N VAL G 226 -29.85 24.69 -22.94
CA VAL G 226 -29.44 26.08 -22.95
C VAL G 226 -30.56 27.00 -22.52
N GLN G 227 -31.80 26.56 -22.69
CA GLN G 227 -32.96 27.35 -22.30
C GLN G 227 -32.87 27.66 -20.81
N ASP G 228 -32.52 26.68 -20.01
CA ASP G 228 -32.41 26.90 -18.57
C ASP G 228 -31.28 27.88 -18.23
N VAL G 229 -30.23 27.92 -19.04
CA VAL G 229 -29.14 28.85 -18.77
C VAL G 229 -29.66 30.26 -18.98
N VAL G 230 -30.59 30.41 -19.91
CA VAL G 230 -31.18 31.71 -20.19
C VAL G 230 -32.19 32.07 -19.09
N GLN G 231 -33.12 31.17 -18.78
CA GLN G 231 -34.14 31.38 -17.74
C GLN G 231 -33.49 31.84 -16.45
N ALA G 232 -32.47 31.12 -16.02
CA ALA G 232 -31.73 31.44 -14.82
C ALA G 232 -31.12 32.83 -14.93
N PHE G 233 -30.64 33.18 -16.12
CA PHE G 233 -30.02 34.49 -16.33
C PHE G 233 -31.07 35.60 -16.32
N ALA G 234 -32.25 35.30 -16.85
CA ALA G 234 -33.35 36.25 -16.89
C ALA G 234 -33.65 36.70 -15.45
N LYS G 235 -33.60 35.73 -14.55
CA LYS G 235 -33.84 35.97 -13.13
C LYS G 235 -32.62 36.60 -12.47
N ILE G 236 -31.49 35.91 -12.55
CA ILE G 236 -30.23 36.36 -11.96
C ILE G 236 -29.88 37.82 -12.35
N VAL G 237 -30.45 38.30 -13.47
CA VAL G 237 -30.21 39.67 -13.97
C VAL G 237 -31.03 40.77 -13.29
N THR G 238 -32.26 40.43 -12.88
CA THR G 238 -33.13 41.41 -12.21
C THR G 238 -32.49 41.91 -10.90
N GLU G 239 -31.68 41.09 -10.25
CA GLU G 239 -31.04 41.49 -9.00
C GLU G 239 -29.54 41.80 -9.10
N VAL G 240 -28.96 41.62 -10.27
CA VAL G 240 -27.53 41.91 -10.50
C VAL G 240 -27.35 42.30 -11.97
N ASP G 241 -26.53 43.33 -12.22
CA ASP G 241 -26.30 43.74 -13.59
C ASP G 241 -25.11 42.92 -14.13
N ALA G 242 -25.41 42.07 -15.12
CA ALA G 242 -24.41 41.23 -15.73
C ALA G 242 -24.86 40.79 -17.10
N LYS G 243 -23.90 40.48 -17.95
CA LYS G 243 -24.19 40.02 -19.30
C LYS G 243 -23.86 38.51 -19.36
N LEU G 244 -24.53 37.81 -20.27
CA LEU G 244 -24.34 36.38 -20.45
C LEU G 244 -23.60 36.08 -21.75
N LEU G 245 -22.46 35.40 -21.66
CA LEU G 245 -21.70 35.03 -22.85
C LEU G 245 -22.13 33.64 -23.31
N LEU G 246 -22.80 33.54 -24.45
CA LEU G 246 -23.20 32.24 -24.97
C LEU G 246 -22.26 31.78 -26.08
N VAL G 247 -21.23 31.03 -25.71
CA VAL G 247 -20.25 30.50 -26.65
C VAL G 247 -20.78 29.21 -27.25
N GLY G 248 -20.60 29.04 -28.56
CA GLY G 248 -21.08 27.83 -29.19
C GLY G 248 -22.21 28.07 -30.18
N ASP G 249 -22.50 27.05 -30.97
CA ASP G 249 -23.55 27.11 -31.97
C ASP G 249 -24.06 25.71 -32.22
N GLY G 250 -25.36 25.58 -32.43
CA GLY G 250 -25.95 24.28 -32.67
C GLY G 250 -27.40 24.38 -33.11
N PRO G 251 -28.11 23.25 -33.21
CA PRO G 251 -29.51 23.20 -33.63
C PRO G 251 -30.45 24.13 -32.87
N GLU G 252 -30.42 24.03 -31.53
CA GLU G 252 -31.27 24.84 -30.66
C GLU G 252 -30.89 26.31 -30.60
N PHE G 253 -30.10 26.77 -31.55
CA PHE G 253 -29.66 28.15 -31.56
C PHE G 253 -30.79 29.15 -31.72
N CYS G 254 -31.59 28.96 -32.75
CA CYS G 254 -32.70 29.86 -33.04
C CYS G 254 -33.67 29.94 -31.88
N THR G 255 -33.99 28.79 -31.32
CA THR G 255 -34.91 28.74 -30.21
C THR G 255 -34.36 29.60 -29.07
N ILE G 256 -33.08 29.45 -28.78
CA ILE G 256 -32.44 30.21 -27.72
C ILE G 256 -32.42 31.69 -28.08
N LEU G 257 -32.21 31.96 -29.36
CA LEU G 257 -32.17 33.33 -29.84
C LEU G 257 -33.57 33.95 -29.71
N GLN G 258 -34.59 33.16 -30.01
CA GLN G 258 -35.98 33.59 -29.89
C GLN G 258 -36.31 33.84 -28.43
N LEU G 259 -35.72 33.03 -27.56
CA LEU G 259 -35.94 33.14 -26.14
C LEU G 259 -35.38 34.44 -25.58
N VAL G 260 -34.08 34.67 -25.73
CA VAL G 260 -33.47 35.91 -25.21
C VAL G 260 -34.23 37.12 -25.78
N LYS G 261 -34.86 36.90 -26.93
CA LYS G 261 -35.63 37.89 -27.69
C LYS G 261 -36.95 38.35 -27.07
N ASN G 262 -37.82 37.38 -26.77
CA ASN G 262 -39.10 37.74 -26.18
C ASN G 262 -38.96 37.64 -24.66
N LEU G 263 -37.74 37.87 -24.18
CA LEU G 263 -37.46 37.87 -22.75
C LEU G 263 -36.86 39.21 -22.39
N HIS G 264 -36.73 40.06 -23.40
CA HIS G 264 -36.20 41.42 -23.27
C HIS G 264 -34.83 41.50 -22.59
N ILE G 265 -34.01 40.48 -22.83
CA ILE G 265 -32.66 40.41 -22.30
C ILE G 265 -31.74 40.45 -23.52
N GLU G 266 -32.37 40.63 -24.68
CA GLU G 266 -31.71 40.68 -25.97
C GLU G 266 -30.38 41.46 -26.00
N ASP G 267 -30.32 42.58 -25.33
CA ASP G 267 -29.09 43.34 -25.41
C ASP G 267 -28.22 42.93 -24.28
N ARG G 268 -28.41 41.74 -23.75
CA ARG G 268 -27.61 41.37 -22.60
C ARG G 268 -26.97 40.06 -22.72
N VAL G 269 -26.98 39.55 -23.91
CA VAL G 269 -26.49 38.25 -24.15
C VAL G 269 -25.65 38.36 -25.36
N LEU G 270 -24.46 37.77 -25.35
CA LEU G 270 -23.57 37.91 -26.47
C LEU G 270 -23.37 36.72 -27.26
N PHE G 271 -24.33 36.35 -28.04
CA PHE G 271 -24.05 35.14 -28.74
C PHE G 271 -22.67 35.40 -29.35
N LEU G 272 -21.69 34.53 -29.07
CA LEU G 272 -20.34 34.71 -29.62
C LEU G 272 -20.17 33.65 -30.68
N GLY G 273 -21.20 32.84 -30.91
CA GLY G 273 -21.10 31.80 -31.91
C GLY G 273 -20.06 30.80 -31.45
N LYS G 274 -19.73 29.78 -32.23
CA LYS G 274 -18.76 28.86 -31.68
C LYS G 274 -17.31 29.32 -31.75
N GLN G 275 -16.67 29.48 -30.59
CA GLN G 275 -15.28 29.89 -30.55
C GLN G 275 -14.45 28.66 -30.27
N ASP G 276 -13.14 28.80 -30.43
CA ASP G 276 -12.24 27.68 -30.20
C ASP G 276 -11.26 28.02 -29.08
N ASN G 277 -10.66 29.20 -29.19
CA ASN G 277 -9.70 29.66 -28.18
C ASN G 277 -10.54 30.36 -27.09
N VAL G 278 -11.32 29.55 -26.36
CA VAL G 278 -12.18 30.08 -25.31
C VAL G 278 -11.44 30.44 -24.02
N ALA G 279 -10.14 30.17 -23.98
CA ALA G 279 -9.32 30.46 -22.81
C ALA G 279 -9.40 31.91 -22.36
N GLU G 280 -9.38 32.82 -23.33
CA GLU G 280 -9.44 34.25 -23.03
C GLU G 280 -10.81 34.65 -22.51
N LEU G 281 -11.86 34.04 -23.05
CA LEU G 281 -13.21 34.37 -22.62
C LEU G 281 -13.44 33.94 -21.17
N LEU G 282 -13.04 32.72 -20.84
CA LEU G 282 -13.21 32.26 -19.45
C LEU G 282 -12.43 33.17 -18.52
N ALA G 283 -11.22 33.57 -18.94
CA ALA G 283 -10.37 34.44 -18.15
C ALA G 283 -11.13 35.68 -17.66
N MET G 284 -11.84 36.36 -18.57
CA MET G 284 -12.61 37.57 -18.23
C MET G 284 -14.03 37.25 -17.75
N SER G 285 -14.23 36.07 -17.15
CA SER G 285 -15.54 35.66 -16.66
C SER G 285 -15.58 35.56 -15.15
N ASP G 286 -16.79 35.49 -14.62
CA ASP G 286 -16.98 35.42 -13.18
C ASP G 286 -17.67 34.15 -12.73
N LEU G 287 -18.64 33.70 -13.50
CA LEU G 287 -19.38 32.51 -13.14
C LEU G 287 -19.66 31.66 -14.39
N MET G 288 -19.46 30.35 -14.29
CA MET G 288 -19.72 29.43 -15.42
C MET G 288 -20.98 28.64 -15.14
N LEU G 289 -21.82 28.45 -16.16
CA LEU G 289 -23.04 27.67 -16.00
C LEU G 289 -23.05 26.45 -16.91
N LEU G 290 -23.53 25.31 -16.38
CA LEU G 290 -23.63 24.05 -17.12
C LEU G 290 -24.82 23.33 -16.51
N LEU G 291 -25.97 23.40 -17.16
CA LEU G 291 -27.16 22.79 -16.59
C LEU G 291 -27.76 21.74 -17.51
N SER G 292 -26.92 20.88 -18.06
CA SER G 292 -27.38 19.85 -18.97
C SER G 292 -27.96 18.61 -18.28
N GLU G 293 -28.80 17.86 -18.99
CA GLU G 293 -29.42 16.65 -18.46
C GLU G 293 -28.39 15.58 -18.25
N LYS G 294 -27.26 15.67 -18.92
CA LYS G 294 -26.31 14.63 -18.65
C LYS G 294 -24.95 14.99 -19.01
N GLU G 295 -23.98 14.39 -18.40
CA GLU G 295 -22.71 14.72 -18.89
C GLU G 295 -21.80 13.85 -18.13
N SER G 296 -20.72 13.45 -18.74
CA SER G 296 -19.87 12.50 -18.14
C SER G 296 -18.74 13.27 -17.65
N PHE G 297 -18.55 14.50 -18.13
CA PHE G 297 -17.42 15.09 -17.50
C PHE G 297 -17.09 16.43 -16.97
N GLY G 298 -17.15 17.50 -17.78
CA GLY G 298 -16.74 17.54 -19.16
C GLY G 298 -15.86 18.70 -18.88
N LEU G 299 -14.92 18.91 -19.73
CA LEU G 299 -13.99 19.88 -19.36
C LEU G 299 -14.45 21.21 -19.18
N VAL G 300 -15.45 21.62 -19.91
CA VAL G 300 -15.37 23.02 -19.78
C VAL G 300 -15.28 23.30 -18.33
N LEU G 301 -15.75 22.39 -17.50
CA LEU G 301 -15.68 22.78 -16.14
C LEU G 301 -14.29 22.99 -15.80
N LEU G 302 -13.44 22.11 -16.22
CA LEU G 302 -12.08 22.29 -15.88
C LEU G 302 -11.55 23.50 -16.42
N GLU G 303 -11.70 23.67 -17.71
CA GLU G 303 -11.08 24.83 -18.23
C GLU G 303 -11.44 25.96 -17.29
N ALA G 304 -12.73 26.12 -17.11
CA ALA G 304 -13.22 27.17 -16.29
C ALA G 304 -12.60 27.30 -14.98
N MET G 305 -12.72 26.23 -14.23
CA MET G 305 -12.25 26.29 -12.90
C MET G 305 -10.83 26.66 -13.08
N ALA G 306 -10.14 25.88 -13.85
CA ALA G 306 -8.77 26.21 -14.02
C ALA G 306 -8.50 27.67 -14.13
N CYS G 307 -9.44 28.48 -14.57
CA CYS G 307 -9.10 29.88 -14.73
C CYS G 307 -9.57 30.64 -13.57
N GLY G 308 -9.81 29.94 -12.49
CA GLY G 308 -10.27 30.61 -11.30
C GLY G 308 -11.73 31.02 -11.37
N VAL G 309 -12.48 30.42 -12.29
CA VAL G 309 -13.90 30.75 -12.41
C VAL G 309 -14.80 29.70 -11.78
N PRO G 310 -15.50 30.07 -10.70
CA PRO G 310 -16.40 29.13 -10.02
C PRO G 310 -17.56 28.72 -10.93
N CYS G 311 -18.03 27.48 -10.80
CA CYS G 311 -19.11 26.96 -11.65
C CYS G 311 -20.35 26.50 -10.92
N ILE G 312 -21.47 26.53 -11.62
CA ILE G 312 -22.72 26.09 -11.06
C ILE G 312 -23.28 25.07 -12.04
N GLY G 313 -22.98 23.80 -11.83
CA GLY G 313 -23.48 22.78 -12.74
C GLY G 313 -24.53 21.85 -12.17
N THR G 314 -25.42 21.34 -13.01
CA THR G 314 -26.46 20.43 -12.53
C THR G 314 -25.81 19.17 -11.94
N ARG G 315 -26.47 18.57 -10.95
CA ARG G 315 -25.98 17.36 -10.28
C ARG G 315 -26.32 16.16 -11.18
N VAL G 316 -25.53 16.01 -12.23
CA VAL G 316 -25.72 14.91 -13.15
C VAL G 316 -24.41 14.16 -13.25
N GLY G 317 -24.55 12.83 -13.16
CA GLY G 317 -23.42 11.91 -13.19
C GLY G 317 -22.10 12.20 -13.83
N GLY G 318 -21.10 12.62 -13.07
CA GLY G 318 -19.91 13.17 -13.69
C GLY G 318 -19.58 14.63 -13.46
N ILE G 319 -20.54 15.44 -13.03
CA ILE G 319 -20.30 16.86 -12.76
C ILE G 319 -19.86 16.78 -11.29
N PRO G 320 -20.63 16.02 -10.47
CA PRO G 320 -20.34 15.84 -9.04
C PRO G 320 -18.95 15.35 -8.74
N GLU G 321 -18.25 14.79 -9.72
CA GLU G 321 -16.90 14.34 -9.41
C GLU G 321 -15.87 15.45 -9.60
N VAL G 322 -16.32 16.61 -10.13
CA VAL G 322 -15.40 17.73 -10.32
C VAL G 322 -15.78 18.94 -9.46
N ILE G 323 -17.08 19.13 -9.27
CA ILE G 323 -17.59 20.24 -8.48
C ILE G 323 -18.04 19.75 -7.11
N GLN G 324 -17.35 20.24 -6.07
CA GLN G 324 -17.71 19.90 -4.68
C GLN G 324 -18.33 21.12 -4.09
N HIS G 325 -19.64 20.96 -3.93
CA HIS G 325 -20.51 22.00 -3.63
C HIS G 325 -20.11 22.91 -2.60
N GLY G 326 -19.97 24.18 -2.90
CA GLY G 326 -19.67 25.03 -1.79
C GLY G 326 -18.24 25.17 -1.55
N ASP G 327 -17.47 24.25 -2.05
CA ASP G 327 -16.10 24.47 -1.84
C ASP G 327 -15.53 25.01 -3.12
N THR G 328 -15.89 24.42 -4.25
CA THR G 328 -15.30 24.87 -5.50
C THR G 328 -16.38 25.22 -6.53
N GLY G 329 -17.64 25.19 -6.10
CA GLY G 329 -18.75 25.52 -6.99
C GLY G 329 -20.04 25.05 -6.38
N TYR G 330 -21.14 25.01 -7.14
CA TYR G 330 -22.42 24.56 -6.61
C TYR G 330 -23.11 23.62 -7.57
N LEU G 331 -23.95 22.73 -7.04
CA LEU G 331 -24.68 21.80 -7.89
C LEU G 331 -26.17 22.05 -7.70
N CYS G 332 -27.04 21.38 -8.44
CA CYS G 332 -28.48 21.59 -8.28
C CYS G 332 -29.26 20.77 -9.29
N GLU G 333 -30.52 20.47 -8.98
CA GLU G 333 -31.33 19.65 -9.88
C GLU G 333 -31.56 20.30 -11.23
N VAL G 334 -31.81 19.47 -12.24
CA VAL G 334 -32.04 19.97 -13.59
C VAL G 334 -33.40 20.62 -13.65
N GLY G 335 -33.48 21.75 -14.37
CA GLY G 335 -34.72 22.49 -14.51
C GLY G 335 -34.98 23.53 -13.44
N ASP G 336 -34.14 23.51 -12.40
CA ASP G 336 -34.26 24.44 -11.27
C ASP G 336 -33.69 25.82 -11.64
N THR G 337 -34.27 26.43 -12.67
CA THR G 337 -33.84 27.75 -13.15
C THR G 337 -33.77 28.73 -11.97
N THR G 338 -34.84 28.75 -11.16
CA THR G 338 -34.93 29.63 -9.98
C THR G 338 -33.80 29.37 -8.97
N GLY G 339 -33.64 28.11 -8.55
CA GLY G 339 -32.59 27.77 -7.60
C GLY G 339 -31.20 28.17 -8.06
N VAL G 340 -30.96 28.02 -9.36
CA VAL G 340 -29.66 28.37 -9.93
C VAL G 340 -29.41 29.86 -9.81
N ALA G 341 -30.41 30.65 -10.21
CA ALA G 341 -30.35 32.11 -10.17
C ALA G 341 -30.03 32.58 -8.76
N ASP G 342 -30.77 32.03 -7.81
CA ASP G 342 -30.63 32.34 -6.38
C ASP G 342 -29.20 32.08 -5.92
N GLN G 343 -28.71 30.91 -6.26
CA GLN G 343 -27.37 30.52 -5.89
C GLN G 343 -26.34 31.47 -6.52
N ALA G 344 -26.64 31.93 -7.73
CA ALA G 344 -25.77 32.84 -8.47
C ALA G 344 -25.73 34.26 -7.87
N ILE G 345 -26.92 34.88 -7.81
CA ILE G 345 -27.08 36.23 -7.27
C ILE G 345 -26.37 36.34 -5.92
N GLN G 346 -26.50 35.30 -5.10
CA GLN G 346 -25.86 35.27 -3.79
C GLN G 346 -24.33 35.33 -3.89
N LEU G 347 -23.75 34.45 -4.70
CA LEU G 347 -22.30 34.37 -4.87
C LEU G 347 -21.70 35.57 -5.60
N LEU G 348 -22.51 36.23 -6.41
CA LEU G 348 -22.03 37.35 -7.19
C LEU G 348 -21.72 38.63 -6.40
N LYS G 349 -22.49 38.90 -5.34
CA LYS G 349 -22.29 40.07 -4.48
C LYS G 349 -21.27 39.79 -3.38
N ASP G 350 -21.47 38.71 -2.63
CA ASP G 350 -20.53 38.34 -1.59
C ASP G 350 -19.24 38.24 -2.44
N GLU G 351 -18.26 39.10 -2.17
CA GLU G 351 -17.04 39.09 -2.97
C GLU G 351 -15.99 38.28 -2.22
N GLU G 352 -16.30 38.00 -0.95
CA GLU G 352 -15.42 37.20 -0.10
C GLU G 352 -15.51 35.75 -0.60
N LEU G 353 -16.74 35.22 -0.55
CA LEU G 353 -17.06 33.87 -0.99
C LEU G 353 -16.58 33.62 -2.43
N HIS G 354 -16.78 34.61 -3.29
CA HIS G 354 -16.39 34.51 -4.69
C HIS G 354 -14.85 34.47 -4.88
N ARG G 355 -14.09 35.16 -4.05
CA ARG G 355 -12.62 35.10 -4.19
C ARG G 355 -12.10 33.78 -3.67
N ASN G 356 -12.78 33.26 -2.64
CA ASN G 356 -12.41 31.99 -2.01
C ASN G 356 -12.74 30.79 -2.90
N MET G 357 -14.00 30.73 -3.33
CA MET G 357 -14.45 29.65 -4.20
C MET G 357 -13.55 29.60 -5.43
N GLY G 358 -13.43 30.74 -6.12
CA GLY G 358 -12.59 30.80 -7.31
C GLY G 358 -11.17 30.34 -7.06
N GLU G 359 -10.70 30.48 -5.82
CA GLU G 359 -9.35 30.05 -5.48
C GLU G 359 -9.37 28.56 -5.15
N ARG G 360 -10.35 28.16 -4.32
CA ARG G 360 -10.56 26.77 -3.95
C ARG G 360 -10.58 25.94 -5.25
N ALA G 361 -11.43 26.37 -6.18
CA ALA G 361 -11.62 25.71 -7.48
C ALA G 361 -10.33 25.50 -8.25
N ARG G 362 -9.64 26.58 -8.63
CA ARG G 362 -8.41 26.39 -9.40
C ARG G 362 -7.34 25.63 -8.64
N GLU G 363 -7.63 25.29 -7.38
CA GLU G 363 -6.69 24.53 -6.58
C GLU G 363 -7.03 23.05 -6.70
N SER G 364 -8.29 22.69 -6.41
CA SER G 364 -8.73 21.30 -6.49
C SER G 364 -8.53 20.79 -7.91
N VAL G 365 -8.41 21.71 -8.87
CA VAL G 365 -8.15 21.36 -10.26
C VAL G 365 -6.70 20.93 -10.38
N TYR G 366 -5.78 21.77 -9.90
CA TYR G 366 -4.35 21.45 -9.93
C TYR G 366 -4.11 20.14 -9.18
N GLU G 367 -4.95 19.94 -8.17
CA GLU G 367 -4.94 18.80 -7.26
C GLU G 367 -5.13 17.38 -7.75
N GLN G 368 -6.29 17.17 -8.38
CA GLN G 368 -6.71 15.87 -8.87
C GLN G 368 -6.80 15.82 -10.40
N PHE G 369 -6.65 16.95 -11.06
CA PHE G 369 -6.72 17.00 -12.53
C PHE G 369 -5.46 17.55 -13.18
N ARG G 370 -4.39 17.66 -12.40
CA ARG G 370 -3.10 18.14 -12.88
C ARG G 370 -2.74 17.42 -14.19
N SER G 371 -2.49 18.18 -15.23
CA SER G 371 -2.14 17.55 -16.51
C SER G 371 -0.97 16.58 -16.38
N GLU G 372 0.14 17.04 -15.81
CA GLU G 372 1.32 16.18 -15.66
C GLU G 372 1.00 14.93 -14.83
N LYS G 373 0.01 15.02 -13.95
CA LYS G 373 -0.38 13.89 -13.11
C LYS G 373 -1.11 12.82 -13.94
N ILE G 374 -2.20 13.23 -14.59
CA ILE G 374 -2.99 12.34 -15.43
C ILE G 374 -2.15 11.73 -16.53
N VAL G 375 -1.34 12.53 -17.19
CA VAL G 375 -0.51 11.99 -18.24
C VAL G 375 0.33 10.84 -17.67
N SER G 376 0.80 10.98 -16.43
CA SER G 376 1.59 9.90 -15.84
C SER G 376 0.79 8.63 -15.60
N GLN G 377 -0.51 8.77 -15.36
CA GLN G 377 -1.34 7.60 -15.14
C GLN G 377 -1.42 6.81 -16.44
N TYR G 378 -1.65 7.53 -17.54
CA TYR G 378 -1.75 6.89 -18.85
C TYR G 378 -0.39 6.25 -19.16
N GLU G 379 0.67 6.97 -18.81
CA GLU G 379 2.01 6.48 -19.05
C GLU G 379 2.23 5.17 -18.32
N THR G 380 1.83 5.07 -17.06
CA THR G 380 2.06 3.83 -16.36
C THR G 380 1.14 2.74 -16.91
N ILE G 381 -0.05 3.12 -17.38
CA ILE G 381 -0.95 2.12 -17.94
C ILE G 381 -0.33 1.43 -19.15
N TYR G 382 0.41 2.21 -19.96
CA TYR G 382 1.06 1.66 -21.15
C TYR G 382 2.14 0.67 -20.74
N TYR G 383 3.02 1.13 -19.86
CA TYR G 383 4.11 0.28 -19.39
C TYR G 383 3.56 -1.00 -18.77
N ASP G 384 2.48 -0.86 -18.00
CA ASP G 384 1.85 -1.98 -17.33
C ASP G 384 1.29 -3.01 -18.31
N VAL G 385 0.68 -2.54 -19.39
CA VAL G 385 0.10 -3.45 -20.35
C VAL G 385 1.17 -4.26 -21.09
N LEU G 386 2.44 -4.06 -20.72
CA LEU G 386 3.55 -4.83 -21.32
C LEU G 386 4.31 -5.65 -20.19
N ARG G 387 5.30 -5.13 -19.63
N LYS H 15 -32.45 -28.56 -45.08
CA LYS H 15 -31.99 -28.76 -43.67
C LYS H 15 -30.75 -27.92 -43.29
N LEU H 16 -30.68 -26.66 -43.73
CA LEU H 16 -29.53 -25.81 -43.42
C LEU H 16 -29.95 -24.36 -43.26
N LYS H 17 -29.41 -23.66 -42.27
CA LYS H 17 -29.75 -22.24 -42.05
C LYS H 17 -28.64 -21.36 -42.60
N ILE H 18 -28.85 -20.80 -43.79
CA ILE H 18 -27.83 -19.98 -44.46
C ILE H 18 -28.14 -18.49 -44.41
N GLY H 19 -27.11 -17.65 -44.30
CA GLY H 19 -27.36 -16.22 -44.32
C GLY H 19 -26.65 -15.63 -45.53
N ILE H 20 -27.36 -14.94 -46.43
CA ILE H 20 -26.72 -14.35 -47.61
C ILE H 20 -26.57 -12.83 -47.48
N THR H 21 -25.49 -12.26 -48.00
CA THR H 21 -25.26 -10.83 -47.96
C THR H 21 -24.80 -10.36 -49.33
N CYS H 22 -25.44 -9.35 -49.89
CA CYS H 22 -25.08 -8.79 -51.21
C CYS H 22 -25.76 -7.43 -51.50
N TYR H 23 -25.56 -6.92 -52.71
CA TYR H 23 -26.16 -5.65 -53.11
C TYR H 23 -27.26 -5.88 -54.16
N PRO H 24 -28.49 -6.25 -53.72
CA PRO H 24 -29.67 -6.56 -54.57
C PRO H 24 -29.74 -6.13 -56.08
N GLY H 27 -25.52 -4.86 -58.27
CA GLY H 27 -24.95 -5.12 -59.59
C GLY H 27 -25.10 -6.58 -60.02
N GLY H 28 -23.99 -7.23 -60.38
CA GLY H 28 -24.02 -8.62 -60.80
C GLY H 28 -24.18 -9.55 -59.60
N SER H 29 -23.38 -9.29 -58.56
CA SER H 29 -23.39 -10.04 -57.32
C SER H 29 -24.78 -10.21 -56.71
N GLY H 30 -25.55 -9.12 -56.73
CA GLY H 30 -26.90 -9.16 -56.17
C GLY H 30 -27.78 -10.13 -56.91
N VAL H 31 -27.78 -10.04 -58.23
CA VAL H 31 -28.59 -10.95 -59.02
C VAL H 31 -28.29 -12.39 -58.59
N VAL H 32 -27.03 -12.76 -58.66
CA VAL H 32 -26.61 -14.12 -58.30
C VAL H 32 -26.93 -14.48 -56.86
N GLY H 33 -26.45 -13.64 -55.93
CA GLY H 33 -26.68 -13.86 -54.52
C GLY H 33 -28.16 -14.10 -54.23
N THR H 34 -29.00 -13.22 -54.74
CA THR H 34 -30.45 -13.30 -54.54
C THR H 34 -31.02 -14.55 -55.14
N GLU H 35 -30.62 -14.85 -56.37
CA GLU H 35 -31.14 -16.03 -57.03
C GLU H 35 -30.68 -17.28 -56.31
N LEU H 36 -29.42 -17.28 -55.90
CA LEU H 36 -28.88 -18.43 -55.18
C LEU H 36 -29.71 -18.67 -53.91
N GLY H 37 -30.14 -17.60 -53.25
CA GLY H 37 -30.92 -17.74 -52.04
C GLY H 37 -32.32 -18.25 -52.34
N LYS H 38 -32.88 -17.77 -53.43
CA LYS H 38 -34.20 -18.19 -53.83
C LYS H 38 -34.16 -19.71 -54.10
N GLN H 39 -33.17 -20.15 -54.90
CA GLN H 39 -33.00 -21.56 -55.24
C GLN H 39 -32.84 -22.42 -53.98
N LEU H 40 -31.84 -22.07 -53.16
CA LEU H 40 -31.56 -22.78 -51.92
C LEU H 40 -32.80 -22.91 -51.05
N ALA H 41 -33.65 -21.89 -51.12
CA ALA H 41 -34.88 -21.87 -50.34
C ALA H 41 -35.81 -22.96 -50.84
N GLU H 42 -36.02 -22.99 -52.15
CA GLU H 42 -36.89 -23.99 -52.77
C GLU H 42 -36.41 -25.40 -52.44
N ARG H 43 -35.14 -25.54 -52.09
CA ARG H 43 -34.64 -26.86 -51.75
C ARG H 43 -34.83 -27.18 -50.28
N GLY H 44 -35.62 -26.37 -49.59
CA GLY H 44 -35.92 -26.63 -48.18
C GLY H 44 -35.05 -25.96 -47.12
N HIS H 45 -33.99 -25.28 -47.57
CA HIS H 45 -33.10 -24.59 -46.65
C HIS H 45 -33.80 -23.34 -46.15
N GLU H 46 -33.35 -22.85 -45.01
CA GLU H 46 -33.92 -21.63 -44.44
C GLU H 46 -32.90 -20.50 -44.70
N ILE H 47 -33.23 -19.64 -45.65
CA ILE H 47 -32.38 -18.52 -46.04
C ILE H 47 -32.70 -17.24 -45.27
N HIS H 48 -31.65 -16.54 -44.85
CA HIS H 48 -31.77 -15.30 -44.10
C HIS H 48 -30.95 -14.22 -44.76
N PHE H 49 -31.59 -13.38 -45.55
CA PHE H 49 -30.88 -12.29 -46.21
C PHE H 49 -30.55 -11.19 -45.23
N ILE H 50 -29.27 -10.88 -45.11
CA ILE H 50 -28.88 -9.82 -44.20
C ILE H 50 -28.30 -8.74 -45.07
N THR H 51 -29.12 -7.77 -45.42
CA THR H 51 -28.71 -6.69 -46.28
C THR H 51 -29.69 -5.52 -46.24
N SER H 52 -29.17 -4.30 -46.22
CA SER H 52 -29.99 -3.08 -46.21
C SER H 52 -30.36 -2.64 -47.64
N GLY H 53 -31.57 -2.96 -48.08
CA GLY H 53 -32.01 -2.60 -49.41
C GLY H 53 -33.31 -3.29 -49.76
N LEU H 54 -33.46 -3.72 -51.02
CA LEU H 54 -34.69 -4.41 -51.44
C LEU H 54 -34.50 -5.51 -52.52
N PRO H 55 -34.11 -6.74 -52.11
CA PRO H 55 -33.91 -7.89 -53.02
C PRO H 55 -35.18 -8.44 -53.76
N LYS H 60 -43.40 -13.08 -55.62
CA LYS H 60 -43.95 -14.12 -54.73
C LYS H 60 -43.46 -13.99 -53.25
N VAL H 61 -43.81 -14.94 -52.38
CA VAL H 61 -43.36 -14.93 -50.95
C VAL H 61 -43.07 -16.35 -50.43
N TYR H 62 -41.86 -16.57 -49.92
CA TYR H 62 -41.46 -17.88 -49.40
C TYR H 62 -41.45 -17.84 -47.88
N PRO H 63 -42.07 -18.85 -47.24
CA PRO H 63 -42.15 -18.94 -45.77
C PRO H 63 -40.81 -19.20 -45.09
N ASN H 64 -39.84 -19.62 -45.90
CA ASN H 64 -38.50 -19.95 -45.43
C ASN H 64 -37.38 -19.00 -45.88
N ILE H 65 -37.76 -17.78 -46.24
CA ILE H 65 -36.79 -16.75 -46.64
C ILE H 65 -37.13 -15.52 -45.81
N TYR H 66 -36.20 -15.13 -44.94
CA TYR H 66 -36.42 -13.97 -44.08
C TYR H 66 -35.54 -12.83 -44.53
N PHE H 67 -36.00 -11.59 -44.36
CA PHE H 67 -35.19 -10.45 -44.75
C PHE H 67 -34.86 -9.59 -43.55
N HIS H 68 -33.59 -9.45 -43.24
CA HIS H 68 -33.18 -8.63 -42.12
C HIS H 68 -32.53 -7.41 -42.73
N GLU H 69 -32.82 -6.22 -42.25
CA GLU H 69 -32.18 -5.07 -42.88
C GLU H 69 -31.37 -4.25 -41.89
N VAL H 70 -30.25 -3.73 -42.38
CA VAL H 70 -29.36 -2.96 -41.55
C VAL H 70 -29.81 -1.52 -41.40
N THR H 71 -30.12 -1.14 -40.18
CA THR H 71 -30.56 0.24 -39.91
C THR H 71 -29.41 1.05 -39.32
N VAL H 72 -29.16 2.24 -39.85
CA VAL H 72 -28.07 3.08 -39.35
C VAL H 72 -28.58 4.41 -38.72
N ASN H 73 -27.73 5.13 -37.98
CA ASN H 73 -28.15 6.42 -37.38
C ASN H 73 -27.00 7.46 -37.30
N PHE H 78 -20.82 11.80 -35.05
CA PHE H 78 -20.34 10.86 -36.08
C PHE H 78 -19.96 11.45 -37.45
N GLN H 79 -18.79 11.05 -37.98
CA GLN H 79 -18.29 11.49 -39.30
C GLN H 79 -19.01 10.94 -40.54
N TYR H 80 -19.08 9.60 -40.60
CA TYR H 80 -19.75 8.90 -41.69
C TYR H 80 -20.61 7.85 -41.02
N PRO H 81 -21.82 7.59 -41.56
CA PRO H 81 -22.72 6.58 -40.97
C PRO H 81 -22.05 5.19 -41.04
N PRO H 82 -21.74 4.56 -39.89
CA PRO H 82 -21.09 3.24 -39.88
C PRO H 82 -21.84 2.08 -40.50
N TYR H 83 -22.06 2.09 -41.80
CA TYR H 83 -22.78 1.00 -42.42
C TYR H 83 -22.02 -0.31 -42.24
N ASP H 84 -20.71 -0.27 -42.40
CA ASP H 84 -19.95 -1.50 -42.29
C ASP H 84 -20.15 -2.12 -40.92
N LEU H 85 -19.78 -1.39 -39.89
CA LEU H 85 -19.93 -1.85 -38.51
C LEU H 85 -21.35 -2.26 -38.24
N ALA H 86 -22.30 -1.48 -38.72
CA ALA H 86 -23.70 -1.81 -38.49
C ALA H 86 -24.06 -3.16 -39.10
N LEU H 87 -23.55 -3.41 -40.30
CA LEU H 87 -23.81 -4.65 -41.00
C LEU H 87 -23.17 -5.82 -40.25
N ALA H 88 -21.97 -5.58 -39.75
CA ALA H 88 -21.27 -6.59 -38.98
C ALA H 88 -22.12 -6.93 -37.76
N SER H 89 -22.58 -5.89 -37.09
CA SER H 89 -23.38 -6.07 -35.91
C SER H 89 -24.65 -6.89 -36.19
N LYS H 90 -25.33 -6.59 -37.28
CA LYS H 90 -26.55 -7.29 -37.62
C LYS H 90 -26.27 -8.75 -38.01
N MET H 91 -25.16 -8.97 -38.72
CA MET H 91 -24.80 -10.33 -39.12
C MET H 91 -24.69 -11.10 -37.80
N ALA H 92 -23.90 -10.58 -36.87
CA ALA H 92 -23.70 -11.23 -35.57
C ALA H 92 -25.01 -11.47 -34.84
N GLU H 93 -25.86 -10.47 -34.80
CA GLU H 93 -27.12 -10.60 -34.12
C GLU H 93 -27.98 -11.68 -34.77
N VAL H 94 -28.21 -11.59 -36.07
CA VAL H 94 -29.02 -12.60 -36.74
C VAL H 94 -28.40 -13.98 -36.61
N ALA H 95 -27.08 -14.02 -36.71
CA ALA H 95 -26.38 -15.29 -36.64
C ALA H 95 -26.70 -16.07 -35.40
N GLN H 96 -26.43 -15.50 -34.23
CA GLN H 96 -26.67 -16.25 -33.02
C GLN H 96 -28.12 -16.32 -32.59
N ARG H 97 -28.93 -15.40 -33.11
CA ARG H 97 -30.35 -15.42 -32.75
C ARG H 97 -31.04 -16.56 -33.50
N GLU H 98 -30.81 -16.65 -34.82
CA GLU H 98 -31.42 -17.68 -35.66
C GLU H 98 -30.59 -18.95 -35.73
N ASN H 99 -29.42 -18.91 -35.09
CA ASN H 99 -28.51 -20.03 -35.09
C ASN H 99 -28.15 -20.50 -36.48
N LEU H 100 -27.59 -19.59 -37.26
CA LEU H 100 -27.18 -19.85 -38.63
C LEU H 100 -25.98 -20.79 -38.67
N ASP H 101 -25.87 -21.54 -39.76
CA ASP H 101 -24.79 -22.50 -39.95
C ASP H 101 -23.71 -21.86 -40.80
N ILE H 102 -24.13 -21.35 -41.95
CA ILE H 102 -23.25 -20.71 -42.90
C ILE H 102 -23.66 -19.25 -43.09
N LEU H 103 -22.64 -18.45 -43.39
CA LEU H 103 -22.82 -17.04 -43.65
C LEU H 103 -22.13 -16.85 -45.03
N HIS H 104 -22.95 -16.70 -46.07
CA HIS H 104 -22.43 -16.57 -47.44
C HIS H 104 -22.46 -15.14 -47.95
N VAL H 105 -21.29 -14.62 -48.20
CA VAL H 105 -21.21 -13.25 -48.55
C VAL H 105 -20.82 -13.04 -49.96
N HIS H 106 -21.24 -11.95 -50.57
CA HIS H 106 -20.84 -11.77 -51.92
C HIS H 106 -19.96 -10.73 -52.46
N TYR H 107 -19.77 -9.56 -51.95
CA TYR H 107 -18.72 -8.91 -52.73
C TYR H 107 -17.62 -9.02 -51.70
N ALA H 108 -16.40 -8.66 -51.96
CA ALA H 108 -15.41 -8.91 -50.90
C ALA H 108 -15.35 -7.83 -49.88
N ILE H 109 -15.21 -6.61 -50.36
CA ILE H 109 -15.27 -5.45 -49.47
C ILE H 109 -16.72 -4.99 -49.61
N PRO H 110 -17.37 -4.62 -48.47
CA PRO H 110 -16.89 -4.88 -47.10
C PRO H 110 -17.26 -6.21 -46.52
N HIS H 111 -18.33 -6.79 -47.06
CA HIS H 111 -18.87 -8.07 -46.58
C HIS H 111 -17.99 -9.14 -45.99
N ALA H 112 -16.84 -9.36 -46.61
CA ALA H 112 -15.88 -10.34 -46.13
C ALA H 112 -15.39 -9.93 -44.74
N ILE H 113 -14.93 -8.69 -44.59
CA ILE H 113 -14.48 -8.23 -43.29
C ILE H 113 -15.62 -8.17 -42.28
N CYS H 114 -16.81 -7.78 -42.73
CA CYS H 114 -17.94 -7.71 -41.83
C CYS H 114 -18.26 -9.09 -41.27
N ALA H 115 -18.22 -10.09 -42.13
CA ALA H 115 -18.50 -11.45 -41.70
C ALA H 115 -17.38 -11.89 -40.73
N TYR H 116 -16.17 -11.40 -40.92
CA TYR H 116 -15.11 -11.79 -40.01
C TYR H 116 -15.44 -11.30 -38.60
N LEU H 117 -15.73 -9.99 -38.48
CA LEU H 117 -16.10 -9.37 -37.21
C LEU H 117 -17.28 -10.10 -36.57
N ALA H 118 -18.32 -10.32 -37.35
CA ALA H 118 -19.49 -11.03 -36.89
C ALA H 118 -19.10 -12.37 -36.24
N LYS H 119 -18.27 -13.12 -36.96
CA LYS H 119 -17.78 -14.43 -36.51
C LYS H 119 -17.07 -14.27 -35.17
N GLN H 120 -16.10 -13.36 -35.12
CA GLN H 120 -15.35 -13.13 -33.89
C GLN H 120 -16.25 -12.71 -32.75
N MET H 121 -17.27 -11.92 -33.09
CA MET H 121 -18.21 -11.47 -32.07
C MET H 121 -19.09 -12.59 -31.52
N ILE H 122 -19.43 -13.62 -32.31
CA ILE H 122 -20.26 -14.69 -31.77
C ILE H 122 -19.45 -15.94 -31.38
N GLY H 123 -18.19 -15.72 -31.03
CA GLY H 123 -17.32 -16.83 -30.63
C GLY H 123 -16.93 -17.81 -31.71
N GLU H 124 -16.98 -17.37 -32.97
CA GLU H 124 -16.59 -18.22 -34.09
C GLU H 124 -17.47 -19.44 -34.32
N ARG H 125 -18.71 -19.39 -33.82
CA ARG H 125 -19.64 -20.50 -33.97
C ARG H 125 -20.43 -20.42 -35.30
N ILE H 126 -19.73 -20.20 -36.41
CA ILE H 126 -20.38 -20.03 -37.71
C ILE H 126 -19.31 -20.19 -38.81
N LYS H 127 -19.72 -20.61 -40.01
CA LYS H 127 -18.80 -20.78 -41.14
C LYS H 127 -18.99 -19.71 -42.20
N ILE H 128 -17.89 -19.03 -42.57
CA ILE H 128 -17.96 -17.98 -43.58
C ILE H 128 -17.59 -18.44 -44.99
N VAL H 129 -18.45 -18.16 -45.96
CA VAL H 129 -18.20 -18.50 -47.35
C VAL H 129 -18.15 -17.21 -48.15
N THR H 130 -17.03 -16.90 -48.75
CA THR H 130 -16.92 -15.65 -49.51
C THR H 130 -16.88 -15.88 -50.99
N THR H 131 -17.72 -15.24 -51.77
CA THR H 131 -17.66 -15.41 -53.24
C THR H 131 -17.10 -14.13 -53.88
N LEU H 132 -16.06 -14.24 -54.68
CA LEU H 132 -15.50 -13.03 -55.27
C LEU H 132 -16.18 -12.83 -56.58
N HIS H 133 -16.05 -11.66 -57.16
CA HIS H 133 -16.74 -11.29 -58.40
C HIS H 133 -15.89 -10.25 -59.08
N GLY H 134 -16.40 -9.55 -60.06
CA GLY H 134 -15.41 -8.69 -60.70
C GLY H 134 -14.43 -7.58 -60.27
N THR H 135 -15.05 -6.49 -59.82
CA THR H 135 -14.45 -5.24 -59.40
C THR H 135 -13.81 -5.33 -58.01
N ASP H 136 -14.44 -6.08 -57.09
CA ASP H 136 -13.87 -6.21 -55.75
C ASP H 136 -12.40 -6.58 -55.82
N ILE H 137 -12.04 -7.39 -56.80
CA ILE H 137 -10.63 -7.77 -56.94
C ILE H 137 -10.00 -6.91 -58.06
N THR H 138 -10.64 -6.93 -59.23
CA THR H 138 -10.19 -6.19 -60.40
C THR H 138 -9.79 -4.74 -60.06
N VAL H 139 -10.78 -3.94 -59.63
CA VAL H 139 -10.51 -2.53 -59.34
C VAL H 139 -10.15 -2.19 -57.88
N LEU H 140 -10.88 -2.75 -56.93
CA LEU H 140 -10.58 -2.49 -55.53
C LEU H 140 -9.21 -3.01 -55.16
N GLY H 141 -8.95 -4.28 -55.44
CA GLY H 141 -7.66 -4.88 -55.12
C GLY H 141 -6.46 -4.07 -55.60
N SER H 142 -6.69 -3.22 -56.61
CA SER H 142 -5.64 -2.37 -57.18
C SER H 142 -5.28 -1.27 -56.16
N ASP H 143 -6.28 -0.76 -55.46
CA ASP H 143 -6.08 0.30 -54.46
C ASP H 143 -5.30 -0.18 -53.21
N PRO H 144 -4.08 0.35 -53.00
CA PRO H 144 -3.23 -0.01 -51.86
C PRO H 144 -3.86 0.24 -50.49
N SER H 145 -4.80 1.19 -50.44
CA SER H 145 -5.48 1.51 -49.19
C SER H 145 -6.47 0.39 -48.78
N LEU H 146 -6.67 -0.60 -49.63
CA LEU H 146 -7.61 -1.67 -49.31
C LEU H 146 -7.05 -3.03 -49.65
N ASN H 147 -5.81 -3.06 -50.09
CA ASN H 147 -5.22 -4.32 -50.47
C ASN H 147 -5.21 -5.32 -49.34
N ASN H 148 -4.41 -5.01 -48.31
CA ASN H 148 -4.26 -5.84 -47.12
C ASN H 148 -5.62 -6.18 -46.49
N LEU H 149 -6.58 -5.29 -46.68
CA LEU H 149 -7.91 -5.50 -46.13
C LEU H 149 -8.62 -6.62 -46.90
N ILE H 150 -8.51 -6.59 -48.22
CA ILE H 150 -9.13 -7.63 -49.05
C ILE H 150 -8.44 -8.95 -48.80
N ARG H 151 -7.11 -8.92 -48.68
CA ARG H 151 -6.37 -10.15 -48.44
C ARG H 151 -6.84 -10.79 -47.13
N PHE H 152 -6.76 -10.01 -46.05
CA PHE H 152 -7.17 -10.48 -44.73
C PHE H 152 -8.58 -11.08 -44.77
N GLY H 153 -9.50 -10.39 -45.45
CA GLY H 153 -10.86 -10.87 -45.55
C GLY H 153 -10.95 -12.23 -46.23
N ILE H 154 -10.20 -12.39 -47.31
CA ILE H 154 -10.19 -13.66 -48.05
C ILE H 154 -9.59 -14.75 -47.19
N GLU H 155 -8.39 -14.49 -46.67
CA GLU H 155 -7.70 -15.48 -45.86
C GLU H 155 -8.49 -15.92 -44.64
N GLN H 156 -9.30 -15.02 -44.09
CA GLN H 156 -10.08 -15.33 -42.90
C GLN H 156 -11.37 -16.06 -43.14
N SER H 157 -11.82 -16.08 -44.38
CA SER H 157 -13.07 -16.78 -44.70
C SER H 157 -12.76 -18.25 -44.63
N ASP H 158 -13.77 -19.06 -44.35
CA ASP H 158 -13.54 -20.50 -44.28
C ASP H 158 -13.43 -21.12 -45.67
N VAL H 159 -14.24 -20.66 -46.61
CA VAL H 159 -14.19 -21.15 -47.98
C VAL H 159 -14.26 -19.90 -48.86
N VAL H 160 -13.56 -19.88 -49.99
CA VAL H 160 -13.61 -18.69 -50.87
C VAL H 160 -13.81 -19.20 -52.28
N THR H 161 -14.65 -18.56 -53.07
CA THR H 161 -14.85 -19.02 -54.44
C THR H 161 -14.83 -17.81 -55.34
N ALA H 162 -14.64 -18.04 -56.63
CA ALA H 162 -14.64 -16.95 -57.60
C ALA H 162 -15.54 -17.40 -58.74
N VAL H 163 -15.90 -16.44 -59.59
CA VAL H 163 -16.83 -16.71 -60.67
C VAL H 163 -16.18 -17.18 -61.93
N SER H 164 -14.85 -17.05 -61.98
CA SER H 164 -14.16 -17.49 -63.16
C SER H 164 -12.70 -17.74 -62.82
N HIS H 165 -12.06 -18.61 -63.59
CA HIS H 165 -10.64 -18.87 -63.37
C HIS H 165 -9.83 -17.62 -63.61
N SER H 166 -10.28 -16.77 -64.51
CA SER H 166 -9.55 -15.55 -64.78
C SER H 166 -9.45 -14.72 -63.50
N LEU H 167 -10.55 -14.75 -62.73
CA LEU H 167 -10.60 -13.98 -61.51
C LEU H 167 -9.64 -14.56 -60.48
N ILE H 168 -9.65 -15.88 -60.31
CA ILE H 168 -8.74 -16.52 -59.38
C ILE H 168 -7.30 -16.19 -59.75
N ASN H 169 -7.09 -15.80 -60.99
CA ASN H 169 -5.74 -15.47 -61.40
C ASN H 169 -5.42 -14.07 -61.02
N GLU H 170 -6.35 -13.19 -61.32
CA GLU H 170 -6.24 -11.77 -61.02
C GLU H 170 -6.06 -11.61 -59.52
N THR H 171 -6.75 -12.47 -58.77
CA THR H 171 -6.69 -12.42 -57.33
C THR H 171 -5.31 -12.74 -56.80
N HIS H 172 -4.75 -13.83 -57.27
CA HIS H 172 -3.43 -14.22 -56.81
C HIS H 172 -2.37 -13.28 -57.32
N GLU H 173 -2.71 -12.50 -58.34
CA GLU H 173 -1.74 -11.58 -58.88
C GLU H 173 -1.69 -10.24 -58.14
N LEU H 174 -2.87 -9.66 -57.89
CA LEU H 174 -2.96 -8.36 -57.22
C LEU H 174 -3.03 -8.44 -55.69
N VAL H 175 -3.92 -9.29 -55.17
CA VAL H 175 -4.05 -9.41 -53.72
C VAL H 175 -3.05 -10.36 -53.09
N LYS H 176 -2.73 -11.46 -53.77
CA LYS H 176 -1.75 -12.44 -53.28
C LYS H 176 -2.08 -13.04 -51.92
N PRO H 177 -3.30 -13.57 -51.79
CA PRO H 177 -3.70 -14.17 -50.52
C PRO H 177 -3.15 -15.59 -50.33
N ASN H 178 -2.96 -15.97 -49.07
CA ASN H 178 -2.51 -17.32 -48.78
C ASN H 178 -3.74 -18.13 -48.46
N LYS H 179 -4.59 -18.34 -49.45
CA LYS H 179 -5.81 -19.10 -49.24
C LYS H 179 -6.15 -19.75 -50.57
N ASP H 180 -6.92 -20.81 -50.54
CA ASP H 180 -7.32 -21.49 -51.77
C ASP H 180 -8.66 -20.96 -52.25
N ILE H 181 -8.76 -20.70 -53.53
CA ILE H 181 -10.02 -20.22 -54.06
C ILE H 181 -10.56 -21.21 -55.08
N GLN H 182 -11.81 -21.66 -54.89
CA GLN H 182 -12.46 -22.61 -55.83
C GLN H 182 -13.13 -21.82 -56.91
N THR H 183 -13.59 -22.49 -57.96
CA THR H 183 -14.28 -21.76 -59.02
C THR H 183 -15.69 -22.27 -59.09
N VAL H 184 -16.64 -21.35 -59.12
CA VAL H 184 -18.06 -21.71 -59.22
C VAL H 184 -18.62 -20.60 -60.09
N TYR H 185 -19.03 -20.96 -61.29
CA TYR H 185 -19.55 -19.98 -62.24
C TYR H 185 -20.92 -19.46 -61.85
N ASN H 186 -21.33 -18.33 -62.42
CA ASN H 186 -22.66 -17.81 -62.10
C ASN H 186 -23.67 -18.56 -62.93
N PHE H 187 -24.94 -18.44 -62.55
CA PHE H 187 -25.99 -19.11 -63.27
C PHE H 187 -27.13 -18.18 -63.60
N ILE H 188 -28.13 -18.73 -64.27
CA ILE H 188 -29.29 -17.97 -64.72
C ILE H 188 -30.52 -18.80 -64.47
N ASP H 189 -31.63 -18.12 -64.16
CA ASP H 189 -32.89 -18.80 -63.92
C ASP H 189 -33.55 -19.07 -65.28
N GLU H 190 -33.44 -20.31 -65.75
CA GLU H 190 -34.03 -20.70 -67.03
C GLU H 190 -35.54 -20.43 -67.07
N ARG H 191 -36.15 -20.39 -65.88
CA ARG H 191 -37.58 -20.15 -65.71
C ARG H 191 -37.89 -18.67 -66.07
N VAL H 192 -36.86 -17.93 -66.46
CA VAL H 192 -36.98 -16.51 -66.83
C VAL H 192 -36.39 -16.22 -68.22
N TYR H 193 -35.43 -17.06 -68.64
CA TYR H 193 -34.78 -16.90 -69.92
C TYR H 193 -34.98 -18.11 -70.83
N PHE H 194 -35.86 -17.97 -71.82
CA PHE H 194 -36.11 -19.04 -72.78
C PHE H 194 -36.12 -18.42 -74.17
N LYS H 195 -36.09 -19.28 -75.20
CA LYS H 195 -36.09 -18.83 -76.58
C LYS H 195 -37.43 -18.27 -77.09
N ARG H 196 -38.30 -17.85 -76.18
CA ARG H 196 -39.59 -17.26 -76.59
C ARG H 196 -39.27 -16.13 -77.60
N ASP H 197 -40.24 -15.74 -78.43
CA ASP H 197 -40.02 -14.63 -79.39
C ASP H 197 -41.11 -13.55 -79.24
N MET H 198 -40.66 -12.33 -78.97
CA MET H 198 -41.55 -11.18 -78.80
C MET H 198 -41.78 -10.49 -80.16
N THR H 199 -42.34 -11.25 -81.12
CA THR H 199 -42.61 -10.71 -82.44
C THR H 199 -43.64 -9.54 -82.35
N GLN H 200 -44.58 -9.63 -81.40
CA GLN H 200 -45.59 -8.59 -81.19
C GLN H 200 -44.98 -7.31 -80.57
N LEU H 201 -43.90 -7.49 -79.82
CA LEU H 201 -43.17 -6.41 -79.16
C LEU H 201 -42.30 -5.59 -80.15
N LYS H 202 -41.73 -6.25 -81.16
CA LYS H 202 -40.88 -5.59 -82.17
C LYS H 202 -41.73 -4.49 -82.81
N LYS H 203 -43.02 -4.81 -82.96
CA LYS H 203 -44.02 -3.91 -83.53
C LYS H 203 -44.17 -2.71 -82.60
N GLU H 204 -44.31 -2.99 -81.31
CA GLU H 204 -44.46 -1.95 -80.30
C GLU H 204 -43.22 -1.03 -80.19
N TYR H 205 -42.08 -1.49 -80.71
CA TYR H 205 -40.81 -0.72 -80.70
C TYR H 205 -40.56 -0.13 -82.08
N GLY H 206 -41.43 -0.46 -83.02
CA GLY H 206 -41.31 0.07 -84.38
C GLY H 206 -40.33 -0.52 -85.39
N ILE H 207 -39.96 -1.77 -85.19
CA ILE H 207 -38.98 -2.43 -86.03
C ILE H 207 -39.39 -3.66 -86.95
N SER H 208 -38.76 -3.79 -88.15
CA SER H 208 -38.99 -4.90 -89.15
C SER H 208 -40.21 -5.80 -88.93
N LYS H 212 -33.07 -7.19 -88.72
CA LYS H 212 -32.01 -7.71 -87.85
C LYS H 212 -31.83 -6.87 -86.55
N ILE H 213 -31.74 -7.54 -85.40
CA ILE H 213 -31.58 -6.86 -84.10
C ILE H 213 -30.29 -7.18 -83.32
N LEU H 214 -29.52 -6.12 -83.02
CA LEU H 214 -28.28 -6.21 -82.25
C LEU H 214 -28.51 -5.55 -80.90
N ILE H 215 -28.35 -6.33 -79.82
CA ILE H 215 -28.58 -5.85 -78.47
C ILE H 215 -27.30 -5.80 -77.64
N HIS H 216 -27.15 -4.75 -76.84
CA HIS H 216 -25.99 -4.58 -75.98
C HIS H 216 -26.42 -4.06 -74.61
N ILE H 217 -26.00 -4.73 -73.53
CA ILE H 217 -26.39 -4.30 -72.20
C ILE H 217 -25.16 -3.96 -71.33
N SER H 218 -25.12 -2.76 -70.77
CA SER H 218 -23.99 -2.38 -69.92
C SER H 218 -24.34 -1.17 -69.05
N ASN H 219 -23.38 -0.75 -68.23
CA ASN H 219 -23.60 0.39 -67.37
C ASN H 219 -22.95 1.63 -67.97
N PHE H 220 -22.82 1.65 -69.30
CA PHE H 220 -22.21 2.79 -69.98
C PHE H 220 -21.02 3.45 -69.28
N ARG H 221 -20.07 2.63 -68.85
CA ARG H 221 -18.84 3.11 -68.22
C ARG H 221 -17.74 2.99 -69.29
N LYS H 222 -16.61 3.65 -69.05
CA LYS H 222 -15.55 3.62 -70.05
C LYS H 222 -14.99 2.23 -70.30
N VAL H 223 -15.02 1.43 -69.26
CA VAL H 223 -14.51 0.07 -69.33
C VAL H 223 -15.34 -0.80 -70.27
N LYS H 224 -16.63 -0.48 -70.41
CA LYS H 224 -17.50 -1.26 -71.29
C LYS H 224 -17.22 -0.96 -72.75
N ARG H 225 -16.52 0.16 -72.99
CA ARG H 225 -16.16 0.59 -74.34
C ARG H 225 -17.39 0.63 -75.25
N VAL H 226 -18.45 1.30 -74.81
CA VAL H 226 -19.67 1.35 -75.61
C VAL H 226 -19.43 1.99 -76.98
N GLN H 227 -18.40 2.83 -77.05
CA GLN H 227 -18.06 3.50 -78.31
C GLN H 227 -17.79 2.45 -79.37
N ASP H 228 -17.04 1.42 -79.02
CA ASP H 228 -16.74 0.36 -79.98
C ASP H 228 -17.97 -0.39 -80.43
N VAL H 229 -18.97 -0.51 -79.54
CA VAL H 229 -20.20 -1.22 -79.91
C VAL H 229 -20.91 -0.41 -80.98
N VAL H 230 -20.76 0.92 -80.90
CA VAL H 230 -21.38 1.79 -81.88
C VAL H 230 -20.58 1.76 -83.21
N GLN H 231 -19.26 1.95 -83.12
CA GLN H 231 -18.38 1.93 -84.30
C GLN H 231 -18.63 0.68 -85.14
N ALA H 232 -18.61 -0.47 -84.46
CA ALA H 232 -18.85 -1.73 -85.11
C ALA H 232 -20.23 -1.75 -85.76
N PHE H 233 -21.21 -1.14 -85.10
CA PHE H 233 -22.57 -1.10 -85.64
C PHE H 233 -22.67 -0.16 -86.84
N ALA H 234 -21.91 0.93 -86.79
CA ALA H 234 -21.88 1.90 -87.89
C ALA H 234 -21.47 1.17 -89.16
N LYS H 235 -20.48 0.27 -89.01
CA LYS H 235 -19.98 -0.52 -90.13
C LYS H 235 -20.94 -1.67 -90.45
N ILE H 236 -21.21 -2.52 -89.46
CA ILE H 236 -22.09 -3.66 -89.62
C ILE H 236 -23.47 -3.28 -90.27
N VAL H 237 -23.84 -1.99 -90.17
CA VAL H 237 -25.11 -1.49 -90.72
C VAL H 237 -25.08 -1.18 -92.23
N THR H 238 -23.93 -0.74 -92.74
CA THR H 238 -23.79 -0.43 -94.16
C THR H 238 -24.07 -1.65 -95.03
N GLU H 239 -23.76 -2.85 -94.51
CA GLU H 239 -23.98 -4.07 -95.29
C GLU H 239 -25.18 -4.94 -94.84
N VAL H 240 -25.86 -4.51 -93.78
CA VAL H 240 -27.04 -5.24 -93.27
C VAL H 240 -27.97 -4.22 -92.60
N ASP H 241 -29.27 -4.34 -92.84
CA ASP H 241 -30.21 -3.42 -92.21
C ASP H 241 -30.60 -4.00 -90.84
N ALA H 242 -30.20 -3.29 -89.79
CA ALA H 242 -30.50 -3.73 -88.43
C ALA H 242 -30.40 -2.53 -87.50
N LYS H 243 -31.13 -2.64 -86.39
CA LYS H 243 -31.13 -1.59 -85.39
C LYS H 243 -30.32 -2.10 -84.17
N LEU H 244 -29.76 -1.17 -83.41
CA LEU H 244 -28.97 -1.49 -82.22
C LEU H 244 -29.71 -1.11 -80.94
N LEU H 245 -29.94 -2.09 -80.07
CA LEU H 245 -30.62 -1.82 -78.80
C LEU H 245 -29.57 -1.53 -77.73
N LEU H 246 -29.50 -0.28 -77.26
CA LEU H 246 -28.55 0.06 -76.20
C LEU H 246 -29.25 0.14 -74.85
N VAL H 247 -29.24 -0.99 -74.12
CA VAL H 247 -29.85 -1.08 -72.81
C VAL H 247 -28.87 -0.60 -71.76
N GLY H 248 -29.34 0.17 -70.79
CA GLY H 248 -28.45 0.67 -69.76
C GLY H 248 -28.26 2.19 -69.81
N ASP H 249 -27.67 2.71 -68.74
CA ASP H 249 -27.42 4.13 -68.62
C ASP H 249 -26.23 4.33 -67.69
N GLY H 250 -25.41 5.31 -68.00
CA GLY H 250 -24.24 5.58 -67.19
C GLY H 250 -23.55 6.87 -67.58
N PRO H 251 -22.38 7.15 -67.02
CA PRO H 251 -21.61 8.38 -67.30
C PRO H 251 -21.37 8.67 -68.79
N GLU H 252 -20.82 7.67 -69.50
CA GLU H 252 -20.51 7.79 -70.92
C GLU H 252 -21.73 7.82 -71.83
N PHE H 253 -22.89 8.09 -71.26
CA PHE H 253 -24.12 8.12 -72.04
C PHE H 253 -24.15 9.21 -73.10
N CYS H 254 -23.88 10.43 -72.68
CA CYS H 254 -23.91 11.57 -73.58
C CYS H 254 -22.92 11.40 -74.71
N THR H 255 -21.73 10.95 -74.37
CA THR H 255 -20.70 10.76 -75.37
C THR H 255 -21.21 9.77 -76.42
N ILE H 256 -21.81 8.67 -75.97
CA ILE H 256 -22.34 7.67 -76.88
C ILE H 256 -23.50 8.25 -77.69
N LEU H 257 -24.29 9.09 -77.03
CA LEU H 257 -25.43 9.73 -77.69
C LEU H 257 -24.91 10.68 -78.76
N GLN H 258 -23.83 11.40 -78.44
CA GLN H 258 -23.20 12.34 -79.37
C GLN H 258 -22.62 11.56 -80.54
N LEU H 259 -22.12 10.37 -80.25
CA LEU H 259 -21.54 9.53 -81.27
C LEU H 259 -22.57 9.05 -82.28
N VAL H 260 -23.61 8.35 -81.83
CA VAL H 260 -24.64 7.86 -82.76
C VAL H 260 -25.20 9.03 -83.56
N LYS H 261 -25.08 10.22 -82.98
CA LYS H 261 -25.54 11.51 -83.53
C LYS H 261 -24.80 12.04 -84.75
N ASN H 262 -23.47 12.18 -84.60
CA ASN H 262 -22.68 12.68 -85.72
C ASN H 262 -22.14 11.48 -86.50
N LEU H 263 -22.90 10.38 -86.45
CA LEU H 263 -22.54 9.19 -87.18
C LEU H 263 -23.70 8.83 -88.09
N HIS H 264 -24.74 9.66 -88.03
CA HIS H 264 -25.95 9.52 -88.84
C HIS H 264 -26.63 8.15 -88.75
N ILE H 265 -26.53 7.55 -87.56
CA ILE H 265 -27.14 6.25 -87.29
C ILE H 265 -28.20 6.53 -86.22
N GLU H 266 -28.35 7.81 -85.91
CA GLU H 266 -29.29 8.32 -84.92
C GLU H 266 -30.66 7.63 -84.91
N ASP H 267 -31.22 7.36 -86.06
CA ASP H 267 -32.56 6.78 -86.05
C ASP H 267 -32.40 5.31 -86.08
N ARG H 268 -31.27 4.79 -85.64
CA ARG H 268 -31.10 3.35 -85.76
C ARG H 268 -30.66 2.71 -84.50
N VAL H 269 -30.74 3.45 -83.44
CA VAL H 269 -30.25 3.02 -82.20
C VAL H 269 -31.31 3.34 -81.21
N LEU H 270 -31.65 2.41 -80.33
CA LEU H 270 -32.73 2.66 -79.40
C LEU H 270 -32.35 2.82 -78.03
N PHE H 271 -31.76 3.93 -77.71
CA PHE H 271 -31.38 3.96 -76.33
C PHE H 271 -32.66 3.55 -75.57
N LEU H 272 -32.57 2.51 -74.75
CA LEU H 272 -33.76 2.05 -74.01
C LEU H 272 -33.54 2.45 -72.57
N GLY H 273 -32.42 3.12 -72.30
CA GLY H 273 -32.15 3.53 -70.93
C GLY H 273 -31.95 2.29 -70.07
N LYS H 274 -31.75 2.39 -68.78
CA LYS H 274 -31.54 1.14 -68.07
C LYS H 274 -32.80 0.35 -67.77
N GLN H 275 -32.88 -0.86 -68.31
CA GLN H 275 -34.02 -1.73 -68.06
C GLN H 275 -33.61 -2.76 -67.05
N ASP H 276 -34.59 -3.48 -66.51
CA ASP H 276 -34.31 -4.49 -65.51
C ASP H 276 -34.75 -5.86 -66.01
N ASN H 277 -35.98 -5.92 -66.52
CA ASN H 277 -36.53 -7.17 -67.05
C ASN H 277 -36.05 -7.23 -68.53
N VAL H 278 -34.75 -7.43 -68.72
CA VAL H 278 -34.17 -7.48 -70.05
C VAL H 278 -34.41 -8.81 -70.77
N ALA H 279 -35.03 -9.76 -70.09
CA ALA H 279 -35.32 -11.08 -70.65
C ALA H 279 -36.10 -11.01 -71.96
N GLU H 280 -37.08 -10.12 -72.01
CA GLU H 280 -37.90 -9.97 -73.20
C GLU H 280 -37.12 -9.35 -74.35
N LEU H 281 -36.24 -8.42 -74.03
CA LEU H 281 -35.45 -7.75 -75.05
C LEU H 281 -34.48 -8.73 -75.70
N LEU H 282 -33.77 -9.51 -74.91
CA LEU H 282 -32.84 -10.49 -75.47
C LEU H 282 -33.60 -11.47 -76.34
N ALA H 283 -34.79 -11.88 -75.87
CA ALA H 283 -35.63 -12.82 -76.61
C ALA H 283 -35.84 -12.38 -78.08
N MET H 284 -36.17 -11.11 -78.29
CA MET H 284 -36.39 -10.57 -79.65
C MET H 284 -35.09 -10.04 -80.28
N SER H 285 -33.95 -10.60 -79.89
CA SER H 285 -32.65 -10.18 -80.42
C SER H 285 -32.00 -11.25 -81.27
N ASP H 286 -30.98 -10.84 -82.03
CA ASP H 286 -30.30 -11.77 -82.91
C ASP H 286 -28.82 -11.93 -82.57
N LEU H 287 -28.19 -10.82 -82.18
CA LEU H 287 -26.77 -10.86 -81.87
C LEU H 287 -26.48 -9.98 -80.65
N MET H 288 -25.68 -10.49 -79.71
CA MET H 288 -25.32 -9.71 -78.51
C MET H 288 -23.86 -9.25 -78.63
N LEU H 289 -23.58 -8.02 -78.23
CA LEU H 289 -22.22 -7.49 -78.27
C LEU H 289 -21.72 -7.12 -76.89
N LEU H 290 -20.45 -7.43 -76.61
CA LEU H 290 -19.80 -7.12 -75.33
C LEU H 290 -18.33 -6.94 -75.66
N LEU H 291 -17.89 -5.69 -75.79
CA LEU H 291 -16.50 -5.46 -76.18
C LEU H 291 -15.75 -4.63 -75.15
N SER H 292 -15.91 -5.00 -73.89
CA SER H 292 -15.25 -4.27 -72.82
C SER H 292 -13.79 -4.67 -72.60
N GLU H 293 -13.01 -3.77 -71.98
CA GLU H 293 -11.60 -4.01 -71.71
C GLU H 293 -11.44 -5.08 -70.67
N LYS H 294 -12.46 -5.33 -69.88
CA LYS H 294 -12.25 -6.39 -68.93
C LYS H 294 -13.49 -6.94 -68.42
N GLU H 295 -13.47 -8.17 -67.98
CA GLU H 295 -14.69 -8.59 -67.41
C GLU H 295 -14.38 -9.92 -66.88
N SER H 296 -15.02 -10.28 -65.80
CA SER H 296 -14.70 -11.51 -65.15
C SER H 296 -15.76 -12.42 -65.53
N PHE H 297 -16.88 -11.93 -66.03
CA PHE H 297 -17.78 -12.99 -66.35
C PHE H 297 -18.70 -13.28 -67.48
N GLY H 298 -19.68 -12.43 -67.77
CA GLY H 298 -20.49 -11.70 -66.80
C GLY H 298 -21.73 -12.22 -67.42
N LEU H 299 -22.78 -12.18 -66.69
CA LEU H 299 -23.90 -12.85 -67.21
C LEU H 299 -24.43 -12.36 -68.43
N VAL H 300 -24.35 -11.10 -68.67
CA VAL H 300 -25.31 -10.93 -69.70
C VAL H 300 -25.02 -11.95 -70.72
N LEU H 301 -23.79 -12.45 -70.76
CA LEU H 301 -23.60 -13.37 -71.82
C LEU H 301 -24.50 -14.49 -71.62
N LEU H 302 -24.58 -14.95 -70.40
CA LEU H 302 -25.44 -16.05 -70.19
C LEU H 302 -26.81 -15.74 -70.50
N GLU H 303 -27.30 -14.68 -69.90
CA GLU H 303 -28.68 -14.46 -70.15
C GLU H 303 -28.87 -14.63 -71.65
N ALA H 304 -28.09 -13.88 -72.38
CA ALA H 304 -28.21 -13.90 -73.80
C ALA H 304 -28.19 -15.22 -74.41
N MET H 305 -27.11 -15.91 -74.17
CA MET H 305 -26.96 -17.16 -74.81
C MET H 305 -28.17 -17.88 -74.38
N ALA H 306 -28.37 -17.97 -73.11
CA ALA H 306 -29.52 -18.67 -72.68
C ALA H 306 -30.73 -18.45 -73.53
N CYS H 307 -30.84 -17.33 -74.21
CA CYS H 307 -32.06 -17.13 -74.95
C CYS H 307 -31.87 -17.48 -76.36
N GLY H 308 -30.84 -18.25 -76.61
CA GLY H 308 -30.56 -18.65 -77.97
C GLY H 308 -29.95 -17.53 -78.79
N VAL H 309 -29.40 -16.52 -78.14
CA VAL H 309 -28.78 -15.41 -78.87
C VAL H 309 -27.25 -15.51 -78.88
N PRO H 310 -26.66 -15.73 -80.06
CA PRO H 310 -25.20 -15.83 -80.17
C PRO H 310 -24.53 -14.50 -79.80
N CYS H 311 -23.33 -14.57 -79.21
CA CYS H 311 -22.62 -13.36 -78.77
C CYS H 311 -21.25 -13.17 -79.39
N ILE H 312 -20.83 -11.92 -79.45
CA ILE H 312 -19.52 -11.59 -79.98
C ILE H 312 -18.84 -10.75 -78.91
N GLY H 313 -18.08 -11.39 -78.02
CA GLY H 313 -17.41 -10.64 -76.98
C GLY H 313 -15.90 -10.57 -77.10
N THR H 314 -15.30 -9.48 -76.60
CA THR H 314 -13.85 -9.35 -76.66
C THR H 314 -13.18 -10.49 -75.87
N ARG H 315 -11.99 -10.90 -76.32
CA ARG H 315 -11.23 -11.97 -75.66
C ARG H 315 -10.53 -11.37 -74.45
N VAL H 316 -11.32 -11.19 -73.39
CA VAL H 316 -10.79 -10.65 -72.15
C VAL H 316 -11.14 -11.61 -71.04
N GLY H 317 -10.12 -11.89 -70.22
CA GLY H 317 -10.21 -12.82 -69.11
C GLY H 317 -11.49 -13.18 -68.40
N GLY H 318 -12.13 -14.28 -68.75
CA GLY H 318 -13.48 -14.50 -68.29
C GLY H 318 -14.60 -14.55 -69.31
N ILE H 319 -14.37 -14.03 -70.50
CA ILE H 319 -15.39 -14.07 -71.57
C ILE H 319 -15.08 -15.43 -72.21
N PRO H 320 -13.78 -15.68 -72.46
CA PRO H 320 -13.30 -16.93 -73.08
C PRO H 320 -13.75 -18.18 -72.36
N GLU H 321 -14.16 -18.08 -71.10
CA GLU H 321 -14.59 -19.29 -70.42
C GLU H 321 -16.08 -19.57 -70.68
N VAL H 322 -16.77 -18.65 -71.34
CA VAL H 322 -18.19 -18.87 -71.64
C VAL H 322 -18.46 -18.95 -73.15
N ILE H 323 -17.70 -18.17 -73.91
CA ILE H 323 -17.83 -18.16 -75.36
C ILE H 323 -16.71 -18.95 -76.02
N GLN H 324 -17.10 -20.04 -76.70
CA GLN H 324 -16.12 -20.87 -77.43
C GLN H 324 -16.34 -20.60 -78.89
N HIS H 325 -15.34 -19.90 -79.39
CA HIS H 325 -15.39 -19.29 -80.65
C HIS H 325 -15.89 -20.09 -81.72
N GLY H 326 -16.95 -19.69 -82.38
CA GLY H 326 -17.30 -20.47 -83.52
C GLY H 326 -18.22 -21.57 -83.18
N ASP H 327 -18.27 -21.93 -81.92
CA ASP H 327 -19.19 -22.94 -81.65
C ASP H 327 -20.41 -22.27 -81.05
N THR H 328 -20.19 -21.37 -80.10
CA THR H 328 -21.33 -20.75 -79.43
C THR H 328 -21.26 -19.23 -79.51
N GLY H 329 -20.30 -18.70 -80.26
CA GLY H 329 -20.14 -17.26 -80.40
C GLY H 329 -18.77 -16.94 -80.95
N TYR H 330 -18.35 -15.69 -80.91
CA TYR H 330 -17.02 -15.33 -81.44
C TYR H 330 -16.31 -14.40 -80.49
N LEU H 331 -14.98 -14.42 -80.51
CA LEU H 331 -14.18 -13.54 -79.66
C LEU H 331 -13.36 -12.63 -80.55
N CYS H 332 -12.62 -11.68 -79.98
CA CYS H 332 -11.80 -10.79 -80.82
C CYS H 332 -11.11 -9.73 -79.95
N GLU H 333 -10.00 -9.20 -80.44
CA GLU H 333 -9.25 -8.20 -79.67
C GLU H 333 -10.05 -6.93 -79.41
N VAL H 334 -9.70 -6.24 -78.32
CA VAL H 334 -10.40 -5.01 -77.97
C VAL H 334 -10.01 -3.91 -78.95
N GLY H 335 -10.99 -3.10 -79.33
CA GLY H 335 -10.76 -1.99 -80.25
C GLY H 335 -10.91 -2.37 -81.72
N ASP H 336 -11.05 -3.66 -81.98
CA ASP H 336 -11.19 -4.18 -83.35
C ASP H 336 -12.61 -3.98 -83.87
N THR H 337 -13.05 -2.72 -83.91
CA THR H 337 -14.39 -2.37 -84.38
C THR H 337 -14.67 -3.04 -85.73
N THR H 338 -13.71 -2.91 -86.65
CA THR H 338 -13.82 -3.49 -88.00
C THR H 338 -13.98 -5.03 -87.96
N GLY H 339 -13.07 -5.71 -87.27
CA GLY H 339 -13.14 -7.16 -87.18
C GLY H 339 -14.47 -7.66 -86.62
N VAL H 340 -15.00 -6.92 -85.65
CA VAL H 340 -16.26 -7.29 -85.03
C VAL H 340 -17.40 -7.21 -86.05
N ALA H 341 -17.44 -6.07 -86.76
CA ALA H 341 -18.47 -5.81 -87.77
C ALA H 341 -18.47 -6.93 -88.80
N ASP H 342 -17.27 -7.25 -89.29
CA ASP H 342 -17.06 -8.30 -90.29
C ASP H 342 -17.60 -9.62 -89.82
N GLN H 343 -17.24 -9.98 -88.59
CA GLN H 343 -17.68 -11.22 -88.00
C GLN H 343 -19.21 -11.24 -87.88
N ALA H 344 -19.79 -10.06 -87.61
CA ALA H 344 -21.24 -9.90 -87.45
C ALA H 344 -22.00 -10.02 -88.77
N ILE H 345 -21.66 -9.15 -89.72
CA ILE H 345 -22.27 -9.12 -91.05
C ILE H 345 -22.30 -10.53 -91.64
N GLN H 346 -21.20 -11.27 -91.45
CA GLN H 346 -21.10 -12.64 -91.96
C GLN H 346 -22.14 -13.58 -91.33
N LEU H 347 -22.20 -13.57 -90.00
CA LEU H 347 -23.14 -14.43 -89.25
C LEU H 347 -24.60 -14.03 -89.40
N LEU H 348 -24.84 -12.76 -89.71
CA LEU H 348 -26.20 -12.27 -89.84
C LEU H 348 -26.98 -12.75 -91.08
N LYS H 349 -26.28 -12.93 -92.20
CA LYS H 349 -26.89 -13.42 -93.45
C LYS H 349 -26.92 -14.95 -93.49
N ASP H 350 -25.78 -15.60 -93.26
CA ASP H 350 -25.74 -17.05 -93.24
C ASP H 350 -26.81 -17.31 -92.15
N GLU H 351 -27.91 -17.96 -92.52
CA GLU H 351 -28.98 -18.21 -91.55
C GLU H 351 -28.81 -19.61 -91.01
N GLU H 352 -27.96 -20.38 -91.69
CA GLU H 352 -27.65 -21.75 -91.28
C GLU H 352 -26.78 -21.65 -90.01
N LEU H 353 -25.63 -20.99 -90.17
CA LEU H 353 -24.68 -20.78 -89.09
C LEU H 353 -25.34 -20.12 -87.88
N HIS H 354 -26.21 -19.15 -88.14
CA HIS H 354 -26.90 -18.44 -87.07
C HIS H 354 -27.91 -19.32 -86.31
N ARG H 355 -28.56 -20.27 -86.98
CA ARG H 355 -29.51 -21.15 -86.27
C ARG H 355 -28.73 -22.17 -85.44
N ASN H 356 -27.57 -22.57 -85.97
CA ASN H 356 -26.70 -23.55 -85.31
C ASN H 356 -26.02 -22.97 -84.08
N MET H 357 -25.34 -21.84 -84.28
CA MET H 357 -24.63 -21.17 -83.20
C MET H 357 -25.63 -20.89 -82.07
N GLY H 358 -26.73 -20.21 -82.40
CA GLY H 358 -27.74 -19.92 -81.41
C GLY H 358 -28.24 -21.15 -80.66
N GLU H 359 -28.18 -22.31 -81.30
CA GLU H 359 -28.60 -23.54 -80.66
C GLU H 359 -27.46 -24.10 -79.82
N ARG H 360 -26.28 -24.13 -80.43
CA ARG H 360 -25.05 -24.59 -79.77
C ARG H 360 -24.95 -23.82 -78.44
N ALA H 361 -25.05 -22.49 -78.53
CA ALA H 361 -24.97 -21.59 -77.37
C ALA H 361 -25.92 -21.95 -76.24
N ARG H 362 -27.22 -21.87 -76.48
CA ARG H 362 -28.18 -22.18 -75.41
C ARG H 362 -28.04 -23.61 -74.90
N GLU H 363 -27.16 -24.39 -75.53
CA GLU H 363 -26.93 -25.76 -75.09
C GLU H 363 -25.76 -25.78 -74.13
N SER H 364 -24.61 -25.23 -74.57
CA SER H 364 -23.42 -25.20 -73.72
C SER H 364 -23.73 -24.44 -72.43
N VAL H 365 -24.79 -23.62 -72.46
CA VAL H 365 -25.22 -22.87 -71.29
C VAL H 365 -25.90 -23.85 -70.33
N TYR H 366 -26.87 -24.61 -70.83
CA TYR H 366 -27.57 -25.61 -70.01
C TYR H 366 -26.55 -26.61 -69.45
N GLU H 367 -25.51 -26.81 -70.25
CA GLU H 367 -24.40 -27.73 -69.99
C GLU H 367 -23.49 -27.57 -68.79
N GLN H 368 -22.85 -26.40 -68.74
CA GLN H 368 -21.89 -26.07 -67.70
C GLN H 368 -22.35 -24.93 -66.80
N PHE H 369 -23.47 -24.30 -67.14
CA PHE H 369 -23.99 -23.19 -66.32
C PHE H 369 -25.41 -23.44 -65.81
N ARG H 370 -25.86 -24.68 -65.92
CA ARG H 370 -27.19 -25.08 -65.46
C ARG H 370 -27.41 -24.54 -64.03
N SER H 371 -28.48 -23.78 -63.82
CA SER H 371 -28.74 -23.24 -62.50
C SER H 371 -28.77 -24.34 -61.42
N GLU H 372 -29.58 -25.39 -61.64
CA GLU H 372 -29.67 -26.46 -60.66
C GLU H 372 -28.32 -27.12 -60.41
N LYS H 373 -27.43 -27.07 -61.40
CA LYS H 373 -26.11 -27.68 -61.27
C LYS H 373 -25.22 -26.85 -60.32
N ILE H 374 -25.06 -25.56 -60.66
CA ILE H 374 -24.25 -24.63 -59.85
C ILE H 374 -24.77 -24.55 -58.43
N VAL H 375 -26.09 -24.42 -58.27
CA VAL H 375 -26.63 -24.36 -56.94
C VAL H 375 -26.16 -25.57 -56.15
N SER H 376 -26.09 -26.74 -56.79
CA SER H 376 -25.64 -27.92 -56.06
C SER H 376 -24.18 -27.87 -55.64
N GLN H 377 -23.37 -27.14 -56.40
CA GLN H 377 -21.97 -27.02 -56.06
C GLN H 377 -21.87 -26.21 -54.77
N TYR H 378 -22.61 -25.10 -54.71
CA TYR H 378 -22.60 -24.25 -53.52
C TYR H 378 -23.14 -25.07 -52.36
N GLU H 379 -24.16 -25.86 -52.64
CA GLU H 379 -24.77 -26.68 -51.61
C GLU H 379 -23.75 -27.65 -51.03
N THR H 380 -22.96 -28.30 -51.88
CA THR H 380 -22.00 -29.25 -51.34
C THR H 380 -20.88 -28.49 -50.63
N ILE H 381 -20.56 -27.27 -51.10
CA ILE H 381 -19.51 -26.51 -50.43
C ILE H 381 -19.89 -26.21 -48.97
N TYR H 382 -21.18 -25.94 -48.73
CA TYR H 382 -21.66 -25.65 -47.39
C TYR H 382 -21.52 -26.88 -46.50
N TYR H 383 -22.07 -27.99 -46.98
CA TYR H 383 -22.00 -29.23 -46.23
C TYR H 383 -20.55 -29.61 -45.94
N ASP H 384 -19.69 -29.41 -46.93
CA ASP H 384 -18.27 -29.72 -46.79
C ASP H 384 -17.58 -28.88 -45.72
N VAL H 385 -17.92 -27.60 -45.66
CA VAL H 385 -17.29 -26.74 -44.69
C VAL H 385 -17.69 -27.11 -43.25
N LEU H 386 -18.48 -28.16 -43.09
CA LEU H 386 -18.89 -28.64 -41.77
C LEU H 386 -18.39 -30.14 -41.55
N ARG H 387 -19.16 -31.08 -41.85
N LYS I 15 17.59 -42.47 33.28
CA LYS I 15 16.86 -42.50 34.58
C LYS I 15 15.86 -41.35 34.78
N LEU I 16 15.11 -40.97 33.74
CA LEU I 16 14.15 -39.87 33.85
C LEU I 16 12.92 -40.12 32.97
N LYS I 17 11.72 -39.83 33.47
CA LYS I 17 10.50 -40.03 32.68
C LYS I 17 10.04 -38.69 32.12
N ILE I 18 10.32 -38.44 30.85
CA ILE I 18 9.98 -37.17 30.21
C ILE I 18 8.79 -37.28 29.26
N GLY I 19 7.97 -36.23 29.17
CA GLY I 19 6.87 -36.27 28.24
C GLY I 19 7.06 -35.14 27.23
N ILE I 20 7.11 -35.43 25.92
CA ILE I 20 7.28 -34.37 24.91
C ILE I 20 5.98 -34.07 24.17
N THR I 21 5.76 -32.81 23.82
CA THR I 21 4.57 -32.42 23.08
C THR I 21 4.99 -31.48 21.94
N CYS I 22 4.57 -31.79 20.72
CA CYS I 22 4.87 -30.95 19.54
C CYS I 22 4.04 -31.32 18.30
N TYR I 23 4.34 -30.69 17.16
CA TYR I 23 3.61 -30.94 15.92
C TYR I 23 4.53 -31.68 14.93
N PRO I 24 4.67 -33.03 15.06
CA PRO I 24 5.52 -33.90 14.21
C PRO I 24 6.09 -33.45 12.83
N GLY I 27 6.02 -28.61 11.87
CA GLY I 27 6.97 -27.70 11.24
C GLY I 27 8.40 -27.90 11.73
N GLY I 28 9.04 -26.83 12.23
CA GLY I 28 10.40 -26.92 12.73
C GLY I 28 10.45 -27.57 14.11
N SER I 29 9.54 -27.12 14.97
CA SER I 29 9.39 -27.61 16.34
C SER I 29 9.28 -29.13 16.43
N GLY I 30 8.49 -29.71 15.52
CA GLY I 30 8.30 -31.14 15.49
C GLY I 30 9.60 -31.88 15.24
N VAL I 31 10.32 -31.46 14.22
CA VAL I 31 11.58 -32.09 13.91
C VAL I 31 12.44 -32.13 15.16
N VAL I 32 12.68 -30.97 15.76
CA VAL I 32 13.50 -30.88 16.95
C VAL I 32 12.94 -31.67 18.13
N GLY I 33 11.68 -31.41 18.46
CA GLY I 33 11.04 -32.10 19.56
C GLY I 33 11.19 -33.60 19.44
N THR I 34 10.86 -34.12 18.26
CA THR I 34 10.93 -35.55 17.98
C THR I 34 12.34 -36.07 18.08
N GLU I 35 13.27 -35.35 17.48
CA GLU I 35 14.65 -35.79 17.52
C GLU I 35 15.17 -35.75 18.93
N LEU I 36 14.83 -34.69 19.66
CA LEU I 36 15.25 -34.57 21.04
C LEU I 36 14.77 -35.78 21.85
N GLY I 37 13.56 -36.24 21.56
CA GLY I 37 13.01 -37.38 22.28
C GLY I 37 13.72 -38.66 21.90
N LYS I 38 14.03 -38.79 20.63
CA LYS I 38 14.73 -39.97 20.15
C LYS I 38 16.09 -40.05 20.85
N GLN I 39 16.83 -38.92 20.86
CA GLN I 39 18.15 -38.84 21.50
C GLN I 39 18.06 -39.20 22.98
N LEU I 40 17.22 -38.48 23.70
CA LEU I 40 17.01 -38.70 25.13
C LEU I 40 16.70 -40.15 25.44
N ALA I 41 16.00 -40.80 24.51
CA ALA I 41 15.62 -42.19 24.66
C ALA I 41 16.86 -43.05 24.63
N GLU I 42 17.70 -42.85 23.60
CA GLU I 42 18.94 -43.60 23.45
C GLU I 42 19.82 -43.43 24.68
N ARG I 43 19.61 -42.38 25.45
CA ARG I 43 20.41 -42.19 26.65
C ARG I 43 19.80 -42.88 27.85
N GLY I 44 18.80 -43.73 27.62
CA GLY I 44 18.19 -44.48 28.71
C GLY I 44 16.96 -43.91 29.39
N HIS I 45 16.60 -42.70 29.00
CA HIS I 45 15.42 -42.04 29.57
C HIS I 45 14.19 -42.69 28.98
N GLU I 46 13.07 -42.57 29.67
CA GLU I 46 11.81 -43.11 29.18
C GLU I 46 10.98 -41.92 28.65
N ILE I 47 10.88 -41.82 27.33
CA ILE I 47 10.16 -40.74 26.67
C ILE I 47 8.71 -41.12 26.38
N HIS I 48 7.81 -40.17 26.62
CA HIS I 48 6.39 -40.35 26.41
C HIS I 48 5.84 -39.23 25.55
N PHE I 49 5.69 -39.47 24.26
CA PHE I 49 5.18 -38.46 23.36
C PHE I 49 3.70 -38.29 23.55
N ILE I 50 3.24 -37.09 23.88
CA ILE I 50 1.82 -36.86 24.05
C ILE I 50 1.44 -35.90 22.97
N THR I 51 0.95 -36.44 21.87
CA THR I 51 0.57 -35.63 20.72
C THR I 51 -0.29 -36.41 19.74
N SER I 52 -1.33 -35.77 19.21
CA SER I 52 -2.23 -36.38 18.22
C SER I 52 -1.70 -36.21 16.79
N GLY I 53 -1.08 -37.26 16.25
CA GLY I 53 -0.52 -37.20 14.91
C GLY I 53 0.36 -38.41 14.63
N LEU I 54 1.46 -38.21 13.91
CA LEU I 54 2.36 -39.32 13.60
C LEU I 54 3.88 -38.95 13.51
N PRO I 55 4.58 -38.88 14.68
CA PRO I 55 6.02 -38.56 14.74
C PRO I 55 7.00 -39.59 14.11
N LYS I 60 12.54 -47.35 12.75
CA LYS I 60 12.87 -48.28 13.84
C LYS I 60 11.84 -48.28 15.03
N VAL I 61 12.10 -49.00 16.12
CA VAL I 61 11.20 -49.04 17.30
C VAL I 61 12.00 -49.11 18.62
N TYR I 62 11.75 -48.17 19.52
CA TYR I 62 12.45 -48.13 20.82
C TYR I 62 11.51 -48.61 21.91
N PRO I 63 11.98 -49.51 22.78
CA PRO I 63 11.18 -50.07 23.89
C PRO I 63 10.87 -49.07 24.98
N ASN I 64 11.61 -47.95 24.96
CA ASN I 64 11.47 -46.88 25.94
C ASN I 64 10.88 -45.56 25.42
N ILE I 65 10.15 -45.63 24.31
CA ILE I 65 9.49 -44.47 23.73
C ILE I 65 8.05 -44.87 23.50
N TYR I 66 7.13 -44.23 24.21
CA TYR I 66 5.71 -44.55 24.08
C TYR I 66 4.99 -43.43 23.37
N PHE I 67 3.96 -43.74 22.62
CA PHE I 67 3.21 -42.71 21.92
C PHE I 67 1.77 -42.67 22.41
N HIS I 68 1.37 -41.55 22.99
CA HIS I 68 0.00 -41.40 23.46
C HIS I 68 -0.65 -40.43 22.50
N GLU I 69 -1.87 -40.70 22.04
CA GLU I 69 -2.46 -39.75 21.12
C GLU I 69 -3.76 -39.19 21.64
N VAL I 70 -3.98 -37.91 21.34
CA VAL I 70 -5.17 -37.23 21.79
C VAL I 70 -6.36 -37.51 20.90
N THR I 71 -7.39 -38.13 21.47
CA THR I 71 -8.60 -38.45 20.70
C THR I 71 -9.69 -37.44 21.05
N VAL I 72 -10.34 -36.88 20.04
CA VAL I 72 -11.41 -35.90 20.27
C VAL I 72 -12.80 -36.41 19.79
N ASN I 73 -13.89 -35.74 20.17
CA ASN I 73 -15.25 -36.15 19.72
C ASN I 73 -16.22 -34.96 19.55
N PHE I 78 -21.56 -29.27 20.68
CA PHE I 78 -20.23 -28.63 20.64
C PHE I 78 -19.92 -27.75 19.41
N GLN I 79 -19.39 -26.55 19.64
CA GLN I 79 -18.98 -25.59 18.57
C GLN I 79 -17.74 -25.96 17.75
N TYR I 80 -16.64 -26.18 18.46
CA TYR I 80 -15.36 -26.56 17.86
C TYR I 80 -14.85 -27.73 18.68
N PRO I 81 -14.23 -28.72 18.04
CA PRO I 81 -13.70 -29.89 18.78
C PRO I 81 -12.60 -29.43 19.77
N PRO I 82 -12.81 -29.59 21.08
CA PRO I 82 -11.83 -29.15 22.09
C PRO I 82 -10.47 -29.82 22.07
N TYR I 83 -9.68 -29.61 21.03
CA TYR I 83 -8.38 -30.25 20.99
C TYR I 83 -7.51 -29.76 22.14
N ASP I 84 -7.56 -28.47 22.44
CA ASP I 84 -6.71 -27.95 23.50
C ASP I 84 -7.02 -28.67 24.80
N LEU I 85 -8.25 -28.54 25.26
CA LEU I 85 -8.71 -29.18 26.48
C LEU I 85 -8.41 -30.66 26.46
N ALA I 86 -8.67 -31.29 25.34
CA ALA I 86 -8.41 -32.72 25.23
C ALA I 86 -6.94 -33.05 25.46
N LEU I 87 -6.07 -32.22 24.90
CA LEU I 87 -4.64 -32.42 25.03
C LEU I 87 -4.23 -32.21 26.47
N ALA I 88 -4.81 -31.21 27.10
CA ALA I 88 -4.53 -30.92 28.49
C ALA I 88 -4.91 -32.15 29.32
N SER I 89 -6.10 -32.67 29.05
CA SER I 89 -6.59 -33.82 29.75
C SER I 89 -5.69 -35.03 29.61
N LYS I 90 -5.21 -35.27 28.41
CA LYS I 90 -4.32 -36.41 28.16
C LYS I 90 -2.97 -36.22 28.83
N MET I 91 -2.44 -34.99 28.81
CA MET I 91 -1.17 -34.70 29.44
C MET I 91 -1.35 -35.11 30.89
N ALA I 92 -2.38 -34.59 31.54
CA ALA I 92 -2.68 -34.91 32.95
C ALA I 92 -2.79 -36.39 33.19
N GLU I 93 -3.56 -37.08 32.34
CA GLU I 93 -3.75 -38.49 32.51
C GLU I 93 -2.42 -39.24 32.39
N VAL I 94 -1.69 -39.04 31.29
CA VAL I 94 -0.42 -39.72 31.13
C VAL I 94 0.54 -39.37 32.24
N ALA I 95 0.53 -38.10 32.63
CA ALA I 95 1.43 -37.63 33.66
C ALA I 95 1.33 -38.42 34.94
N GLN I 96 0.16 -38.46 35.55
CA GLN I 96 0.05 -39.17 36.80
C GLN I 96 -0.02 -40.68 36.68
N ARG I 97 -0.37 -41.16 35.50
CA ARG I 97 -0.44 -42.60 35.29
C ARG I 97 0.97 -43.16 35.18
N GLU I 98 1.81 -42.54 34.36
CA GLU I 98 3.19 -43.01 34.13
C GLU I 98 4.16 -42.37 35.11
N ASN I 99 3.65 -41.47 35.94
CA ASN I 99 4.47 -40.76 36.91
C ASN I 99 5.64 -40.05 36.28
N LEU I 100 5.34 -39.15 35.35
CA LEU I 100 6.33 -38.37 34.63
C LEU I 100 6.99 -37.36 35.56
N ASP I 101 8.24 -37.02 35.23
CA ASP I 101 9.02 -36.06 36.01
C ASP I 101 8.93 -34.68 35.38
N ILE I 102 9.25 -34.66 34.08
CA ILE I 102 9.22 -33.45 33.29
C ILE I 102 8.21 -33.57 32.16
N LEU I 103 7.67 -32.42 31.80
CA LEU I 103 6.72 -32.31 30.71
C LEU I 103 7.34 -31.22 29.82
N HIS I 104 7.90 -31.62 28.70
CA HIS I 104 8.57 -30.70 27.78
C HIS I 104 7.75 -30.36 26.55
N VAL I 105 7.39 -29.13 26.45
CA VAL I 105 6.50 -28.76 25.41
C VAL I 105 7.15 -27.90 24.37
N HIS I 106 6.69 -27.97 23.14
CA HIS I 106 7.32 -27.15 22.17
C HIS I 106 6.73 -26.02 21.45
N TYR I 107 5.47 -25.82 21.21
CA TYR I 107 5.33 -24.52 20.59
C TYR I 107 4.71 -23.83 21.77
N ALA I 108 4.47 -22.55 21.79
CA ALA I 108 3.94 -21.98 23.04
C ALA I 108 2.47 -22.10 23.17
N ILE I 109 1.78 -21.66 22.14
CA ILE I 109 0.32 -21.83 22.08
C ILE I 109 0.19 -23.10 21.25
N PRO I 110 -0.78 -24.00 21.63
CA PRO I 110 -1.40 -24.03 22.96
C PRO I 110 -0.67 -24.73 24.05
N HIS I 111 0.22 -25.65 23.65
CA HIS I 111 0.99 -26.48 24.57
C HIS I 111 1.42 -25.98 25.93
N ALA I 112 1.86 -24.73 25.99
CA ALA I 112 2.26 -24.12 27.23
C ALA I 112 1.08 -24.04 28.18
N ILE I 113 -0.04 -23.49 27.72
CA ILE I 113 -1.24 -23.41 28.55
C ILE I 113 -1.80 -24.79 28.86
N CYS I 114 -1.72 -25.71 27.92
CA CYS I 114 -2.22 -27.06 28.18
C CYS I 114 -1.44 -27.71 29.29
N ALA I 115 -0.12 -27.53 29.26
CA ALA I 115 0.73 -28.11 30.29
C ALA I 115 0.40 -27.43 31.62
N TYR I 116 0.02 -26.18 31.59
CA TYR I 116 -0.31 -25.52 32.85
C TYR I 116 -1.52 -26.19 33.48
N LEU I 117 -2.62 -26.33 32.72
CA LEU I 117 -3.83 -27.01 33.16
C LEU I 117 -3.53 -28.40 33.67
N ALA I 118 -2.79 -29.17 32.89
CA ALA I 118 -2.41 -30.51 33.24
C ALA I 118 -1.76 -30.52 34.65
N LYS I 119 -0.81 -29.63 34.85
CA LYS I 119 -0.08 -29.49 36.10
C LYS I 119 -1.06 -29.22 37.23
N GLN I 120 -1.91 -28.20 37.06
CA GLN I 120 -2.89 -27.84 38.07
C GLN I 120 -3.82 -29.00 38.35
N MET I 121 -4.17 -29.73 37.31
CA MET I 121 -5.05 -30.88 37.48
C MET I 121 -4.41 -32.03 38.26
N ILE I 122 -3.10 -32.24 38.17
CA ILE I 122 -2.49 -33.33 38.93
C ILE I 122 -1.80 -32.86 40.21
N GLY I 123 -2.30 -31.75 40.77
CA GLY I 123 -1.73 -31.22 41.99
C GLY I 123 -0.33 -30.64 41.90
N GLU I 124 0.07 -30.23 40.71
CA GLU I 124 1.39 -29.62 40.52
C GLU I 124 2.58 -30.55 40.77
N ARG I 125 2.35 -31.86 40.70
CA ARG I 125 3.40 -32.85 40.93
C ARG I 125 4.19 -33.16 39.66
N ILE I 126 4.63 -32.11 38.94
CA ILE I 126 5.33 -32.29 37.67
C ILE I 126 6.02 -30.97 37.30
N LYS I 127 7.10 -31.03 36.53
CA LYS I 127 7.84 -29.83 36.11
C LYS I 127 7.64 -29.52 34.63
N ILE I 128 7.24 -28.31 34.32
CA ILE I 128 7.00 -27.90 32.94
C ILE I 128 8.18 -27.16 32.28
N VAL I 129 8.62 -27.64 31.12
CA VAL I 129 9.70 -27.01 30.39
C VAL I 129 9.15 -26.54 29.05
N THR I 130 9.16 -25.25 28.79
CA THR I 130 8.61 -24.75 27.54
C THR I 130 9.69 -24.26 26.61
N THR I 131 9.70 -24.73 25.35
CA THR I 131 10.72 -24.23 24.41
C THR I 131 10.03 -23.33 23.36
N LEU I 132 10.51 -22.12 23.18
CA LEU I 132 9.86 -21.25 22.22
C LEU I 132 10.55 -21.44 20.91
N HIS I 133 9.95 -20.98 19.84
CA HIS I 133 10.46 -21.19 18.49
C HIS I 133 9.96 -20.04 17.63
N GLY I 134 10.02 -20.11 16.35
CA GLY I 134 9.65 -18.87 15.69
C GLY I 134 8.42 -17.94 15.68
N THR I 135 7.34 -18.51 15.16
CA THR I 135 6.04 -17.91 14.92
C THR I 135 5.21 -17.77 16.22
N ASP I 136 5.32 -18.74 17.13
CA ASP I 136 4.56 -18.65 18.38
C ASP I 136 4.77 -17.30 19.04
N ILE I 137 5.99 -16.75 18.92
CA ILE I 137 6.25 -15.43 19.49
C ILE I 137 6.18 -14.38 18.37
N THR I 138 6.94 -14.61 17.31
CA THR I 138 7.01 -13.72 16.15
C THR I 138 5.63 -13.26 15.69
N VAL I 139 4.83 -14.20 15.20
CA VAL I 139 3.51 -13.86 14.69
C VAL I 139 2.33 -13.94 15.66
N LEU I 140 2.27 -14.99 16.45
CA LEU I 140 1.19 -15.12 17.43
C LEU I 140 1.26 -14.01 18.48
N GLY I 141 2.43 -13.86 19.10
CA GLY I 141 2.59 -12.83 20.11
C GLY I 141 2.14 -11.45 19.67
N SER I 142 2.08 -11.23 18.36
CA SER I 142 1.65 -9.96 17.78
C SER I 142 0.14 -9.77 18.00
N ASP I 143 -0.60 -10.88 17.88
CA ASP I 143 -2.05 -10.85 18.06
C ASP I 143 -2.50 -10.58 19.52
N PRO I 144 -3.15 -9.43 19.76
CA PRO I 144 -3.62 -9.04 21.11
C PRO I 144 -4.59 -10.04 21.75
N SER I 145 -5.29 -10.80 20.92
CA SER I 145 -6.23 -11.79 21.42
C SER I 145 -5.50 -12.99 22.06
N LEU I 146 -4.19 -13.05 21.94
CA LEU I 146 -3.45 -14.17 22.51
C LEU I 146 -2.21 -13.73 23.26
N ASN I 147 -2.02 -12.43 23.36
CA ASN I 147 -0.85 -11.92 24.01
C ASN I 147 -0.74 -12.41 25.44
N ASN I 148 -1.66 -11.93 26.28
CA ASN I 148 -1.72 -12.28 27.70
C ASN I 148 -1.73 -13.80 27.90
N LEU I 149 -2.22 -14.53 26.92
CA LEU I 149 -2.27 -15.97 27.01
C LEU I 149 -0.87 -16.55 26.87
N ILE I 150 -0.10 -16.04 25.93
CA ILE I 150 1.27 -16.49 25.71
C ILE I 150 2.11 -16.10 26.92
N ARG I 151 1.91 -14.88 27.42
CA ARG I 151 2.67 -14.43 28.57
C ARG I 151 2.44 -15.36 29.75
N PHE I 152 1.17 -15.54 30.11
CA PHE I 152 0.78 -16.39 31.22
C PHE I 152 1.40 -17.78 31.08
N GLY I 153 1.35 -18.33 29.89
CA GLY I 153 1.91 -19.65 29.64
C GLY I 153 3.41 -19.71 29.91
N ILE I 154 4.12 -18.68 29.47
CA ILE I 154 5.56 -18.61 29.66
C ILE I 154 5.86 -18.46 31.13
N GLU I 155 5.25 -17.46 31.76
CA GLU I 155 5.49 -17.21 33.18
C GLU I 155 5.18 -18.38 34.07
N GLN I 156 4.21 -19.20 33.68
CA GLN I 156 3.79 -20.36 34.48
C GLN I 156 4.64 -21.58 34.31
N SER I 157 5.44 -21.63 33.26
CA SER I 157 6.29 -22.79 33.02
C SER I 157 7.40 -22.72 34.04
N ASP I 158 7.97 -23.86 34.39
CA ASP I 158 9.05 -23.86 35.36
C ASP I 158 10.36 -23.40 34.75
N VAL I 159 10.63 -23.81 33.52
CA VAL I 159 11.84 -23.40 32.81
C VAL I 159 11.37 -23.02 31.41
N VAL I 160 11.97 -22.00 30.78
CA VAL I 160 11.57 -21.62 29.43
C VAL I 160 12.83 -21.42 28.64
N THR I 161 12.87 -21.88 27.39
CA THR I 161 14.06 -21.70 26.59
C THR I 161 13.64 -21.23 25.21
N ALA I 162 14.58 -20.67 24.45
CA ALA I 162 14.30 -20.23 23.11
C ALA I 162 15.41 -20.77 22.23
N VAL I 163 15.20 -20.72 20.93
CA VAL I 163 16.12 -21.29 19.98
C VAL I 163 17.21 -20.33 19.55
N SER I 164 17.02 -19.07 19.87
CA SER I 164 18.01 -18.10 19.49
C SER I 164 17.88 -16.88 20.37
N HIS I 165 18.98 -16.13 20.53
CA HIS I 165 18.93 -14.92 21.31
C HIS I 165 18.01 -13.91 20.67
N SER I 166 17.91 -13.95 19.35
CA SER I 166 17.03 -13.01 18.67
C SER I 166 15.61 -13.21 19.17
N LEU I 167 15.25 -14.47 19.38
CA LEU I 167 13.93 -14.82 19.82
C LEU I 167 13.68 -14.30 21.23
N ILE I 168 14.63 -14.54 22.12
CA ILE I 168 14.50 -14.07 23.49
C ILE I 168 14.34 -12.56 23.50
N ASN I 169 14.75 -11.91 22.43
CA ASN I 169 14.63 -10.48 22.37
C ASN I 169 13.25 -10.10 21.93
N GLU I 170 12.82 -10.77 20.88
CA GLU I 170 11.49 -10.56 20.30
C GLU I 170 10.45 -10.85 21.37
N THR I 171 10.74 -11.85 22.20
CA THR I 171 9.83 -12.24 23.26
C THR I 171 9.64 -11.16 24.29
N HIS I 172 10.75 -10.62 24.78
CA HIS I 172 10.68 -9.58 25.79
C HIS I 172 10.14 -8.28 25.20
N GLU I 173 10.16 -8.19 23.89
CA GLU I 173 9.66 -6.98 23.25
C GLU I 173 8.15 -7.00 23.04
N LEU I 174 7.65 -8.09 22.48
CA LEU I 174 6.21 -8.24 22.18
C LEU I 174 5.36 -8.78 23.32
N VAL I 175 5.79 -9.89 23.91
CA VAL I 175 5.05 -10.49 25.01
C VAL I 175 5.34 -9.86 26.37
N LYS I 176 6.59 -9.51 26.63
CA LYS I 176 6.99 -8.87 27.88
C LYS I 176 6.69 -9.70 29.12
N PRO I 177 7.13 -10.95 29.14
CA PRO I 177 6.90 -11.81 30.30
C PRO I 177 7.85 -11.55 31.45
N ASN I 178 7.40 -11.81 32.66
CA ASN I 178 8.25 -11.65 33.83
C ASN I 178 8.80 -13.02 34.13
N LYS I 179 9.64 -13.53 33.26
CA LYS I 179 10.23 -14.85 33.45
C LYS I 179 11.57 -14.83 32.73
N ASP I 180 12.46 -15.72 33.13
CA ASP I 180 13.77 -15.81 32.50
C ASP I 180 13.76 -16.83 31.40
N ILE I 181 14.33 -16.49 30.26
CA ILE I 181 14.37 -17.44 29.16
C ILE I 181 15.83 -17.77 28.82
N GLN I 182 16.19 -19.06 28.81
CA GLN I 182 17.55 -19.50 28.46
C GLN I 182 17.62 -19.68 26.99
N THR I 183 18.83 -19.87 26.45
CA THR I 183 18.95 -20.09 25.02
C THR I 183 19.52 -21.46 24.80
N VAL I 184 18.88 -22.22 23.92
CA VAL I 184 19.34 -23.57 23.59
C VAL I 184 19.04 -23.66 22.12
N TYR I 185 20.08 -23.72 21.30
CA TYR I 185 19.92 -23.78 19.85
C TYR I 185 19.39 -25.13 19.37
N ASN I 186 18.87 -25.19 18.15
CA ASN I 186 18.37 -26.46 17.65
C ASN I 186 19.56 -27.25 17.13
N PHE I 187 19.35 -28.54 16.93
CA PHE I 187 20.41 -29.39 16.46
C PHE I 187 19.96 -30.24 15.28
N ILE I 188 20.89 -31.05 14.77
CA ILE I 188 20.65 -31.88 13.62
C ILE I 188 21.27 -33.24 13.88
N ASP I 189 20.63 -34.29 13.35
CA ASP I 189 21.14 -35.63 13.51
C ASP I 189 22.23 -35.87 12.46
N GLU I 190 23.48 -35.78 12.87
CA GLU I 190 24.61 -35.98 11.97
C GLU I 190 24.56 -37.35 11.28
N ARG I 191 23.86 -38.29 11.92
CA ARG I 191 23.69 -39.66 11.43
C ARG I 191 22.77 -39.65 10.20
N VAL I 192 22.32 -38.45 9.81
CA VAL I 192 21.42 -38.26 8.66
C VAL I 192 21.98 -37.22 7.66
N TYR I 193 22.80 -36.31 8.16
CA TYR I 193 23.39 -35.27 7.34
C TYR I 193 24.92 -35.33 7.32
N PHE I 194 25.47 -35.83 6.22
CA PHE I 194 26.93 -35.90 6.06
C PHE I 194 27.27 -35.39 4.67
N LYS I 195 28.56 -35.17 4.44
CA LYS I 195 29.03 -34.66 3.15
C LYS I 195 29.01 -35.68 2.00
N ARG I 196 28.21 -36.75 2.12
CA ARG I 196 28.10 -37.74 1.05
C ARG I 196 27.77 -36.97 -0.25
N ASP I 197 28.04 -37.56 -1.42
CA ASP I 197 27.72 -36.91 -2.70
C ASP I 197 26.86 -37.83 -3.60
N MET I 198 25.69 -37.33 -3.97
CA MET I 198 24.76 -38.07 -4.81
C MET I 198 25.05 -37.77 -6.29
N THR I 199 26.26 -38.10 -6.74
CA THR I 199 26.65 -37.86 -8.12
C THR I 199 25.76 -38.69 -9.09
N GLN I 200 25.35 -39.88 -8.65
CA GLN I 200 24.47 -40.76 -9.44
C GLN I 200 23.03 -40.22 -9.53
N LEU I 201 22.64 -39.46 -8.51
CA LEU I 201 21.31 -38.85 -8.43
C LEU I 201 21.18 -37.61 -9.35
N LYS I 202 22.25 -36.83 -9.51
CA LYS I 202 22.27 -35.64 -10.37
C LYS I 202 21.84 -36.09 -11.77
N LYS I 203 22.30 -37.28 -12.12
CA LYS I 203 22.02 -37.92 -13.40
C LYS I 203 20.52 -38.19 -13.48
N GLU I 204 19.98 -38.77 -12.41
CA GLU I 204 18.55 -39.10 -12.33
C GLU I 204 17.65 -37.84 -12.39
N TYR I 205 18.22 -36.66 -12.10
CA TYR I 205 17.51 -35.37 -12.14
C TYR I 205 17.83 -34.61 -13.43
N GLY I 206 18.73 -35.19 -14.21
CA GLY I 206 19.11 -34.58 -15.48
C GLY I 206 20.11 -33.42 -15.56
N ILE I 207 20.95 -33.30 -14.54
CA ILE I 207 21.90 -32.20 -14.45
C ILE I 207 23.46 -32.47 -14.54
N SER I 208 24.23 -31.52 -15.13
CA SER I 208 25.73 -31.57 -15.29
C SER I 208 26.41 -32.90 -15.00
N LYS I 212 26.79 -26.45 -11.67
CA LYS I 212 26.58 -25.79 -10.36
C LYS I 212 25.13 -25.92 -9.84
N ILE I 213 24.96 -26.29 -8.57
CA ILE I 213 23.62 -26.45 -7.97
C ILE I 213 23.29 -25.53 -6.78
N LEU I 214 22.21 -24.76 -6.93
CA LEU I 214 21.71 -23.85 -5.90
C LEU I 214 20.39 -24.41 -5.37
N ILE I 215 20.36 -24.69 -4.07
CA ILE I 215 19.18 -25.27 -3.41
C ILE I 215 18.54 -24.31 -2.42
N HIS I 216 17.20 -24.29 -2.40
CA HIS I 216 16.45 -23.45 -1.47
C HIS I 216 15.26 -24.22 -0.91
N ILE I 217 15.11 -24.26 0.40
CA ILE I 217 13.99 -24.97 1.01
C ILE I 217 13.10 -24.05 1.84
N SER I 218 11.81 -24.02 1.56
CA SER I 218 10.89 -23.18 2.34
C SER I 218 9.45 -23.61 2.15
N ASN I 219 8.54 -22.92 2.82
CA ASN I 219 7.13 -23.25 2.70
C ASN I 219 6.45 -22.28 1.75
N PHE I 220 7.21 -21.73 0.80
CA PHE I 220 6.66 -20.80 -0.17
C PHE I 220 5.62 -19.81 0.35
N ARG I 221 5.93 -19.16 1.47
CA ARG I 221 5.07 -18.13 2.05
C ARG I 221 5.70 -16.78 1.71
N LYS I 222 4.94 -15.71 1.86
CA LYS I 222 5.48 -14.40 1.50
C LYS I 222 6.67 -13.98 2.31
N VAL I 223 6.69 -14.44 3.55
CA VAL I 223 7.77 -14.12 4.46
C VAL I 223 9.09 -14.73 4.00
N LYS I 224 9.04 -15.85 3.29
CA LYS I 224 10.25 -16.50 2.82
C LYS I 224 10.88 -15.73 1.67
N ARG I 225 10.08 -14.86 1.05
CA ARG I 225 10.50 -14.04 -0.08
C ARG I 225 11.13 -14.89 -1.17
N VAL I 226 10.42 -15.94 -1.61
CA VAL I 226 10.97 -16.83 -2.63
C VAL I 226 11.25 -16.08 -3.92
N GLN I 227 10.54 -14.98 -4.15
CA GLN I 227 10.73 -14.18 -5.35
C GLN I 227 12.18 -13.73 -5.41
N ASP I 228 12.72 -13.27 -4.30
CA ASP I 228 14.11 -12.83 -4.29
C ASP I 228 15.09 -13.96 -4.58
N VAL I 229 14.74 -15.19 -4.19
CA VAL I 229 15.63 -16.31 -4.44
C VAL I 229 15.68 -16.54 -5.95
N VAL I 230 14.58 -16.26 -6.62
CA VAL I 230 14.52 -16.40 -8.06
C VAL I 230 15.26 -15.25 -8.76
N GLN I 231 14.94 -14.00 -8.38
CA GLN I 231 15.59 -12.79 -8.93
C GLN I 231 17.11 -12.94 -8.89
N ALA I 232 17.62 -13.29 -7.71
CA ALA I 232 19.04 -13.49 -7.51
C ALA I 232 19.56 -14.58 -8.44
N PHE I 233 18.77 -15.63 -8.65
CA PHE I 233 19.18 -16.73 -9.52
C PHE I 233 19.16 -16.32 -10.99
N ALA I 234 18.19 -15.48 -11.35
CA ALA I 234 18.07 -14.96 -12.72
C ALA I 234 19.38 -14.27 -13.08
N LYS I 235 19.92 -13.53 -12.12
CA LYS I 235 21.17 -12.81 -12.30
C LYS I 235 22.37 -13.76 -12.18
N ILE I 236 22.47 -14.44 -11.05
CA ILE I 236 23.56 -15.37 -10.78
C ILE I 236 23.77 -16.40 -11.94
N VAL I 237 22.72 -16.61 -12.74
CA VAL I 237 22.76 -17.57 -13.87
C VAL I 237 23.41 -17.02 -15.15
N THR I 238 23.27 -15.72 -15.40
CA THR I 238 23.85 -15.10 -16.60
C THR I 238 25.38 -15.24 -16.60
N GLU I 239 25.99 -15.29 -15.41
CA GLU I 239 27.45 -15.43 -15.33
C GLU I 239 27.97 -16.80 -14.89
N VAL I 240 27.06 -17.71 -14.58
CA VAL I 240 27.43 -19.09 -14.17
C VAL I 240 26.30 -20.03 -14.58
N ASP I 241 26.66 -21.19 -15.13
CA ASP I 241 25.63 -22.15 -15.52
C ASP I 241 25.30 -23.03 -14.29
N ALA I 242 24.07 -22.90 -13.81
CA ALA I 242 23.63 -23.64 -12.64
C ALA I 242 22.11 -23.71 -12.63
N LYS I 243 21.59 -24.74 -11.99
CA LYS I 243 20.16 -24.91 -11.88
C LYS I 243 19.77 -24.60 -10.42
N LEU I 244 18.51 -24.19 -10.21
CA LEU I 244 17.99 -23.87 -8.90
C LEU I 244 17.00 -24.91 -8.42
N LEU I 245 17.26 -25.54 -7.28
CA LEU I 245 16.35 -26.54 -6.72
C LEU I 245 15.38 -25.85 -5.76
N LEU I 246 14.11 -25.76 -6.12
CA LEU I 246 13.12 -25.16 -5.23
C LEU I 246 12.31 -26.22 -4.51
N VAL I 247 12.77 -26.61 -3.32
CA VAL I 247 12.11 -27.60 -2.49
C VAL I 247 11.01 -26.94 -1.68
N GLY I 248 9.86 -27.59 -1.58
CA GLY I 248 8.77 -27.00 -0.83
C GLY I 248 7.57 -26.62 -1.68
N ASP I 249 6.46 -26.33 -1.01
CA ASP I 249 5.23 -25.94 -1.69
C ASP I 249 4.42 -25.10 -0.72
N GLY I 250 3.75 -24.08 -1.26
CA GLY I 250 2.96 -23.20 -0.43
C GLY I 250 2.10 -22.26 -1.26
N PRO I 251 1.43 -21.29 -0.63
CA PRO I 251 0.56 -20.32 -1.30
C PRO I 251 1.20 -19.59 -2.49
N GLU I 252 2.37 -18.98 -2.24
CA GLU I 252 3.10 -18.23 -3.25
C GLU I 252 3.73 -19.08 -4.35
N PHE I 253 3.28 -20.33 -4.46
CA PHE I 253 3.83 -21.22 -5.46
C PHE I 253 3.60 -20.78 -6.89
N CYS I 254 2.34 -20.49 -7.22
CA CYS I 254 1.98 -20.08 -8.57
C CYS I 254 2.71 -18.82 -8.98
N THR I 255 2.76 -17.86 -8.07
CA THR I 255 3.42 -16.61 -8.34
C THR I 255 4.88 -16.88 -8.70
N ILE I 256 5.53 -17.74 -7.92
CA ILE I 256 6.93 -18.10 -8.17
C ILE I 256 7.04 -18.85 -9.49
N LEU I 257 6.06 -19.68 -9.77
CA LEU I 257 6.04 -20.46 -11.00
C LEU I 257 5.88 -19.51 -12.18
N GLN I 258 5.03 -18.50 -12.01
CA GLN I 258 4.77 -17.50 -13.05
C GLN I 258 6.05 -16.68 -13.25
N LEU I 259 6.79 -16.46 -12.18
CA LEU I 259 8.01 -15.70 -12.24
C LEU I 259 9.09 -16.42 -13.05
N VAL I 260 9.46 -17.64 -12.64
CA VAL I 260 10.50 -18.38 -13.37
C VAL I 260 10.10 -18.49 -14.84
N LYS I 261 8.79 -18.40 -15.07
CA LYS I 261 8.14 -18.49 -16.40
C LYS I 261 8.38 -17.33 -17.35
N ASN I 262 8.07 -16.12 -16.90
CA ASN I 262 8.26 -14.96 -17.75
C ASN I 262 9.64 -14.37 -17.43
N LEU I 263 10.55 -15.25 -17.00
CA LEU I 263 11.91 -14.83 -16.71
C LEU I 263 12.85 -15.69 -17.56
N HIS I 264 12.23 -16.57 -18.35
CA HIS I 264 12.94 -17.47 -19.26
C HIS I 264 14.03 -18.32 -18.61
N ILE I 265 13.79 -18.68 -17.35
CA ILE I 265 14.71 -19.52 -16.58
C ILE I 265 13.95 -20.81 -16.32
N GLU I 266 12.75 -20.87 -16.89
CA GLU I 266 11.84 -22.00 -16.77
C GLU I 266 12.50 -23.39 -16.82
N ASP I 267 13.44 -23.59 -17.69
CA ASP I 267 14.02 -24.92 -17.78
C ASP I 267 15.20 -24.96 -16.88
N ARG I 268 15.25 -24.11 -15.87
CA ARG I 268 16.45 -24.11 -15.06
C ARG I 268 16.18 -24.17 -13.60
N VAL I 269 14.95 -24.49 -13.30
CA VAL I 269 14.51 -24.48 -11.95
C VAL I 269 13.75 -25.73 -11.78
N LEU I 270 14.00 -26.45 -10.69
CA LEU I 270 13.33 -27.73 -10.51
C LEU I 270 12.35 -27.78 -9.46
N PHE I 271 11.21 -27.19 -9.68
CA PHE I 271 10.33 -27.26 -8.57
C PHE I 271 10.32 -28.75 -8.20
N LEU I 272 10.65 -29.08 -6.94
CA LEU I 272 10.67 -30.47 -6.52
C LEU I 272 9.47 -30.67 -5.62
N GLY I 273 8.68 -29.62 -5.45
CA GLY I 273 7.51 -29.75 -4.59
C GLY I 273 7.97 -29.98 -3.17
N LYS I 274 7.09 -30.19 -2.21
CA LYS I 274 7.63 -30.39 -0.88
C LYS I 274 8.21 -31.76 -0.60
N GLN I 275 9.50 -31.83 -0.31
CA GLN I 275 10.13 -33.10 0.00
C GLN I 275 10.31 -33.17 1.50
N ASP I 276 10.65 -34.35 2.00
CA ASP I 276 10.83 -34.56 3.42
C ASP I 276 12.26 -34.99 3.71
N ASN I 277 12.72 -35.99 2.96
CA ASN I 277 14.08 -36.50 3.12
C ASN I 277 14.97 -35.60 2.24
N VAL I 278 15.13 -34.35 2.64
CA VAL I 278 15.92 -33.39 1.88
C VAL I 278 17.43 -33.57 2.06
N ALA I 279 17.83 -34.49 2.92
CA ALA I 279 19.24 -34.75 3.19
C ALA I 279 20.05 -35.07 1.93
N GLU I 280 19.46 -35.87 1.04
CA GLU I 280 20.12 -36.24 -0.19
C GLU I 280 20.24 -35.07 -1.15
N LEU I 281 19.22 -34.20 -1.17
CA LEU I 281 19.24 -33.06 -2.06
C LEU I 281 20.34 -32.08 -1.64
N LEU I 282 20.42 -31.77 -0.35
CA LEU I 282 21.44 -30.84 0.12
C LEU I 282 22.81 -31.42 -0.20
N ALA I 283 22.96 -32.74 -0.01
CA ALA I 283 24.22 -33.42 -0.27
C ALA I 283 24.77 -33.08 -1.68
N MET I 284 23.92 -33.17 -2.70
CA MET I 284 24.32 -32.86 -4.09
C MET I 284 24.16 -31.38 -4.44
N SER I 285 24.28 -30.50 -3.44
CA SER I 285 24.16 -29.06 -3.65
C SER I 285 25.46 -28.32 -3.43
N ASP I 286 25.50 -27.09 -3.89
CA ASP I 286 26.71 -26.27 -3.76
C ASP I 286 26.49 -25.01 -2.93
N LEU I 287 25.34 -24.40 -3.09
CA LEU I 287 25.06 -23.18 -2.37
C LEU I 287 23.59 -23.17 -1.89
N MET I 288 23.36 -22.78 -0.64
CA MET I 288 22.00 -22.71 -0.09
C MET I 288 21.58 -21.25 0.03
N LEU I 289 20.33 -20.94 -0.32
CA LEU I 289 19.82 -19.57 -0.21
C LEU I 289 18.64 -19.49 0.76
N LEU I 290 18.61 -18.43 1.57
CA LEU I 290 17.55 -18.18 2.54
C LEU I 290 17.47 -16.67 2.67
N LEU I 291 16.52 -16.04 1.99
CA LEU I 291 16.44 -14.60 2.02
C LEU I 291 15.11 -14.10 2.54
N SER I 292 14.65 -14.69 3.64
CA SER I 292 13.38 -14.31 4.22
C SER I 292 13.43 -13.05 5.10
N GLU I 293 12.29 -12.40 5.27
CA GLU I 293 12.19 -11.18 6.09
C GLU I 293 12.41 -11.52 7.53
N LYS I 294 12.23 -12.76 7.92
CA LYS I 294 12.47 -13.00 9.32
C LYS I 294 12.72 -14.40 9.62
N GLU I 295 13.43 -14.70 10.67
CA GLU I 295 13.53 -16.06 10.93
C GLU I 295 14.24 -16.12 12.21
N SER I 296 13.94 -17.11 13.00
CA SER I 296 14.50 -17.17 14.31
C SER I 296 15.53 -18.18 14.22
N PHE I 297 15.55 -19.02 13.20
CA PHE I 297 16.66 -19.88 13.29
C PHE I 297 17.64 -20.44 12.31
N GLY I 298 17.23 -21.16 11.28
CA GLY I 298 16.14 -22.12 11.29
C GLY I 298 17.03 -23.16 10.73
N LEU I 299 16.65 -24.38 10.91
CA LEU I 299 17.59 -25.36 10.54
C LEU I 299 17.99 -25.41 9.19
N VAL I 300 17.12 -25.09 8.29
CA VAL I 300 17.68 -25.65 7.11
C VAL I 300 19.09 -25.18 7.06
N LEU I 301 19.40 -24.09 7.72
CA LEU I 301 20.74 -23.70 7.56
C LEU I 301 21.59 -24.75 8.08
N LEU I 302 21.25 -25.28 9.20
CA LEU I 302 22.05 -26.30 9.74
C LEU I 302 22.11 -27.44 8.88
N GLU I 303 20.96 -27.95 8.52
CA GLU I 303 21.06 -29.13 7.75
C GLU I 303 22.11 -28.87 6.69
N ALA I 304 21.88 -27.81 5.96
CA ALA I 304 22.76 -27.47 4.89
C ALA I 304 24.17 -27.44 5.22
N MET I 305 24.48 -26.60 6.17
CA MET I 305 25.84 -26.43 6.50
C MET I 305 26.27 -27.79 6.82
N ALA I 306 25.59 -28.38 7.75
CA ALA I 306 26.00 -29.69 8.10
C ALA I 306 26.43 -30.53 6.95
N CYS I 307 25.96 -30.28 5.74
CA CYS I 307 26.35 -31.17 4.67
C CYS I 307 27.46 -30.58 3.91
N GLY I 308 28.13 -29.64 4.52
CA GLY I 308 29.23 -29.01 3.84
C GLY I 308 28.80 -28.02 2.79
N VAL I 309 27.55 -27.57 2.84
CA VAL I 309 27.04 -26.61 1.87
C VAL I 309 27.00 -25.19 2.41
N PRO I 310 27.83 -24.30 1.87
CA PRO I 310 27.85 -22.91 2.33
C PRO I 310 26.51 -22.20 2.04
N CYS I 311 26.11 -21.28 2.91
CA CYS I 311 24.83 -20.58 2.76
C CYS I 311 24.92 -19.07 2.65
N ILE I 312 23.93 -18.49 2.00
CA ILE I 312 23.87 -17.05 1.85
C ILE I 312 22.50 -16.64 2.37
N GLY I 313 22.41 -16.28 3.65
CA GLY I 313 21.12 -15.89 4.21
C GLY I 313 21.01 -14.42 4.57
N THR I 314 19.80 -13.87 4.49
CA THR I 314 19.61 -12.46 4.85
C THR I 314 19.99 -12.25 6.32
N ARG I 315 20.47 -11.04 6.63
CA ARG I 315 20.87 -10.67 8.00
C ARG I 315 19.60 -10.32 8.78
N VAL I 316 18.88 -11.36 9.18
CA VAL I 316 17.68 -11.18 9.94
C VAL I 316 17.80 -11.99 11.22
N GLY I 317 17.44 -11.33 12.32
CA GLY I 317 17.53 -11.89 13.66
C GLY I 317 17.49 -13.36 13.97
N GLY I 318 18.63 -13.99 14.16
CA GLY I 318 18.64 -15.44 14.17
C GLY I 318 19.39 -16.19 13.09
N ILE I 319 19.68 -15.54 11.97
CA ILE I 319 20.44 -16.16 10.88
C ILE I 319 21.88 -15.84 11.31
N PRO I 320 22.13 -14.57 11.71
CA PRO I 320 23.43 -14.09 12.14
C PRO I 320 24.05 -14.91 13.27
N GLU I 321 23.25 -15.69 13.99
CA GLU I 321 23.83 -16.47 15.06
C GLU I 321 24.34 -17.81 14.55
N VAL I 322 24.07 -18.14 13.29
CA VAL I 322 24.54 -19.41 12.73
C VAL I 322 25.53 -19.19 11.58
N ILE I 323 25.31 -18.13 10.81
CA ILE I 323 26.18 -17.80 9.69
C ILE I 323 27.11 -16.65 10.05
N GLN I 324 28.42 -16.94 10.06
CA GLN I 324 29.42 -15.91 10.33
C GLN I 324 30.10 -15.61 9.03
N HIS I 325 29.76 -14.43 8.58
CA HIS I 325 30.04 -13.99 7.27
C HIS I 325 31.37 -14.24 6.79
N GLY I 326 31.52 -14.97 5.71
CA GLY I 326 32.87 -15.05 5.22
C GLY I 326 33.61 -16.16 5.83
N ASP I 327 33.15 -16.66 6.94
CA ASP I 327 33.87 -17.75 7.43
C ASP I 327 33.09 -18.98 7.09
N THR I 328 31.78 -18.97 7.32
CA THR I 328 30.99 -20.15 7.07
C THR I 328 29.81 -19.87 6.13
N GLY I 329 29.76 -18.64 5.59
CA GLY I 329 28.68 -18.28 4.68
C GLY I 329 28.64 -16.77 4.55
N TYR I 330 27.58 -16.21 3.97
CA TYR I 330 27.50 -14.75 3.81
C TYR I 330 26.12 -14.25 4.20
N LEU I 331 26.04 -12.99 4.63
CA LEU I 331 24.76 -12.40 5.00
C LEU I 331 24.50 -11.21 4.09
N CYS I 332 23.35 -10.57 4.18
CA CYS I 332 23.06 -9.42 3.33
C CYS I 332 21.65 -8.91 3.56
N GLU I 333 21.40 -7.64 3.26
CA GLU I 333 20.09 -7.06 3.48
C GLU I 333 19.00 -7.71 2.66
N VAL I 334 17.77 -7.62 3.16
CA VAL I 334 16.63 -8.23 2.47
C VAL I 334 16.31 -7.41 1.22
N GLY I 335 15.98 -8.11 0.14
CA GLY I 335 15.63 -7.44 -1.11
C GLY I 335 16.82 -7.17 -2.03
N ASP I 336 18.02 -7.39 -1.51
CA ASP I 336 19.26 -7.17 -2.25
C ASP I 336 19.54 -8.31 -3.22
N THR I 337 18.60 -8.55 -4.13
CA THR I 337 18.72 -9.61 -5.13
C THR I 337 20.09 -9.53 -5.82
N THR I 338 20.45 -8.33 -6.27
CA THR I 338 21.73 -8.08 -6.95
C THR I 338 22.95 -8.45 -6.07
N GLY I 339 22.99 -7.90 -4.86
CA GLY I 339 24.10 -8.20 -3.96
C GLY I 339 24.27 -9.69 -3.69
N VAL I 340 23.16 -10.39 -3.58
CA VAL I 340 23.20 -11.83 -3.33
C VAL I 340 23.83 -12.56 -4.50
N ALA I 341 23.36 -12.23 -5.70
CA ALA I 341 23.86 -12.84 -6.94
C ALA I 341 25.36 -12.66 -7.05
N ASP I 342 25.80 -11.43 -6.82
CA ASP I 342 27.20 -11.05 -6.87
C ASP I 342 28.03 -11.89 -5.91
N GLN I 343 27.55 -11.98 -4.69
CA GLN I 343 28.22 -12.75 -3.67
C GLN I 343 28.29 -14.24 -4.07
N ALA I 344 27.24 -14.70 -4.75
CA ALA I 344 27.15 -16.09 -5.21
C ALA I 344 28.10 -16.40 -6.37
N ILE I 345 27.95 -15.66 -7.46
CA ILE I 345 28.78 -15.82 -8.67
C ILE I 345 30.26 -15.85 -8.27
N GLN I 346 30.64 -14.98 -7.34
CA GLN I 346 32.02 -14.90 -6.86
C GLN I 346 32.47 -16.21 -6.20
N LEU I 347 31.68 -16.69 -5.24
CA LEU I 347 32.00 -17.91 -4.49
C LEU I 347 31.90 -19.18 -5.33
N LEU I 348 31.10 -19.14 -6.37
CA LEU I 348 30.90 -20.32 -7.21
C LEU I 348 32.10 -20.72 -8.10
N LYS I 349 32.85 -19.73 -8.59
CA LYS I 349 34.04 -19.98 -9.42
C LYS I 349 35.28 -20.21 -8.56
N ASP I 350 35.55 -19.29 -7.63
CA ASP I 350 36.70 -19.46 -6.75
C ASP I 350 36.34 -20.84 -6.14
N GLU I 351 37.18 -21.84 -6.39
CA GLU I 351 36.89 -23.19 -5.89
C GLU I 351 37.67 -23.38 -4.61
N GLU I 352 38.61 -22.48 -4.37
CA GLU I 352 39.43 -22.50 -3.16
C GLU I 352 38.52 -22.08 -1.99
N LEU I 353 37.98 -20.86 -2.11
CA LEU I 353 37.09 -20.26 -1.13
C LEU I 353 35.90 -21.19 -0.85
N HIS I 354 35.35 -21.79 -1.90
CA HIS I 354 34.21 -22.69 -1.77
C HIS I 354 34.55 -23.98 -1.02
N ARG I 355 35.76 -24.52 -1.17
CA ARG I 355 36.12 -25.74 -0.44
C ARG I 355 36.36 -25.41 1.03
N ASN I 356 36.89 -24.21 1.26
CA ASN I 356 37.21 -23.73 2.62
C ASN I 356 35.94 -23.40 3.41
N MET I 357 35.10 -22.54 2.81
CA MET I 357 33.86 -22.13 3.45
C MET I 357 33.05 -23.39 3.78
N GLY I 358 32.81 -24.22 2.79
CA GLY I 358 32.06 -25.45 3.00
C GLY I 358 32.64 -26.31 4.11
N GLU I 359 33.94 -26.21 4.35
CA GLU I 359 34.58 -26.97 5.40
C GLU I 359 34.42 -26.24 6.72
N ARG I 360 34.70 -24.94 6.69
CA ARG I 360 34.56 -24.06 7.84
C ARG I 360 33.15 -24.28 8.41
N ALA I 361 32.14 -24.17 7.53
CA ALA I 361 30.73 -24.33 7.89
C ALA I 361 30.42 -25.63 8.60
N ARG I 362 30.62 -26.76 7.95
CA ARG I 362 30.31 -28.04 8.61
C ARG I 362 31.13 -28.27 9.87
N GLU I 363 32.04 -27.35 10.16
CA GLU I 363 32.86 -27.46 11.37
C GLU I 363 32.19 -26.66 12.48
N SER I 364 31.92 -25.38 12.21
CA SER I 364 31.28 -24.51 13.21
C SER I 364 29.94 -25.11 13.60
N VAL I 365 29.39 -25.99 12.75
CA VAL I 365 28.13 -26.66 13.02
C VAL I 365 28.39 -27.73 14.08
N TYR I 366 29.39 -28.58 13.84
CA TYR I 366 29.75 -29.63 14.79
C TYR I 366 30.12 -28.98 16.15
N GLU I 367 30.67 -27.79 16.03
CA GLU I 367 31.14 -26.95 17.13
C GLU I 367 30.22 -26.45 18.21
N GLN I 368 29.21 -25.71 17.77
CA GLN I 368 28.24 -25.08 18.65
C GLN I 368 26.84 -25.65 18.50
N PHE I 369 26.62 -26.51 17.50
CA PHE I 369 25.30 -27.12 17.28
C PHE I 369 25.31 -28.64 17.33
N ARG I 370 26.41 -29.19 17.83
CA ARG I 370 26.57 -30.64 17.97
C ARG I 370 25.30 -31.22 18.62
N SER I 371 24.67 -32.19 17.97
CA SER I 371 23.46 -32.78 18.55
C SER I 371 23.71 -33.30 19.98
N GLU I 372 24.72 -34.12 20.16
CA GLU I 372 25.00 -34.67 21.49
C GLU I 372 25.26 -33.57 22.52
N LYS I 373 25.74 -32.41 22.06
CA LYS I 373 26.02 -31.29 22.95
C LYS I 373 24.72 -30.65 23.44
N ILE I 374 23.88 -30.22 22.49
CA ILE I 374 22.60 -29.59 22.79
C ILE I 374 21.72 -30.51 23.63
N VAL I 375 21.64 -31.77 23.23
CA VAL I 375 20.84 -32.70 24.00
C VAL I 375 21.30 -32.67 25.45
N SER I 376 22.59 -32.56 25.70
CA SER I 376 23.06 -32.53 27.07
C SER I 376 22.64 -31.28 27.84
N GLN I 377 22.45 -30.18 27.12
CA GLN I 377 22.02 -28.95 27.76
C GLN I 377 20.60 -29.15 28.26
N TYR I 378 19.74 -29.72 27.41
CA TYR I 378 18.37 -29.97 27.78
C TYR I 378 18.36 -30.95 28.94
N GLU I 379 19.23 -31.93 28.87
CA GLU I 379 19.33 -32.94 29.90
C GLU I 379 19.67 -32.29 31.25
N THR I 380 20.63 -31.37 31.27
CA THR I 380 20.97 -30.77 32.54
C THR I 380 19.84 -29.83 32.98
N ILE I 381 19.13 -29.23 32.04
CA ILE I 381 18.02 -28.35 32.42
C ILE I 381 16.95 -29.12 33.19
N TYR I 382 16.70 -30.37 32.77
CA TYR I 382 15.71 -31.21 33.43
C TYR I 382 16.15 -31.51 34.86
N TYR I 383 17.37 -32.03 34.98
CA TYR I 383 17.91 -32.37 36.29
C TYR I 383 17.89 -31.16 37.20
N ASP I 384 18.26 -30.00 36.65
CA ASP I 384 18.30 -28.76 37.40
C ASP I 384 16.93 -28.33 37.92
N VAL I 385 15.90 -28.50 37.11
CA VAL I 385 14.57 -28.09 37.51
C VAL I 385 14.04 -28.97 38.66
N LEU I 386 14.85 -29.91 39.13
CA LEU I 386 14.47 -30.77 40.26
C LEU I 386 15.49 -30.57 41.47
N ARG I 387 16.50 -31.33 41.53
N LYS J 15 -26.56 -3.23 41.48
CA LYS J 15 -25.21 -2.87 42.03
C LYS J 15 -24.17 -4.01 41.92
N LEU J 16 -24.14 -4.75 40.82
CA LEU J 16 -23.20 -5.85 40.64
C LEU J 16 -22.76 -5.99 39.18
N LYS J 17 -21.48 -6.23 38.93
CA LYS J 17 -20.97 -6.38 37.57
C LYS J 17 -20.79 -7.86 37.27
N ILE J 18 -21.74 -8.45 36.55
CA ILE J 18 -21.71 -9.88 36.23
C ILE J 18 -21.32 -10.18 34.79
N GLY J 19 -20.60 -11.27 34.53
CA GLY J 19 -20.27 -11.62 33.18
C GLY J 19 -20.89 -12.97 32.86
N ILE J 20 -21.72 -13.09 31.83
CA ILE J 20 -22.35 -14.37 31.49
C ILE J 20 -21.73 -15.00 30.25
N THR J 21 -21.62 -16.32 30.21
CA THR J 21 -21.06 -17.02 29.07
C THR J 21 -21.95 -18.21 28.73
N CYS J 22 -22.37 -18.32 27.48
CA CYS J 22 -23.22 -19.43 27.02
C CYS J 22 -23.32 -19.53 25.48
N TYR J 23 -24.16 -20.45 25.00
CA TYR J 23 -24.33 -20.64 23.55
C TYR J 23 -25.72 -20.15 23.12
N PRO J 24 -25.90 -18.81 22.92
CA PRO J 24 -27.17 -18.16 22.52
C PRO J 24 -28.40 -18.94 21.96
N GLY J 27 -28.40 -23.83 22.59
CA GLY J 27 -29.43 -24.80 22.95
C GLY J 27 -30.31 -24.34 24.11
N GLY J 28 -30.42 -25.15 25.18
CA GLY J 28 -31.22 -24.79 26.34
C GLY J 28 -30.52 -23.76 27.21
N SER J 29 -29.24 -24.01 27.46
CA SER J 29 -28.37 -23.15 28.24
C SER J 29 -28.38 -21.69 27.80
N GLY J 30 -28.36 -21.48 26.49
CA GLY J 30 -28.37 -20.15 25.94
C GLY J 30 -29.63 -19.39 26.29
N VAL J 31 -30.76 -20.05 26.07
CA VAL J 31 -32.03 -19.42 26.39
C VAL J 31 -31.99 -18.91 27.85
N VAL J 32 -31.71 -19.82 28.77
CA VAL J 32 -31.65 -19.48 30.17
C VAL J 32 -30.61 -18.43 30.50
N GLY J 33 -29.36 -18.70 30.09
CA GLY J 33 -28.27 -17.78 30.33
C GLY J 33 -28.62 -16.37 29.88
N THR J 34 -29.10 -16.26 28.65
CA THR J 34 -29.48 -14.98 28.06
C THR J 34 -30.61 -14.32 28.82
N GLU J 35 -31.64 -15.09 29.13
CA GLU J 35 -32.76 -14.54 29.84
C GLU J 35 -32.34 -14.11 31.23
N LEU J 36 -31.53 -14.93 31.88
CA LEU J 36 -31.04 -14.59 33.20
C LEU J 36 -30.32 -13.25 33.17
N GLY J 37 -29.56 -13.00 32.10
CA GLY J 37 -28.83 -11.76 31.98
C GLY J 37 -29.74 -10.59 31.75
N LYS J 38 -30.76 -10.82 30.94
CA LYS J 38 -31.73 -9.78 30.64
C LYS J 38 -32.41 -9.38 31.95
N GLN J 39 -32.88 -10.37 32.72
CA GLN J 39 -33.54 -10.13 33.99
C GLN J 39 -32.65 -9.37 34.95
N LEU J 40 -31.46 -9.91 35.22
CA LEU J 40 -30.49 -9.28 36.11
C LEU J 40 -30.21 -7.84 35.73
N ALA J 41 -30.28 -7.57 34.43
CA ALA J 41 -30.03 -6.24 33.92
C ALA J 41 -31.13 -5.32 34.37
N GLU J 42 -32.37 -5.75 34.16
CA GLU J 42 -33.55 -4.96 34.55
C GLU J 42 -33.52 -4.67 36.05
N ARG J 43 -32.78 -5.46 36.81
CA ARG J 43 -32.70 -5.21 38.23
C ARG J 43 -31.58 -4.26 38.58
N GLY J 44 -31.00 -3.60 37.57
CA GLY J 44 -29.95 -2.62 37.81
C GLY J 44 -28.51 -3.08 37.76
N HIS J 45 -28.30 -4.38 37.60
CA HIS J 45 -26.97 -4.94 37.53
C HIS J 45 -26.40 -4.62 36.16
N GLU J 46 -25.07 -4.64 36.06
CA GLU J 46 -24.41 -4.38 34.79
C GLU J 46 -23.92 -5.73 34.26
N ILE J 47 -24.62 -6.23 33.24
CA ILE J 47 -24.30 -7.52 32.63
C ILE J 47 -23.35 -7.39 31.44
N HIS J 48 -22.39 -8.30 31.38
CA HIS J 48 -21.38 -8.33 30.32
C HIS J 48 -21.34 -9.70 29.69
N PHE J 49 -22.02 -9.87 28.57
CA PHE J 49 -22.00 -11.15 27.87
C PHE J 49 -20.69 -11.38 27.18
N ILE J 50 -20.02 -12.47 27.51
CA ILE J 50 -18.75 -12.77 26.87
C ILE J 50 -18.97 -14.04 26.13
N THR J 51 -19.27 -13.90 24.85
CA THR J 51 -19.57 -15.05 24.00
C THR J 51 -19.53 -14.69 22.53
N SER J 52 -18.93 -15.55 21.70
CA SER J 52 -18.86 -15.34 20.24
C SER J 52 -20.12 -15.87 19.53
N GLY J 53 -21.05 -14.98 19.19
CA GLY J 53 -22.28 -15.38 18.52
C GLY J 53 -23.26 -14.24 18.48
N LEU J 54 -24.54 -14.53 18.64
CA LEU J 54 -25.58 -13.50 18.61
C LEU J 54 -26.80 -13.72 19.55
N PRO J 55 -26.66 -13.37 20.85
CA PRO J 55 -27.76 -13.53 21.85
C PRO J 55 -29.02 -12.64 21.65
N LYS J 60 -35.08 -5.17 21.62
CA LYS J 60 -34.80 -3.92 22.37
C LYS J 60 -33.29 -3.67 22.66
N VAL J 61 -32.93 -2.63 23.42
CA VAL J 61 -31.52 -2.33 23.77
C VAL J 61 -31.38 -1.80 25.20
N TYR J 62 -30.56 -2.45 26.02
CA TYR J 62 -30.36 -2.03 27.41
C TYR J 62 -29.01 -1.35 27.54
N PRO J 63 -28.98 -0.17 28.21
CA PRO J 63 -27.75 0.60 28.41
C PRO J 63 -26.75 -0.06 29.34
N ASN J 64 -27.23 -1.06 30.08
CA ASN J 64 -26.43 -1.78 31.06
C ASN J 64 -26.13 -3.25 30.70
N ILE J 65 -26.20 -3.58 29.42
CA ILE J 65 -25.89 -4.92 28.92
C ILE J 65 -24.91 -4.75 27.79
N TYR J 66 -23.69 -5.23 27.97
CA TYR J 66 -22.66 -5.09 26.95
C TYR J 66 -22.37 -6.43 26.33
N PHE J 67 -22.02 -6.45 25.05
CA PHE J 67 -21.71 -7.71 24.38
C PHE J 67 -20.28 -7.74 23.92
N HIS J 68 -19.49 -8.67 24.44
CA HIS J 68 -18.11 -8.80 24.03
C HIS J 68 -18.05 -10.07 23.22
N GLU J 69 -17.37 -10.06 22.09
CA GLU J 69 -17.34 -11.28 21.31
C GLU J 69 -15.92 -11.79 21.08
N VAL J 70 -15.79 -13.10 21.10
CA VAL J 70 -14.49 -13.74 20.94
C VAL J 70 -14.09 -13.85 19.50
N THR J 71 -13.00 -13.19 19.14
CA THR J 71 -12.51 -13.22 17.76
C THR J 71 -11.33 -14.18 17.66
N VAL J 72 -11.34 -15.06 16.68
CA VAL J 72 -10.23 -16.03 16.52
C VAL J 72 -9.46 -15.82 15.19
N ASN J 73 -8.28 -16.44 15.03
CA ASN J 73 -7.51 -16.32 13.78
C ASN J 73 -6.71 -17.59 13.42
N PHE J 78 -1.16 -23.14 12.79
CA PHE J 78 -2.19 -23.65 13.72
C PHE J 78 -3.06 -24.82 13.23
N GLN J 79 -3.22 -25.84 14.08
CA GLN J 79 -4.09 -27.03 13.79
C GLN J 79 -5.59 -26.81 13.80
N TYR J 80 -6.08 -26.29 14.92
CA TYR J 80 -7.50 -25.98 15.11
C TYR J 80 -7.54 -24.58 15.69
N PRO J 81 -8.54 -23.77 15.29
CA PRO J 81 -8.64 -22.39 15.81
C PRO J 81 -8.89 -22.44 17.34
N PRO J 82 -7.97 -21.91 18.16
CA PRO J 82 -8.13 -21.94 19.62
C PRO J 82 -9.29 -21.19 20.21
N TYR J 83 -10.52 -21.62 19.95
CA TYR J 83 -11.65 -20.92 20.50
C TYR J 83 -11.63 -20.95 22.02
N ASP J 84 -11.28 -22.09 22.59
CA ASP J 84 -11.27 -22.18 24.04
C ASP J 84 -10.34 -21.15 24.63
N LEU J 85 -9.06 -21.25 24.29
CA LEU J 85 -8.06 -20.33 24.77
C LEU J 85 -8.45 -18.89 24.47
N ALA J 86 -8.97 -18.64 23.29
CA ALA J 86 -9.39 -17.29 22.96
C ALA J 86 -10.48 -16.78 23.89
N LEU J 87 -11.42 -17.65 24.23
CA LEU J 87 -12.50 -17.30 25.11
C LEU J 87 -11.97 -17.02 26.50
N ALA J 88 -11.02 -17.83 26.94
CA ALA J 88 -10.41 -17.66 28.24
C ALA J 88 -9.74 -16.30 28.26
N SER J 89 -9.01 -16.00 27.19
CA SER J 89 -8.32 -14.74 27.09
C SER J 89 -9.25 -13.55 27.18
N LYS J 90 -10.37 -13.62 26.47
CA LYS J 90 -11.34 -12.54 26.49
C LYS J 90 -12.02 -12.39 27.85
N MET J 91 -12.33 -13.52 28.50
CA MET J 91 -12.95 -13.49 29.80
C MET J 91 -11.98 -12.68 30.67
N ALA J 92 -10.73 -13.08 30.70
CA ALA J 92 -9.71 -12.40 31.50
C ALA J 92 -9.62 -10.92 31.18
N GLU J 93 -9.58 -10.60 29.89
CA GLU J 93 -9.49 -9.21 29.49
C GLU J 93 -10.70 -8.42 29.95
N VAL J 94 -11.89 -8.86 29.62
CA VAL J 94 -13.08 -8.15 30.06
C VAL J 94 -13.16 -8.07 31.56
N ALA J 95 -12.81 -9.16 32.22
CA ALA J 95 -12.86 -9.22 33.66
C ALA J 95 -12.12 -8.09 34.33
N GLN J 96 -10.82 -7.98 34.09
CA GLN J 96 -10.08 -6.94 34.75
C GLN J 96 -10.25 -5.56 34.18
N ARG J 97 -10.72 -5.48 32.95
CA ARG J 97 -10.93 -4.17 32.33
C ARG J 97 -12.19 -3.53 32.91
N GLU J 98 -13.30 -4.29 32.96
CA GLU J 98 -14.57 -3.81 33.48
C GLU J 98 -14.71 -4.03 34.96
N ASN J 99 -13.72 -4.69 35.56
CA ASN J 99 -13.73 -4.99 36.98
C ASN J 99 -14.96 -5.74 37.40
N LEU J 100 -15.16 -6.91 36.80
CA LEU J 100 -16.29 -7.77 37.06
C LEU J 100 -16.19 -8.40 38.45
N ASP J 101 -17.34 -8.70 39.04
CA ASP J 101 -17.41 -9.30 40.37
C ASP J 101 -17.56 -10.81 40.23
N ILE J 102 -18.57 -11.19 39.46
CA ILE J 102 -18.89 -12.57 39.21
C ILE J 102 -18.76 -12.90 37.72
N LEU J 103 -18.41 -14.14 37.46
CA LEU J 103 -18.27 -14.67 36.12
C LEU J 103 -19.18 -15.90 36.13
N HIS J 104 -20.35 -15.80 35.50
CA HIS J 104 -21.32 -16.89 35.47
C HIS J 104 -21.35 -17.65 34.17
N VAL J 105 -20.99 -18.89 34.25
CA VAL J 105 -20.84 -19.63 33.05
C VAL J 105 -21.88 -20.69 32.88
N HIS J 106 -22.23 -21.05 31.66
CA HIS J 106 -23.23 -22.05 31.56
C HIS J 106 -23.06 -23.38 31.00
N TYR J 107 -22.18 -23.76 30.13
CA TYR J 107 -22.28 -25.21 29.96
C TYR J 107 -21.02 -25.56 30.70
N ALA J 108 -20.69 -26.80 30.94
CA ALA J 108 -19.47 -27.00 31.74
C ALA J 108 -18.21 -27.00 30.93
N ILE J 109 -18.22 -27.79 29.88
CA ILE J 109 -17.10 -27.77 28.93
C ILE J 109 -17.61 -26.83 27.84
N PRO J 110 -16.72 -25.94 27.30
CA PRO J 110 -15.44 -25.58 27.93
C PRO J 110 -15.47 -24.51 28.97
N HIS J 111 -16.50 -23.69 28.92
CA HIS J 111 -16.67 -22.56 29.82
C HIS J 111 -16.15 -22.59 31.24
N ALA J 112 -16.36 -23.71 31.92
CA ALA J 112 -15.87 -23.88 33.27
C ALA J 112 -14.37 -23.78 33.31
N ILE J 113 -13.68 -24.56 32.46
CA ILE J 113 -12.22 -24.50 32.40
C ILE J 113 -11.74 -23.15 31.91
N CYS J 114 -12.44 -22.55 30.96
CA CYS J 114 -12.04 -21.22 30.47
C CYS J 114 -12.08 -20.19 31.58
N ALA J 115 -13.15 -20.25 32.39
CA ALA J 115 -13.27 -19.32 33.50
C ALA J 115 -12.16 -19.60 34.51
N TYR J 116 -11.71 -20.84 34.62
CA TYR J 116 -10.65 -21.12 35.57
C TYR J 116 -9.39 -20.41 35.13
N LEU J 117 -8.99 -20.61 33.88
CA LEU J 117 -7.82 -19.94 33.30
C LEU J 117 -7.89 -18.43 33.44
N ALA J 118 -9.03 -17.87 33.06
CA ALA J 118 -9.27 -16.45 33.17
C ALA J 118 -8.97 -15.97 34.60
N LYS J 119 -9.53 -16.68 35.59
CA LYS J 119 -9.35 -16.37 36.99
C LYS J 119 -7.88 -16.38 37.33
N GLN J 120 -7.20 -17.48 37.01
CA GLN J 120 -5.77 -17.61 37.30
C GLN J 120 -4.98 -16.51 36.63
N MET J 121 -5.38 -16.14 35.41
CA MET J 121 -4.69 -15.09 34.69
C MET J 121 -4.88 -13.71 35.32
N ILE J 122 -6.02 -13.41 35.96
CA ILE J 122 -6.16 -12.08 36.57
C ILE J 122 -5.92 -12.10 38.08
N GLY J 123 -5.08 -13.03 38.54
CA GLY J 123 -4.76 -13.12 39.95
C GLY J 123 -5.87 -13.56 40.87
N GLU J 124 -6.85 -14.27 40.34
CA GLU J 124 -7.97 -14.79 41.13
C GLU J 124 -8.86 -13.72 41.76
N ARG J 125 -8.86 -12.52 41.19
CA ARG J 125 -9.67 -11.42 41.70
C ARG J 125 -11.09 -11.43 41.11
N ILE J 126 -11.74 -12.59 41.13
CA ILE J 126 -13.07 -12.74 40.54
C ILE J 126 -13.71 -14.04 41.06
N LYS J 127 -15.04 -14.11 41.10
CA LYS J 127 -15.75 -15.30 41.57
C LYS J 127 -16.43 -16.05 40.43
N ILE J 128 -16.16 -17.35 40.31
CA ILE J 128 -16.74 -18.16 39.25
C ILE J 128 -17.98 -18.95 39.67
N VAL J 129 -19.06 -18.81 38.90
CA VAL J 129 -20.30 -19.52 39.18
C VAL J 129 -20.59 -20.40 37.99
N THR J 130 -20.63 -21.70 38.18
CA THR J 130 -20.86 -22.60 37.06
C THR J 130 -22.22 -23.25 37.13
N THR J 131 -23.01 -23.18 36.06
CA THR J 131 -24.32 -23.85 36.09
C THR J 131 -24.29 -25.07 35.16
N LEU J 132 -24.66 -26.23 35.66
CA LEU J 132 -24.62 -27.40 34.82
C LEU J 132 -25.96 -27.54 34.18
N HIS J 133 -26.06 -28.35 33.16
CA HIS J 133 -27.29 -28.50 32.38
C HIS J 133 -27.26 -29.90 31.78
N GLY J 134 -28.08 -30.21 30.82
CA GLY J 134 -28.03 -31.63 30.48
C GLY J 134 -26.95 -32.63 30.02
N THR J 135 -26.45 -32.34 28.83
CA THR J 135 -25.48 -33.10 28.05
C THR J 135 -24.05 -32.92 28.58
N ASP J 136 -23.70 -31.73 29.05
CA ASP J 136 -22.35 -31.50 29.57
C ASP J 136 -21.98 -32.57 30.58
N ILE J 137 -22.97 -33.02 31.37
CA ILE J 137 -22.71 -34.08 32.33
C ILE J 137 -23.20 -35.42 31.78
N THR J 138 -24.46 -35.45 31.36
CA THR J 138 -25.10 -36.64 30.78
C THR J 138 -24.23 -37.33 29.75
N VAL J 139 -23.95 -36.65 28.63
CA VAL J 139 -23.16 -37.24 27.56
C VAL J 139 -21.66 -36.99 27.58
N LEU J 140 -21.25 -35.76 27.84
CA LEU J 140 -19.83 -35.46 27.90
C LEU J 140 -19.16 -36.18 29.05
N GLY J 141 -19.71 -36.04 30.25
CA GLY J 141 -19.13 -36.70 31.41
C GLY J 141 -18.89 -38.19 31.21
N SER J 142 -19.59 -38.79 30.25
CA SER J 142 -19.45 -40.21 29.94
C SER J 142 -18.10 -40.45 29.28
N ASP J 143 -17.67 -39.51 28.43
CA ASP J 143 -16.39 -39.62 27.71
C ASP J 143 -15.16 -39.49 28.63
N PRO J 144 -14.37 -40.57 28.76
CA PRO J 144 -13.17 -40.58 29.61
C PRO J 144 -12.11 -39.54 29.23
N SER J 145 -12.12 -39.13 27.97
CA SER J 145 -11.17 -38.12 27.52
C SER J 145 -11.51 -36.71 28.06
N LEU J 146 -12.64 -36.57 28.74
CA LEU J 146 -13.02 -35.27 29.26
C LEU J 146 -13.53 -35.36 30.67
N ASN J 147 -13.48 -36.55 31.24
CA ASN J 147 -13.99 -36.72 32.59
C ASN J 147 -13.28 -35.83 33.59
N ASN J 148 -12.01 -36.12 33.82
CA ASN J 148 -11.16 -35.37 34.74
C ASN J 148 -11.20 -33.86 34.45
N LEU J 149 -11.44 -33.50 33.20
CA LEU J 149 -11.50 -32.12 32.82
C LEU J 149 -12.77 -31.48 33.37
N ILE J 150 -13.90 -32.17 33.25
CA ILE J 150 -15.19 -31.68 33.78
C ILE J 150 -15.11 -31.63 35.30
N ARG J 151 -14.52 -32.64 35.90
CA ARG J 151 -14.40 -32.66 37.36
C ARG J 151 -13.63 -31.44 37.84
N PHE J 152 -12.41 -31.28 37.32
CA PHE J 152 -11.52 -30.17 37.67
C PHE J 152 -12.25 -28.84 37.53
N GLY J 153 -12.97 -28.67 36.41
CA GLY J 153 -13.71 -27.44 36.19
C GLY J 153 -14.77 -27.17 37.25
N ILE J 154 -15.49 -28.22 37.65
CA ILE J 154 -16.53 -28.10 38.67
C ILE J 154 -15.89 -27.77 39.98
N GLU J 155 -14.91 -28.59 40.38
CA GLU J 155 -14.24 -28.39 41.67
C GLU J 155 -13.60 -27.04 41.81
N GLN J 156 -13.14 -26.46 40.71
CA GLN J 156 -12.46 -25.17 40.73
C GLN J 156 -13.36 -23.97 40.74
N SER J 157 -14.63 -24.17 40.42
CA SER J 157 -15.57 -23.07 40.40
C SER J 157 -15.85 -22.73 41.83
N ASP J 158 -16.22 -21.47 42.09
CA ASP J 158 -16.52 -21.08 43.47
C ASP J 158 -17.88 -21.57 43.91
N VAL J 159 -18.86 -21.54 43.01
CA VAL J 159 -20.22 -22.03 43.31
C VAL J 159 -20.62 -22.84 42.09
N VAL J 160 -21.36 -23.93 42.27
CA VAL J 160 -21.79 -24.75 41.14
C VAL J 160 -23.26 -25.06 41.34
N THR J 161 -24.06 -24.99 40.30
CA THR J 161 -25.48 -25.28 40.45
C THR J 161 -25.89 -26.18 39.29
N ALA J 162 -27.03 -26.84 39.44
CA ALA J 162 -27.56 -27.70 38.39
C ALA J 162 -29.02 -27.33 38.23
N VAL J 163 -29.60 -27.80 37.15
CA VAL J 163 -30.97 -27.46 36.81
C VAL J 163 -31.99 -28.40 37.39
N SER J 164 -31.52 -29.51 37.90
CA SER J 164 -32.44 -30.45 38.49
C SER J 164 -31.68 -31.37 39.44
N HIS J 165 -32.39 -31.93 40.41
CA HIS J 165 -31.76 -32.85 41.33
C HIS J 165 -31.29 -34.09 40.60
N SER J 166 -31.97 -34.46 39.54
CA SER J 166 -31.58 -35.62 38.79
C SER J 166 -30.18 -35.43 38.26
N LEU J 167 -29.90 -34.20 37.84
CA LEU J 167 -28.61 -33.86 37.28
C LEU J 167 -27.53 -33.94 38.36
N ILE J 168 -27.80 -33.36 39.53
CA ILE J 168 -26.84 -33.41 40.62
C ILE J 168 -26.54 -34.86 40.97
N ASN J 169 -27.43 -35.76 40.60
CA ASN J 169 -27.20 -37.16 40.90
C ASN J 169 -26.34 -37.77 39.87
N GLU J 170 -26.66 -37.49 38.62
CA GLU J 170 -25.92 -37.97 37.47
C GLU J 170 -24.49 -37.48 37.57
N THR J 171 -24.34 -36.26 38.07
CA THR J 171 -23.04 -35.66 38.22
C THR J 171 -22.16 -36.40 39.20
N HIS J 172 -22.72 -36.66 40.38
CA HIS J 172 -21.95 -37.35 41.40
C HIS J 172 -21.72 -38.81 41.03
N GLU J 173 -22.48 -39.30 40.08
CA GLU J 173 -22.34 -40.67 39.67
C GLU J 173 -21.25 -40.86 38.60
N LEU J 174 -21.28 -40.02 37.56
CA LEU J 174 -20.33 -40.12 36.45
C LEU J 174 -19.05 -39.34 36.67
N VAL J 175 -19.17 -38.08 37.04
CA VAL J 175 -17.98 -37.24 37.23
C VAL J 175 -17.35 -37.40 38.62
N LYS J 176 -18.16 -37.54 39.65
CA LYS J 176 -17.67 -37.74 41.01
C LYS J 176 -16.79 -36.62 41.53
N PRO J 177 -17.28 -35.39 41.44
CA PRO J 177 -16.51 -34.24 41.92
C PRO J 177 -16.55 -34.06 43.42
N ASN J 178 -15.50 -33.49 43.99
CA ASN J 178 -15.49 -33.21 45.41
C ASN J 178 -15.91 -31.77 45.57
N LYS J 179 -17.16 -31.47 45.26
CA LYS J 179 -17.65 -30.09 45.37
C LYS J 179 -19.13 -30.21 45.63
N ASP J 180 -19.71 -29.17 46.19
CA ASP J 180 -21.14 -29.15 46.45
C ASP J 180 -21.88 -28.50 45.31
N ILE J 181 -22.98 -29.12 44.90
CA ILE J 181 -23.76 -28.54 43.83
C ILE J 181 -25.15 -28.20 44.33
N GLN J 182 -25.58 -26.94 44.15
CA GLN J 182 -26.93 -26.49 44.56
C GLN J 182 -27.89 -26.75 43.43
N THR J 183 -29.18 -26.63 43.68
CA THR J 183 -30.15 -26.84 42.62
C THR J 183 -30.88 -25.54 42.39
N VAL J 184 -30.97 -25.13 41.14
CA VAL J 184 -31.67 -23.91 40.76
C VAL J 184 -32.30 -24.29 39.44
N TYR J 185 -33.62 -24.38 39.42
CA TYR J 185 -34.35 -24.77 38.22
C TYR J 185 -34.35 -23.68 37.15
N ASN J 186 -34.64 -24.04 35.91
CA ASN J 186 -34.69 -23.03 34.85
C ASN J 186 -36.03 -22.31 34.95
N PHE J 187 -36.11 -21.17 34.29
CA PHE J 187 -37.33 -20.40 34.31
C PHE J 187 -37.75 -19.98 32.91
N ILE J 188 -38.88 -19.29 32.84
CA ILE J 188 -39.45 -18.86 31.59
C ILE J 188 -39.93 -17.43 31.75
N ASP J 189 -39.85 -16.66 30.67
CA ASP J 189 -40.31 -15.27 30.69
C ASP J 189 -41.83 -15.27 30.47
N GLU J 190 -42.58 -15.10 31.55
CA GLU J 190 -44.04 -15.09 31.48
C GLU J 190 -44.55 -14.00 30.53
N ARG J 191 -43.72 -12.97 30.33
CA ARG J 191 -44.00 -11.83 29.46
C ARG J 191 -43.99 -12.30 27.98
N VAL J 192 -43.73 -13.59 27.77
CA VAL J 192 -43.66 -14.21 26.44
C VAL J 192 -44.58 -15.43 26.31
N TYR J 193 -44.85 -16.07 27.45
CA TYR J 193 -45.70 -17.25 27.48
C TYR J 193 -46.94 -17.06 28.35
N PHE J 194 -48.08 -16.86 27.70
CA PHE J 194 -49.35 -16.70 28.40
C PHE J 194 -50.39 -17.56 27.71
N LYS J 195 -51.54 -17.73 28.37
CA LYS J 195 -52.62 -18.55 27.82
C LYS J 195 -53.38 -17.92 26.65
N ARG J 196 -52.78 -16.95 25.96
CA ARG J 196 -53.42 -16.34 24.80
C ARG J 196 -53.85 -17.48 23.86
N ASP J 197 -54.82 -17.23 22.95
CA ASP J 197 -55.24 -18.28 21.99
C ASP J 197 -55.17 -17.74 20.55
N MET J 198 -54.40 -18.45 19.72
CA MET J 198 -54.23 -18.07 18.31
C MET J 198 -55.29 -18.77 17.46
N THR J 199 -56.56 -18.48 17.75
CA THR J 199 -57.68 -19.08 17.01
C THR J 199 -57.61 -18.66 15.50
N GLN J 200 -57.14 -17.43 15.25
CA GLN J 200 -57.00 -16.93 13.88
C GLN J 200 -55.84 -17.59 13.12
N LEU J 201 -54.84 -18.06 13.88
CA LEU J 201 -53.67 -18.74 13.33
C LEU J 201 -53.97 -20.20 12.92
N LYS J 202 -54.85 -20.88 13.67
CA LYS J 202 -55.23 -22.27 13.37
C LYS J 202 -55.76 -22.30 11.94
N LYS J 203 -56.46 -21.22 11.59
CA LYS J 203 -57.05 -21.03 10.27
C LYS J 203 -55.92 -20.93 9.26
N GLU J 204 -54.93 -20.10 9.58
CA GLU J 204 -53.77 -19.91 8.71
C GLU J 204 -52.95 -21.20 8.49
N TYR J 205 -53.11 -22.19 9.38
CA TYR J 205 -52.41 -23.48 9.32
C TYR J 205 -53.36 -24.55 8.76
N GLY J 206 -54.61 -24.16 8.53
CA GLY J 206 -55.59 -25.09 7.99
C GLY J 206 -56.31 -26.11 8.86
N ILE J 207 -56.39 -25.86 10.16
CA ILE J 207 -56.98 -26.78 11.10
C ILE J 207 -58.31 -26.40 11.88
N SER J 208 -59.18 -27.41 12.16
CA SER J 208 -60.47 -27.27 12.91
C SER J 208 -60.98 -25.87 13.14
N LYS J 212 -58.65 -30.98 17.77
CA LYS J 212 -57.64 -31.22 18.82
C LYS J 212 -56.20 -31.09 18.30
N ILE J 213 -55.35 -30.38 19.07
CA ILE J 213 -53.94 -30.16 18.69
C ILE J 213 -52.88 -30.71 19.65
N LEU J 214 -52.02 -31.59 19.13
CA LEU J 214 -50.93 -32.19 19.87
C LEU J 214 -49.61 -31.62 19.33
N ILE J 215 -48.84 -30.97 20.21
CA ILE J 215 -47.58 -30.33 19.83
C ILE J 215 -46.37 -31.00 20.48
N HIS J 216 -45.29 -31.15 19.72
CA HIS J 216 -44.05 -31.74 20.22
C HIS J 216 -42.86 -30.96 19.70
N ILE J 217 -41.96 -30.54 20.60
CA ILE J 217 -40.78 -29.78 20.20
C ILE J 217 -39.48 -30.49 20.57
N SER J 218 -38.60 -30.72 19.60
CA SER J 218 -37.33 -31.37 19.90
C SER J 218 -36.32 -31.15 18.77
N ASN J 219 -35.13 -31.69 18.93
CA ASN J 219 -34.10 -31.55 17.92
C ASN J 219 -34.02 -32.82 17.08
N PHE J 220 -35.12 -33.54 16.98
CA PHE J 220 -35.15 -34.77 16.22
C PHE J 220 -33.91 -35.65 16.27
N ARG J 221 -33.43 -35.92 17.48
CA ARG J 221 -32.29 -36.81 17.72
C ARG J 221 -32.86 -38.13 18.22
N LYS J 222 -32.04 -39.17 18.22
CA LYS J 222 -32.54 -40.47 18.63
C LYS J 222 -32.99 -40.51 20.08
N VAL J 223 -32.32 -39.70 20.89
CA VAL J 223 -32.62 -39.64 22.29
C VAL J 223 -34.01 -39.08 22.56
N LYS J 224 -34.51 -38.24 21.66
CA LYS J 224 -35.83 -37.64 21.83
C LYS J 224 -36.92 -38.66 21.56
N ARG J 225 -36.55 -39.75 20.88
CA ARG J 225 -37.47 -40.82 20.51
C ARG J 225 -38.71 -40.28 19.81
N VAL J 226 -38.51 -39.47 18.77
CA VAL J 226 -39.63 -38.88 18.07
C VAL J 226 -40.55 -39.95 17.47
N GLN J 227 -39.99 -41.13 17.20
CA GLN J 227 -40.77 -42.24 16.65
C GLN J 227 -41.92 -42.55 17.58
N ASP J 228 -41.65 -42.60 18.88
CA ASP J 228 -42.71 -42.89 19.83
C ASP J 228 -43.78 -41.81 19.86
N VAL J 229 -43.40 -40.56 19.59
CA VAL J 229 -44.38 -39.49 19.58
C VAL J 229 -45.33 -39.71 18.42
N VAL J 230 -44.81 -40.28 17.35
CA VAL J 230 -45.63 -40.58 16.18
C VAL J 230 -46.51 -41.82 16.45
N GLN J 231 -45.91 -42.91 16.91
CA GLN J 231 -46.62 -44.16 17.23
C GLN J 231 -47.83 -43.87 18.11
N ALA J 232 -47.59 -43.14 19.18
CA ALA J 232 -48.63 -42.77 20.11
C ALA J 232 -49.72 -41.96 19.40
N PHE J 233 -49.30 -41.09 18.47
CA PHE J 233 -50.25 -40.27 17.74
C PHE J 233 -51.06 -41.10 16.75
N ALA J 234 -50.41 -42.10 16.15
CA ALA J 234 -51.07 -42.99 15.19
C ALA J 234 -52.26 -43.64 15.89
N LYS J 235 -52.05 -44.01 17.15
CA LYS J 235 -53.08 -44.64 17.97
C LYS J 235 -54.07 -43.58 18.48
N ILE J 236 -53.56 -42.59 19.19
CA ILE J 236 -54.38 -41.53 19.77
C ILE J 236 -55.33 -40.87 18.72
N VAL J 237 -54.99 -41.00 17.43
CA VAL J 237 -55.78 -40.43 16.32
C VAL J 237 -56.99 -41.27 15.91
N THR J 238 -56.90 -42.60 16.02
CA THR J 238 -58.00 -43.49 15.65
C THR J 238 -59.23 -43.21 16.51
N GLU J 239 -59.04 -42.76 17.75
CA GLU J 239 -60.17 -42.47 18.63
C GLU J 239 -60.48 -40.98 18.86
N VAL J 240 -59.65 -40.10 18.29
CA VAL J 240 -59.86 -38.65 18.41
C VAL J 240 -59.29 -37.97 17.16
N ASP J 241 -60.02 -37.00 16.62
CA ASP J 241 -59.52 -36.29 15.44
C ASP J 241 -58.64 -35.14 15.92
N ALA J 242 -57.36 -35.24 15.60
CA ALA J 242 -56.40 -34.21 15.99
C ALA J 242 -55.18 -34.29 15.09
N LYS J 243 -54.49 -33.17 14.95
CA LYS J 243 -53.29 -33.11 14.15
C LYS J 243 -52.08 -33.00 15.11
N LEU J 244 -50.93 -33.44 14.64
CA LEU J 244 -49.70 -33.41 15.43
C LEU J 244 -48.73 -32.36 14.88
N LEU J 245 -48.34 -31.41 15.72
CA LEU J 245 -47.39 -30.37 15.31
C LEU J 245 -45.96 -30.83 15.66
N LEU J 246 -45.13 -31.13 14.66
CA LEU J 246 -43.77 -31.53 14.93
C LEU J 246 -42.81 -30.38 14.67
N VAL J 247 -42.51 -29.63 15.73
CA VAL J 247 -41.61 -28.50 15.68
C VAL J 247 -40.17 -28.98 15.83
N GLY J 248 -39.26 -28.46 15.03
CA GLY J 248 -37.88 -28.89 15.14
C GLY J 248 -37.38 -29.61 13.89
N ASP J 249 -36.07 -29.78 13.83
CA ASP J 249 -35.44 -30.47 12.72
C ASP J 249 -34.13 -31.07 13.21
N GLY J 250 -33.79 -32.25 12.70
CA GLY J 250 -32.58 -32.92 13.12
C GLY J 250 -32.29 -34.13 12.27
N PRO J 251 -31.28 -34.93 12.64
CA PRO J 251 -30.87 -36.14 11.91
C PRO J 251 -32.00 -37.12 11.61
N GLU J 252 -32.73 -37.51 12.66
CA GLU J 252 -33.84 -38.47 12.55
C GLU J 252 -35.07 -37.92 11.85
N PHE J 253 -34.91 -36.82 11.12
CA PHE J 253 -36.03 -36.21 10.43
C PHE J 253 -36.64 -37.09 9.34
N CYS J 254 -35.79 -37.56 8.44
CA CYS J 254 -36.26 -38.40 7.34
C CYS J 254 -36.95 -39.65 7.83
N THR J 255 -36.35 -40.27 8.83
CA THR J 255 -36.92 -41.49 9.38
C THR J 255 -38.32 -41.20 9.88
N ILE J 256 -38.48 -40.09 10.60
CA ILE J 256 -39.78 -39.70 11.13
C ILE J 256 -40.72 -39.37 9.99
N LEU J 257 -40.18 -38.75 8.95
CA LEU J 257 -40.98 -38.39 7.79
C LEU J 257 -41.45 -39.65 7.08
N GLN J 258 -40.56 -40.64 7.00
CA GLN J 258 -40.86 -41.92 6.38
C GLN J 258 -41.92 -42.64 7.20
N LEU J 259 -41.84 -42.45 8.51
CA LEU J 259 -42.78 -43.08 9.41
C LEU J 259 -44.20 -42.54 9.23
N VAL J 260 -44.39 -41.23 9.39
CA VAL J 260 -45.72 -40.64 9.24
C VAL J 260 -46.29 -41.01 7.87
N LYS J 261 -45.36 -41.30 6.95
CA LYS J 261 -45.63 -41.66 5.54
C LYS J 261 -46.26 -43.02 5.30
N ASN J 262 -45.61 -44.07 5.82
CA ASN J 262 -46.15 -45.41 5.64
C ASN J 262 -47.00 -45.74 6.86
N LEU J 263 -47.57 -44.70 7.46
CA LEU J 263 -48.45 -44.88 8.59
C LEU J 263 -49.79 -44.23 8.26
N HIS J 264 -49.86 -43.69 7.05
CA HIS J 264 -51.05 -43.04 6.52
C HIS J 264 -51.63 -41.94 7.40
N ILE J 265 -50.74 -41.24 8.10
CA ILE J 265 -51.11 -40.13 8.98
C ILE J 265 -50.49 -38.90 8.35
N GLU J 266 -49.87 -39.12 7.19
CA GLU J 266 -49.18 -38.10 6.41
C GLU J 266 -49.89 -36.73 6.36
N ASP J 267 -51.17 -36.70 6.21
CA ASP J 267 -51.83 -35.42 6.09
C ASP J 267 -52.26 -35.00 7.44
N ARG J 268 -51.62 -35.50 8.48
CA ARG J 268 -52.10 -35.16 9.80
C ARG J 268 -51.03 -34.69 10.72
N VAL J 269 -49.90 -34.41 10.14
CA VAL J 269 -48.77 -34.06 10.89
C VAL J 269 -48.18 -32.89 10.21
N LEU J 270 -47.82 -31.86 10.95
CA LEU J 270 -47.31 -30.64 10.33
C LEU J 270 -45.91 -30.38 10.51
N PHE J 271 -45.06 -31.11 9.86
CA PHE J 271 -43.71 -30.80 10.16
C PHE J 271 -43.65 -29.27 9.99
N LEU J 272 -43.22 -28.56 11.03
CA LEU J 272 -43.13 -27.10 10.95
C LEU J 272 -41.66 -26.75 10.87
N GLY J 273 -40.80 -27.78 10.84
CA GLY J 273 -39.38 -27.52 10.76
C GLY J 273 -38.94 -26.83 12.03
N LYS J 274 -37.68 -26.42 12.17
CA LYS J 274 -37.36 -25.79 13.44
C LYS J 274 -37.81 -24.34 13.58
N GLN J 275 -38.68 -24.07 14.54
CA GLN J 275 -39.14 -22.72 14.78
C GLN J 275 -38.41 -22.18 15.99
N ASP J 276 -38.51 -20.88 16.21
CA ASP J 276 -37.84 -20.26 17.33
C ASP J 276 -38.86 -19.62 18.26
N ASN J 277 -39.79 -18.85 17.69
CA ASN J 277 -40.83 -18.19 18.46
C ASN J 277 -41.97 -19.23 18.58
N VAL J 278 -41.73 -20.29 19.35
CA VAL J 278 -42.70 -21.35 19.52
C VAL J 278 -43.84 -20.99 20.49
N ALA J 279 -43.74 -19.81 21.10
CA ALA J 279 -44.75 -19.36 22.06
C ALA J 279 -46.17 -19.36 21.49
N GLU J 280 -46.29 -18.92 20.25
CA GLU J 280 -47.59 -18.87 19.60
C GLU J 280 -48.13 -20.26 19.30
N LEU J 281 -47.24 -21.17 18.93
CA LEU J 281 -47.66 -22.53 18.61
C LEU J 281 -48.18 -23.24 19.84
N LEU J 282 -47.45 -23.14 20.97
CA LEU J 282 -47.91 -23.79 22.20
C LEU J 282 -49.25 -23.20 22.60
N ALA J 283 -49.41 -21.89 22.44
CA ALA J 283 -50.65 -21.20 22.78
C ALA J 283 -51.87 -21.88 22.15
N MET J 284 -51.79 -22.18 20.85
CA MET J 284 -52.90 -22.84 20.14
C MET J 284 -52.82 -24.37 20.21
N SER J 285 -52.24 -24.90 21.30
CA SER J 285 -52.10 -26.35 21.48
C SER J 285 -52.95 -26.85 22.64
N ASP J 286 -53.12 -28.17 22.68
CA ASP J 286 -53.93 -28.79 23.71
C ASP J 286 -53.15 -29.77 24.58
N LEU J 287 -52.24 -30.50 23.96
CA LEU J 287 -51.45 -31.47 24.70
C LEU J 287 -50.00 -31.48 24.20
N MET J 288 -49.04 -31.50 25.12
CA MET J 288 -47.61 -31.52 24.74
C MET J 288 -47.05 -32.92 25.03
N LEU J 289 -46.22 -33.43 24.11
CA LEU J 289 -45.60 -34.74 24.30
C LEU J 289 -44.08 -34.64 24.35
N LEU J 290 -43.47 -35.41 25.26
CA LEU J 290 -42.01 -35.45 25.43
C LEU J 290 -41.72 -36.86 25.94
N LEU J 291 -41.28 -37.73 25.04
CA LEU J 291 -41.06 -39.11 25.44
C LEU J 291 -39.63 -39.55 25.19
N SER J 292 -38.69 -38.71 25.57
CA SER J 292 -37.27 -39.02 25.37
C SER J 292 -36.67 -39.94 26.43
N GLU J 293 -35.58 -40.61 26.08
CA GLU J 293 -34.90 -41.54 26.99
C GLU J 293 -34.27 -40.78 28.12
N LYS J 294 -34.01 -39.50 27.94
CA LYS J 294 -33.42 -38.84 29.05
C LYS J 294 -33.59 -37.39 29.02
N GLU J 295 -33.56 -36.73 30.14
CA GLU J 295 -33.64 -35.34 30.00
C GLU J 295 -33.47 -34.84 31.37
N SER J 296 -32.87 -33.70 31.49
CA SER J 296 -32.55 -33.19 32.78
C SER J 296 -33.54 -32.17 33.05
N PHE J 297 -34.24 -31.66 32.03
CA PHE J 297 -35.18 -30.72 32.49
C PHE J 297 -36.60 -30.40 32.18
N GLY J 298 -36.94 -30.09 30.94
CA GLY J 298 -36.18 -29.24 30.04
C GLY J 298 -37.33 -28.34 29.84
N LEU J 299 -37.06 -27.16 29.39
CA LEU J 299 -38.12 -26.25 29.38
C LEU J 299 -39.23 -26.57 28.57
N VAL J 300 -39.03 -27.23 27.49
CA VAL J 300 -40.23 -26.99 26.78
C VAL J 300 -41.34 -27.32 27.70
N LEU J 301 -41.08 -28.14 28.69
CA LEU J 301 -42.22 -28.42 29.47
C LEU J 301 -42.71 -27.20 30.06
N LEU J 302 -41.82 -26.39 30.55
CA LEU J 302 -42.27 -25.19 31.13
C LEU J 302 -42.94 -24.35 30.18
N GLU J 303 -42.28 -24.07 29.09
CA GLU J 303 -42.94 -23.16 28.21
C GLU J 303 -44.37 -23.63 28.12
N ALA J 304 -44.52 -24.88 27.75
CA ALA J 304 -45.81 -25.44 27.56
C ALA J 304 -46.74 -25.23 28.64
N MET J 305 -46.34 -25.72 29.79
CA MET J 305 -47.23 -25.67 30.88
C MET J 305 -47.53 -24.25 30.99
N ALA J 306 -46.50 -23.47 31.11
CA ALA J 306 -46.76 -22.08 31.23
C ALA J 306 -47.87 -21.58 30.37
N CYS J 307 -48.18 -22.22 29.25
CA CYS J 307 -49.21 -21.66 28.42
C CYS J 307 -50.47 -22.35 28.67
N GLY J 308 -50.56 -23.00 29.81
CA GLY J 308 -51.78 -23.70 30.14
C GLY J 308 -51.93 -25.00 29.36
N VAL J 309 -50.85 -25.53 28.80
CA VAL J 309 -50.92 -26.76 28.06
C VAL J 309 -50.42 -27.94 28.85
N PRO J 310 -51.31 -28.89 29.20
CA PRO J 310 -50.91 -30.09 29.97
C PRO J 310 -49.94 -30.96 29.16
N CYS J 311 -49.00 -31.61 29.85
CA CYS J 311 -47.99 -32.43 29.18
C CYS J 311 -47.97 -33.89 29.60
N ILE J 312 -47.48 -34.73 28.70
CA ILE J 312 -47.37 -36.16 28.97
C ILE J 312 -45.93 -36.52 28.68
N GLY J 313 -45.07 -36.48 29.70
CA GLY J 313 -43.68 -36.81 29.46
C GLY J 313 -43.22 -38.10 30.10
N THR J 314 -42.24 -38.77 29.50
CA THR J 314 -41.72 -40.01 30.06
C THR J 314 -41.12 -39.76 31.45
N ARG J 315 -41.20 -40.76 32.33
CA ARG J 315 -40.68 -40.66 33.69
C ARG J 315 -39.18 -40.88 33.64
N VAL J 316 -38.47 -39.85 33.21
CA VAL J 316 -37.03 -39.89 33.13
C VAL J 316 -36.46 -38.73 33.93
N GLY J 317 -35.46 -39.06 34.73
CA GLY J 317 -34.81 -38.12 35.63
C GLY J 317 -34.76 -36.65 35.40
N GLY J 318 -35.63 -35.88 36.04
CA GLY J 318 -35.79 -34.50 35.63
C GLY J 318 -37.10 -34.04 35.04
N ILE J 319 -37.92 -34.97 34.57
CA ILE J 319 -39.23 -34.63 34.01
C ILE J 319 -40.10 -34.67 35.27
N PRO J 320 -39.93 -35.73 36.08
CA PRO J 320 -40.67 -35.93 37.33
C PRO J 320 -40.59 -34.77 38.30
N GLU J 321 -39.61 -33.89 38.13
CA GLU J 321 -39.54 -32.78 39.07
C GLU J 321 -40.38 -31.61 38.59
N VAL J 322 -40.94 -31.71 37.37
CA VAL J 322 -41.78 -30.61 36.85
C VAL J 322 -43.23 -31.06 36.65
N ILE J 323 -43.39 -32.33 36.24
CA ILE J 323 -44.71 -32.90 36.01
C ILE J 323 -45.13 -33.80 37.17
N GLN J 324 -46.20 -33.40 37.86
CA GLN J 324 -46.74 -34.20 38.96
C GLN J 324 -48.01 -34.80 38.47
N HIS J 325 -47.88 -36.09 38.28
CA HIS J 325 -48.83 -36.87 37.59
C HIS J 325 -50.20 -36.67 37.93
N GLY J 326 -51.04 -36.27 37.00
CA GLY J 326 -52.40 -36.21 37.41
C GLY J 326 -52.77 -34.91 37.96
N ASP J 327 -51.79 -34.16 38.39
CA ASP J 327 -52.20 -32.91 38.85
C ASP J 327 -51.90 -31.91 37.77
N THR J 328 -50.72 -31.97 37.18
CA THR J 328 -50.35 -30.99 36.18
C THR J 328 -49.94 -31.65 34.87
N GLY J 329 -50.08 -32.97 34.79
CA GLY J 329 -49.70 -33.69 33.59
C GLY J 329 -49.60 -35.17 33.90
N TYR J 330 -49.03 -35.98 33.00
CA TYR J 330 -48.90 -37.42 33.25
C TYR J 330 -47.51 -37.91 32.89
N LEU J 331 -47.05 -38.97 33.53
CA LEU J 331 -45.75 -39.55 33.23
C LEU J 331 -45.96 -40.97 32.74
N CYS J 332 -44.90 -41.66 32.31
CA CYS J 332 -45.06 -43.03 31.83
C CYS J 332 -43.74 -43.59 31.33
N GLU J 333 -43.58 -44.91 31.33
CA GLU J 333 -42.34 -45.52 30.89
C GLU J 333 -42.01 -45.23 29.44
N VAL J 334 -40.72 -45.28 29.12
CA VAL J 334 -40.28 -45.02 27.75
C VAL J 334 -40.65 -46.19 26.87
N GLY J 335 -41.11 -45.88 25.65
CA GLY J 335 -41.50 -46.91 24.70
C GLY J 335 -42.95 -47.34 24.79
N ASP J 336 -43.64 -46.85 25.82
CA ASP J 336 -45.05 -47.18 26.07
C ASP J 336 -45.97 -46.35 25.16
N THR J 337 -45.77 -46.50 23.85
CA THR J 337 -46.57 -45.77 22.86
C THR J 337 -48.07 -45.92 23.17
N THR J 338 -48.48 -47.17 23.40
CA THR J 338 -49.88 -47.49 23.72
C THR J 338 -50.38 -46.76 24.98
N GLY J 339 -49.65 -46.91 26.08
CA GLY J 339 -50.05 -46.26 27.32
C GLY J 339 -50.17 -44.76 27.20
N VAL J 340 -49.29 -44.15 26.41
CA VAL J 340 -49.32 -42.71 26.20
C VAL J 340 -50.60 -42.30 25.47
N ALA J 341 -50.90 -43.02 24.39
CA ALA J 341 -52.08 -42.76 23.58
C ALA J 341 -53.34 -42.83 24.44
N ASP J 342 -53.42 -43.89 25.24
CA ASP J 342 -54.54 -44.14 26.13
C ASP J 342 -54.73 -42.98 27.09
N GLN J 343 -53.63 -42.56 27.70
CA GLN J 343 -53.66 -41.47 28.64
C GLN J 343 -54.12 -40.18 27.94
N ALA J 344 -53.72 -40.04 26.69
CA ALA J 344 -54.06 -38.86 25.87
C ALA J 344 -55.53 -38.81 25.48
N ILE J 345 -55.98 -39.87 24.78
CA ILE J 345 -57.37 -40.00 24.31
C ILE J 345 -58.32 -39.71 25.47
N GLN J 346 -57.98 -40.23 26.65
CA GLN J 346 -58.81 -40.02 27.84
C GLN J 346 -58.93 -38.54 28.22
N LEU J 347 -57.77 -37.88 28.34
CA LEU J 347 -57.72 -36.47 28.73
C LEU J 347 -58.27 -35.52 27.68
N LEU J 348 -58.23 -35.94 26.42
CA LEU J 348 -58.69 -35.09 25.33
C LEU J 348 -60.21 -34.85 25.26
N LYS J 349 -61.00 -35.87 25.63
CA LYS J 349 -62.46 -35.78 25.62
C LYS J 349 -62.99 -35.19 26.93
N ASP J 350 -62.56 -35.76 28.07
CA ASP J 350 -62.98 -35.23 29.36
C ASP J 350 -62.49 -33.77 29.19
N GLU J 351 -63.41 -32.80 29.21
CA GLU J 351 -63.02 -31.41 29.02
C GLU J 351 -62.91 -30.77 30.39
N GLU J 352 -63.44 -31.48 31.38
CA GLU J 352 -63.38 -31.02 32.78
C GLU J 352 -61.92 -31.16 33.25
N LEU J 353 -61.44 -32.40 33.19
CA LEU J 353 -60.07 -32.75 33.57
C LEU J 353 -59.05 -31.91 32.82
N HIS J 354 -59.30 -31.70 31.53
CA HIS J 354 -58.40 -30.91 30.69
C HIS J 354 -58.37 -29.42 31.07
N ARG J 355 -59.47 -28.85 31.52
CA ARG J 355 -59.46 -27.43 31.92
C ARG J 355 -58.77 -27.29 33.26
N ASN J 356 -58.92 -28.31 34.11
CA ASN J 356 -58.34 -28.33 35.45
C ASN J 356 -56.82 -28.54 35.39
N MET J 357 -56.41 -29.60 34.71
CA MET J 357 -55.00 -29.91 34.57
C MET J 357 -54.29 -28.71 33.98
N GLY J 358 -54.76 -28.22 32.84
CA GLY J 358 -54.16 -27.06 32.20
C GLY J 358 -54.07 -25.86 33.12
N GLU J 359 -54.96 -25.77 34.10
CA GLU J 359 -54.93 -24.67 35.04
C GLU J 359 -53.95 -24.99 36.16
N ARG J 360 -54.06 -26.21 36.69
CA ARG J 360 -53.17 -26.72 37.74
C ARG J 360 -51.72 -26.47 37.26
N ALA J 361 -51.44 -26.93 36.04
CA ALA J 361 -50.12 -26.80 35.43
C ALA J 361 -49.58 -25.39 35.41
N ARG J 362 -50.24 -24.47 34.69
CA ARG J 362 -49.74 -23.10 34.63
C ARG J 362 -49.67 -22.43 36.00
N GLU J 363 -50.14 -23.13 37.03
CA GLU J 363 -50.10 -22.59 38.38
C GLU J 363 -48.83 -23.09 39.06
N SER J 364 -48.64 -24.42 39.07
CA SER J 364 -47.45 -24.99 39.70
C SER J 364 -46.19 -24.44 39.03
N VAL J 365 -46.34 -23.91 37.82
CA VAL J 365 -45.25 -23.31 37.08
C VAL J 365 -44.96 -21.95 37.72
N TYR J 366 -45.97 -21.12 37.88
CA TYR J 366 -45.82 -19.81 38.49
C TYR J 366 -45.25 -19.98 39.92
N GLU J 367 -45.64 -21.11 40.49
CA GLU J 367 -45.29 -21.53 41.85
C GLU J 367 -43.86 -21.77 42.27
N GLN J 368 -43.23 -22.69 41.56
CA GLN J 368 -41.86 -23.12 41.84
C GLN J 368 -40.90 -22.76 40.73
N PHE J 369 -41.39 -22.26 39.60
CA PHE J 369 -40.53 -21.87 38.49
C PHE J 369 -40.67 -20.40 38.08
N ARG J 370 -41.31 -19.62 38.93
CA ARG J 370 -41.52 -18.19 38.71
C ARG J 370 -40.18 -17.56 38.29
N SER J 371 -40.15 -16.89 37.15
CA SER J 371 -38.91 -16.27 36.70
C SER J 371 -38.32 -15.33 37.76
N GLU J 372 -39.12 -14.41 38.26
CA GLU J 372 -38.61 -13.47 39.26
C GLU J 372 -38.10 -14.19 40.51
N LYS J 373 -38.64 -15.37 40.79
CA LYS J 373 -38.22 -16.14 41.95
C LYS J 373 -36.81 -16.73 41.74
N ILE J 374 -36.65 -17.51 40.67
CA ILE J 374 -35.38 -18.13 40.31
C ILE J 374 -34.29 -17.08 40.15
N VAL J 375 -34.59 -16.01 39.44
CA VAL J 375 -33.58 -14.98 39.27
C VAL J 375 -33.09 -14.53 40.65
N SER J 376 -33.98 -14.44 41.62
CA SER J 376 -33.55 -14.02 42.95
C SER J 376 -32.63 -15.03 43.63
N GLN J 377 -32.78 -16.29 43.30
CA GLN J 377 -31.94 -17.30 43.89
C GLN J 377 -30.52 -17.10 43.37
N TYR J 378 -30.39 -16.90 42.06
CA TYR J 378 -29.09 -16.68 41.46
C TYR J 378 -28.51 -15.40 42.04
N GLU J 379 -29.36 -14.39 42.23
CA GLU J 379 -28.94 -13.12 42.77
C GLU J 379 -28.36 -13.32 44.16
N THR J 380 -29.02 -14.10 45.01
CA THR J 380 -28.47 -14.26 46.34
C THR J 380 -27.21 -15.12 46.29
N ILE J 381 -27.13 -16.04 45.33
CA ILE J 381 -25.93 -16.86 45.23
C ILE J 381 -24.70 -16.00 44.95
N TYR J 382 -24.88 -14.96 44.13
CA TYR J 382 -23.78 -14.06 43.79
C TYR J 382 -23.33 -13.30 45.03
N TYR J 383 -24.29 -12.67 45.70
CA TYR J 383 -23.98 -11.91 46.89
C TYR J 383 -23.31 -12.80 47.93
N ASP J 384 -23.80 -14.02 48.06
CA ASP J 384 -23.27 -14.97 49.02
C ASP J 384 -21.83 -15.35 48.72
N VAL J 385 -21.50 -15.54 47.46
CA VAL J 385 -20.14 -15.90 47.09
C VAL J 385 -19.14 -14.78 47.38
N LEU J 386 -19.61 -13.67 47.95
CA LEU J 386 -18.74 -12.55 48.32
C LEU J 386 -18.82 -12.30 49.90
N ARG J 387 -19.66 -11.47 50.31
N LYS K 15 4.52 -44.61 -17.93
CA LYS K 15 3.99 -43.66 -18.95
C LYS K 15 2.59 -43.11 -18.63
N LEU K 16 2.31 -42.78 -17.36
CA LEU K 16 0.99 -42.25 -16.97
C LEU K 16 1.11 -41.22 -15.85
N LYS K 17 0.37 -40.13 -15.92
CA LYS K 17 0.42 -39.11 -14.88
C LYS K 17 -0.80 -39.26 -13.96
N ILE K 18 -0.60 -39.87 -12.80
CA ILE K 18 -1.69 -40.13 -11.85
C ILE K 18 -1.67 -39.19 -10.65
N GLY K 19 -2.84 -38.83 -10.13
CA GLY K 19 -2.88 -37.99 -8.94
C GLY K 19 -3.58 -38.77 -7.84
N ILE K 20 -2.95 -38.98 -6.67
CA ILE K 20 -3.59 -39.73 -5.58
C ILE K 20 -4.02 -38.79 -4.46
N THR K 21 -5.15 -39.10 -3.82
CA THR K 21 -5.65 -38.31 -2.70
C THR K 21 -6.09 -39.25 -1.58
N CYS K 22 -5.58 -39.01 -0.36
CA CYS K 22 -5.94 -39.82 0.81
C CYS K 22 -5.51 -39.19 2.14
N TYR K 23 -5.69 -39.91 3.24
CA TYR K 23 -5.32 -39.42 4.56
C TYR K 23 -4.11 -40.20 5.09
N PRO K 24 -2.88 -39.84 4.67
CA PRO K 24 -1.59 -40.49 5.05
C PRO K 24 -1.47 -41.46 6.28
N GLY K 27 -5.66 -43.27 8.13
CA GLY K 27 -6.05 -44.59 8.62
C GLY K 27 -5.59 -45.73 7.72
N GLY K 28 -6.53 -46.58 7.29
CA GLY K 28 -6.19 -47.69 6.41
C GLY K 28 -5.97 -47.22 4.97
N SER K 29 -6.87 -46.36 4.50
CA SER K 29 -6.83 -45.77 3.16
C SER K 29 -5.49 -45.12 2.83
N GLY K 30 -4.94 -44.41 3.80
CA GLY K 30 -3.67 -43.73 3.59
C GLY K 30 -2.56 -44.71 3.32
N VAL K 31 -2.46 -45.73 4.16
CA VAL K 31 -1.42 -46.72 3.97
C VAL K 31 -1.48 -47.24 2.53
N VAL K 32 -2.65 -47.74 2.14
CA VAL K 32 -2.83 -48.28 0.81
C VAL K 32 -2.57 -47.24 -0.30
N GLY K 33 -3.27 -46.11 -0.20
CA GLY K 33 -3.13 -45.05 -1.18
C GLY K 33 -1.67 -44.69 -1.39
N THR K 34 -0.97 -44.46 -0.29
CA THR K 34 0.44 -44.09 -0.32
C THR K 34 1.31 -45.18 -0.92
N GLU K 35 1.07 -46.41 -0.49
CA GLU K 35 1.86 -47.50 -1.00
C GLU K 35 1.59 -47.69 -2.48
N LEU K 36 0.32 -47.60 -2.86
CA LEU K 36 -0.05 -47.74 -4.25
C LEU K 36 0.70 -46.71 -5.10
N GLY K 37 0.85 -45.51 -4.57
CA GLY K 37 1.54 -44.46 -5.31
C GLY K 37 3.03 -44.75 -5.41
N LYS K 38 3.59 -45.26 -4.32
CA LYS K 38 4.99 -45.58 -4.29
C LYS K 38 5.26 -46.66 -5.35
N GLN K 39 4.44 -47.71 -5.35
CA GLN K 39 4.57 -48.81 -6.32
C GLN K 39 4.47 -48.30 -7.75
N LEU K 40 3.36 -47.63 -8.05
CA LEU K 40 3.12 -47.07 -9.38
C LEU K 40 4.28 -46.22 -9.85
N ALA K 41 4.92 -45.55 -8.91
CA ALA K 41 6.06 -44.69 -9.21
C ALA K 41 7.22 -45.53 -9.70
N GLU K 42 7.55 -46.58 -8.94
CA GLU K 42 8.64 -47.49 -9.29
C GLU K 42 8.41 -48.09 -10.66
N ARG K 43 7.15 -48.11 -11.12
CA ARG K 43 6.89 -48.65 -12.43
C ARG K 43 7.01 -47.61 -13.53
N GLY K 44 7.57 -46.45 -13.20
CA GLY K 44 7.79 -45.42 -14.18
C GLY K 44 6.73 -44.35 -14.36
N HIS K 45 5.61 -44.50 -13.66
CA HIS K 45 4.53 -43.55 -13.73
C HIS K 45 4.93 -42.31 -12.94
N GLU K 46 4.30 -41.17 -13.25
CA GLU K 46 4.58 -39.94 -12.55
C GLU K 46 3.40 -39.71 -11.59
N ILE K 47 3.63 -39.94 -10.30
CA ILE K 47 2.62 -39.78 -9.26
C ILE K 47 2.63 -38.39 -8.64
N HIS K 48 1.43 -37.84 -8.45
CA HIS K 48 1.24 -36.52 -7.87
C HIS K 48 0.29 -36.59 -6.69
N PHE K 49 0.82 -36.65 -5.48
CA PHE K 49 -0.01 -36.71 -4.30
C PHE K 49 -0.64 -35.36 -4.01
N ILE K 50 -1.95 -35.31 -3.97
CA ILE K 50 -2.62 -34.05 -3.69
C ILE K 50 -3.32 -34.25 -2.39
N THR K 51 -2.67 -33.84 -1.31
CA THR K 51 -3.21 -34.01 0.04
C THR K 51 -2.47 -33.15 1.05
N SER K 52 -3.22 -32.53 1.97
CA SER K 52 -2.64 -31.69 3.04
C SER K 52 -2.24 -32.56 4.26
N GLY K 53 -0.95 -32.87 4.39
CA GLY K 53 -0.48 -33.67 5.50
C GLY K 53 0.95 -34.11 5.28
N LEU K 54 1.28 -35.34 5.69
CA LEU K 54 2.65 -35.85 5.51
C LEU K 54 2.77 -37.37 5.22
N PRO K 55 2.59 -37.79 3.94
CA PRO K 55 2.68 -39.22 3.53
C PRO K 55 4.09 -39.89 3.65
N LYS K 60 13.17 -42.52 1.87
CA LYS K 60 13.83 -42.29 0.57
C LYS K 60 13.21 -41.09 -0.24
N VAL K 61 13.65 -40.86 -1.48
CA VAL K 61 13.10 -39.78 -2.35
C VAL K 61 13.03 -40.21 -3.83
N TYR K 62 11.84 -40.14 -4.43
CA TYR K 62 11.66 -40.52 -5.83
C TYR K 62 11.52 -39.27 -6.68
N PRO K 63 12.26 -39.20 -7.80
CA PRO K 63 12.23 -38.05 -8.72
C PRO K 63 10.91 -37.88 -9.47
N ASN K 64 10.11 -38.95 -9.45
CA ASN K 64 8.82 -38.99 -10.13
C ASN K 64 7.59 -39.03 -9.21
N ILE K 65 7.75 -38.56 -7.98
CA ILE K 65 6.65 -38.48 -7.01
C ILE K 65 6.67 -37.07 -6.48
N TYR K 66 5.62 -36.31 -6.76
CA TYR K 66 5.54 -34.92 -6.30
C TYR K 66 4.49 -34.81 -5.21
N PHE K 67 4.69 -33.90 -4.26
CA PHE K 67 3.72 -33.72 -3.20
C PHE K 67 3.14 -32.32 -3.24
N HIS K 68 1.84 -32.22 -3.45
CA HIS K 68 1.18 -30.92 -3.49
C HIS K 68 0.36 -30.87 -2.22
N GLU K 69 0.37 -29.76 -1.50
CA GLU K 69 -0.40 -29.73 -0.27
C GLU K 69 -1.43 -28.63 -0.27
N VAL K 70 -2.58 -28.93 0.31
CA VAL K 70 -3.68 -27.98 0.36
C VAL K 70 -3.52 -26.97 1.49
N THR K 71 -3.39 -25.72 1.12
CA THR K 71 -3.25 -24.66 2.11
C THR K 71 -4.58 -23.93 2.29
N VAL K 72 -5.00 -23.73 3.53
CA VAL K 72 -6.27 -23.05 3.81
C VAL K 72 -6.07 -21.71 4.57
N ASN K 73 -7.11 -20.85 4.63
CA ASN K 73 -7.00 -19.57 5.37
C ASN K 73 -8.32 -19.14 6.05
N PHE K 78 -15.39 -15.99 7.59
CA PHE K 78 -15.58 -17.44 7.37
C PHE K 78 -15.96 -18.28 8.61
N GLN K 79 -16.98 -19.14 8.47
CA GLN K 79 -17.44 -20.07 9.55
C GLN K 79 -16.53 -21.25 9.89
N TYR K 80 -16.20 -22.03 8.86
CA TYR K 80 -15.32 -23.19 8.99
C TYR K 80 -14.33 -23.07 7.84
N PRO K 81 -13.06 -23.43 8.07
CA PRO K 81 -12.04 -23.36 7.00
C PRO K 81 -12.43 -24.32 5.86
N PRO K 82 -12.70 -23.80 4.65
CA PRO K 82 -13.09 -24.64 3.51
C PRO K 82 -12.08 -25.65 3.01
N TYR K 83 -11.76 -26.67 3.80
CA TYR K 83 -10.79 -27.64 3.35
C TYR K 83 -11.30 -28.37 2.12
N ASP K 84 -12.59 -28.70 2.10
CA ASP K 84 -13.10 -29.43 0.96
C ASP K 84 -12.89 -28.64 -0.31
N LEU K 85 -13.50 -27.46 -0.36
CA LEU K 85 -13.37 -26.59 -1.51
C LEU K 85 -11.91 -26.34 -1.85
N ALA K 86 -11.10 -26.10 -0.84
CA ALA K 86 -9.70 -25.87 -1.10
C ALA K 86 -9.03 -27.05 -1.80
N LEU K 87 -9.39 -28.26 -1.35
CA LEU K 87 -8.83 -29.47 -1.91
C LEU K 87 -9.30 -29.63 -3.35
N ALA K 88 -10.56 -29.30 -3.59
CA ALA K 88 -11.12 -29.39 -4.93
C ALA K 88 -10.33 -28.42 -5.83
N SER K 89 -10.13 -27.22 -5.32
CA SER K 89 -9.40 -26.22 -6.06
C SER K 89 -7.99 -26.67 -6.42
N LYS K 90 -7.29 -27.28 -5.47
CA LYS K 90 -5.94 -27.73 -5.72
C LYS K 90 -5.90 -28.90 -6.69
N MET K 91 -6.88 -29.80 -6.58
CA MET K 91 -6.95 -30.94 -7.49
C MET K 91 -7.02 -30.34 -8.88
N ALA K 92 -7.98 -29.42 -9.09
CA ALA K 92 -8.16 -28.77 -10.38
C ALA K 92 -6.89 -28.08 -10.88
N GLU K 93 -6.25 -27.33 -9.99
CA GLU K 93 -5.04 -26.63 -10.36
C GLU K 93 -3.94 -27.62 -10.76
N VAL K 94 -3.62 -28.58 -9.90
CA VAL K 94 -2.59 -29.54 -10.25
C VAL K 94 -2.94 -30.31 -11.50
N ALA K 95 -4.21 -30.66 -11.61
CA ALA K 95 -4.67 -31.43 -12.75
C ALA K 95 -4.31 -30.81 -14.08
N GLN K 96 -4.78 -29.59 -14.32
CA GLN K 96 -4.50 -28.98 -15.60
C GLN K 96 -3.10 -28.42 -15.76
N ARG K 97 -2.43 -28.18 -14.65
CA ARG K 97 -1.09 -27.66 -14.71
C ARG K 97 -0.13 -28.78 -15.11
N GLU K 98 -0.23 -29.92 -14.45
CA GLU K 98 0.64 -31.07 -14.72
C GLU K 98 0.08 -31.98 -15.80
N ASN K 99 -1.13 -31.66 -16.25
CA ASN K 99 -1.81 -32.45 -17.26
C ASN K 99 -1.95 -33.90 -16.87
N LEU K 100 -2.61 -34.13 -15.74
CA LEU K 100 -2.84 -35.45 -15.20
C LEU K 100 -3.83 -36.22 -16.06
N ASP K 101 -3.70 -37.54 -16.05
CA ASP K 101 -4.57 -38.43 -16.82
C ASP K 101 -5.68 -38.96 -15.94
N ILE K 102 -5.26 -39.52 -14.81
CA ILE K 102 -6.16 -40.09 -13.83
C ILE K 102 -6.03 -39.36 -12.49
N LEU K 103 -7.14 -39.33 -11.78
CA LEU K 103 -7.23 -38.72 -10.48
C LEU K 103 -7.81 -39.85 -9.60
N HIS K 104 -6.96 -40.47 -8.78
CA HIS K 104 -7.37 -41.59 -7.94
C HIS K 104 -7.58 -41.20 -6.49
N VAL K 105 -8.79 -41.32 -6.05
CA VAL K 105 -9.10 -40.85 -4.75
C VAL K 105 -9.41 -41.95 -3.80
N HIS K 106 -9.16 -41.76 -2.52
CA HIS K 106 -9.46 -42.84 -1.63
C HIS K 106 -10.47 -42.84 -0.59
N TYR K 107 -10.93 -41.81 0.05
CA TYR K 107 -12.00 -42.26 0.92
C TYR K 107 -13.14 -41.68 0.10
N ALA K 108 -14.40 -41.91 0.41
CA ALA K 108 -15.41 -41.37 -0.50
C ALA K 108 -15.75 -39.95 -0.22
N ILE K 109 -16.08 -39.68 1.02
CA ILE K 109 -16.31 -38.32 1.45
C ILE K 109 -14.97 -37.91 2.04
N PRO K 110 -14.50 -36.65 1.76
CA PRO K 110 -15.05 -35.78 0.70
C PRO K 110 -14.48 -35.99 -0.67
N HIS K 111 -13.27 -36.56 -0.72
CA HIS K 111 -12.54 -36.79 -1.96
C HIS K 111 -13.25 -37.06 -3.25
N ALA K 112 -14.27 -37.89 -3.20
CA ALA K 112 -15.07 -38.22 -4.37
C ALA K 112 -15.74 -36.96 -4.91
N ILE K 113 -16.44 -36.22 -4.05
CA ILE K 113 -17.09 -35.00 -4.47
C ILE K 113 -16.07 -33.93 -4.89
N CYS K 114 -14.94 -33.87 -4.20
CA CYS K 114 -13.92 -32.90 -4.55
C CYS K 114 -13.40 -33.16 -5.93
N ALA K 115 -13.19 -34.43 -6.26
CA ALA K 115 -12.68 -34.78 -7.57
C ALA K 115 -13.76 -34.45 -8.59
N TYR K 116 -15.02 -34.54 -8.21
CA TYR K 116 -16.06 -34.20 -9.17
C TYR K 116 -15.96 -32.74 -9.56
N LEU K 117 -15.94 -31.86 -8.56
CA LEU K 117 -15.79 -30.41 -8.75
C LEU K 117 -14.56 -30.09 -9.58
N ALA K 118 -13.43 -30.68 -9.20
CA ALA K 118 -12.19 -30.49 -9.91
C ALA K 118 -12.37 -30.78 -11.40
N LYS K 119 -12.98 -31.93 -11.69
CA LYS K 119 -13.25 -32.38 -13.06
C LYS K 119 -14.08 -31.33 -13.79
N GLN K 120 -15.21 -30.95 -13.20
CA GLN K 120 -16.10 -29.97 -13.79
C GLN K 120 -15.38 -28.66 -14.01
N MET K 121 -14.51 -28.29 -13.08
CA MET K 121 -13.77 -27.04 -13.20
C MET K 121 -12.74 -27.08 -14.33
N ILE K 122 -12.16 -28.24 -14.67
CA ILE K 122 -11.18 -28.25 -15.77
C ILE K 122 -11.77 -28.78 -17.07
N GLY K 123 -13.07 -28.59 -17.24
CA GLY K 123 -13.74 -29.04 -18.45
C GLY K 123 -13.84 -30.54 -18.66
N GLU K 124 -13.78 -31.30 -17.57
CA GLU K 124 -13.90 -32.76 -17.65
C GLU K 124 -12.78 -33.47 -18.40
N ARG K 125 -11.62 -32.82 -18.53
CA ARG K 125 -10.48 -33.39 -19.23
C ARG K 125 -9.62 -34.27 -18.31
N ILE K 126 -10.26 -35.18 -17.57
CA ILE K 126 -9.54 -36.02 -16.60
C ILE K 126 -10.46 -37.19 -16.21
N LYS K 127 -9.87 -38.32 -15.81
CA LYS K 127 -10.66 -39.50 -15.39
C LYS K 127 -10.59 -39.73 -13.88
N ILE K 128 -11.74 -39.84 -13.23
CA ILE K 128 -11.79 -40.05 -11.79
C ILE K 128 -11.96 -41.52 -11.38
N VAL K 129 -11.08 -41.99 -10.50
CA VAL K 129 -11.15 -43.36 -10.00
C VAL K 129 -11.36 -43.30 -8.51
N THR K 130 -12.48 -43.81 -8.02
CA THR K 130 -12.77 -43.74 -6.59
C THR K 130 -12.65 -45.08 -5.91
N THR K 131 -11.87 -45.20 -4.84
CA THR K 131 -11.77 -46.49 -4.14
C THR K 131 -12.49 -46.40 -2.79
N LEU K 132 -13.42 -47.29 -2.53
CA LEU K 132 -14.14 -47.20 -1.28
C LEU K 132 -13.41 -48.03 -0.29
N HIS K 133 -13.72 -47.87 0.99
CA HIS K 133 -13.01 -48.54 2.07
C HIS K 133 -13.99 -48.65 3.22
N GLY K 134 -13.54 -48.96 4.41
CA GLY K 134 -14.61 -49.19 5.37
C GLY K 134 -15.82 -48.40 5.91
N THR K 135 -15.46 -47.31 6.59
CA THR K 135 -16.33 -46.38 7.30
C THR K 135 -17.04 -45.41 6.34
N ASP K 136 -16.37 -44.98 5.28
CA ASP K 136 -17.01 -44.06 4.33
C ASP K 136 -18.37 -44.58 3.91
N ILE K 137 -18.49 -45.89 3.78
CA ILE K 137 -19.78 -46.48 3.42
C ILE K 137 -20.46 -47.01 4.69
N THR K 138 -19.73 -47.86 5.43
CA THR K 138 -20.22 -48.47 6.66
C THR K 138 -20.91 -47.45 7.59
N VAL K 139 -20.16 -46.48 8.09
CA VAL K 139 -20.70 -45.50 9.01
C VAL K 139 -21.23 -44.21 8.42
N LEU K 140 -20.49 -43.62 7.48
CA LEU K 140 -20.96 -42.40 6.86
C LEU K 140 -22.24 -42.63 6.08
N GLY K 141 -22.22 -43.62 5.19
CA GLY K 141 -23.39 -43.91 4.38
C GLY K 141 -24.67 -44.06 5.19
N SER K 142 -24.52 -44.37 6.48
CA SER K 142 -25.66 -44.54 7.39
C SER K 142 -26.31 -43.17 7.64
N ASP K 143 -25.49 -42.12 7.76
CA ASP K 143 -25.97 -40.76 8.02
C ASP K 143 -26.75 -40.16 6.82
N PRO K 144 -28.06 -39.92 6.99
CA PRO K 144 -28.92 -39.35 5.93
C PRO K 144 -28.45 -37.97 5.42
N SER K 145 -27.74 -37.25 6.25
CA SER K 145 -27.24 -35.94 5.86
C SER K 145 -26.10 -36.05 4.82
N LEU K 146 -25.63 -37.26 4.54
CA LEU K 146 -24.54 -37.42 3.59
C LEU K 146 -24.80 -38.55 2.63
N ASN K 147 -25.97 -39.16 2.73
CA ASN K 147 -26.28 -40.28 1.88
C ASN K 147 -26.19 -39.91 0.40
N ASN K 148 -27.13 -39.07 -0.03
CA ASN K 148 -27.22 -38.58 -1.41
C ASN K 148 -25.87 -38.01 -1.89
N LEU K 149 -25.07 -37.50 -0.96
CA LEU K 149 -23.79 -36.94 -1.31
C LEU K 149 -22.81 -38.05 -1.69
N ILE K 150 -22.81 -39.14 -0.92
CA ILE K 150 -21.95 -40.27 -1.20
C ILE K 150 -22.39 -40.94 -2.48
N ARG K 151 -23.71 -41.08 -2.67
CA ARG K 151 -24.22 -41.70 -3.89
C ARG K 151 -23.75 -40.91 -5.12
N PHE K 152 -24.05 -39.60 -5.14
CA PHE K 152 -23.68 -38.73 -6.22
C PHE K 152 -22.19 -38.85 -6.54
N GLY K 153 -21.37 -38.84 -5.48
CA GLY K 153 -19.93 -38.96 -5.69
C GLY K 153 -19.51 -40.25 -6.36
N ILE K 154 -20.13 -41.34 -5.95
CA ILE K 154 -19.85 -42.63 -6.54
C ILE K 154 -20.29 -42.66 -7.98
N GLU K 155 -21.57 -42.33 -8.21
CA GLU K 155 -22.13 -42.35 -9.55
C GLU K 155 -21.37 -41.46 -10.52
N GLN K 156 -20.79 -40.36 -10.03
CA GLN K 156 -20.06 -39.44 -10.89
C GLN K 156 -18.66 -39.82 -11.22
N SER K 157 -18.10 -40.75 -10.46
CA SER K 157 -16.72 -41.18 -10.69
C SER K 157 -16.74 -42.00 -11.96
N ASP K 158 -15.62 -42.04 -12.66
CA ASP K 158 -15.59 -42.83 -13.90
C ASP K 158 -15.46 -44.32 -13.62
N VAL K 159 -14.67 -44.67 -12.60
CA VAL K 159 -14.50 -46.08 -12.18
C VAL K 159 -14.60 -46.07 -10.67
N VAL K 160 -15.18 -47.09 -10.07
CA VAL K 160 -15.30 -47.13 -8.60
C VAL K 160 -14.91 -48.52 -8.17
N THR K 161 -14.13 -48.66 -7.11
CA THR K 161 -13.73 -49.99 -6.66
C THR K 161 -13.90 -50.04 -5.16
N ALA K 162 -13.94 -51.25 -4.62
CA ALA K 162 -14.06 -51.44 -3.18
C ALA K 162 -12.99 -52.45 -2.77
N VAL K 163 -12.76 -52.54 -1.48
CA VAL K 163 -11.71 -53.38 -0.96
C VAL K 163 -12.15 -54.78 -0.69
N SER K 164 -13.46 -54.99 -0.69
CA SER K 164 -13.95 -56.32 -0.43
C SER K 164 -15.36 -56.44 -0.99
N HIS K 165 -15.77 -57.66 -1.31
CA HIS K 165 -17.12 -57.88 -1.81
C HIS K 165 -18.13 -57.53 -0.74
N SER K 166 -17.77 -57.71 0.52
CA SER K 166 -18.70 -57.37 1.58
C SER K 166 -19.06 -55.88 1.48
N LEU K 167 -18.05 -55.08 1.15
CA LEU K 167 -18.24 -53.65 1.05
C LEU K 167 -19.17 -53.31 -0.11
N ILE K 168 -18.92 -53.92 -1.28
CA ILE K 168 -19.75 -53.68 -2.44
C ILE K 168 -21.19 -54.04 -2.10
N ASN K 169 -21.38 -54.88 -1.10
CA ASN K 169 -22.73 -55.27 -0.73
C ASN K 169 -23.35 -54.24 0.15
N GLU K 170 -22.56 -53.81 1.13
CA GLU K 170 -22.98 -52.81 2.10
C GLU K 170 -23.30 -51.53 1.33
N THR K 171 -22.52 -51.28 0.27
CA THR K 171 -22.71 -50.10 -0.53
C THR K 171 -24.04 -50.09 -1.23
N HIS K 172 -24.35 -51.19 -1.90
CA HIS K 172 -25.60 -51.27 -2.63
C HIS K 172 -26.78 -51.35 -1.69
N GLU K 173 -26.52 -51.67 -0.44
CA GLU K 173 -27.59 -51.77 0.52
C GLU K 173 -27.96 -50.42 1.16
N LEU K 174 -26.93 -49.69 1.62
CA LEU K 174 -27.14 -48.39 2.28
C LEU K 174 -27.19 -47.19 1.35
N VAL K 175 -26.21 -47.08 0.45
CA VAL K 175 -26.17 -45.96 -0.48
C VAL K 175 -27.04 -46.16 -1.72
N LYS K 176 -27.09 -47.37 -2.25
CA LYS K 176 -27.90 -47.70 -3.42
C LYS K 176 -27.56 -46.89 -4.66
N PRO K 177 -26.29 -46.86 -5.03
CA PRO K 177 -25.87 -46.10 -6.22
C PRO K 177 -26.17 -46.83 -7.53
N ASN K 178 -26.39 -46.08 -8.59
CA ASN K 178 -26.59 -46.67 -9.89
C ASN K 178 -25.27 -46.63 -10.59
N LYS K 179 -24.32 -47.41 -10.11
CA LYS K 179 -22.99 -47.44 -10.70
C LYS K 179 -22.44 -48.83 -10.41
N ASP K 180 -21.47 -49.26 -11.21
CA ASP K 180 -20.84 -50.56 -11.01
C ASP K 180 -19.61 -50.41 -10.17
N ILE K 181 -19.46 -51.29 -9.19
CA ILE K 181 -18.26 -51.22 -8.35
C ILE K 181 -17.44 -52.49 -8.51
N GLN K 182 -16.15 -52.38 -8.85
CA GLN K 182 -15.26 -53.54 -9.00
C GLN K 182 -14.67 -53.85 -7.67
N THR K 183 -14.00 -54.99 -7.54
CA THR K 183 -13.38 -55.33 -6.27
C THR K 183 -11.90 -55.42 -6.49
N VAL K 184 -11.13 -54.75 -5.63
CA VAL K 184 -9.68 -54.78 -5.70
C VAL K 184 -9.27 -54.77 -4.26
N TYR K 185 -8.70 -55.88 -3.79
CA TYR K 185 -8.29 -56.02 -2.40
C TYR K 185 -7.08 -55.16 -2.07
N ASN K 186 -6.83 -54.92 -0.79
CA ASN K 186 -5.67 -54.12 -0.40
C ASN K 186 -4.47 -55.03 -0.42
N PHE K 187 -3.28 -54.43 -0.40
CA PHE K 187 -2.08 -55.21 -0.42
C PHE K 187 -1.11 -54.75 0.65
N ILE K 188 0.03 -55.41 0.70
CA ILE K 188 1.07 -55.15 1.70
C ILE K 188 2.42 -55.19 1.03
N ASP K 189 3.33 -54.36 1.50
CA ASP K 189 4.68 -54.33 0.96
C ASP K 189 5.49 -55.45 1.58
N GLU K 190 5.66 -56.55 0.85
CA GLU K 190 6.41 -57.69 1.35
C GLU K 190 7.84 -57.31 1.74
N ARG K 191 8.33 -56.22 1.15
CA ARG K 191 9.66 -55.68 1.40
C ARG K 191 9.73 -55.10 2.82
N VAL K 192 8.61 -55.19 3.55
CA VAL K 192 8.50 -54.67 4.93
C VAL K 192 7.98 -55.74 5.90
N TYR K 193 7.23 -56.70 5.36
CA TYR K 193 6.68 -57.78 6.17
C TYR K 193 7.17 -59.16 5.73
N PHE K 194 8.09 -59.72 6.52
CA PHE K 194 8.61 -61.06 6.25
C PHE K 194 8.63 -61.83 7.55
N LYS K 195 8.86 -63.15 7.45
CA LYS K 195 8.88 -64.02 8.62
C LYS K 195 10.13 -63.89 9.51
N ARG K 196 10.84 -62.75 9.42
CA ARG K 196 12.01 -62.52 10.27
C ARG K 196 11.57 -62.77 11.72
N ASP K 197 12.52 -63.05 12.63
CA ASP K 197 12.17 -63.24 14.06
C ASP K 197 13.01 -62.33 14.97
N MET K 198 12.32 -61.50 15.74
CA MET K 198 12.96 -60.56 16.66
C MET K 198 13.18 -61.25 18.03
N THR K 199 13.94 -62.33 18.03
CA THR K 199 14.21 -63.06 19.27
C THR K 199 14.98 -62.15 20.27
N GLN K 200 15.84 -61.27 19.76
CA GLN K 200 16.62 -60.33 20.57
C GLN K 200 15.73 -59.22 21.17
N LEU K 201 14.64 -58.92 20.48
CA LEU K 201 13.68 -57.90 20.89
C LEU K 201 12.75 -58.39 22.03
N LYS K 202 12.39 -59.69 22.02
CA LYS K 202 11.53 -60.30 23.06
C LYS K 202 12.20 -60.03 24.41
N LYS K 203 13.55 -60.11 24.37
CA LYS K 203 14.38 -59.89 25.54
C LYS K 203 14.22 -58.44 25.99
N GLU K 204 14.31 -57.53 25.03
CA GLU K 204 14.18 -56.10 25.28
C GLU K 204 12.78 -55.72 25.85
N TYR K 205 11.78 -56.60 25.64
CA TYR K 205 10.40 -56.39 26.12
C TYR K 205 10.16 -57.21 27.37
N GLY K 206 11.16 -58.01 27.76
CA GLY K 206 11.05 -58.83 28.95
C GLY K 206 10.30 -60.16 28.95
N ILE K 207 10.15 -60.77 27.80
CA ILE K 207 9.39 -61.98 27.65
C ILE K 207 10.10 -63.34 27.24
N SER K 208 9.61 -64.50 27.76
CA SER K 208 10.12 -65.89 27.47
C SER K 208 11.48 -65.99 26.74
N LYS K 212 4.74 -67.89 24.73
CA LYS K 212 3.72 -67.65 23.68
C LYS K 212 3.29 -66.17 23.60
N ILE K 213 3.24 -65.62 22.39
CA ILE K 213 2.84 -64.22 22.16
C ILE K 213 1.56 -64.00 21.32
N LEU K 214 0.59 -63.30 21.92
CA LEU K 214 -0.67 -62.95 21.26
C LEU K 214 -0.68 -61.44 21.02
N ILE K 215 -0.79 -61.04 19.76
CA ILE K 215 -0.76 -59.63 19.38
C ILE K 215 -2.10 -59.16 18.81
N HIS K 216 -2.51 -57.95 19.17
CA HIS K 216 -3.76 -57.36 18.68
C HIS K 216 -3.55 -55.89 18.34
N ILE K 217 -3.91 -55.46 17.14
CA ILE K 217 -3.74 -54.07 16.76
C ILE K 217 -5.06 -53.41 16.40
N SER K 218 -5.38 -52.29 17.04
CA SER K 218 -6.63 -51.58 16.74
C SER K 218 -6.60 -50.13 17.23
N ASN K 219 -7.68 -49.40 17.00
CA ASN K 219 -7.76 -48.04 17.45
C ASN K 219 -8.58 -47.96 18.72
N PHE K 220 -8.59 -49.03 19.50
CA PHE K 220 -9.35 -49.05 20.75
C PHE K 220 -10.70 -48.33 20.75
N ARG K 221 -11.52 -48.62 19.73
CA ARG K 221 -12.87 -48.07 19.62
C ARG K 221 -13.83 -49.18 20.03
N LYS K 222 -15.08 -48.84 20.30
CA LYS K 222 -16.03 -49.84 20.74
C LYS K 222 -16.28 -50.92 19.72
N VAL K 223 -16.18 -50.52 18.46
CA VAL K 223 -16.42 -51.43 17.36
C VAL K 223 -15.37 -52.53 17.29
N LYS K 224 -14.16 -52.23 17.78
CA LYS K 224 -13.08 -53.23 17.75
C LYS K 224 -13.30 -54.29 18.80
N ARG K 225 -14.16 -53.99 19.77
CA ARG K 225 -14.48 -54.90 20.86
C ARG K 225 -13.22 -55.39 21.55
N VAL K 226 -12.35 -54.48 21.95
CA VAL K 226 -11.09 -54.89 22.58
C VAL K 226 -11.34 -55.67 23.87
N GLN K 227 -12.49 -55.45 24.49
CA GLN K 227 -12.86 -56.15 25.72
C GLN K 227 -12.83 -57.65 25.46
N ASP K 228 -13.40 -58.07 24.34
CA ASP K 228 -13.41 -59.49 24.01
C ASP K 228 -12.01 -60.06 23.78
N VAL K 229 -11.09 -59.23 23.30
CA VAL K 229 -9.73 -59.70 23.07
C VAL K 229 -9.11 -59.99 24.42
N VAL K 230 -9.50 -59.22 25.41
CA VAL K 230 -8.98 -59.40 26.76
C VAL K 230 -9.64 -60.64 27.42
N GLN K 231 -10.97 -60.69 27.40
CA GLN K 231 -11.74 -61.82 27.96
C GLN K 231 -11.18 -63.15 27.46
N ALA K 232 -11.03 -63.25 26.15
CA ALA K 232 -10.50 -64.44 25.53
C ALA K 232 -9.10 -64.73 26.03
N PHE K 233 -8.31 -63.68 26.24
CA PHE K 233 -6.94 -63.85 26.74
C PHE K 233 -6.93 -64.28 28.20
N ALA K 234 -7.89 -63.77 28.98
CA ALA K 234 -8.00 -64.12 30.40
C ALA K 234 -8.17 -65.63 30.50
N LYS K 235 -8.95 -66.19 29.58
CA LYS K 235 -9.21 -67.62 29.54
C LYS K 235 -8.03 -68.36 28.91
N ILE K 236 -7.68 -67.99 27.68
CA ILE K 236 -6.59 -68.61 26.95
C ILE K 236 -5.28 -68.68 27.77
N VAL K 237 -5.15 -67.81 28.79
CA VAL K 237 -3.96 -67.74 29.65
C VAL K 237 -3.92 -68.78 30.77
N THR K 238 -5.09 -69.16 31.30
CA THR K 238 -5.17 -70.16 32.36
C THR K 238 -4.59 -71.51 31.89
N GLU K 239 -4.70 -71.81 30.60
CA GLU K 239 -4.18 -73.08 30.09
C GLU K 239 -2.90 -72.98 29.27
N VAL K 240 -2.40 -71.77 29.05
CA VAL K 240 -1.15 -71.55 28.31
C VAL K 240 -0.48 -70.27 28.84
N ASP K 241 0.84 -70.30 29.02
CA ASP K 241 1.53 -69.10 29.51
C ASP K 241 1.90 -68.25 28.28
N ALA K 242 1.28 -67.08 28.20
CA ALA K 242 1.53 -66.17 27.10
C ALA K 242 1.14 -64.76 27.51
N LYS K 243 1.77 -63.79 26.85
CA LYS K 243 1.48 -62.40 27.12
C LYS K 243 0.70 -61.84 25.90
N LEU K 244 -0.09 -60.80 26.15
CA LEU K 244 -0.89 -60.16 25.13
C LEU K 244 -0.35 -58.80 24.77
N LEU K 245 -0.02 -58.59 23.50
CA LEU K 245 0.48 -57.29 23.05
C LEU K 245 -0.69 -56.44 22.56
N LEU K 246 -1.04 -55.38 23.28
CA LEU K 246 -2.11 -54.50 22.83
C LEU K 246 -1.56 -53.24 22.17
N VAL K 247 -1.40 -53.28 20.86
CA VAL K 247 -0.91 -52.16 20.07
C VAL K 247 -2.05 -51.21 19.75
N GLY K 248 -1.81 -49.91 19.87
CA GLY K 248 -2.87 -48.96 19.59
C GLY K 248 -3.33 -48.17 20.81
N ASP K 249 -4.10 -47.12 20.55
CA ASP K 249 -4.62 -46.28 21.60
C ASP K 249 -5.91 -45.63 21.08
N GLY K 250 -6.89 -45.48 21.98
CA GLY K 250 -8.15 -44.88 21.60
C GLY K 250 -9.02 -44.61 22.79
N PRO K 251 -10.28 -44.20 22.57
CA PRO K 251 -11.23 -43.89 23.64
C PRO K 251 -11.40 -44.96 24.71
N GLU K 252 -11.68 -46.19 24.26
CA GLU K 252 -11.89 -47.34 25.14
C GLU K 252 -10.63 -47.84 25.84
N PHE K 253 -9.59 -47.02 25.83
CA PHE K 253 -8.33 -47.41 26.45
C PHE K 253 -8.42 -47.66 27.94
N CYS K 254 -8.95 -46.68 28.66
CA CYS K 254 -9.06 -46.77 30.11
C CYS K 254 -9.90 -47.95 30.53
N THR K 255 -11.01 -48.14 29.84
CA THR K 255 -11.89 -49.25 30.15
C THR K 255 -11.13 -50.55 30.02
N ILE K 256 -10.36 -50.70 28.94
CA ILE K 256 -9.57 -51.90 28.71
C ILE K 256 -8.48 -52.01 29.77
N LEU K 257 -7.93 -50.87 30.15
CA LEU K 257 -6.88 -50.86 31.17
C LEU K 257 -7.48 -51.28 32.51
N GLN K 258 -8.70 -50.81 32.78
CA GLN K 258 -9.41 -51.14 34.01
C GLN K 258 -9.73 -52.63 34.00
N LEU K 259 -10.02 -53.16 32.82
CA LEU K 259 -10.34 -54.56 32.68
C LEU K 259 -9.14 -55.46 32.99
N VAL K 260 -8.04 -55.30 32.27
CA VAL K 260 -6.86 -56.13 32.51
C VAL K 260 -6.47 -56.04 33.99
N LYS K 261 -6.87 -54.93 34.60
CA LYS K 261 -6.61 -54.57 36.00
C LYS K 261 -7.34 -55.39 37.05
N ASN K 262 -8.68 -55.44 36.95
CA ASN K 262 -9.45 -56.19 37.92
C ASN K 262 -9.68 -57.59 37.34
N LEU K 263 -8.74 -58.03 36.51
CA LEU K 263 -8.80 -59.36 35.94
C LEU K 263 -7.51 -60.09 36.30
N HIS K 264 -6.66 -59.38 37.05
CA HIS K 264 -5.39 -59.91 37.53
C HIS K 264 -4.48 -60.47 36.44
N ILE K 265 -4.56 -59.87 35.26
CA ILE K 265 -3.73 -60.26 34.12
C ILE K 265 -2.84 -59.06 33.83
N GLU K 266 -2.96 -58.06 34.71
CA GLU K 266 -2.23 -56.80 34.65
C GLU K 266 -0.75 -56.93 34.22
N ASP K 267 -0.05 -57.92 34.73
CA ASP K 267 1.36 -58.00 34.40
C ASP K 267 1.49 -58.88 33.22
N ARG K 268 0.45 -59.02 32.42
CA ARG K 268 0.56 -59.94 31.31
C ARG K 268 0.15 -59.36 30.02
N VAL K 269 0.01 -58.07 30.01
CA VAL K 269 -0.49 -57.40 28.88
C VAL K 269 0.39 -56.24 28.68
N LEU K 270 0.82 -55.98 27.47
CA LEU K 270 1.75 -54.88 27.23
C LEU K 270 1.23 -53.76 26.53
N PHE K 271 0.41 -52.97 27.16
CA PHE K 271 -0.08 -51.91 26.36
C PHE K 271 1.19 -51.31 25.73
N LEU K 272 1.24 -51.24 24.39
CA LEU K 272 2.42 -50.68 23.73
C LEU K 272 2.01 -49.34 23.19
N GLY K 273 0.77 -48.93 23.45
CA GLY K 273 0.31 -47.63 22.96
C GLY K 273 0.28 -47.69 21.44
N LYS K 274 -0.03 -46.61 20.75
CA LYS K 274 -0.07 -46.77 19.31
C LYS K 274 1.28 -46.75 18.62
N GLN K 275 1.64 -47.85 17.98
CA GLN K 275 2.90 -47.93 17.25
C GLN K 275 2.60 -47.75 15.79
N ASP K 276 3.65 -47.54 15.00
CA ASP K 276 3.49 -47.35 13.57
C ASP K 276 4.22 -48.44 12.80
N ASN K 277 5.47 -48.67 13.18
CA ASN K 277 6.29 -49.71 12.54
C ASN K 277 5.97 -51.02 13.29
N VAL K 278 4.75 -51.52 13.10
CA VAL K 278 4.31 -52.72 13.77
C VAL K 278 4.84 -54.01 13.15
N ALA K 279 5.57 -53.87 12.05
CA ALA K 279 6.14 -55.02 11.34
C ALA K 279 7.01 -55.91 12.24
N GLU K 280 7.81 -55.28 13.08
CA GLU K 280 8.69 -56.01 13.99
C GLU K 280 7.91 -56.73 15.08
N LEU K 281 6.83 -56.10 15.55
CA LEU K 281 6.03 -56.69 16.60
C LEU K 281 5.32 -57.96 16.08
N LEU K 282 4.71 -57.87 14.90
CA LEU K 282 4.02 -59.03 14.34
C LEU K 282 5.04 -60.15 14.15
N ALA K 283 6.23 -59.79 13.68
CA ALA K 283 7.30 -60.76 13.44
C ALA K 283 7.53 -61.67 14.66
N MET K 284 7.65 -61.07 15.85
CA MET K 284 7.86 -61.83 17.09
C MET K 284 6.54 -62.28 17.75
N SER K 285 5.50 -62.49 16.95
CA SER K 285 4.19 -62.91 17.46
C SER K 285 3.83 -64.31 17.02
N ASP K 286 2.83 -64.87 17.68
CA ASP K 286 2.41 -66.23 17.36
C ASP K 286 0.96 -66.30 16.89
N LEU K 287 0.11 -65.49 17.48
CA LEU K 287 -1.29 -65.51 17.13
C LEU K 287 -1.85 -64.09 17.10
N MET K 288 -2.63 -63.73 16.07
CA MET K 288 -3.23 -62.40 15.95
C MET K 288 -4.73 -62.50 16.23
N LEU K 289 -5.26 -61.54 16.97
CA LEU K 289 -6.69 -61.53 17.26
C LEU K 289 -7.37 -60.28 16.71
N LEU K 290 -8.57 -60.46 16.16
CA LEU K 290 -9.38 -59.36 15.59
C LEU K 290 -10.82 -59.79 15.79
N LEU K 291 -11.49 -59.27 16.81
CA LEU K 291 -12.83 -59.70 17.09
C LEU K 291 -13.82 -58.56 17.07
N SER K 292 -13.70 -57.70 16.05
CA SER K 292 -14.59 -56.54 15.95
C SER K 292 -15.96 -56.84 15.34
N GLU K 293 -16.94 -55.98 15.63
CA GLU K 293 -18.31 -56.15 15.13
C GLU K 293 -18.34 -55.95 13.65
N LYS K 294 -17.36 -55.27 13.10
CA LYS K 294 -17.44 -55.11 11.67
C LYS K 294 -16.17 -54.79 11.05
N GLU K 295 -15.99 -55.12 9.81
CA GLU K 295 -14.77 -54.68 9.28
C GLU K 295 -14.86 -55.05 7.85
N SER K 296 -14.25 -54.27 7.02
CA SER K 296 -14.39 -54.48 5.61
C SER K 296 -13.16 -55.12 5.21
N PHE K 297 -12.11 -55.04 6.00
CA PHE K 297 -11.01 -55.74 5.43
C PHE K 297 -9.94 -56.64 5.96
N GLY K 298 -9.11 -56.24 6.91
CA GLY K 298 -8.55 -54.91 7.03
C GLY K 298 -7.20 -55.47 7.10
N LEU K 299 -6.23 -54.66 6.82
CA LEU K 299 -4.97 -55.26 6.71
C LEU K 299 -4.44 -55.89 7.86
N VAL K 300 -4.74 -55.40 9.00
CA VAL K 300 -3.75 -55.95 9.84
C VAL K 300 -3.75 -57.40 9.58
N LEU K 301 -4.85 -57.94 9.08
CA LEU K 301 -4.76 -59.34 8.93
C LEU K 301 -3.70 -59.65 8.00
N LEU K 302 -3.63 -58.91 6.94
CA LEU K 302 -2.60 -59.19 6.01
C LEU K 302 -1.29 -59.02 6.58
N GLU K 303 -1.06 -57.86 7.15
CA GLU K 303 0.27 -57.69 7.61
C GLU K 303 0.61 -58.96 8.36
N ALA K 304 -0.22 -59.27 9.31
CA ALA K 304 0.01 -60.41 10.13
C ALA K 304 0.30 -61.65 9.43
N MET K 305 -0.65 -62.04 8.61
CA MET K 305 -0.51 -63.28 7.95
C MET K 305 0.78 -63.13 7.26
N ALA K 306 0.87 -62.10 6.47
CA ALA K 306 2.10 -61.96 5.78
C ALA K 306 3.30 -62.30 6.57
N CYS K 307 3.26 -62.20 7.89
CA CYS K 307 4.49 -62.48 8.62
C CYS K 307 4.47 -63.84 9.13
N GLY K 308 3.63 -64.65 8.54
CA GLY K 308 3.56 -66.01 8.98
C GLY K 308 2.81 -66.18 10.30
N VAL K 309 2.03 -65.18 10.68
CA VAL K 309 1.27 -65.26 11.92
C VAL K 309 -0.19 -65.60 11.68
N PRO K 310 -0.64 -66.78 12.13
CA PRO K 310 -2.03 -67.19 11.96
C PRO K 310 -2.98 -66.28 12.75
N CYS K 311 -4.18 -66.03 12.22
CA CYS K 311 -5.15 -65.15 12.87
C CYS K 311 -6.47 -65.77 13.24
N ILE K 312 -7.12 -65.19 14.23
CA ILE K 312 -8.41 -65.67 14.66
C ILE K 312 -9.32 -64.47 14.65
N GLY K 313 -10.03 -64.24 13.54
CA GLY K 313 -10.91 -63.09 13.46
C GLY K 313 -12.39 -63.41 13.42
N THR K 314 -13.22 -62.52 13.95
CA THR K 314 -14.66 -62.75 13.93
C THR K 314 -15.17 -62.86 12.49
N ARG K 315 -16.22 -63.66 12.29
CA ARG K 315 -16.81 -63.87 10.97
C ARG K 315 -17.72 -62.68 10.66
N VAL K 316 -17.07 -61.58 10.30
CA VAL K 316 -17.78 -60.38 9.95
C VAL K 316 -17.37 -59.94 8.57
N GLY K 317 -18.38 -59.61 7.76
CA GLY K 317 -18.20 -59.23 6.37
C GLY K 317 -16.95 -58.62 5.81
N GLY K 318 -16.08 -59.40 5.18
CA GLY K 318 -14.76 -58.91 4.88
C GLY K 318 -13.57 -59.57 5.54
N ILE K 319 -13.77 -60.28 6.65
CA ILE K 319 -12.69 -60.99 7.33
C ILE K 319 -12.68 -62.32 6.57
N PRO K 320 -13.90 -62.91 6.37
CA PRO K 320 -14.08 -64.18 5.67
C PRO K 320 -13.46 -64.22 4.29
N GLU K 321 -13.17 -63.08 3.71
CA GLU K 321 -12.57 -63.12 2.38
C GLU K 321 -11.06 -63.22 2.45
N VAL K 322 -10.49 -63.12 3.65
CA VAL K 322 -9.03 -63.22 3.80
C VAL K 322 -8.63 -64.45 4.65
N ILE K 323 -9.46 -64.78 5.63
CA ILE K 323 -9.21 -65.92 6.50
C ILE K 323 -10.09 -67.09 6.12
N GLN K 324 -9.46 -68.19 5.68
CA GLN K 324 -10.19 -69.41 5.34
C GLN K 324 -9.91 -70.41 6.41
N HIS K 325 -10.97 -70.59 7.16
CA HIS K 325 -10.94 -71.27 8.39
C HIS K 325 -10.20 -72.49 8.42
N GLY K 326 -9.17 -72.61 9.25
CA GLY K 326 -8.59 -73.91 9.31
C GLY K 326 -7.53 -74.08 8.33
N ASP K 327 -7.52 -73.25 7.32
CA ASP K 327 -6.43 -73.44 6.45
C ASP K 327 -5.43 -72.35 6.75
N THR K 328 -5.89 -71.12 6.91
CA THR K 328 -4.95 -70.03 7.15
C THR K 328 -5.29 -69.26 8.41
N GLY K 329 -6.29 -69.75 9.16
CA GLY K 329 -6.69 -69.08 10.39
C GLY K 329 -8.04 -69.59 10.82
N TYR K 330 -8.71 -68.94 11.77
CA TYR K 330 -10.02 -69.40 12.22
C TYR K 330 -10.99 -68.24 12.35
N LEU K 331 -12.28 -68.51 12.21
CA LEU K 331 -13.29 -67.46 12.34
C LEU K 331 -14.19 -67.83 13.49
N CYS K 332 -15.14 -66.96 13.86
CA CYS K 332 -16.06 -67.29 14.98
C CYS K 332 -16.99 -66.12 15.26
N GLU K 333 -18.15 -66.41 15.85
CA GLU K 333 -19.12 -65.36 16.13
C GLU K 333 -18.60 -64.30 17.08
N VAL K 334 -19.16 -63.10 16.97
CA VAL K 334 -18.76 -62.00 17.83
C VAL K 334 -19.26 -62.24 19.24
N GLY K 335 -18.42 -61.92 20.23
CA GLY K 335 -18.78 -62.10 21.63
C GLY K 335 -18.44 -63.46 22.20
N ASP K 336 -18.03 -64.38 21.33
CA ASP K 336 -17.68 -65.74 21.71
C ASP K 336 -16.29 -65.81 22.32
N THR K 337 -16.10 -65.06 23.41
CA THR K 337 -14.82 -65.00 24.11
C THR K 337 -14.30 -66.43 24.38
N THR K 338 -15.18 -67.27 24.93
CA THR K 338 -14.86 -68.66 25.25
C THR K 338 -14.41 -69.46 24.01
N GLY K 339 -15.22 -69.45 22.96
CA GLY K 339 -14.88 -70.17 21.74
C GLY K 339 -13.55 -69.75 21.15
N VAL K 340 -13.24 -68.46 21.24
CA VAL K 340 -11.99 -67.94 20.71
C VAL K 340 -10.81 -68.51 21.50
N ALA K 341 -10.92 -68.45 22.83
CA ALA K 341 -9.88 -68.94 23.73
C ALA K 341 -9.58 -70.42 23.43
N ASP K 342 -10.65 -71.19 23.33
CA ASP K 342 -10.58 -72.63 23.05
C ASP K 342 -9.84 -72.88 21.75
N GLN K 343 -10.23 -72.15 20.72
CA GLN K 343 -9.60 -72.29 19.43
C GLN K 343 -8.11 -71.93 19.51
N ALA K 344 -7.79 -70.95 20.36
CA ALA K 344 -6.42 -70.48 20.54
C ALA K 344 -5.55 -71.48 21.29
N ILE K 345 -5.98 -71.83 22.52
CA ILE K 345 -5.26 -72.77 23.37
C ILE K 345 -4.92 -74.03 22.57
N GLN K 346 -5.87 -74.49 21.76
CA GLN K 346 -5.67 -75.68 20.94
C GLN K 346 -4.51 -75.50 19.93
N LEU K 347 -4.56 -74.42 19.16
CA LEU K 347 -3.56 -74.13 18.15
C LEU K 347 -2.19 -73.77 18.70
N LEU K 348 -2.17 -73.27 19.93
CA LEU K 348 -0.92 -72.85 20.56
C LEU K 348 0.05 -73.99 20.96
N LYS K 349 -0.52 -75.12 21.40
CA LYS K 349 0.27 -76.29 21.80
C LYS K 349 0.61 -77.17 20.59
N ASP K 350 -0.41 -77.56 19.81
CA ASP K 350 -0.17 -78.36 18.62
C ASP K 350 0.83 -77.43 17.90
N GLU K 351 2.06 -77.89 17.70
CA GLU K 351 3.07 -77.05 17.06
C GLU K 351 3.12 -77.44 15.58
N GLU K 352 2.50 -78.57 15.27
CA GLU K 352 2.42 -79.06 13.90
C GLU K 352 1.45 -78.14 13.14
N LEU K 353 0.22 -78.09 13.64
CA LEU K 353 -0.85 -77.27 13.09
C LEU K 353 -0.44 -75.80 12.98
N HIS K 354 0.24 -75.32 14.01
CA HIS K 354 0.70 -73.94 14.05
C HIS K 354 1.80 -73.63 13.00
N ARG K 355 2.67 -74.58 12.68
CA ARG K 355 3.71 -74.33 11.66
C ARG K 355 3.08 -74.37 10.28
N ASN K 356 2.05 -75.22 10.13
CA ASN K 356 1.34 -75.40 8.87
C ASN K 356 0.45 -74.21 8.55
N MET K 357 -0.41 -73.85 9.51
CA MET K 357 -1.32 -72.73 9.34
C MET K 357 -0.50 -71.49 9.02
N GLY K 358 0.48 -71.17 9.88
CA GLY K 358 1.34 -70.02 9.65
C GLY K 358 1.99 -70.01 8.28
N GLU K 359 2.20 -71.19 7.71
CA GLU K 359 2.80 -71.30 6.38
C GLU K 359 1.71 -71.13 5.33
N ARG K 360 0.61 -71.86 5.53
CA ARG K 360 -0.56 -71.79 4.65
C ARG K 360 -0.92 -70.29 4.47
N ALA K 361 -1.06 -69.60 5.61
CA ALA K 361 -1.41 -68.19 5.65
C ALA K 361 -0.51 -67.30 4.81
N ARG K 362 0.77 -67.22 5.15
CA ARG K 362 1.67 -66.35 4.38
C ARG K 362 1.76 -66.75 2.92
N GLU K 363 1.11 -67.86 2.57
CA GLU K 363 1.11 -68.32 1.18
C GLU K 363 -0.11 -67.75 0.48
N SER K 364 -1.30 -68.02 1.05
CA SER K 364 -2.53 -67.53 0.46
C SER K 364 -2.49 -66.00 0.36
N VAL K 365 -1.62 -65.38 1.16
CA VAL K 365 -1.42 -63.93 1.13
C VAL K 365 -0.66 -63.58 -0.15
N TYR K 366 0.47 -64.24 -0.37
CA TYR K 366 1.28 -64.01 -1.57
C TYR K 366 0.42 -64.29 -2.82
N GLU K 367 -0.49 -65.24 -2.63
CA GLU K 367 -1.42 -65.73 -3.64
C GLU K 367 -2.44 -64.84 -4.31
N GLN K 368 -3.29 -64.26 -3.47
CA GLN K 368 -4.38 -63.41 -3.90
C GLN K 368 -4.22 -61.96 -3.45
N PHE K 369 -3.22 -61.68 -2.62
CA PHE K 369 -2.98 -60.32 -2.15
C PHE K 369 -1.59 -59.78 -2.49
N ARG K 370 -0.90 -60.48 -3.38
CA ARG K 370 0.43 -60.10 -3.83
C ARG K 370 0.43 -58.61 -4.20
N SER K 371 1.30 -57.82 -3.60
CA SER K 371 1.34 -56.39 -3.91
C SER K 371 1.51 -56.13 -5.41
N GLU K 372 2.50 -56.74 -6.04
CA GLU K 372 2.72 -56.54 -7.47
C GLU K 372 1.49 -56.95 -8.30
N LYS K 373 0.70 -57.88 -7.79
CA LYS K 373 -0.50 -58.34 -8.49
C LYS K 373 -1.60 -57.28 -8.47
N ILE K 374 -1.97 -56.85 -7.25
CA ILE K 374 -3.00 -55.83 -7.05
C ILE K 374 -2.62 -54.52 -7.75
N VAL K 375 -1.38 -54.10 -7.60
CA VAL K 375 -0.98 -52.88 -8.26
C VAL K 375 -1.27 -53.02 -9.75
N SER K 376 -1.06 -54.19 -10.32
CA SER K 376 -1.33 -54.35 -11.76
C SER K 376 -2.81 -54.24 -12.10
N GLN K 377 -3.69 -54.60 -11.17
CA GLN K 377 -5.11 -54.50 -11.41
C GLN K 377 -5.47 -53.03 -11.52
N TYR K 378 -4.96 -52.23 -10.59
CA TYR K 378 -5.23 -50.80 -10.58
C TYR K 378 -4.64 -50.21 -11.87
N GLU K 379 -3.46 -50.69 -12.24
CA GLU K 379 -2.80 -50.21 -13.43
C GLU K 379 -3.67 -50.46 -14.66
N THR K 380 -4.24 -51.66 -14.78
CA THR K 380 -5.06 -51.92 -15.95
C THR K 380 -6.36 -51.12 -15.87
N ILE K 381 -6.86 -50.87 -14.67
CA ILE K 381 -8.08 -50.08 -14.55
C ILE K 381 -7.88 -48.68 -15.10
N TYR K 382 -6.70 -48.11 -14.90
CA TYR K 382 -6.39 -46.77 -15.38
C TYR K 382 -6.38 -46.78 -16.90
N TYR K 383 -5.58 -47.68 -17.45
CA TYR K 383 -5.48 -47.77 -18.91
C TYR K 383 -6.86 -48.01 -19.53
N ASP K 384 -7.66 -48.85 -18.89
CA ASP K 384 -8.99 -49.17 -19.37
C ASP K 384 -9.91 -47.96 -19.39
N VAL K 385 -9.84 -47.13 -18.35
CA VAL K 385 -10.70 -45.96 -18.29
C VAL K 385 -10.36 -44.94 -19.37
N LEU K 386 -9.39 -45.26 -20.24
CA LEU K 386 -9.02 -44.38 -21.35
C LEU K 386 -9.24 -45.13 -22.75
N ARG K 387 -8.27 -45.76 -23.23
N LYS L 15 -46.78 -16.86 -5.11
CA LYS L 15 -46.85 -18.08 -5.95
C LYS L 15 -45.47 -18.63 -6.41
N LEU L 16 -44.47 -18.61 -5.53
CA LEU L 16 -43.13 -19.09 -5.90
C LEU L 16 -42.45 -19.75 -4.69
N LYS L 17 -41.76 -20.86 -4.90
CA LYS L 17 -41.05 -21.55 -3.81
C LYS L 17 -39.57 -21.23 -3.88
N ILE L 18 -39.11 -20.30 -3.04
CA ILE L 18 -37.72 -19.86 -3.06
C ILE L 18 -36.90 -20.41 -1.88
N GLY L 19 -35.63 -20.70 -2.10
CA GLY L 19 -34.80 -21.16 -1.00
C GLY L 19 -33.68 -20.15 -0.79
N ILE L 20 -33.53 -19.58 0.41
CA ILE L 20 -32.46 -18.61 0.66
C ILE L 20 -31.33 -19.21 1.50
N THR L 21 -30.09 -18.81 1.24
CA THR L 21 -28.94 -19.30 1.98
C THR L 21 -28.04 -18.12 2.33
N CYS L 22 -27.69 -17.97 3.60
CA CYS L 22 -26.81 -16.89 4.06
C CYS L 22 -26.29 -17.08 5.50
N TYR L 23 -25.58 -16.09 6.02
CA TYR L 23 -25.03 -16.17 7.39
C TYR L 23 -25.78 -15.19 8.31
N PRO L 24 -26.98 -15.58 8.82
CA PRO L 24 -27.85 -14.77 9.72
C PRO L 24 -27.34 -13.49 10.45
N GLY L 27 -23.11 -11.52 8.87
CA GLY L 27 -22.66 -10.14 8.66
C GLY L 27 -23.71 -9.27 7.95
N GLY L 28 -23.30 -8.64 6.83
CA GLY L 28 -24.22 -7.79 6.08
C GLY L 28 -25.20 -8.63 5.26
N SER L 29 -24.63 -9.65 4.57
CA SER L 29 -25.38 -10.59 3.74
C SER L 29 -26.58 -11.21 4.46
N GLY L 30 -26.39 -11.60 5.72
CA GLY L 30 -27.43 -12.21 6.49
C GLY L 30 -28.60 -11.27 6.71
N VAL L 31 -28.30 -10.05 7.13
CA VAL L 31 -29.34 -9.08 7.34
C VAL L 31 -30.22 -9.00 6.09
N VAL L 32 -29.58 -8.72 4.96
CA VAL L 32 -30.30 -8.59 3.71
C VAL L 32 -31.02 -9.86 3.29
N GLY L 33 -30.28 -10.96 3.24
CA GLY L 33 -30.85 -12.24 2.87
C GLY L 33 -32.10 -12.55 3.67
N THR L 34 -31.97 -12.42 4.99
CA THR L 34 -33.08 -12.69 5.90
C THR L 34 -34.24 -11.77 5.68
N GLU L 35 -33.95 -10.48 5.55
CA GLU L 35 -35.01 -9.51 5.36
C GLU L 35 -35.68 -9.76 4.01
N LEU L 36 -34.88 -10.05 3.00
CA LEU L 36 -35.43 -10.32 1.68
C LEU L 36 -36.42 -11.50 1.75
N GLY L 37 -36.08 -12.50 2.56
CA GLY L 37 -36.94 -13.66 2.70
C GLY L 37 -38.22 -13.32 3.44
N LYS L 38 -38.08 -12.49 4.46
CA LYS L 38 -39.23 -12.08 5.25
C LYS L 38 -40.20 -11.33 4.31
N GLN L 39 -39.67 -10.37 3.54
CA GLN L 39 -40.47 -9.57 2.60
C GLN L 39 -41.18 -10.46 1.58
N LEU L 40 -40.39 -11.27 0.88
CA LEU L 40 -40.92 -12.20 -0.13
C LEU L 40 -42.02 -13.06 0.43
N ALA L 41 -41.89 -13.40 1.72
CA ALA L 41 -42.88 -14.24 2.39
C ALA L 41 -44.19 -13.48 2.49
N GLU L 42 -44.13 -12.25 2.99
CA GLU L 42 -45.31 -11.40 3.14
C GLU L 42 -46.01 -11.22 1.80
N ARG L 43 -45.28 -11.43 0.70
CA ARG L 43 -45.92 -11.29 -0.60
C ARG L 43 -46.54 -12.58 -1.08
N GLY L 44 -46.65 -13.56 -0.18
CA GLY L 44 -47.28 -14.83 -0.53
C GLY L 44 -46.41 -15.97 -1.01
N HIS L 45 -45.12 -15.69 -1.21
CA HIS L 45 -44.19 -16.71 -1.65
C HIS L 45 -43.90 -17.63 -0.48
N GLU L 46 -43.45 -18.85 -0.81
CA GLU L 46 -43.10 -19.82 0.22
C GLU L 46 -41.57 -19.85 0.29
N ILE L 47 -41.02 -19.26 1.36
CA ILE L 47 -39.58 -19.19 1.58
C ILE L 47 -39.05 -20.34 2.41
N HIS L 48 -37.92 -20.89 1.99
CA HIS L 48 -37.27 -22.01 2.67
C HIS L 48 -35.83 -21.67 2.97
N PHE L 49 -35.56 -21.24 4.19
CA PHE L 49 -34.19 -20.92 4.56
C PHE L 49 -33.37 -22.16 4.75
N ILE L 50 -32.27 -22.28 4.02
CA ILE L 50 -31.43 -23.45 4.17
C ILE L 50 -30.13 -22.94 4.69
N THR L 51 -29.96 -22.98 6.01
CA THR L 51 -28.77 -22.48 6.65
C THR L 51 -28.65 -22.97 8.08
N SER L 52 -27.44 -23.35 8.49
CA SER L 52 -27.17 -23.81 9.86
C SER L 52 -26.87 -22.63 10.79
N GLY L 53 -27.85 -22.21 11.58
CA GLY L 53 -27.66 -21.10 12.49
C GLY L 53 -28.99 -20.64 13.08
N LEU L 54 -29.16 -19.33 13.26
CA LEU L 54 -30.41 -18.81 13.80
C LEU L 54 -30.86 -17.42 13.26
N PRO L 55 -31.52 -17.38 12.07
CA PRO L 55 -32.02 -16.12 11.45
C PRO L 55 -33.15 -15.36 12.20
N LYS L 60 -41.75 -12.73 15.59
CA LYS L 60 -43.02 -13.28 15.07
C LYS L 60 -42.85 -14.68 14.39
N VAL L 61 -43.92 -15.23 13.78
CA VAL L 61 -43.86 -16.54 13.08
C VAL L 61 -44.73 -16.55 11.81
N TYR L 62 -44.13 -16.87 10.66
CA TYR L 62 -44.86 -16.91 9.39
C TYR L 62 -45.11 -18.36 9.00
N PRO L 63 -46.34 -18.69 8.60
CA PRO L 63 -46.73 -20.05 8.20
C PRO L 63 -46.11 -20.50 6.89
N ASN L 64 -45.56 -19.53 6.14
CA ASN L 64 -44.96 -19.77 4.84
C ASN L 64 -43.43 -19.56 4.78
N ILE L 65 -42.78 -19.65 5.95
CA ILE L 65 -41.32 -19.53 6.03
C ILE L 65 -40.85 -20.73 6.82
N TYR L 66 -40.09 -21.60 6.18
CA TYR L 66 -39.59 -22.80 6.85
C TYR L 66 -38.11 -22.68 7.07
N PHE L 67 -37.60 -23.27 8.15
CA PHE L 67 -36.17 -23.22 8.41
C PHE L 67 -35.56 -24.60 8.41
N HIS L 68 -34.64 -24.84 7.49
CA HIS L 68 -33.97 -26.13 7.42
C HIS L 68 -32.57 -25.89 7.91
N GLU L 69 -32.03 -26.75 8.75
CA GLU L 69 -30.68 -26.48 9.22
C GLU L 69 -29.73 -27.61 8.88
N VAL L 70 -28.49 -27.23 8.57
CA VAL L 70 -27.48 -28.19 8.19
C VAL L 70 -26.83 -28.83 9.40
N THR L 71 -26.99 -30.14 9.53
CA THR L 71 -26.40 -30.86 10.66
C THR L 71 -25.14 -31.59 10.19
N VAL L 72 -24.05 -31.45 10.92
CA VAL L 72 -22.80 -32.12 10.55
C VAL L 72 -22.34 -33.17 11.59
N ASN L 73 -21.38 -34.04 11.25
CA ASN L 73 -20.88 -35.06 12.21
C ASN L 73 -19.38 -35.38 12.04
N PHE L 78 -12.46 -38.43 9.79
CA PHE L 78 -12.60 -37.11 9.14
C PHE L 78 -11.66 -35.99 9.63
N GLN L 79 -11.04 -35.27 8.69
CA GLN L 79 -10.15 -34.11 8.98
C GLN L 79 -10.81 -32.83 9.48
N TYR L 80 -11.77 -32.35 8.69
CA TYR L 80 -12.54 -31.14 9.02
C TYR L 80 -13.98 -31.51 8.76
N PRO L 81 -14.91 -31.00 9.62
CA PRO L 81 -16.34 -31.31 9.44
C PRO L 81 -16.82 -30.73 8.09
N PRO L 82 -17.26 -31.60 7.14
CA PRO L 82 -17.71 -31.13 5.82
C PRO L 82 -18.94 -30.24 5.78
N TYR L 83 -18.84 -29.02 6.32
CA TYR L 83 -20.00 -28.16 6.29
C TYR L 83 -20.41 -27.83 4.86
N ASP L 84 -19.44 -27.60 3.98
CA ASP L 84 -19.78 -27.26 2.63
C ASP L 84 -20.61 -28.35 2.00
N LEU L 85 -20.02 -29.54 1.92
CA LEU L 85 -20.69 -30.69 1.34
C LEU L 85 -22.01 -30.93 2.03
N ALA L 86 -22.05 -30.81 3.33
CA ALA L 86 -23.29 -31.01 4.04
C ALA L 86 -24.38 -30.04 3.61
N LEU L 87 -23.97 -28.79 3.41
CA LEU L 87 -24.89 -27.75 3.00
C LEU L 87 -25.39 -28.03 1.58
N ALA L 88 -24.48 -28.49 0.73
CA ALA L 88 -24.83 -28.83 -0.63
C ALA L 88 -25.88 -29.94 -0.59
N SER L 89 -25.61 -30.95 0.24
CA SER L 89 -26.50 -32.06 0.37
C SER L 89 -27.90 -31.64 0.83
N LYS L 90 -27.97 -30.75 1.80
CA LYS L 90 -29.25 -30.30 2.31
C LYS L 90 -29.98 -29.44 1.29
N MET L 91 -29.25 -28.61 0.55
CA MET L 91 -29.86 -27.77 -0.48
C MET L 91 -30.56 -28.75 -1.42
N ALA L 92 -29.81 -29.74 -1.91
CA ALA L 92 -30.36 -30.75 -2.83
C ALA L 92 -31.57 -31.45 -2.25
N GLU L 93 -31.47 -31.88 -1.01
CA GLU L 93 -32.57 -32.58 -0.38
C GLU L 93 -33.80 -31.69 -0.29
N VAL L 94 -33.66 -30.51 0.30
CA VAL L 94 -34.80 -29.60 0.41
C VAL L 94 -35.36 -29.24 -0.96
N ALA L 95 -34.45 -29.02 -1.90
CA ALA L 95 -34.85 -28.64 -3.23
C ALA L 95 -35.84 -29.58 -3.85
N GLN L 96 -35.46 -30.84 -3.99
CA GLN L 96 -36.38 -31.77 -4.64
C GLN L 96 -37.51 -32.26 -3.78
N ARG L 97 -37.35 -32.13 -2.47
CA ARG L 97 -38.41 -32.56 -1.58
C ARG L 97 -39.54 -31.54 -1.59
N GLU L 98 -39.21 -30.26 -1.46
CA GLU L 98 -40.21 -29.18 -1.44
C GLU L 98 -40.50 -28.64 -2.85
N ASN L 99 -39.76 -29.16 -3.81
CA ASN L 99 -39.91 -28.74 -5.20
C ASN L 99 -39.74 -27.24 -5.36
N LEU L 100 -38.57 -26.75 -4.97
CA LEU L 100 -38.22 -25.35 -5.04
C LEU L 100 -38.03 -24.92 -6.49
N ASP L 101 -38.27 -23.64 -6.75
CA ASP L 101 -38.15 -23.06 -8.09
C ASP L 101 -36.80 -22.38 -8.22
N ILE L 102 -36.54 -21.50 -7.27
CA ILE L 102 -35.31 -20.75 -7.22
C ILE L 102 -34.54 -21.07 -5.94
N LEU L 103 -33.23 -20.96 -6.06
CA LEU L 103 -32.31 -21.17 -4.95
C LEU L 103 -31.47 -19.90 -4.93
N HIS L 104 -31.74 -19.02 -3.97
CA HIS L 104 -31.05 -17.74 -3.88
C HIS L 104 -29.97 -17.71 -2.80
N VAL L 105 -28.76 -17.55 -3.22
CA VAL L 105 -27.70 -17.65 -2.30
C VAL L 105 -27.01 -16.37 -2.05
N HIS L 106 -26.45 -16.17 -0.89
CA HIS L 106 -25.80 -14.91 -0.68
C HIS L 106 -24.37 -14.68 -0.48
N TYR L 107 -23.50 -15.53 -0.01
CA TYR L 107 -22.19 -14.92 -0.13
C TYR L 107 -21.69 -15.77 -1.27
N ALA L 108 -20.54 -15.55 -1.83
CA ALA L 108 -20.21 -16.40 -2.99
C ALA L 108 -19.60 -17.70 -2.62
N ILE L 109 -18.58 -17.62 -1.81
CA ILE L 109 -17.96 -18.84 -1.26
C ILE L 109 -18.65 -18.98 0.09
N PRO L 110 -19.02 -20.23 0.49
CA PRO L 110 -19.13 -21.38 -0.40
C PRO L 110 -20.41 -21.53 -1.16
N HIS L 111 -21.47 -20.92 -0.62
CA HIS L 111 -22.82 -21.00 -1.18
C HIS L 111 -23.05 -21.15 -2.65
N ALA L 112 -22.29 -20.40 -3.45
CA ALA L 112 -22.38 -20.47 -4.90
C ALA L 112 -22.02 -21.87 -5.38
N ILE L 113 -20.86 -22.37 -4.95
CA ILE L 113 -20.46 -23.72 -5.33
C ILE L 113 -21.39 -24.78 -4.75
N CYS L 114 -21.87 -24.57 -3.53
CA CYS L 114 -22.78 -25.54 -2.93
C CYS L 114 -24.05 -25.65 -3.75
N ALA L 115 -24.57 -24.50 -4.19
CA ALA L 115 -25.78 -24.50 -4.99
C ALA L 115 -25.49 -25.18 -6.32
N TYR L 116 -24.27 -25.07 -6.83
CA TYR L 116 -23.96 -25.73 -8.08
C TYR L 116 -24.10 -27.23 -7.92
N LEU L 117 -23.43 -27.78 -6.91
CA LEU L 117 -23.48 -29.22 -6.59
C LEU L 117 -24.92 -29.68 -6.40
N ALA L 118 -25.66 -28.94 -5.59
CA ALA L 118 -27.06 -29.24 -5.33
C ALA L 118 -27.83 -29.39 -6.65
N LYS L 119 -27.65 -28.41 -7.54
CA LYS L 119 -28.29 -28.39 -8.84
C LYS L 119 -27.93 -29.64 -9.62
N GLN L 120 -26.63 -29.91 -9.75
CA GLN L 120 -26.16 -31.08 -10.47
C GLN L 120 -26.71 -32.35 -9.87
N MET L 121 -26.80 -32.38 -8.54
CA MET L 121 -27.33 -33.55 -7.87
C MET L 121 -28.82 -33.77 -8.11
N ILE L 122 -29.63 -32.72 -8.32
CA ILE L 122 -31.05 -32.96 -8.57
C ILE L 122 -31.42 -32.85 -10.05
N GLY L 123 -30.46 -33.16 -10.91
CA GLY L 123 -30.69 -33.12 -12.34
C GLY L 123 -30.91 -31.75 -12.95
N GLU L 124 -30.41 -30.70 -12.29
CA GLU L 124 -30.52 -29.34 -12.81
C GLU L 124 -31.94 -28.80 -12.90
N ARG L 125 -32.86 -29.39 -12.13
CA ARG L 125 -34.27 -28.96 -12.13
C ARG L 125 -34.51 -27.80 -11.15
N ILE L 126 -33.67 -26.76 -11.20
CA ILE L 126 -33.77 -25.64 -10.27
C ILE L 126 -32.93 -24.47 -10.82
N LYS L 127 -33.30 -23.23 -10.47
CA LYS L 127 -32.58 -22.04 -10.93
C LYS L 127 -31.76 -21.39 -9.81
N ILE L 128 -30.48 -21.18 -10.05
CA ILE L 128 -29.61 -20.58 -9.04
C ILE L 128 -29.41 -19.06 -9.21
N VAL L 129 -29.64 -18.31 -8.14
CA VAL L 129 -29.46 -16.86 -8.17
C VAL L 129 -28.39 -16.53 -7.14
N THR L 130 -27.27 -15.96 -7.57
CA THR L 130 -26.19 -15.65 -6.64
C THR L 130 -26.05 -14.17 -6.42
N THR L 131 -26.05 -13.71 -5.18
CA THR L 131 -25.86 -12.26 -4.93
C THR L 131 -24.48 -12.03 -4.32
N LEU L 132 -23.68 -11.16 -4.90
CA LEU L 132 -22.36 -10.94 -4.36
C LEU L 132 -22.46 -9.83 -3.40
N HIS L 133 -21.43 -9.64 -2.57
CA HIS L 133 -21.44 -8.65 -1.51
C HIS L 133 -20.00 -8.27 -1.25
N GLY L 134 -19.69 -7.62 -0.16
CA GLY L 134 -18.29 -7.21 -0.14
C GLY L 134 -16.92 -7.90 -0.24
N THR L 135 -16.67 -8.72 0.78
CA THR L 135 -15.46 -9.47 1.04
C THR L 135 -15.33 -10.72 0.15
N ASP L 136 -16.45 -11.38 -0.16
CA ASP L 136 -16.40 -12.57 -1.01
C ASP L 136 -15.62 -12.27 -2.28
N ILE L 137 -15.74 -11.06 -2.78
CA ILE L 137 -14.99 -10.69 -3.99
C ILE L 137 -13.77 -9.87 -3.58
N THR L 138 -14.01 -8.80 -2.81
CA THR L 138 -12.96 -7.90 -2.33
C THR L 138 -11.75 -8.66 -1.77
N VAL L 139 -11.95 -9.40 -0.68
CA VAL L 139 -10.85 -10.11 -0.04
C VAL L 139 -10.62 -11.55 -0.48
N LEU L 140 -11.69 -12.34 -0.58
CA LEU L 140 -11.54 -13.71 -1.02
C LEU L 140 -11.02 -13.79 -2.44
N GLY L 141 -11.68 -13.10 -3.36
CA GLY L 141 -11.25 -13.12 -4.75
C GLY L 141 -9.77 -12.83 -4.95
N SER L 142 -9.16 -12.17 -3.96
CA SER L 142 -7.73 -11.83 -4.01
C SER L 142 -6.90 -13.11 -3.85
N ASP L 143 -7.37 -14.02 -2.99
CA ASP L 143 -6.68 -15.28 -2.73
C ASP L 143 -6.69 -16.24 -3.94
N PRO L 144 -5.51 -16.52 -4.52
CA PRO L 144 -5.37 -17.42 -5.69
C PRO L 144 -5.88 -18.85 -5.45
N SER L 145 -5.89 -19.27 -4.19
CA SER L 145 -6.37 -20.60 -3.85
C SER L 145 -7.90 -20.70 -3.97
N LEU L 146 -8.57 -19.59 -4.23
CA LEU L 146 -10.03 -19.63 -4.34
C LEU L 146 -10.53 -18.83 -5.51
N ASN L 147 -9.61 -18.31 -6.31
CA ASN L 147 -10.00 -17.49 -7.42
C ASN L 147 -10.90 -18.25 -8.39
N ASN L 148 -10.30 -19.25 -9.05
CA ASN L 148 -10.99 -20.09 -10.02
C ASN L 148 -12.29 -20.68 -9.44
N LEU L 149 -12.31 -20.86 -8.12
CA LEU L 149 -13.48 -21.41 -7.47
C LEU L 149 -14.61 -20.39 -7.47
N ILE L 150 -14.28 -19.14 -7.16
CA ILE L 150 -15.27 -18.06 -7.15
C ILE L 150 -15.76 -17.82 -8.57
N ARG L 151 -14.83 -17.84 -9.54
CA ARG L 151 -15.21 -17.62 -10.92
C ARG L 151 -16.22 -18.68 -11.35
N PHE L 152 -15.83 -19.96 -11.21
CA PHE L 152 -16.67 -21.07 -11.59
C PHE L 152 -18.06 -20.96 -10.96
N GLY L 153 -18.11 -20.61 -9.68
CA GLY L 153 -19.37 -20.46 -9.00
C GLY L 153 -20.25 -19.39 -9.61
N ILE L 154 -19.64 -18.26 -9.96
CA ILE L 154 -20.39 -17.16 -10.56
C ILE L 154 -20.87 -17.56 -11.93
N GLU L 155 -19.95 -18.04 -12.76
CA GLU L 155 -20.30 -18.44 -14.12
C GLU L 155 -21.38 -19.52 -14.18
N GLN L 156 -21.42 -20.38 -13.18
CA GLN L 156 -22.39 -21.48 -13.15
C GLN L 156 -23.76 -21.10 -12.64
N SER L 157 -23.87 -19.97 -11.97
CA SER L 157 -25.16 -19.52 -11.45
C SER L 157 -25.98 -19.10 -12.64
N ASP L 158 -27.29 -19.17 -12.52
CA ASP L 158 -28.14 -18.77 -13.63
C ASP L 158 -28.25 -17.25 -13.73
N VAL L 159 -28.32 -16.57 -12.58
CA VAL L 159 -28.39 -15.11 -12.55
C VAL L 159 -27.40 -14.69 -11.45
N VAL L 160 -26.70 -13.58 -11.62
CA VAL L 160 -25.75 -13.13 -10.59
C VAL L 160 -25.99 -11.65 -10.39
N THR L 161 -25.99 -11.17 -9.15
CA THR L 161 -26.20 -9.76 -8.92
C THR L 161 -25.18 -9.29 -7.90
N ALA L 162 -24.97 -7.98 -7.82
CA ALA L 162 -24.04 -7.41 -6.86
C ALA L 162 -24.78 -6.27 -6.18
N VAL L 163 -24.21 -5.80 -5.08
CA VAL L 163 -24.85 -4.77 -4.29
C VAL L 163 -24.49 -3.38 -4.71
N SER L 164 -23.48 -3.27 -5.56
CA SER L 164 -23.09 -1.97 -6.01
C SER L 164 -22.30 -2.09 -7.30
N HIS L 165 -22.31 -1.04 -8.11
CA HIS L 165 -21.56 -1.05 -9.34
C HIS L 165 -20.07 -1.17 -9.06
N SER L 166 -19.64 -0.63 -7.92
CA SER L 166 -18.24 -0.70 -7.59
C SER L 166 -17.83 -2.17 -7.49
N LEU L 167 -18.73 -2.97 -6.94
CA LEU L 167 -18.48 -4.38 -6.75
C LEU L 167 -18.38 -5.10 -8.08
N ILE L 168 -19.34 -4.82 -8.97
CA ILE L 168 -19.33 -5.43 -10.29
C ILE L 168 -18.03 -5.08 -11.01
N ASN L 169 -17.38 -4.02 -10.57
CA ASN L 169 -16.13 -3.63 -11.20
C ASN L 169 -15.00 -4.41 -10.63
N GLU L 170 -14.99 -4.49 -9.31
CA GLU L 170 -13.98 -5.21 -8.57
C GLU L 170 -14.03 -6.68 -9.00
N THR L 171 -15.23 -7.15 -9.27
CA THR L 171 -15.42 -8.52 -9.69
C THR L 171 -14.77 -8.82 -11.02
N HIS L 172 -15.05 -7.98 -11.99
CA HIS L 172 -14.49 -8.19 -13.31
C HIS L 172 -13.00 -7.93 -13.33
N GLU L 173 -12.51 -7.25 -12.29
CA GLU L 173 -11.10 -6.96 -12.22
C GLU L 173 -10.27 -8.08 -11.62
N LEU L 174 -10.73 -8.60 -10.48
CA LEU L 174 -10.02 -9.65 -9.76
C LEU L 174 -10.39 -11.07 -10.19
N VAL L 175 -11.69 -11.37 -10.24
CA VAL L 175 -12.14 -12.70 -10.63
C VAL L 175 -12.20 -12.91 -12.13
N LYS L 176 -12.62 -11.89 -12.88
CA LYS L 176 -12.72 -11.97 -14.34
C LYS L 176 -13.60 -13.08 -14.87
N PRO L 177 -14.86 -13.12 -14.39
CA PRO L 177 -15.78 -14.15 -14.83
C PRO L 177 -16.40 -13.85 -16.19
N ASN L 178 -16.77 -14.89 -16.92
CA ASN L 178 -17.45 -14.70 -18.20
C ASN L 178 -18.91 -14.84 -17.92
N LYS L 179 -19.48 -13.90 -17.19
CA LYS L 179 -20.90 -13.94 -16.85
C LYS L 179 -21.33 -12.51 -16.67
N ASP L 180 -22.63 -12.25 -16.81
CA ASP L 180 -23.16 -10.90 -16.61
C ASP L 180 -23.63 -10.73 -15.20
N ILE L 181 -23.29 -9.60 -14.59
CA ILE L 181 -23.73 -9.36 -13.24
C ILE L 181 -24.62 -8.11 -13.20
N GLN L 182 -25.84 -8.24 -12.66
CA GLN L 182 -26.77 -7.11 -12.54
C GLN L 182 -26.49 -6.39 -11.26
N THR L 183 -27.09 -5.22 -11.07
CA THR L 183 -26.88 -4.50 -9.82
C THR L 183 -28.21 -4.38 -9.12
N VAL L 184 -28.23 -4.73 -7.84
CA VAL L 184 -29.43 -4.63 -7.03
C VAL L 184 -28.90 -4.20 -5.69
N TYR L 185 -29.22 -2.98 -5.29
CA TYR L 185 -28.72 -2.44 -4.02
C TYR L 185 -29.41 -3.09 -2.81
N ASN L 186 -28.81 -2.94 -1.63
CA ASN L 186 -29.42 -3.50 -0.44
C ASN L 186 -30.50 -2.56 0.02
N PHE L 187 -31.36 -3.05 0.90
CA PHE L 187 -32.43 -2.25 1.41
C PHE L 187 -32.52 -2.31 2.92
N ILE L 188 -33.47 -1.58 3.47
CA ILE L 188 -33.67 -1.49 4.89
C ILE L 188 -35.15 -1.56 5.19
N ASP L 189 -35.51 -2.16 6.32
CA ASP L 189 -36.91 -2.26 6.72
C ASP L 189 -37.31 -0.95 7.38
N GLU L 190 -38.02 -0.09 6.64
CA GLU L 190 -38.46 1.20 7.16
C GLU L 190 -39.33 1.04 8.43
N ARG L 191 -39.92 -0.14 8.56
CA ARG L 191 -40.79 -0.50 9.68
C ARG L 191 -39.93 -0.66 10.96
N VAL L 192 -38.61 -0.45 10.81
CA VAL L 192 -37.64 -0.56 11.92
C VAL L 192 -36.79 0.71 12.07
N TYR L 193 -36.62 1.43 10.96
CA TYR L 193 -35.83 2.65 10.96
C TYR L 193 -36.64 3.88 10.57
N PHE L 194 -36.98 4.70 11.56
CA PHE L 194 -37.72 5.94 11.32
C PHE L 194 -37.05 7.05 12.11
N LYS L 195 -37.45 8.29 11.82
CA LYS L 195 -36.87 9.45 12.50
C LYS L 195 -37.33 9.65 13.95
N ARG L 196 -37.81 8.60 14.60
CA ARG L 196 -38.22 8.69 16.00
C ARG L 196 -37.03 9.31 16.78
N ASP L 197 -37.30 9.89 17.96
CA ASP L 197 -36.20 10.45 18.78
C ASP L 197 -36.23 9.89 20.21
N MET L 198 -35.11 9.27 20.60
CA MET L 198 -34.98 8.67 21.93
C MET L 198 -34.42 9.72 22.91
N THR L 199 -35.15 10.82 23.09
CA THR L 199 -34.73 11.88 24.00
C THR L 199 -34.64 11.34 25.46
N GLN L 200 -35.53 10.40 25.81
CA GLN L 200 -35.56 9.78 27.14
C GLN L 200 -34.36 8.83 27.36
N LEU L 201 -33.86 8.27 26.25
CA LEU L 201 -32.73 7.36 26.26
C LEU L 201 -31.38 8.08 26.44
N LYS L 202 -31.25 9.29 25.87
CA LYS L 202 -30.02 10.10 25.98
C LYS L 202 -29.74 10.28 27.48
N LYS L 203 -30.83 10.42 28.23
CA LYS L 203 -30.79 10.60 29.68
C LYS L 203 -30.23 9.33 30.30
N GLU L 204 -30.76 8.19 29.86
CA GLU L 204 -30.32 6.89 30.35
C GLU L 204 -28.84 6.59 30.05
N TYR L 205 -28.26 7.30 29.06
CA TYR L 205 -26.85 7.15 28.65
C TYR L 205 -26.01 8.28 29.24
N GLY L 206 -26.68 9.21 29.92
CA GLY L 206 -25.98 10.33 30.54
C GLY L 206 -25.54 11.55 29.75
N ILE L 207 -26.18 11.80 28.61
CA ILE L 207 -25.80 12.88 27.73
C ILE L 207 -26.78 14.11 27.49
N SER L 208 -26.22 15.33 27.29
CA SER L 208 -26.97 16.60 27.01
C SER L 208 -28.48 16.59 27.24
N LYS L 212 -24.51 17.40 21.21
CA LYS L 212 -24.29 16.81 19.86
C LYS L 212 -23.81 15.35 19.93
N ILE L 213 -24.42 14.47 19.11
CA ILE L 213 -24.07 13.04 19.07
C ILE L 213 -23.52 12.50 17.73
N LEU L 214 -22.31 11.95 17.78
CA LEU L 214 -21.65 11.35 16.63
C LEU L 214 -21.61 9.84 16.83
N ILE L 215 -22.22 9.09 15.93
CA ILE L 215 -22.30 7.63 16.01
C ILE L 215 -21.51 6.93 14.91
N HIS L 216 -20.83 5.85 15.26
CA HIS L 216 -20.06 5.06 14.29
C HIS L 216 -20.25 3.57 14.55
N ILE L 217 -20.61 2.81 13.54
CA ILE L 217 -20.82 1.38 13.71
C ILE L 217 -19.89 0.56 12.82
N SER L 218 -19.12 -0.36 13.41
CA SER L 218 -18.23 -1.21 12.61
C SER L 218 -17.79 -2.43 13.39
N ASN L 219 -16.97 -3.27 12.76
CA ASN L 219 -16.49 -4.47 13.41
C ASN L 219 -15.07 -4.24 13.91
N PHE L 220 -14.72 -3.00 14.19
CA PHE L 220 -13.39 -2.67 14.69
C PHE L 220 -12.23 -3.45 14.07
N ARG L 221 -12.21 -3.52 12.74
CA ARG L 221 -11.14 -4.17 11.99
C ARG L 221 -10.27 -3.05 11.43
N LYS L 222 -9.06 -3.39 10.98
CA LYS L 222 -8.15 -2.36 10.48
C LYS L 222 -8.68 -1.64 9.26
N VAL L 223 -9.45 -2.37 8.48
CA VAL L 223 -10.02 -1.82 7.26
C VAL L 223 -11.03 -0.72 7.56
N LYS L 224 -11.69 -0.79 8.71
CA LYS L 224 -12.68 0.22 9.09
C LYS L 224 -12.01 1.53 9.47
N ARG L 225 -10.71 1.46 9.77
CA ARG L 225 -9.92 2.62 10.16
C ARG L 225 -10.58 3.37 11.31
N VAL L 226 -10.93 2.66 12.38
CA VAL L 226 -11.60 3.31 13.50
C VAL L 226 -10.74 4.41 14.12
N GLN L 227 -9.42 4.29 13.95
CA GLN L 227 -8.50 5.28 14.49
C GLN L 227 -8.85 6.64 13.92
N ASP L 228 -9.11 6.70 12.61
CA ASP L 228 -9.45 7.97 11.99
C ASP L 228 -10.77 8.53 12.51
N VAL L 229 -11.70 7.67 12.90
CA VAL L 229 -12.97 8.15 13.42
C VAL L 229 -12.71 8.83 14.75
N VAL L 230 -11.71 8.34 15.47
CA VAL L 230 -11.36 8.94 16.74
C VAL L 230 -10.58 10.26 16.52
N GLN L 231 -9.54 10.23 15.68
CA GLN L 231 -8.73 11.41 15.36
C GLN L 231 -9.62 12.59 14.97
N ALA L 232 -10.53 12.32 14.04
CA ALA L 232 -11.46 13.32 13.58
C ALA L 232 -12.31 13.83 14.72
N PHE L 233 -12.70 12.94 15.64
CA PHE L 233 -13.52 13.33 16.78
C PHE L 233 -12.71 14.16 17.79
N ALA L 234 -11.44 13.82 17.94
CA ALA L 234 -10.55 14.54 18.84
C ALA L 234 -10.54 16.01 18.43
N LYS L 235 -10.51 16.22 17.12
CA LYS L 235 -10.50 17.57 16.55
C LYS L 235 -11.91 18.17 16.59
N ILE L 236 -12.87 17.50 15.96
CA ILE L 236 -14.24 17.95 15.89
C ILE L 236 -14.81 18.34 17.29
N VAL L 237 -14.20 17.80 18.36
CA VAL L 237 -14.64 18.06 19.74
C VAL L 237 -14.13 19.39 20.35
N THR L 238 -12.93 19.81 19.95
CA THR L 238 -12.36 21.06 20.45
C THR L 238 -13.26 22.26 20.09
N GLU L 239 -13.97 22.18 18.97
CA GLU L 239 -14.83 23.28 18.55
C GLU L 239 -16.34 23.05 18.73
N VAL L 240 -16.71 21.86 19.18
CA VAL L 240 -18.13 21.52 19.43
C VAL L 240 -18.20 20.49 20.55
N ASP L 241 -19.14 20.66 21.48
CA ASP L 241 -19.27 19.69 22.57
C ASP L 241 -20.19 18.56 22.08
N ALA L 242 -19.61 17.37 21.96
CA ALA L 242 -20.35 16.20 21.51
C ALA L 242 -19.64 14.95 21.96
N LYS L 243 -20.41 13.87 22.10
CA LYS L 243 -19.86 12.59 22.49
C LYS L 243 -19.88 11.67 21.26
N LEU L 244 -18.98 10.70 21.24
CA LEU L 244 -18.86 9.74 20.14
C LEU L 244 -19.36 8.36 20.56
N LEU L 245 -20.34 7.83 19.86
CA LEU L 245 -20.86 6.49 20.15
C LEU L 245 -20.12 5.46 19.30
N LEU L 246 -19.29 4.62 19.91
CA LEU L 246 -18.58 3.59 19.17
C LEU L 246 -19.25 2.23 19.33
N VAL L 247 -20.16 1.92 18.41
CA VAL L 247 -20.89 0.66 18.41
C VAL L 247 -20.06 -0.41 17.73
N GLY L 248 -20.03 -1.60 18.31
CA GLY L 248 -19.24 -2.67 17.71
C GLY L 248 -18.05 -3.10 18.56
N ASP L 249 -17.48 -4.24 18.18
CA ASP L 249 -16.33 -4.79 18.90
C ASP L 249 -15.55 -5.63 17.91
N GLY L 250 -14.22 -5.59 18.04
CA GLY L 250 -13.37 -6.35 17.15
C GLY L 250 -11.92 -6.35 17.60
N PRO L 251 -11.01 -6.88 16.78
CA PRO L 251 -9.58 -6.95 17.11
C PRO L 251 -8.93 -5.61 17.53
N GLU L 252 -9.12 -4.59 16.71
CA GLU L 252 -8.57 -3.26 16.95
C GLU L 252 -9.22 -2.50 18.10
N PHE L 253 -9.96 -3.22 18.93
CA PHE L 253 -10.64 -2.58 20.04
C PHE L 253 -9.73 -1.94 21.06
N CYS L 254 -8.76 -2.71 21.55
CA CYS L 254 -7.83 -2.24 22.54
C CYS L 254 -7.05 -1.04 22.05
N THR L 255 -6.59 -1.12 20.82
CA THR L 255 -5.83 -0.03 20.23
C THR L 255 -6.68 1.23 20.24
N ILE L 256 -7.94 1.12 19.86
CA ILE L 256 -8.85 2.27 19.84
C ILE L 256 -9.10 2.74 21.26
N LEU L 257 -9.19 1.79 22.19
CA LEU L 257 -9.43 2.12 23.58
C LEU L 257 -8.20 2.87 24.13
N GLN L 258 -7.02 2.42 23.73
CA GLN L 258 -5.76 3.04 24.15
C GLN L 258 -5.68 4.44 23.55
N LEU L 259 -6.22 4.59 22.35
CA LEU L 259 -6.21 5.87 21.68
C LEU L 259 -7.08 6.90 22.39
N VAL L 260 -8.37 6.61 22.54
CA VAL L 260 -9.26 7.56 23.23
C VAL L 260 -8.69 7.92 24.60
N LYS L 261 -7.88 6.99 25.11
CA LYS L 261 -7.22 7.05 26.43
C LYS L 261 -6.11 8.09 26.57
N ASN L 262 -5.12 8.02 25.68
CA ASN L 262 -4.01 8.96 25.75
C ASN L 262 -4.33 10.13 24.81
N LEU L 263 -5.63 10.37 24.63
CA LEU L 263 -6.08 11.48 23.81
C LEU L 263 -6.97 12.36 24.66
N HIS L 264 -7.13 11.96 25.92
CA HIS L 264 -7.92 12.68 26.91
C HIS L 264 -9.36 12.97 26.48
N ILE L 265 -9.92 12.06 25.71
CA ILE L 265 -11.30 12.16 25.23
C ILE L 265 -12.04 11.00 25.87
N GLU L 266 -11.31 10.28 26.71
CA GLU L 266 -11.79 9.10 27.43
C GLU L 266 -13.22 9.21 27.96
N ASP L 267 -13.59 10.34 28.51
CA ASP L 267 -14.93 10.42 29.08
C ASP L 267 -15.84 10.94 28.03
N ARG L 268 -15.49 10.77 26.77
CA ARG L 268 -16.35 11.35 25.75
C ARG L 268 -16.72 10.41 24.68
N VAL L 269 -16.45 9.17 24.93
CA VAL L 269 -16.63 8.17 23.95
C VAL L 269 -17.31 7.05 24.64
N LEU L 270 -18.36 6.50 24.05
CA LEU L 270 -19.11 5.45 24.71
C LEU L 270 -18.98 4.14 24.16
N PHE L 271 -17.87 3.51 24.37
CA PHE L 271 -17.82 2.24 23.73
C PHE L 271 -19.12 1.57 24.18
N LEU L 272 -19.95 1.13 23.22
CA LEU L 272 -21.22 0.49 23.56
C LEU L 272 -21.05 -0.98 23.26
N GLY L 273 -19.85 -1.38 22.81
CA GLY L 273 -19.63 -2.78 22.51
C GLY L 273 -20.51 -3.17 21.33
N LYS L 274 -20.53 -4.41 20.90
CA LYS L 274 -21.38 -4.66 19.75
C LYS L 274 -22.86 -4.78 20.04
N GLN L 275 -23.66 -3.89 19.46
CA GLN L 275 -25.10 -3.93 19.66
C GLN L 275 -25.71 -4.54 18.42
N ASP L 276 -26.98 -4.88 18.52
CA ASP L 276 -27.68 -5.48 17.38
C ASP L 276 -28.84 -4.60 16.95
N ASN L 277 -29.65 -4.18 17.93
CA ASN L 277 -30.80 -3.31 17.67
C ASN L 277 -30.25 -1.87 17.70
N VAL L 278 -29.45 -1.53 16.69
CA VAL L 278 -28.84 -0.22 16.62
C VAL L 278 -29.80 0.88 16.13
N ALA L 279 -31.01 0.49 15.78
CA ALA L 279 -32.02 1.42 15.28
C ALA L 279 -32.28 2.58 16.25
N GLU L 280 -32.35 2.27 17.53
CA GLU L 280 -32.60 3.28 18.55
C GLU L 280 -31.42 4.22 18.71
N LEU L 281 -30.21 3.68 18.60
CA LEU L 281 -29.01 4.49 18.75
C LEU L 281 -28.91 5.49 17.61
N LEU L 282 -29.10 5.05 16.37
CA LEU L 282 -29.03 5.96 15.23
C LEU L 282 -30.09 7.05 15.39
N ALA L 283 -31.27 6.65 15.85
CA ALA L 283 -32.38 7.58 16.05
C ALA L 283 -31.95 8.81 16.88
N MET L 284 -31.27 8.57 18.00
CA MET L 284 -30.79 9.66 18.87
C MET L 284 -29.41 10.19 18.47
N SER L 285 -29.08 10.10 17.17
CA SER L 285 -27.78 10.56 16.67
C SER L 285 -27.92 11.75 15.76
N ASP L 286 -26.80 12.41 15.50
CA ASP L 286 -26.80 13.60 14.66
C ASP L 286 -25.93 13.44 13.41
N LEU L 287 -24.81 12.77 13.57
CA LEU L 287 -23.91 12.60 12.45
C LEU L 287 -23.30 11.18 12.47
N MET L 288 -23.26 10.51 11.32
CA MET L 288 -22.70 9.16 11.22
C MET L 288 -21.34 9.24 10.51
N LEU L 289 -20.36 8.49 10.99
CA LEU L 289 -19.03 8.47 10.37
C LEU L 289 -18.68 7.07 9.87
N LEU L 290 -18.06 7.01 8.68
CA LEU L 290 -17.63 5.74 8.07
C LEU L 290 -16.42 6.12 7.23
N LEU L 291 -15.22 5.87 7.75
CA LEU L 291 -14.02 6.27 7.03
C LEU L 291 -13.12 5.09 6.74
N SER L 292 -13.71 4.01 6.26
CA SER L 292 -12.93 2.81 5.96
C SER L 292 -12.22 2.85 4.59
N GLU L 293 -11.16 2.04 4.45
CA GLU L 293 -10.40 1.97 3.22
C GLU L 293 -11.22 1.35 2.12
N LYS L 294 -12.25 0.60 2.47
CA LYS L 294 -13.01 0.06 1.38
C LYS L 294 -14.35 -0.34 1.76
N GLU L 295 -15.27 -0.37 0.83
CA GLU L 295 -16.50 -0.86 1.28
C GLU L 295 -17.32 -0.91 0.06
N SER L 296 -18.20 -1.86 -0.02
CA SER L 296 -18.95 -2.05 -1.22
C SER L 296 -20.25 -1.48 -0.94
N PHE L 297 -20.61 -1.25 0.31
CA PHE L 297 -21.90 -0.68 0.35
C PHE L 297 -22.54 0.41 1.14
N GLY L 298 -22.59 0.33 2.47
CA GLY L 298 -22.82 -0.87 3.25
C GLY L 298 -23.93 -0.23 3.97
N LEU L 299 -24.77 -1.00 4.54
CA LEU L 299 -25.92 -0.38 5.05
C LEU L 299 -25.73 0.57 6.08
N VAL L 300 -24.76 0.41 6.90
CA VAL L 300 -25.12 1.24 7.98
C VAL L 300 -25.45 2.57 7.40
N LEU L 301 -24.93 2.85 6.23
CA LEU L 301 -25.24 4.16 5.79
C LEU L 301 -26.69 4.25 5.64
N LEU L 302 -27.28 3.26 5.08
CA LEU L 302 -28.68 3.34 4.91
C LEU L 302 -29.35 3.43 6.18
N GLU L 303 -29.08 2.49 7.05
CA GLU L 303 -29.84 2.54 8.25
C GLU L 303 -29.82 3.99 8.67
N ALA L 304 -28.62 4.51 8.82
CA ALA L 304 -28.47 5.84 9.27
C ALA L 304 -29.26 6.85 8.59
N MET L 305 -29.04 6.92 7.30
CA MET L 305 -29.69 7.93 6.57
C MET L 305 -31.10 7.69 6.85
N ALA L 306 -31.53 6.50 6.57
CA ALA L 306 -32.90 6.23 6.82
C ALA L 306 -33.43 6.85 8.06
N CYS L 307 -32.62 7.13 9.06
CA CYS L 307 -33.18 7.68 10.27
C CYS L 307 -33.04 9.13 10.29
N GLY L 308 -32.81 9.69 9.13
CA GLY L 308 -32.65 11.13 9.06
C GLY L 308 -31.29 11.60 9.56
N VAL L 309 -30.32 10.69 9.64
CA VAL L 309 -29.00 11.07 10.12
C VAL L 309 -28.01 11.24 8.97
N PRO L 310 -27.53 12.46 8.73
CA PRO L 310 -26.56 12.71 7.65
C PRO L 310 -25.24 12.00 7.93
N CYS L 311 -24.56 11.53 6.87
CA CYS L 311 -23.30 10.80 7.01
C CYS L 311 -22.10 11.42 6.33
N ILE L 312 -20.93 11.10 6.85
CA ILE L 312 -19.69 11.60 6.28
C ILE L 312 -18.83 10.37 6.04
N GLY L 313 -18.91 9.79 4.84
CA GLY L 313 -18.11 8.62 4.55
C GLY L 313 -16.98 8.82 3.56
N THR L 314 -15.90 8.05 3.68
CA THR L 314 -14.79 8.18 2.75
C THR L 314 -15.26 7.86 1.33
N ARG L 315 -14.62 8.50 0.33
CA ARG L 315 -14.96 8.28 -1.07
C ARG L 315 -14.29 6.99 -1.53
N VAL L 316 -14.88 5.88 -1.14
CA VAL L 316 -14.37 4.59 -1.51
C VAL L 316 -15.48 3.81 -2.19
N GLY L 317 -15.11 3.20 -3.32
CA GLY L 317 -16.03 2.46 -4.16
C GLY L 317 -17.28 1.80 -3.68
N GLY L 318 -18.44 2.43 -3.84
CA GLY L 318 -19.61 1.96 -3.14
C GLY L 318 -20.25 2.85 -2.10
N ILE L 319 -19.52 3.84 -1.59
CA ILE L 319 -20.06 4.78 -0.60
C ILE L 319 -20.67 5.84 -1.51
N PRO L 320 -19.89 6.27 -2.54
CA PRO L 320 -20.30 7.28 -3.50
C PRO L 320 -21.62 6.98 -4.20
N GLU L 321 -22.06 5.73 -4.18
CA GLU L 321 -23.33 5.44 -4.84
C GLU L 321 -24.51 5.66 -3.90
N VAL L 322 -24.23 5.94 -2.62
CA VAL L 322 -25.32 6.17 -1.67
C VAL L 322 -25.29 7.60 -1.11
N ILE L 323 -24.09 8.13 -0.95
CA ILE L 323 -23.90 9.49 -0.43
C ILE L 323 -23.55 10.45 -1.56
N GLN L 324 -24.46 11.41 -1.80
CA GLN L 324 -24.22 12.44 -2.82
C GLN L 324 -23.93 13.72 -2.10
N HIS L 325 -22.66 14.03 -2.21
CA HIS L 325 -22.04 15.03 -1.44
C HIS L 325 -22.75 16.26 -1.30
N GLY L 326 -23.08 16.66 -0.10
CA GLY L 326 -23.68 17.97 -0.04
C GLY L 326 -25.13 17.93 -0.18
N ASP L 327 -25.65 16.86 -0.72
CA ASP L 327 -27.04 16.86 -0.79
C ASP L 327 -27.54 15.97 0.33
N THR L 328 -26.93 14.81 0.50
CA THR L 328 -27.41 13.89 1.52
C THR L 328 -26.29 13.48 2.48
N GLY L 329 -25.12 14.09 2.33
CA GLY L 329 -23.99 13.77 3.18
C GLY L 329 -22.72 14.29 2.58
N TYR L 330 -21.55 13.89 3.06
CA TYR L 330 -20.29 14.37 2.51
C TYR L 330 -19.31 13.23 2.32
N LEU L 331 -18.39 13.36 1.36
CA LEU L 331 -17.38 12.33 1.13
C LEU L 331 -16.02 12.95 1.37
N CYS L 332 -14.95 12.17 1.30
CA CYS L 332 -13.60 12.72 1.52
C CYS L 332 -12.55 11.63 1.47
N GLU L 333 -11.32 11.99 1.16
CA GLU L 333 -10.25 10.99 1.06
C GLU L 333 -9.96 10.28 2.37
N VAL L 334 -9.44 9.07 2.27
CA VAL L 334 -9.14 8.28 3.45
C VAL L 334 -7.92 8.88 4.15
N GLY L 335 -7.97 8.91 5.49
CA GLY L 335 -6.88 9.44 6.28
C GLY L 335 -6.97 10.93 6.56
N ASP L 336 -7.92 11.59 5.90
CA ASP L 336 -8.13 13.03 6.04
C ASP L 336 -8.89 13.35 7.33
N THR L 337 -8.31 12.94 8.46
CA THR L 337 -8.92 13.17 9.78
C THR L 337 -9.34 14.65 9.92
N THR L 338 -8.41 15.54 9.58
CA THR L 338 -8.65 17.00 9.65
C THR L 338 -9.83 17.44 8.77
N GLY L 339 -9.80 17.09 7.49
CA GLY L 339 -10.88 17.46 6.59
C GLY L 339 -12.24 16.98 7.05
N VAL L 340 -12.29 15.79 7.63
CA VAL L 340 -13.54 15.23 8.13
C VAL L 340 -14.07 16.08 9.27
N ALA L 341 -13.20 16.38 10.23
CA ALA L 341 -13.55 17.18 11.40
C ALA L 341 -14.14 18.51 10.98
N ASP L 342 -13.44 19.16 10.05
CA ASP L 342 -13.82 20.46 9.51
C ASP L 342 -15.22 20.39 8.91
N GLN L 343 -15.43 19.38 8.08
CA GLN L 343 -16.71 19.19 7.44
C GLN L 343 -17.81 18.97 8.48
N ALA L 344 -17.44 18.28 9.58
CA ALA L 344 -18.37 17.97 10.67
C ALA L 344 -18.75 19.20 11.49
N ILE L 345 -17.72 19.84 12.07
CA ILE L 345 -17.90 21.05 12.90
C ILE L 345 -18.79 22.05 12.17
N GLN L 346 -18.58 22.19 10.86
CA GLN L 346 -19.36 23.13 10.06
C GLN L 346 -20.85 22.74 10.03
N LEU L 347 -21.13 21.48 9.70
CA LEU L 347 -22.50 20.99 9.61
C LEU L 347 -23.23 20.89 10.94
N LEU L 348 -22.46 20.75 12.02
CA LEU L 348 -23.04 20.62 13.34
C LEU L 348 -23.70 21.88 13.92
N LYS L 349 -23.13 23.05 13.62
CA LYS L 349 -23.66 24.33 14.10
C LYS L 349 -24.75 24.86 13.15
N ASP L 350 -24.44 24.95 11.85
CA ASP L 350 -25.43 25.39 10.89
C ASP L 350 -26.55 24.37 11.18
N GLU L 351 -27.70 24.84 11.64
CA GLU L 351 -28.79 23.92 11.98
C GLU L 351 -29.75 23.88 10.80
N GLU L 352 -29.57 24.84 9.89
CA GLU L 352 -30.37 24.91 8.67
C GLU L 352 -29.94 23.75 7.76
N LEU L 353 -28.65 23.77 7.42
CA LEU L 353 -28.03 22.76 6.57
C LEU L 353 -28.25 21.35 7.13
N HIS L 354 -28.13 21.22 8.45
CA HIS L 354 -28.32 19.93 9.10
C HIS L 354 -29.77 19.42 9.05
N ARG L 355 -30.76 20.30 9.08
CA ARG L 355 -32.16 19.85 8.99
C ARG L 355 -32.47 19.45 7.56
N ASN L 356 -31.85 20.16 6.62
CA ASN L 356 -32.05 19.93 5.18
C ASN L 356 -31.38 18.63 4.73
N MET L 357 -30.09 18.51 5.03
CA MET L 357 -29.32 17.33 4.65
C MET L 357 -30.03 16.11 5.23
N GLY L 358 -30.27 16.11 6.54
CA GLY L 358 -30.95 14.99 7.18
C GLY L 358 -32.28 14.64 6.54
N GLU L 359 -32.92 15.63 5.92
CA GLU L 359 -34.20 15.40 5.26
C GLU L 359 -33.93 14.87 3.84
N ARG L 360 -33.02 15.54 3.15
CA ARG L 360 -32.61 15.16 1.80
C ARG L 360 -32.24 13.66 1.85
N ALA L 361 -31.37 13.31 2.81
CA ALA L 361 -30.90 11.94 3.00
C ALA L 361 -32.01 10.91 3.14
N ARG L 362 -32.84 11.02 4.18
CA ARG L 362 -33.90 10.03 4.36
C ARG L 362 -34.89 10.02 3.21
N GLU L 363 -34.71 10.93 2.26
CA GLU L 363 -35.58 10.99 1.09
C GLU L 363 -34.95 10.16 -0.03
N SER L 364 -33.69 10.49 -0.37
CA SER L 364 -32.99 9.78 -1.44
C SER L 364 -32.91 8.30 -1.08
N VAL L 365 -33.07 7.97 0.20
CA VAL L 365 -33.07 6.58 0.67
C VAL L 365 -34.39 5.95 0.25
N TYR L 366 -35.49 6.60 0.60
CA TYR L 366 -36.83 6.10 0.23
C TYR L 366 -36.91 5.96 -1.29
N GLU L 367 -36.19 6.85 -1.95
CA GLU L 367 -36.10 6.98 -3.41
C GLU L 367 -35.57 5.87 -4.29
N GLN L 368 -34.33 5.50 -4.00
CA GLN L 368 -33.61 4.49 -4.76
C GLN L 368 -33.30 3.24 -3.96
N PHE L 369 -33.57 3.27 -2.65
CA PHE L 369 -33.33 2.10 -1.79
C PHE L 369 -34.58 1.59 -1.07
N ARG L 370 -35.74 2.06 -1.52
CA ARG L 370 -37.02 1.66 -0.96
C ARG L 370 -37.05 0.12 -0.85
N SER L 371 -37.31 -0.40 0.34
CA SER L 371 -37.35 -1.85 0.50
C SER L 371 -38.34 -2.51 -0.48
N GLU L 372 -39.59 -2.04 -0.51
CA GLU L 372 -40.57 -2.63 -1.40
C GLU L 372 -40.13 -2.54 -2.88
N LYS L 373 -39.31 -1.56 -3.20
CA LYS L 373 -38.82 -1.39 -4.58
C LYS L 373 -37.80 -2.48 -4.93
N ILE L 374 -36.74 -2.57 -4.13
CA ILE L 374 -35.67 -3.56 -4.32
C ILE L 374 -36.24 -4.97 -4.29
N VAL L 375 -37.09 -5.26 -3.32
CA VAL L 375 -37.66 -6.58 -3.26
C VAL L 375 -38.33 -6.90 -4.60
N SER L 376 -38.97 -5.92 -5.22
CA SER L 376 -39.61 -6.17 -6.50
C SER L 376 -38.64 -6.49 -7.62
N GLN L 377 -37.43 -5.93 -7.53
CA GLN L 377 -36.42 -6.20 -8.54
C GLN L 377 -36.02 -7.66 -8.46
N TYR L 378 -35.78 -8.14 -7.23
CA TYR L 378 -35.40 -9.52 -7.02
C TYR L 378 -36.55 -10.40 -7.48
N GLU L 379 -37.76 -9.97 -7.18
CA GLU L 379 -38.94 -10.72 -7.56
C GLU L 379 -39.01 -10.87 -9.08
N THR L 380 -38.76 -9.80 -9.82
CA THR L 380 -38.84 -9.94 -11.27
C THR L 380 -37.66 -10.76 -11.78
N ILE L 381 -36.52 -10.69 -11.10
CA ILE L 381 -35.37 -11.49 -11.54
C ILE L 381 -35.69 -12.98 -11.47
N TYR L 382 -36.44 -13.40 -10.45
CA TYR L 382 -36.82 -14.80 -10.28
C TYR L 382 -37.73 -15.22 -11.42
N TYR L 383 -38.80 -14.45 -11.62
CA TYR L 383 -39.75 -14.77 -12.68
C TYR L 383 -39.06 -14.80 -14.02
N ASP L 384 -38.14 -13.87 -14.24
CA ASP L 384 -37.40 -13.79 -15.49
C ASP L 384 -36.53 -15.02 -15.74
N VAL L 385 -35.87 -15.51 -14.70
CA VAL L 385 -35.01 -16.66 -14.86
C VAL L 385 -35.82 -17.93 -15.20
N LEU L 386 -37.13 -17.80 -15.36
CA LEU L 386 -37.98 -18.94 -15.75
C LEU L 386 -38.71 -18.61 -17.13
N ARG L 387 -39.84 -18.07 -17.09
#